data_6G2U
#
_entry.id   6G2U
#
_cell.length_a   121.795
_cell.length_b   149.304
_cell.length_c   433.315
_cell.angle_alpha   90.000
_cell.angle_beta   90.000
_cell.angle_gamma   90.000
#
_symmetry.space_group_name_H-M   'C 2 2 21'
#
loop_
_entity.id
_entity.type
_entity.pdbx_description
1 polymer 'Glutamate dehydrogenase 2, mitochondrial'
2 non-polymer 'PHOSPHATE ION'
3 non-polymer 'SODIUM ION'
4 non-polymer 'CHLORIDE ION'
5 water water
#
_entity_poly.entity_id   1
_entity_poly.type   'polypeptide(L)'
_entity_poly.pdbx_seq_one_letter_code
;SELVADREDDPNFFKMVEGFFDRGASIVEDKLVKDLRTQESEEQKRNRVRGILRIIKPCNHVLSLSFPIRRDDGSWEVIE
GYRAQHSQHRTPCKGGIRYSTDVSVDEVKALASLMTYKCAVVDVPFGGAKAGVKINPKNYTENELEKITRRFTMELAKKG
FIGPGVDVPAPDMNTGEREMSWIADTYASTIGHYDINAHACVTGKPISQGGIHGRISATGRGVFHGIENFINEASYMSIL
GMTPGFRDKTFVVQGFGNVGLHSMRYLHRFGAKCIAVGESDGSIWNPDGIDPKELEDFKLQHGSILGFPKAKPYEGSILE
VDCDILIPAATEKQLTKSNAPRVKAKIIAEGANGPTTPEADKIFLERNILVIPDLYLNAGGVTVSYFEWLKNLNHVSYGR
LTFKYERDSNYHLLLSVQESLERKFGKHGGTIPIVPTAEFQDSISGASEKDIVHSALAYTMERSARQIMHTAMKYNLGLD
LRTAAYVNAIEKVFKVYSEAGVTFT
;
_entity_poly.pdbx_strand_id   A,B,C,D,E,F
#
loop_
_chem_comp.id
_chem_comp.type
_chem_comp.name
_chem_comp.formula
CL non-polymer 'CHLORIDE ION' 'Cl -1'
NA non-polymer 'SODIUM ION' 'Na 1'
PO4 non-polymer 'PHOSPHATE ION' 'O4 P -3'
#
# COMPACT_ATOMS: atom_id res chain seq x y z
N GLU A 8 -61.77 -18.53 41.47
CA GLU A 8 -61.02 -19.76 41.64
C GLU A 8 -59.52 -19.51 41.49
N ASP A 9 -59.16 -18.69 40.50
CA ASP A 9 -57.78 -18.28 40.28
C ASP A 9 -57.76 -17.03 39.42
N ASP A 10 -58.24 -15.92 39.96
CA ASP A 10 -58.30 -14.65 39.25
C ASP A 10 -57.68 -13.55 40.11
N PRO A 11 -56.37 -13.63 40.35
CA PRO A 11 -55.72 -12.60 41.16
C PRO A 11 -55.48 -11.34 40.35
N ASN A 12 -55.60 -10.19 41.02
CA ASN A 12 -55.29 -8.93 40.37
C ASN A 12 -53.82 -8.87 40.01
N PHE A 13 -53.52 -8.36 38.80
CA PHE A 13 -52.13 -8.28 38.37
C PHE A 13 -51.30 -7.43 39.33
N PHE A 14 -51.90 -6.39 39.89
CA PHE A 14 -51.18 -5.58 40.89
C PHE A 14 -50.84 -6.40 42.12
N LYS A 15 -51.70 -7.34 42.50
CA LYS A 15 -51.39 -8.21 43.63
C LYS A 15 -50.21 -9.13 43.32
N MET A 16 -50.00 -9.46 42.04
CA MET A 16 -48.91 -10.34 41.66
C MET A 16 -47.57 -9.61 41.67
N VAL A 17 -47.52 -8.42 41.09
CA VAL A 17 -46.27 -7.66 41.00
C VAL A 17 -45.76 -7.30 42.39
N GLU A 18 -46.66 -6.85 43.26
CA GLU A 18 -46.26 -6.57 44.64
C GLU A 18 -45.77 -7.83 45.34
N GLY A 19 -46.33 -8.98 44.98
CA GLY A 19 -45.83 -10.24 45.53
C GLY A 19 -44.44 -10.56 45.02
N PHE A 20 -44.24 -10.47 43.70
CA PHE A 20 -42.92 -10.72 43.12
C PHE A 20 -41.87 -9.80 43.72
N PHE A 21 -42.24 -8.55 44.02
CA PHE A 21 -41.29 -7.62 44.61
C PHE A 21 -40.93 -8.03 46.04
N ASP A 22 -41.92 -8.46 46.82
CA ASP A 22 -41.66 -8.83 48.21
C ASP A 22 -40.71 -10.01 48.30
N ARG A 23 -40.87 -11.00 47.42
CA ARG A 23 -39.99 -12.16 47.44
C ARG A 23 -38.58 -11.78 47.01
N GLY A 24 -38.45 -10.99 45.95
CA GLY A 24 -37.14 -10.58 45.49
C GLY A 24 -36.43 -9.66 46.48
N ALA A 25 -37.18 -8.75 47.10
CA ALA A 25 -36.58 -7.83 48.06
C ALA A 25 -36.16 -8.55 49.33
N SER A 26 -36.87 -9.61 49.71
CA SER A 26 -36.49 -10.36 50.90
C SER A 26 -35.25 -11.21 50.65
N ILE A 27 -35.14 -11.80 49.46
CA ILE A 27 -33.98 -12.62 49.14
C ILE A 27 -32.74 -11.76 48.97
N VAL A 28 -32.88 -10.62 48.30
CA VAL A 28 -31.73 -9.76 48.03
C VAL A 28 -31.38 -8.84 49.19
N GLU A 29 -32.19 -8.83 50.26
CA GLU A 29 -31.98 -7.88 51.35
C GLU A 29 -30.61 -8.07 51.99
N ASP A 30 -30.18 -9.31 52.20
CA ASP A 30 -28.90 -9.56 52.84
C ASP A 30 -27.74 -9.14 51.94
N LYS A 31 -27.85 -9.42 50.64
CA LYS A 31 -26.77 -9.07 49.71
C LYS A 31 -26.65 -7.56 49.55
N LEU A 32 -27.75 -6.83 49.68
CA LEU A 32 -27.69 -5.38 49.55
C LEU A 32 -26.95 -4.75 50.73
N VAL A 33 -27.16 -5.28 51.93
CA VAL A 33 -26.54 -4.69 53.12
C VAL A 33 -25.03 -4.86 53.06
N LYS A 34 -24.55 -6.03 52.67
CA LYS A 34 -23.11 -6.30 52.65
C LYS A 34 -22.40 -5.57 51.51
N ASP A 35 -23.13 -4.99 50.57
CA ASP A 35 -22.54 -4.30 49.44
C ASP A 35 -22.50 -2.79 49.60
N LEU A 36 -22.97 -2.26 50.73
CA LEU A 36 -23.07 -0.82 50.95
C LEU A 36 -21.83 -0.35 51.71
N ARG A 37 -21.05 0.52 51.08
CA ARG A 37 -19.90 1.15 51.72
C ARG A 37 -20.26 2.44 52.44
N THR A 38 -21.51 2.58 52.88
CA THR A 38 -21.91 3.74 53.66
C THR A 38 -21.18 3.75 54.99
N GLN A 39 -20.92 4.95 55.52
CA GLN A 39 -20.25 5.11 56.80
C GLN A 39 -21.31 5.03 57.92
N GLU A 40 -21.86 3.84 58.08
CA GLU A 40 -22.88 3.57 59.08
C GLU A 40 -22.56 2.25 59.77
N SER A 41 -23.29 1.97 60.84
CA SER A 41 -23.25 0.65 61.44
C SER A 41 -24.10 -0.31 60.61
N GLU A 42 -23.89 -1.61 60.85
CA GLU A 42 -24.59 -2.62 60.04
C GLU A 42 -26.10 -2.56 60.25
N GLU A 43 -26.55 -2.09 61.41
CA GLU A 43 -27.98 -1.93 61.63
C GLU A 43 -28.54 -0.79 60.78
N GLN A 44 -27.85 0.35 60.75
CA GLN A 44 -28.31 1.47 59.95
C GLN A 44 -28.33 1.15 58.46
N LYS A 45 -27.40 0.30 58.00
CA LYS A 45 -27.44 -0.15 56.61
C LYS A 45 -28.68 -0.99 56.33
N ARG A 46 -29.14 -1.75 57.33
CA ARG A 46 -30.35 -2.56 57.13
C ARG A 46 -31.59 -1.68 57.13
N ASN A 47 -31.64 -0.68 58.01
CA ASN A 47 -32.74 0.27 57.99
C ASN A 47 -32.73 1.09 56.70
N ARG A 48 -31.56 1.25 56.09
CA ARG A 48 -31.45 1.98 54.84
C ARG A 48 -31.89 1.13 53.65
N VAL A 49 -31.49 -0.14 53.62
CA VAL A 49 -31.90 -1.03 52.55
C VAL A 49 -33.41 -1.22 52.55
N ARG A 50 -33.97 -1.55 53.71
CA ARG A 50 -35.42 -1.71 53.81
C ARG A 50 -36.15 -0.41 53.54
N GLY A 51 -35.53 0.72 53.87
CA GLY A 51 -36.16 2.01 53.60
C GLY A 51 -36.22 2.32 52.12
N ILE A 52 -35.12 2.10 51.40
CA ILE A 52 -35.11 2.34 49.96
C ILE A 52 -36.05 1.38 49.25
N LEU A 53 -36.10 0.13 49.69
CA LEU A 53 -37.04 -0.82 49.11
C LEU A 53 -38.49 -0.44 49.35
N ARG A 54 -38.76 0.38 50.38
CA ARG A 54 -40.09 0.93 50.58
C ARG A 54 -40.43 2.04 49.60
N ILE A 55 -39.42 2.67 49.01
CA ILE A 55 -39.65 3.75 48.05
C ILE A 55 -39.91 3.16 46.66
N ILE A 56 -39.15 2.13 46.28
CA ILE A 56 -39.25 1.59 44.92
C ILE A 56 -40.60 0.94 44.68
N LYS A 57 -41.18 0.32 45.70
CA LYS A 57 -42.38 -0.49 45.51
C LYS A 57 -43.57 0.31 44.99
N PRO A 58 -44.01 1.39 45.63
CA PRO A 58 -45.18 2.11 45.12
C PRO A 58 -44.81 3.10 44.03
N CYS A 59 -45.77 3.36 43.15
CA CYS A 59 -45.57 4.33 42.08
C CYS A 59 -45.41 5.73 42.66
N ASN A 60 -44.44 6.48 42.11
CA ASN A 60 -44.17 7.82 42.61
C ASN A 60 -45.31 8.77 42.28
N HIS A 61 -45.73 8.80 41.02
CA HIS A 61 -46.76 9.72 40.55
C HIS A 61 -47.81 8.98 39.75
N VAL A 62 -49.07 9.35 39.95
CA VAL A 62 -50.18 8.84 39.15
C VAL A 62 -51.06 10.03 38.79
N LEU A 63 -51.27 10.25 37.49
CA LEU A 63 -52.07 11.36 37.01
C LEU A 63 -53.40 10.82 36.49
N SER A 64 -54.50 11.44 36.92
CA SER A 64 -55.84 11.08 36.48
C SER A 64 -56.39 12.21 35.64
N LEU A 65 -56.70 11.92 34.38
CA LEU A 65 -57.13 12.92 33.42
C LEU A 65 -58.64 12.86 33.22
N SER A 66 -59.18 13.98 32.71
CA SER A 66 -60.60 14.08 32.37
C SER A 66 -60.73 15.24 31.39
N PHE A 67 -60.54 14.94 30.11
CA PHE A 67 -60.50 15.97 29.08
C PHE A 67 -61.68 15.83 28.12
N PRO A 68 -62.11 16.93 27.51
CA PRO A 68 -63.26 16.88 26.60
C PRO A 68 -62.86 16.43 25.20
N ILE A 69 -63.87 16.00 24.45
CA ILE A 69 -63.72 15.58 23.06
C ILE A 69 -65.01 15.91 22.33
N ARG A 70 -64.89 16.53 21.15
CA ARG A 70 -66.02 16.85 20.30
C ARG A 70 -66.13 15.76 19.23
N ARG A 71 -67.18 14.96 19.32
CA ARG A 71 -67.39 13.89 18.36
C ARG A 71 -67.67 14.47 16.97
N ASP A 72 -67.64 13.59 15.96
CA ASP A 72 -67.89 14.02 14.59
C ASP A 72 -69.31 14.50 14.39
N ASP A 73 -70.27 13.92 15.13
CA ASP A 73 -71.66 14.36 15.03
C ASP A 73 -71.90 15.71 15.71
N GLY A 74 -70.90 16.25 16.41
CA GLY A 74 -71.01 17.54 17.05
C GLY A 74 -71.15 17.49 18.55
N SER A 75 -71.64 16.39 19.10
CA SER A 75 -71.87 16.31 20.53
C SER A 75 -70.55 16.23 21.30
N TRP A 76 -70.61 16.63 22.56
CA TRP A 76 -69.46 16.61 23.45
C TRP A 76 -69.42 15.29 24.23
N GLU A 77 -68.25 14.98 24.76
CA GLU A 77 -68.07 13.79 25.58
C GLU A 77 -66.82 13.96 26.44
N VAL A 78 -66.88 13.44 27.66
CA VAL A 78 -65.76 13.49 28.60
C VAL A 78 -65.01 12.17 28.53
N ILE A 79 -63.69 12.25 28.38
CA ILE A 79 -62.84 11.08 28.23
C ILE A 79 -61.93 10.99 29.46
N GLU A 80 -61.87 9.81 30.06
CA GLU A 80 -61.06 9.57 31.25
C GLU A 80 -59.75 8.90 30.87
N GLY A 81 -58.66 9.38 31.45
CA GLY A 81 -57.35 8.81 31.20
C GLY A 81 -56.51 8.80 32.46
N TYR A 82 -55.51 7.93 32.46
CA TYR A 82 -54.58 7.82 33.57
C TYR A 82 -53.18 7.57 33.03
N ARG A 83 -52.18 7.93 33.84
CA ARG A 83 -50.80 7.59 33.56
C ARG A 83 -50.04 7.57 34.88
N ALA A 84 -49.43 6.43 35.19
CA ALA A 84 -48.68 6.25 36.43
C ALA A 84 -47.21 6.14 36.12
N GLN A 85 -46.41 7.00 36.76
CA GLN A 85 -44.95 6.94 36.67
C GLN A 85 -44.45 6.22 37.91
N HIS A 86 -44.07 4.96 37.75
CA HIS A 86 -43.69 4.14 38.90
C HIS A 86 -42.39 4.62 39.52
N SER A 87 -41.30 4.55 38.77
CA SER A 87 -39.98 4.90 39.27
C SER A 87 -39.39 6.05 38.46
N GLN A 88 -38.52 6.82 39.12
CA GLN A 88 -37.76 7.87 38.47
C GLN A 88 -36.28 7.82 38.82
N HIS A 89 -35.81 6.70 39.38
CA HIS A 89 -34.38 6.54 39.64
C HIS A 89 -33.57 6.72 38.36
N ARG A 90 -34.17 6.43 37.21
CA ARG A 90 -33.58 6.71 35.91
C ARG A 90 -34.61 7.43 35.07
N THR A 91 -34.19 8.51 34.41
CA THR A 91 -35.07 9.35 33.61
C THR A 91 -34.62 9.35 32.16
N PRO A 92 -35.56 9.43 31.19
CA PRO A 92 -37.00 9.57 31.41
C PRO A 92 -37.72 8.26 31.72
N CYS A 93 -39.00 8.34 32.03
CA CYS A 93 -39.81 7.15 32.22
C CYS A 93 -40.21 6.57 30.87
N LYS A 94 -40.61 5.30 30.89
CA LYS A 94 -40.99 4.59 29.68
C LYS A 94 -42.22 3.74 29.98
N GLY A 95 -43.13 3.66 29.00
CA GLY A 95 -44.33 2.87 29.18
C GLY A 95 -45.39 3.09 28.12
N GLY A 96 -46.14 2.05 27.79
CA GLY A 96 -47.12 2.12 26.73
C GLY A 96 -48.38 2.88 27.11
N ILE A 97 -49.24 3.06 26.11
CA ILE A 97 -50.52 3.73 26.26
C ILE A 97 -51.60 2.78 25.75
N ARG A 98 -52.59 2.49 26.59
CA ARG A 98 -53.63 1.51 26.29
C ARG A 98 -54.95 2.23 26.09
N TYR A 99 -55.67 1.86 25.02
CA TYR A 99 -57.01 2.37 24.74
C TYR A 99 -57.99 1.22 24.96
N SER A 100 -58.52 1.13 26.18
CA SER A 100 -59.44 0.04 26.51
C SER A 100 -60.43 0.54 27.56
N THR A 101 -61.63 -0.02 27.51
CA THR A 101 -62.68 0.31 28.48
C THR A 101 -62.46 -0.33 29.84
N ASP A 102 -61.44 -1.19 29.97
CA ASP A 102 -61.17 -1.88 31.23
C ASP A 102 -59.96 -1.34 31.96
N VAL A 103 -59.40 -0.21 31.50
CA VAL A 103 -58.23 0.35 32.18
C VAL A 103 -58.65 0.90 33.55
N SER A 104 -57.70 0.91 34.46
CA SER A 104 -57.93 1.39 35.82
C SER A 104 -56.62 1.94 36.36
N VAL A 105 -56.73 2.65 37.48
CA VAL A 105 -55.53 3.17 38.14
C VAL A 105 -54.63 2.01 38.59
N ASP A 106 -55.23 1.00 39.21
CA ASP A 106 -54.44 -0.12 39.72
C ASP A 106 -53.74 -0.88 38.61
N GLU A 107 -54.44 -1.13 37.50
CA GLU A 107 -53.82 -1.84 36.38
C GLU A 107 -52.68 -1.02 35.78
N VAL A 108 -52.87 0.29 35.65
CA VAL A 108 -51.81 1.14 35.14
C VAL A 108 -50.64 1.21 36.11
N LYS A 109 -50.92 1.28 37.42
CA LYS A 109 -49.86 1.26 38.41
C LYS A 109 -49.07 -0.04 38.36
N ALA A 110 -49.77 -1.17 38.15
CA ALA A 110 -49.10 -2.46 38.12
C ALA A 110 -48.20 -2.58 36.89
N LEU A 111 -48.74 -2.29 35.71
CA LEU A 111 -47.96 -2.40 34.49
C LEU A 111 -46.81 -1.40 34.47
N ALA A 112 -46.95 -0.29 35.19
CA ALA A 112 -45.83 0.65 35.31
C ALA A 112 -44.74 0.08 36.22
N SER A 113 -45.14 -0.62 37.28
CA SER A 113 -44.16 -1.23 38.16
C SER A 113 -43.38 -2.34 37.47
N LEU A 114 -44.07 -3.14 36.64
CA LEU A 114 -43.39 -4.19 35.89
C LEU A 114 -42.40 -3.59 34.90
N MET A 115 -42.79 -2.49 34.24
CA MET A 115 -41.90 -1.85 33.26
C MET A 115 -40.61 -1.37 33.91
N THR A 116 -40.70 -0.91 35.16
CA THR A 116 -39.49 -0.50 35.89
C THR A 116 -38.52 -1.67 36.00
N TYR A 117 -39.01 -2.83 36.45
CA TYR A 117 -38.13 -3.98 36.66
C TYR A 117 -37.76 -4.64 35.34
N LYS A 118 -38.68 -4.66 34.38
CA LYS A 118 -38.36 -5.21 33.07
C LYS A 118 -37.24 -4.43 32.39
N CYS A 119 -37.29 -3.10 32.49
CA CYS A 119 -36.22 -2.28 31.93
C CYS A 119 -34.88 -2.57 32.60
N ALA A 120 -34.90 -2.91 33.89
CA ALA A 120 -33.65 -3.21 34.59
C ALA A 120 -33.05 -4.53 34.13
N VAL A 121 -33.89 -5.49 33.76
CA VAL A 121 -33.38 -6.78 33.29
C VAL A 121 -32.59 -6.60 31.99
N VAL A 122 -33.10 -5.77 31.08
CA VAL A 122 -32.48 -5.57 29.78
C VAL A 122 -31.53 -4.39 29.82
N ASP A 123 -31.25 -3.88 31.02
CA ASP A 123 -30.30 -2.78 31.23
C ASP A 123 -30.68 -1.56 30.39
N VAL A 124 -31.97 -1.26 30.33
CA VAL A 124 -32.49 -0.08 29.64
C VAL A 124 -32.67 1.02 30.67
N PRO A 125 -31.97 2.14 30.54
CA PRO A 125 -31.95 3.17 31.62
C PRO A 125 -33.21 4.02 31.67
N PHE A 126 -34.36 3.37 31.84
CA PHE A 126 -35.64 4.06 31.88
C PHE A 126 -36.40 3.66 33.14
N GLY A 127 -37.24 4.58 33.61
CA GLY A 127 -38.17 4.27 34.68
C GLY A 127 -39.48 3.75 34.12
N GLY A 128 -40.18 2.97 34.93
CA GLY A 128 -41.42 2.35 34.48
C GLY A 128 -42.57 3.33 34.47
N ALA A 129 -43.40 3.23 33.44
CA ALA A 129 -44.60 4.04 33.31
C ALA A 129 -45.65 3.24 32.55
N LYS A 130 -46.86 3.79 32.52
CA LYS A 130 -47.98 3.16 31.81
C LYS A 130 -49.11 4.17 31.75
N ALA A 131 -49.95 4.05 30.73
CA ALA A 131 -51.08 4.95 30.55
C ALA A 131 -52.27 4.19 30.00
N GLY A 132 -53.47 4.70 30.31
CA GLY A 132 -54.70 4.12 29.82
C GLY A 132 -55.78 5.15 29.59
N VAL A 133 -56.58 4.97 28.54
CA VAL A 133 -57.67 5.86 28.21
C VAL A 133 -58.95 5.03 28.12
N LYS A 134 -59.97 5.42 28.88
CA LYS A 134 -61.19 4.63 29.02
C LYS A 134 -62.10 4.87 27.82
N ILE A 135 -61.75 4.27 26.69
CA ILE A 135 -62.56 4.30 25.48
C ILE A 135 -62.47 2.95 24.79
N ASN A 136 -63.46 2.70 23.92
CA ASN A 136 -63.41 1.58 23.00
C ASN A 136 -63.14 2.13 21.60
N PRO A 137 -61.94 1.95 21.05
CA PRO A 137 -61.59 2.63 19.79
C PRO A 137 -62.43 2.22 18.59
N LYS A 138 -63.22 1.15 18.69
CA LYS A 138 -64.05 0.77 17.55
C LYS A 138 -65.38 1.51 17.52
N ASN A 139 -65.75 2.20 18.59
CA ASN A 139 -66.93 3.06 18.59
C ASN A 139 -66.60 4.49 18.18
N TYR A 140 -65.34 4.79 17.89
CA TYR A 140 -64.92 6.10 17.44
C TYR A 140 -64.28 5.98 16.06
N THR A 141 -64.34 7.07 15.30
CA THR A 141 -63.70 7.11 13.99
C THR A 141 -62.25 7.56 14.13
N GLU A 142 -61.50 7.44 13.02
CA GLU A 142 -60.10 7.80 13.04
C GLU A 142 -59.90 9.28 13.34
N ASN A 143 -60.83 10.13 12.89
CA ASN A 143 -60.75 11.56 13.21
C ASN A 143 -60.97 11.79 14.70
N GLU A 144 -61.93 11.09 15.31
CA GLU A 144 -62.16 11.23 16.74
C GLU A 144 -61.02 10.63 17.54
N LEU A 145 -60.44 9.52 17.06
CA LEU A 145 -59.30 8.93 17.75
C LEU A 145 -58.10 9.87 17.75
N GLU A 146 -57.96 10.70 16.71
CA GLU A 146 -56.87 11.66 16.68
C GLU A 146 -57.11 12.80 17.65
N LYS A 147 -58.34 13.31 17.73
CA LYS A 147 -58.65 14.36 18.70
C LYS A 147 -58.46 13.86 20.12
N ILE A 148 -58.77 12.59 20.37
CA ILE A 148 -58.53 12.01 21.69
C ILE A 148 -57.04 11.93 21.98
N THR A 149 -56.25 11.48 21.01
CA THR A 149 -54.82 11.30 21.23
C THR A 149 -54.10 12.63 21.38
N ARG A 150 -54.44 13.61 20.53
CA ARG A 150 -53.75 14.90 20.59
C ARG A 150 -54.05 15.62 21.89
N ARG A 151 -55.33 15.68 22.28
CA ARG A 151 -55.68 16.33 23.54
C ARG A 151 -55.11 15.59 24.74
N PHE A 152 -55.02 14.26 24.66
CA PHE A 152 -54.39 13.51 25.73
C PHE A 152 -52.90 13.85 25.83
N THR A 153 -52.26 14.10 24.69
CA THR A 153 -50.87 14.52 24.71
C THR A 153 -50.71 15.90 25.34
N MET A 154 -51.66 16.80 25.10
CA MET A 154 -51.57 18.15 25.62
C MET A 154 -51.60 18.16 27.14
N GLU A 155 -52.52 17.39 27.73
CA GLU A 155 -52.63 17.38 29.19
C GLU A 155 -51.46 16.65 29.84
N LEU A 156 -50.91 15.63 29.19
CA LEU A 156 -49.74 14.96 29.73
C LEU A 156 -48.51 15.85 29.67
N ALA A 157 -48.43 16.72 28.66
CA ALA A 157 -47.26 17.59 28.52
C ALA A 157 -47.27 18.70 29.55
N LYS A 158 -48.43 19.31 29.79
CA LYS A 158 -48.51 20.41 30.75
C LYS A 158 -48.31 19.93 32.19
N LYS A 159 -48.50 18.65 32.46
CA LYS A 159 -48.35 18.10 33.80
C LYS A 159 -47.06 17.30 33.97
N GLY A 160 -46.15 17.37 33.00
CA GLY A 160 -44.88 16.67 33.11
C GLY A 160 -44.99 15.17 33.05
N PHE A 161 -45.80 14.64 32.14
CA PHE A 161 -45.96 13.20 31.98
C PHE A 161 -45.63 12.73 30.57
N ILE A 162 -45.01 13.57 29.75
CA ILE A 162 -44.51 13.18 28.44
C ILE A 162 -43.44 14.18 28.03
N GLY A 163 -42.41 13.68 27.35
CA GLY A 163 -41.33 14.52 26.90
C GLY A 163 -40.04 13.71 26.73
N PRO A 164 -39.07 14.29 26.02
CA PRO A 164 -37.85 13.54 25.72
C PRO A 164 -37.04 13.18 26.95
N GLY A 165 -37.13 13.96 28.01
CA GLY A 165 -36.36 13.70 29.21
C GLY A 165 -37.18 13.61 30.47
N VAL A 166 -38.48 13.34 30.34
CA VAL A 166 -39.34 13.21 31.51
C VAL A 166 -40.12 11.91 31.43
N ASP A 167 -40.68 11.61 30.26
CA ASP A 167 -41.45 10.39 30.08
C ASP A 167 -41.66 10.15 28.59
N VAL A 168 -41.28 8.97 28.12
CA VAL A 168 -41.38 8.62 26.71
C VAL A 168 -42.39 7.49 26.56
N PRO A 169 -43.65 7.80 26.19
CA PRO A 169 -44.66 6.74 26.00
C PRO A 169 -44.36 5.78 24.86
N ALA A 170 -45.27 4.84 24.64
CA ALA A 170 -45.07 3.77 23.66
C ALA A 170 -46.45 3.22 23.29
N PRO A 171 -46.55 2.44 22.22
CA PRO A 171 -47.82 1.80 21.89
C PRO A 171 -48.17 0.70 22.88
N ASP A 172 -49.42 0.24 22.79
CA ASP A 172 -49.90 -0.90 23.56
C ASP A 172 -51.15 -1.47 22.91
N MET A 173 -52.11 -1.92 23.71
CA MET A 173 -53.34 -2.49 23.18
C MET A 173 -54.20 -1.40 22.54
N ASN A 174 -54.63 -1.65 21.30
CA ASN A 174 -55.45 -0.73 20.52
C ASN A 174 -54.74 0.59 20.24
N THR A 175 -53.41 0.60 20.29
CA THR A 175 -52.62 1.76 19.92
C THR A 175 -51.42 1.30 19.11
N GLY A 176 -51.15 1.99 18.01
CA GLY A 176 -50.03 1.62 17.16
C GLY A 176 -49.19 2.80 16.73
N GLU A 177 -48.43 2.64 15.64
CA GLU A 177 -47.60 3.73 15.15
C GLU A 177 -48.43 4.93 14.71
N ARG A 178 -49.70 4.73 14.37
CA ARG A 178 -50.56 5.85 14.00
C ARG A 178 -50.76 6.79 15.18
N GLU A 179 -51.03 6.25 16.37
CA GLU A 179 -51.24 7.09 17.53
C GLU A 179 -49.95 7.76 17.99
N MET A 180 -48.82 7.03 17.91
CA MET A 180 -47.55 7.63 18.28
C MET A 180 -47.17 8.76 17.34
N SER A 181 -47.56 8.67 16.07
CA SER A 181 -47.29 9.76 15.14
C SER A 181 -48.07 11.01 15.53
N TRP A 182 -49.30 10.83 16.01
CA TRP A 182 -50.08 11.97 16.50
C TRP A 182 -49.50 12.52 17.79
N ILE A 183 -49.02 11.64 18.66
CA ILE A 183 -48.43 12.07 19.93
C ILE A 183 -47.19 12.93 19.67
N ALA A 184 -46.29 12.44 18.83
CA ALA A 184 -45.06 13.18 18.56
C ALA A 184 -45.34 14.49 17.82
N ASP A 185 -46.32 14.48 16.92
CA ASP A 185 -46.63 15.69 16.16
C ASP A 185 -47.21 16.78 17.06
N THR A 186 -48.08 16.41 17.99
CA THR A 186 -48.69 17.39 18.88
C THR A 186 -47.66 17.99 19.82
N TYR A 187 -46.79 17.15 20.40
CA TYR A 187 -45.76 17.66 21.30
C TYR A 187 -44.79 18.58 20.58
N ALA A 188 -44.34 18.16 19.39
CA ALA A 188 -43.37 18.95 18.64
C ALA A 188 -43.98 20.23 18.07
N SER A 189 -45.31 20.33 18.01
CA SER A 189 -45.96 21.50 17.45
C SER A 189 -46.41 22.50 18.50
N THR A 190 -46.54 22.10 19.77
CA THR A 190 -47.04 23.00 20.80
C THR A 190 -46.05 23.18 21.93
N ILE A 191 -46.10 22.28 22.92
CA ILE A 191 -45.29 22.46 24.12
C ILE A 191 -43.80 22.30 23.82
N GLY A 192 -43.45 21.25 23.08
CA GLY A 192 -42.05 21.00 22.79
C GLY A 192 -41.58 21.60 21.49
N HIS A 193 -42.10 22.79 21.13
CA HIS A 193 -41.70 23.40 19.88
C HIS A 193 -40.23 23.79 19.88
N TYR A 194 -39.74 24.31 21.01
CA TYR A 194 -38.34 24.71 21.11
C TYR A 194 -37.41 23.54 21.43
N ASP A 195 -37.95 22.36 21.73
CA ASP A 195 -37.13 21.19 22.03
C ASP A 195 -36.54 20.63 20.74
N ILE A 196 -35.21 20.54 20.69
CA ILE A 196 -34.55 19.98 19.52
C ILE A 196 -34.82 18.48 19.39
N ASN A 197 -35.11 17.81 20.49
CA ASN A 197 -35.42 16.38 20.49
C ASN A 197 -36.90 16.12 20.71
N ALA A 198 -37.76 17.03 20.20
CA ALA A 198 -39.19 16.92 20.46
C ALA A 198 -39.75 15.60 19.95
N HIS A 199 -39.24 15.11 18.82
CA HIS A 199 -39.73 13.85 18.26
C HIS A 199 -39.24 12.64 19.03
N ALA A 200 -38.34 12.81 19.98
CA ALA A 200 -37.93 11.74 20.88
C ALA A 200 -38.86 11.59 22.07
N CYS A 201 -40.00 12.28 22.06
CA CYS A 201 -40.94 12.23 23.18
C CYS A 201 -41.76 10.94 23.21
N VAL A 202 -41.71 10.12 22.16
CA VAL A 202 -42.48 8.90 22.11
C VAL A 202 -41.79 7.94 21.15
N THR A 203 -41.94 6.65 21.41
CA THR A 203 -41.37 5.60 20.56
C THR A 203 -42.49 4.85 19.84
N GLY A 204 -42.09 3.92 18.99
CA GLY A 204 -43.04 3.21 18.17
C GLY A 204 -43.60 4.02 17.01
N LYS A 205 -42.93 5.12 16.65
CA LYS A 205 -43.41 5.97 15.57
C LYS A 205 -43.13 5.31 14.22
N PRO A 206 -43.81 5.76 13.17
CA PRO A 206 -43.47 5.29 11.82
C PRO A 206 -42.05 5.70 11.44
N ILE A 207 -41.51 5.03 10.42
CA ILE A 207 -40.14 5.30 9.99
C ILE A 207 -40.03 6.72 9.44
N SER A 208 -41.07 7.20 8.76
CA SER A 208 -41.07 8.57 8.26
C SER A 208 -41.20 9.59 9.39
N GLN A 209 -41.67 9.18 10.56
CA GLN A 209 -41.83 10.08 11.70
C GLN A 209 -40.69 9.95 12.71
N GLY A 210 -39.60 9.31 12.33
CA GLY A 210 -38.48 9.10 13.23
C GLY A 210 -38.38 7.73 13.85
N GLY A 211 -39.20 6.77 13.41
CA GLY A 211 -39.13 5.44 13.96
C GLY A 211 -37.85 4.72 13.55
N ILE A 212 -37.56 3.64 14.29
CA ILE A 212 -36.36 2.86 14.06
C ILE A 212 -36.71 1.61 13.27
N HIS A 213 -35.77 1.14 12.47
CA HIS A 213 -35.97 -0.08 11.71
C HIS A 213 -35.80 -1.31 12.60
N GLY A 214 -36.46 -2.39 12.23
CA GLY A 214 -36.44 -3.58 13.05
C GLY A 214 -37.32 -3.50 14.28
N ARG A 215 -38.27 -2.55 14.30
CA ARG A 215 -39.14 -2.39 15.46
C ARG A 215 -40.30 -3.38 15.43
N ILE A 216 -40.85 -3.67 14.25
CA ILE A 216 -41.99 -4.56 14.15
C ILE A 216 -41.63 -5.96 14.64
N SER A 217 -40.44 -6.42 14.31
CA SER A 217 -39.96 -7.74 14.70
C SER A 217 -39.21 -7.73 16.02
N ALA A 218 -39.21 -6.61 16.74
CA ALA A 218 -38.40 -6.48 17.95
C ALA A 218 -38.84 -7.48 19.01
N THR A 219 -40.11 -7.41 19.43
CA THR A 219 -40.58 -8.29 20.49
C THR A 219 -40.55 -9.75 20.05
N GLY A 220 -40.87 -10.01 18.79
CA GLY A 220 -40.84 -11.38 18.29
C GLY A 220 -39.44 -11.96 18.22
N ARG A 221 -38.44 -11.11 18.00
CA ARG A 221 -37.06 -11.59 18.02
C ARG A 221 -36.52 -11.72 19.44
N GLY A 222 -37.07 -10.94 20.38
CA GLY A 222 -36.63 -11.05 21.76
C GLY A 222 -37.03 -12.36 22.40
N VAL A 223 -38.23 -12.85 22.08
CA VAL A 223 -38.66 -14.13 22.63
C VAL A 223 -37.86 -15.27 22.02
N PHE A 224 -37.34 -15.09 20.81
CA PHE A 224 -36.50 -16.12 20.21
C PHE A 224 -35.16 -16.22 20.95
N HIS A 225 -34.47 -15.09 21.09
CA HIS A 225 -33.20 -15.09 21.80
C HIS A 225 -33.39 -15.46 23.27
N GLY A 226 -34.56 -15.16 23.85
CA GLY A 226 -34.82 -15.55 25.22
C GLY A 226 -34.89 -17.05 25.39
N ILE A 227 -35.51 -17.75 24.45
CA ILE A 227 -35.49 -19.21 24.47
C ILE A 227 -34.13 -19.73 24.05
N GLU A 228 -33.49 -19.06 23.08
CA GLU A 228 -32.24 -19.56 22.53
C GLU A 228 -31.13 -19.61 23.59
N ASN A 229 -31.09 -18.63 24.48
CA ASN A 229 -30.05 -18.60 25.50
C ASN A 229 -30.20 -19.73 26.50
N PHE A 230 -31.44 -20.16 26.76
CA PHE A 230 -31.68 -21.23 27.72
C PHE A 230 -31.77 -22.60 27.05
N ILE A 231 -32.25 -22.67 25.81
CA ILE A 231 -32.32 -23.93 25.10
C ILE A 231 -30.93 -24.47 24.74
N ASN A 232 -29.90 -23.64 24.84
CA ASN A 232 -28.52 -24.05 24.58
C ASN A 232 -27.72 -24.27 25.85
N GLU A 233 -28.31 -24.04 27.03
CA GLU A 233 -27.61 -24.22 28.29
C GLU A 233 -27.88 -25.63 28.82
N ALA A 234 -26.82 -26.40 29.03
CA ALA A 234 -26.98 -27.79 29.41
C ALA A 234 -27.46 -27.94 30.84
N SER A 235 -27.13 -26.99 31.72
CA SER A 235 -27.56 -27.09 33.11
C SER A 235 -29.07 -26.97 33.25
N TYR A 236 -29.72 -26.21 32.38
CA TYR A 236 -31.17 -26.10 32.41
C TYR A 236 -31.85 -27.18 31.57
N MET A 237 -31.34 -27.45 30.36
CA MET A 237 -31.98 -28.42 29.49
C MET A 237 -31.91 -29.84 30.04
N SER A 238 -30.99 -30.12 30.96
CA SER A 238 -30.90 -31.46 31.52
C SER A 238 -31.99 -31.72 32.55
N ILE A 239 -32.35 -30.69 33.34
CA ILE A 239 -33.44 -30.84 34.30
C ILE A 239 -34.75 -31.12 33.58
N LEU A 240 -34.99 -30.41 32.47
CA LEU A 240 -36.20 -30.61 31.70
C LEU A 240 -36.20 -31.89 30.87
N GLY A 241 -35.06 -32.55 30.72
CA GLY A 241 -35.00 -33.79 29.98
C GLY A 241 -35.05 -33.62 28.47
N MET A 242 -34.43 -32.57 27.95
CA MET A 242 -34.44 -32.30 26.52
C MET A 242 -33.02 -32.05 26.04
N THR A 243 -32.77 -32.41 24.78
CA THR A 243 -31.48 -32.14 24.17
C THR A 243 -31.38 -30.65 23.79
N PRO A 244 -30.19 -30.07 23.89
CA PRO A 244 -30.03 -28.66 23.52
C PRO A 244 -30.28 -28.45 22.03
N GLY A 245 -30.63 -27.21 21.70
CA GLY A 245 -30.85 -26.82 20.32
C GLY A 245 -32.33 -26.71 19.98
N PHE A 246 -32.60 -26.22 18.77
CA PHE A 246 -33.94 -26.04 18.26
C PHE A 246 -34.36 -27.11 17.28
N ARG A 247 -33.45 -28.01 16.88
CA ARG A 247 -33.74 -28.96 15.82
C ARG A 247 -34.86 -29.91 16.22
N ASP A 248 -35.91 -29.96 15.39
CA ASP A 248 -37.04 -30.85 15.58
C ASP A 248 -37.72 -30.64 16.93
N LYS A 249 -37.66 -29.42 17.46
CA LYS A 249 -38.39 -29.07 18.66
C LYS A 249 -39.78 -28.58 18.28
N THR A 250 -40.78 -29.00 19.05
CA THR A 250 -42.17 -28.64 18.80
C THR A 250 -42.58 -27.51 19.74
N PHE A 251 -43.14 -26.45 19.19
CA PHE A 251 -43.61 -25.32 19.98
C PHE A 251 -45.00 -24.92 19.55
N VAL A 252 -45.80 -24.45 20.51
CA VAL A 252 -47.17 -24.04 20.29
C VAL A 252 -47.31 -22.57 20.66
N VAL A 253 -47.83 -21.77 19.72
CA VAL A 253 -47.98 -20.34 19.91
C VAL A 253 -49.45 -20.03 20.17
N GLN A 254 -49.73 -19.31 21.26
CA GLN A 254 -51.07 -18.86 21.58
C GLN A 254 -51.17 -17.37 21.29
N GLY A 255 -52.01 -17.01 20.33
CA GLY A 255 -52.12 -15.63 19.90
C GLY A 255 -51.24 -15.34 18.70
N PHE A 256 -51.85 -15.16 17.55
CA PHE A 256 -51.12 -14.91 16.30
C PHE A 256 -51.10 -13.42 15.96
N GLY A 257 -50.70 -12.60 16.92
CA GLY A 257 -50.59 -11.18 16.71
C GLY A 257 -49.21 -10.78 16.23
N ASN A 258 -48.72 -9.64 16.70
CA ASN A 258 -47.38 -9.19 16.30
C ASN A 258 -46.31 -10.07 16.95
N VAL A 259 -46.47 -10.39 18.24
CA VAL A 259 -45.48 -11.20 18.93
C VAL A 259 -45.55 -12.65 18.46
N GLY A 260 -46.78 -13.19 18.35
CA GLY A 260 -46.92 -14.58 17.96
C GLY A 260 -46.45 -14.87 16.55
N LEU A 261 -46.58 -13.89 15.64
CA LEU A 261 -46.15 -14.10 14.26
C LEU A 261 -44.63 -14.22 14.16
N HIS A 262 -43.91 -13.25 14.72
CA HIS A 262 -42.46 -13.28 14.63
C HIS A 262 -41.84 -14.31 15.57
N SER A 263 -42.57 -14.74 16.60
CA SER A 263 -42.09 -15.83 17.45
C SER A 263 -42.01 -17.13 16.66
N MET A 264 -43.07 -17.44 15.92
CA MET A 264 -43.10 -18.68 15.14
C MET A 264 -42.22 -18.62 13.91
N ARG A 265 -41.89 -17.41 13.41
CA ARG A 265 -41.04 -17.30 12.24
C ARG A 265 -39.58 -17.57 12.59
N TYR A 266 -39.07 -16.90 13.63
CA TYR A 266 -37.68 -17.10 14.02
C TYR A 266 -37.45 -18.47 14.62
N LEU A 267 -38.45 -19.02 15.32
CA LEU A 267 -38.33 -20.38 15.81
C LEU A 267 -38.28 -21.38 14.66
N HIS A 268 -39.15 -21.20 13.65
CA HIS A 268 -39.14 -22.08 12.50
C HIS A 268 -37.85 -21.96 11.69
N ARG A 269 -37.23 -20.78 11.70
CA ARG A 269 -36.01 -20.57 10.94
C ARG A 269 -34.85 -21.41 11.48
N PHE A 270 -34.86 -21.71 12.77
CA PHE A 270 -33.77 -22.43 13.42
C PHE A 270 -34.07 -23.93 13.60
N GLY A 271 -35.13 -24.43 12.97
CA GLY A 271 -35.44 -25.85 12.98
C GLY A 271 -36.61 -26.26 13.85
N ALA A 272 -37.10 -25.37 14.71
CA ALA A 272 -38.23 -25.71 15.55
C ALA A 272 -39.50 -25.84 14.71
N LYS A 273 -40.33 -26.82 15.07
CA LYS A 273 -41.56 -27.11 14.33
C LYS A 273 -42.76 -26.52 15.07
N CYS A 274 -43.57 -25.76 14.34
CA CYS A 274 -44.81 -25.20 14.89
C CYS A 274 -45.93 -26.19 14.62
N ILE A 275 -46.49 -26.76 15.69
CA ILE A 275 -47.50 -27.80 15.55
C ILE A 275 -48.92 -27.32 15.84
N ALA A 276 -49.09 -26.17 16.51
CA ALA A 276 -50.42 -25.69 16.84
C ALA A 276 -50.38 -24.19 17.06
N VAL A 277 -51.33 -23.48 16.45
CA VAL A 277 -51.53 -22.04 16.65
C VAL A 277 -53.01 -21.81 16.93
N GLY A 278 -53.31 -20.90 17.85
CA GLY A 278 -54.69 -20.62 18.19
C GLY A 278 -54.91 -19.27 18.80
N GLU A 279 -55.95 -18.56 18.34
CA GLU A 279 -56.35 -17.27 18.86
C GLU A 279 -57.71 -17.39 19.56
N SER A 280 -58.42 -16.28 19.67
CA SER A 280 -59.73 -16.29 20.31
C SER A 280 -60.80 -16.91 19.41
N ASP A 281 -60.56 -17.01 18.11
CA ASP A 281 -61.54 -17.59 17.20
C ASP A 281 -61.46 -19.12 17.22
N GLY A 282 -60.29 -19.67 16.92
CA GLY A 282 -60.11 -21.11 16.91
C GLY A 282 -58.65 -21.47 17.01
N SER A 283 -58.40 -22.77 16.99
CA SER A 283 -57.05 -23.31 17.11
C SER A 283 -56.84 -24.39 16.04
N ILE A 284 -55.72 -24.29 15.33
CA ILE A 284 -55.36 -25.27 14.32
C ILE A 284 -54.25 -26.15 14.89
N TRP A 285 -54.03 -27.29 14.25
CA TRP A 285 -53.04 -28.24 14.75
C TRP A 285 -52.56 -29.13 13.60
N ASN A 286 -51.26 -29.41 13.58
CA ASN A 286 -50.63 -30.31 12.63
C ASN A 286 -49.24 -30.70 13.14
N PRO A 287 -49.02 -31.97 13.49
CA PRO A 287 -47.73 -32.36 14.08
C PRO A 287 -46.58 -32.36 13.08
N ASP A 288 -46.85 -32.27 11.78
CA ASP A 288 -45.78 -32.25 10.80
C ASP A 288 -45.18 -30.86 10.59
N GLY A 289 -45.90 -29.81 11.00
CA GLY A 289 -45.39 -28.45 10.89
C GLY A 289 -46.34 -27.51 10.17
N ILE A 290 -46.26 -26.22 10.56
CA ILE A 290 -47.07 -25.17 9.95
C ILE A 290 -46.13 -24.08 9.46
N ASP A 291 -46.30 -23.67 8.21
CA ASP A 291 -45.42 -22.66 7.64
C ASP A 291 -45.81 -21.27 8.15
N PRO A 292 -44.85 -20.48 8.64
CA PRO A 292 -45.22 -19.15 9.16
C PRO A 292 -45.73 -18.21 8.09
N LYS A 293 -45.07 -18.16 6.94
CA LYS A 293 -45.50 -17.26 5.88
C LYS A 293 -46.88 -17.64 5.34
N GLU A 294 -47.11 -18.94 5.12
CA GLU A 294 -48.41 -19.39 4.64
C GLU A 294 -49.50 -19.11 5.67
N LEU A 295 -49.16 -19.16 6.96
CA LEU A 295 -50.13 -18.82 7.99
C LEU A 295 -50.30 -17.30 8.12
N GLU A 296 -49.23 -16.54 7.89
CA GLU A 296 -49.34 -15.09 7.93
C GLU A 296 -50.13 -14.56 6.75
N ASP A 297 -49.86 -15.07 5.54
CA ASP A 297 -50.62 -14.67 4.37
C ASP A 297 -52.08 -15.05 4.48
N PHE A 298 -52.36 -16.19 5.13
CA PHE A 298 -53.75 -16.62 5.27
C PHE A 298 -54.53 -15.70 6.20
N LYS A 299 -53.88 -15.16 7.23
CA LYS A 299 -54.59 -14.34 8.21
C LYS A 299 -54.94 -12.97 7.63
N LEU A 300 -53.97 -12.31 6.99
CA LEU A 300 -54.23 -10.96 6.49
C LEU A 300 -55.28 -10.93 5.38
N GLN A 301 -55.51 -12.07 4.71
CA GLN A 301 -56.53 -12.12 3.67
C GLN A 301 -57.91 -12.44 4.22
N HIS A 302 -57.99 -13.21 5.32
CA HIS A 302 -59.26 -13.63 5.88
C HIS A 302 -59.53 -13.09 7.27
N GLY A 303 -58.54 -12.49 7.94
CA GLY A 303 -58.78 -11.90 9.23
C GLY A 303 -58.55 -12.86 10.38
N SER A 304 -58.82 -14.15 10.14
CA SER A 304 -58.70 -15.16 11.18
C SER A 304 -58.04 -16.40 10.60
N ILE A 305 -57.34 -17.14 11.47
CA ILE A 305 -56.66 -18.37 11.07
C ILE A 305 -57.60 -19.56 10.96
N LEU A 306 -58.88 -19.39 11.27
CA LEU A 306 -59.82 -20.49 11.21
C LEU A 306 -59.98 -20.98 9.78
N GLY A 307 -59.87 -22.29 9.59
CA GLY A 307 -59.98 -22.87 8.27
C GLY A 307 -58.70 -22.90 7.48
N PHE A 308 -57.56 -23.08 8.13
CA PHE A 308 -56.29 -23.13 7.42
C PHE A 308 -56.21 -24.41 6.60
N PRO A 309 -55.79 -24.35 5.34
CA PRO A 309 -55.74 -25.57 4.51
C PRO A 309 -54.74 -26.59 5.01
N LYS A 310 -53.50 -26.16 5.23
CA LYS A 310 -52.43 -27.09 5.58
C LYS A 310 -52.38 -27.36 7.07
N ALA A 311 -53.54 -27.40 7.72
CA ALA A 311 -53.62 -27.70 9.14
C ALA A 311 -54.98 -28.33 9.42
N LYS A 312 -55.19 -28.70 10.68
CA LYS A 312 -56.43 -29.33 11.12
C LYS A 312 -56.99 -28.58 12.32
N PRO A 313 -58.31 -28.40 12.37
CA PRO A 313 -58.90 -27.70 13.53
C PRO A 313 -58.67 -28.47 14.82
N TYR A 314 -58.26 -27.75 15.86
CA TYR A 314 -58.01 -28.31 17.17
C TYR A 314 -59.07 -27.77 18.13
N GLU A 315 -59.88 -28.67 18.68
CA GLU A 315 -60.99 -28.27 19.54
C GLU A 315 -60.61 -28.14 21.01
N GLY A 316 -59.55 -28.82 21.45
CA GLY A 316 -59.14 -28.74 22.84
C GLY A 316 -58.41 -27.45 23.17
N SER A 317 -58.07 -27.32 24.45
CA SER A 317 -57.35 -26.15 24.91
C SER A 317 -55.96 -26.09 24.28
N ILE A 318 -55.61 -24.94 23.71
CA ILE A 318 -54.36 -24.81 22.98
C ILE A 318 -53.15 -24.74 23.91
N LEU A 319 -53.36 -24.45 25.19
CA LEU A 319 -52.26 -24.41 26.16
C LEU A 319 -52.03 -25.75 26.83
N GLU A 320 -52.68 -26.81 26.35
CA GLU A 320 -52.47 -28.17 26.85
C GLU A 320 -51.92 -29.09 25.77
N VAL A 321 -51.56 -28.56 24.61
CA VAL A 321 -51.05 -29.40 23.52
C VAL A 321 -49.70 -29.98 23.90
N ASP A 322 -49.52 -31.26 23.64
CA ASP A 322 -48.25 -31.92 23.92
C ASP A 322 -47.18 -31.36 22.99
N CYS A 323 -46.13 -30.80 23.58
CA CYS A 323 -45.06 -30.17 22.83
C CYS A 323 -43.87 -29.98 23.75
N ASP A 324 -42.88 -29.21 23.29
CA ASP A 324 -41.71 -28.86 24.09
C ASP A 324 -41.74 -27.43 24.59
N ILE A 325 -42.21 -26.48 23.78
CA ILE A 325 -42.21 -25.07 24.12
C ILE A 325 -43.62 -24.54 23.96
N LEU A 326 -44.08 -23.76 24.95
CA LEU A 326 -45.37 -23.09 24.90
C LEU A 326 -45.13 -21.59 24.96
N ILE A 327 -45.67 -20.87 23.98
CA ILE A 327 -45.46 -19.42 23.89
C ILE A 327 -46.79 -18.70 24.05
N PRO A 328 -47.21 -18.37 25.27
CA PRO A 328 -48.40 -17.53 25.43
C PRO A 328 -48.14 -16.10 25.00
N ALA A 329 -48.62 -15.74 23.82
CA ALA A 329 -48.46 -14.37 23.33
C ALA A 329 -49.82 -13.73 23.09
N ALA A 330 -50.63 -13.63 24.14
CA ALA A 330 -51.97 -13.05 24.02
C ALA A 330 -52.33 -12.27 25.28
N THR A 331 -53.47 -12.62 25.88
CA THR A 331 -53.95 -11.92 27.07
C THR A 331 -53.21 -12.40 28.30
N GLU A 332 -53.63 -11.90 29.46
CA GLU A 332 -52.98 -12.19 30.73
C GLU A 332 -53.72 -13.31 31.47
N LYS A 333 -53.04 -13.87 32.47
CA LYS A 333 -53.60 -14.90 33.35
C LYS A 333 -54.17 -16.07 32.53
N GLN A 334 -53.39 -16.50 31.54
CA GLN A 334 -53.85 -17.58 30.67
C GLN A 334 -53.69 -18.95 31.32
N LEU A 335 -52.57 -19.16 32.03
CA LEU A 335 -52.30 -20.42 32.71
C LEU A 335 -52.60 -20.23 34.18
N THR A 336 -53.71 -20.82 34.63
CA THR A 336 -54.18 -20.71 36.01
C THR A 336 -53.91 -22.00 36.76
N LYS A 337 -54.35 -22.03 38.02
CA LYS A 337 -54.20 -23.24 38.84
C LYS A 337 -55.03 -24.40 38.28
N SER A 338 -56.00 -24.13 37.41
CA SER A 338 -56.85 -25.19 36.91
C SER A 338 -56.24 -25.90 35.70
N ASN A 339 -55.64 -25.14 34.78
CA ASN A 339 -55.12 -25.72 33.55
C ASN A 339 -53.62 -26.00 33.60
N ALA A 340 -52.91 -25.45 34.58
CA ALA A 340 -51.47 -25.71 34.68
C ALA A 340 -51.12 -27.18 34.87
N PRO A 341 -51.83 -27.97 35.69
CA PRO A 341 -51.48 -29.39 35.81
C PRO A 341 -51.58 -30.17 34.50
N ARG A 342 -52.37 -29.69 33.54
CA ARG A 342 -52.50 -30.37 32.25
C ARG A 342 -51.51 -29.86 31.21
N VAL A 343 -50.65 -28.90 31.56
CA VAL A 343 -49.69 -28.36 30.60
C VAL A 343 -48.63 -29.42 30.32
N LYS A 344 -48.57 -29.87 29.07
CA LYS A 344 -47.64 -30.92 28.68
C LYS A 344 -46.31 -30.37 28.17
N ALA A 345 -46.19 -29.06 27.99
CA ALA A 345 -44.93 -28.49 27.52
C ALA A 345 -43.91 -28.45 28.65
N LYS A 346 -42.63 -28.31 28.26
CA LYS A 346 -41.54 -28.19 29.22
C LYS A 346 -40.98 -26.78 29.33
N ILE A 347 -41.12 -25.97 28.29
CA ILE A 347 -40.69 -24.57 28.31
C ILE A 347 -41.90 -23.69 28.06
N ILE A 348 -42.08 -22.67 28.91
CA ILE A 348 -43.15 -21.71 28.76
C ILE A 348 -42.50 -20.34 28.59
N ALA A 349 -42.54 -19.81 27.37
CA ALA A 349 -41.97 -18.51 27.04
C ALA A 349 -43.08 -17.47 27.05
N GLU A 350 -43.09 -16.61 28.06
CA GLU A 350 -44.15 -15.63 28.25
C GLU A 350 -43.96 -14.49 27.26
N GLY A 351 -44.61 -14.62 26.10
CA GLY A 351 -44.58 -13.57 25.10
C GLY A 351 -45.59 -12.47 25.39
N ALA A 352 -46.06 -12.41 26.62
CA ALA A 352 -47.03 -11.41 27.05
C ALA A 352 -46.76 -11.04 28.50
N ASN A 353 -47.32 -9.92 28.92
CA ASN A 353 -47.10 -9.40 30.26
C ASN A 353 -47.99 -10.16 31.25
N GLY A 354 -47.36 -10.99 32.09
CA GLY A 354 -48.05 -11.71 33.12
C GLY A 354 -49.15 -12.64 32.63
N PRO A 355 -48.77 -13.72 31.95
CA PRO A 355 -49.75 -14.73 31.55
C PRO A 355 -49.83 -15.94 32.49
N THR A 356 -49.10 -15.93 33.60
CA THR A 356 -49.05 -17.07 34.52
C THR A 356 -49.24 -16.56 35.94
N THR A 357 -50.27 -17.06 36.62
CA THR A 357 -50.51 -16.69 38.00
C THR A 357 -49.48 -17.35 38.91
N PRO A 358 -49.18 -16.74 40.06
CA PRO A 358 -48.23 -17.36 40.99
C PRO A 358 -48.61 -18.77 41.42
N GLU A 359 -49.91 -19.11 41.45
CA GLU A 359 -50.30 -20.47 41.79
C GLU A 359 -49.91 -21.45 40.69
N ALA A 360 -50.11 -21.04 39.43
CA ALA A 360 -49.63 -21.87 38.31
C ALA A 360 -48.10 -21.91 38.28
N ASP A 361 -47.45 -20.81 38.66
CA ASP A 361 -46.01 -20.82 38.83
C ASP A 361 -45.59 -21.88 39.84
N LYS A 362 -46.20 -21.84 41.03
CA LYS A 362 -45.87 -22.80 42.09
C LYS A 362 -45.96 -24.24 41.59
N ILE A 363 -46.91 -24.51 40.70
CA ILE A 363 -47.08 -25.87 40.18
C ILE A 363 -46.05 -26.18 39.11
N PHE A 364 -45.71 -25.21 38.27
CA PHE A 364 -44.78 -25.45 37.17
C PHE A 364 -43.41 -25.84 37.70
N LEU A 365 -42.98 -25.25 38.83
CA LEU A 365 -41.72 -25.65 39.44
C LEU A 365 -41.80 -27.07 39.99
N GLU A 366 -42.98 -27.48 40.49
CA GLU A 366 -43.12 -28.83 41.02
C GLU A 366 -42.92 -29.89 39.93
N ARG A 367 -43.47 -29.63 38.73
CA ARG A 367 -43.39 -30.57 37.63
C ARG A 367 -42.15 -30.37 36.77
N ASN A 368 -41.18 -29.59 37.24
CA ASN A 368 -39.94 -29.32 36.51
C ASN A 368 -40.23 -28.73 35.13
N ILE A 369 -41.07 -27.70 35.10
CA ILE A 369 -41.41 -26.97 33.88
C ILE A 369 -40.77 -25.60 33.97
N LEU A 370 -39.86 -25.31 33.04
CA LEU A 370 -39.16 -24.04 33.03
C LEU A 370 -40.02 -22.97 32.38
N VAL A 371 -40.35 -21.93 33.13
CA VAL A 371 -41.08 -20.78 32.61
C VAL A 371 -40.10 -19.60 32.55
N ILE A 372 -39.97 -19.01 31.37
CA ILE A 372 -39.11 -17.85 31.16
C ILE A 372 -39.95 -16.61 31.45
N PRO A 373 -39.56 -15.78 32.42
CA PRO A 373 -40.45 -14.73 32.90
C PRO A 373 -40.67 -13.63 31.87
N ASP A 374 -41.80 -12.93 32.05
CA ASP A 374 -42.18 -11.89 31.10
C ASP A 374 -41.24 -10.70 31.14
N LEU A 375 -40.80 -10.31 32.35
CA LEU A 375 -39.93 -9.15 32.48
C LEU A 375 -38.56 -9.34 31.85
N TYR A 376 -38.27 -10.49 31.27
CA TYR A 376 -37.07 -10.70 30.47
C TYR A 376 -37.39 -11.09 29.04
N LEU A 377 -38.19 -12.14 28.84
CA LEU A 377 -38.45 -12.62 27.48
C LEU A 377 -39.33 -11.67 26.69
N ASN A 378 -40.25 -10.97 27.37
CA ASN A 378 -41.14 -10.01 26.71
C ASN A 378 -40.57 -8.59 26.74
N ALA A 379 -39.25 -8.45 26.62
CA ALA A 379 -38.59 -7.16 26.69
C ALA A 379 -37.81 -6.84 25.42
N GLY A 380 -38.08 -7.57 24.33
CA GLY A 380 -37.40 -7.27 23.08
C GLY A 380 -37.78 -5.93 22.51
N GLY A 381 -39.09 -5.65 22.46
CA GLY A 381 -39.54 -4.35 21.97
C GLY A 381 -39.08 -3.20 22.85
N VAL A 382 -39.03 -3.43 24.17
CA VAL A 382 -38.56 -2.40 25.08
C VAL A 382 -37.09 -2.06 24.80
N THR A 383 -36.29 -3.09 24.50
CA THR A 383 -34.88 -2.86 24.20
C THR A 383 -34.72 -2.04 22.92
N VAL A 384 -35.47 -2.40 21.88
CA VAL A 384 -35.40 -1.63 20.63
C VAL A 384 -36.00 -0.24 20.81
N SER A 385 -37.03 -0.11 21.65
CA SER A 385 -37.59 1.21 21.95
C SER A 385 -36.54 2.11 22.60
N TYR A 386 -35.62 1.53 23.38
CA TYR A 386 -34.50 2.30 23.89
C TYR A 386 -33.61 2.78 22.76
N PHE A 387 -33.41 1.94 21.73
CA PHE A 387 -32.59 2.34 20.59
C PHE A 387 -33.29 3.41 19.75
N GLU A 388 -34.62 3.37 19.68
CA GLU A 388 -35.35 4.41 18.95
C GLU A 388 -35.22 5.76 19.63
N TRP A 389 -35.26 5.76 20.97
CA TRP A 389 -35.04 7.01 21.70
C TRP A 389 -33.65 7.57 21.44
N LEU A 390 -32.64 6.70 21.42
CA LEU A 390 -31.28 7.14 21.11
C LEU A 390 -31.16 7.59 19.66
N LYS A 391 -31.85 6.90 18.74
CA LYS A 391 -31.81 7.30 17.34
C LYS A 391 -32.37 8.70 17.16
N ASN A 392 -33.46 9.03 17.84
CA ASN A 392 -34.03 10.37 17.74
C ASN A 392 -33.15 11.41 18.40
N LEU A 393 -32.34 11.00 19.39
CA LEU A 393 -31.38 11.92 19.98
C LEU A 393 -30.17 12.13 19.08
N ASN A 394 -29.78 11.10 18.32
CA ASN A 394 -28.66 11.23 17.40
C ASN A 394 -29.05 11.93 16.10
N HIS A 395 -30.35 11.98 15.78
CA HIS A 395 -30.85 12.62 14.57
C HIS A 395 -30.24 12.03 13.31
N VAL A 396 -29.92 10.73 13.34
CA VAL A 396 -29.34 10.04 12.19
C VAL A 396 -29.60 8.56 12.35
N SER A 397 -29.75 7.85 11.23
CA SER A 397 -29.95 6.42 11.27
C SER A 397 -28.66 5.71 11.67
N TYR A 398 -28.81 4.52 12.24
CA TYR A 398 -27.65 3.73 12.63
C TYR A 398 -26.95 3.19 11.39
N GLY A 399 -25.64 3.41 11.32
CA GLY A 399 -24.86 2.99 10.18
C GLY A 399 -24.85 3.94 9.01
N ARG A 400 -25.57 5.07 9.10
CA ARG A 400 -25.66 5.99 7.97
C ARG A 400 -24.29 6.54 7.57
N LEU A 401 -23.38 6.70 8.53
CA LEU A 401 -22.08 7.28 8.26
C LEU A 401 -20.95 6.27 8.30
N THR A 402 -21.24 4.98 8.50
CA THR A 402 -20.19 3.98 8.61
C THR A 402 -20.42 2.74 7.77
N PHE A 403 -21.54 2.62 7.06
CA PHE A 403 -21.82 1.42 6.29
C PHE A 403 -20.76 1.20 5.22
N LYS A 404 -20.48 2.23 4.42
CA LYS A 404 -19.48 2.09 3.36
C LYS A 404 -18.07 2.01 3.94
N TYR A 405 -17.79 2.77 5.00
CA TYR A 405 -16.46 2.71 5.61
C TYR A 405 -16.15 1.33 6.14
N GLU A 406 -17.13 0.67 6.75
CA GLU A 406 -16.91 -0.68 7.27
C GLU A 406 -16.87 -1.70 6.13
N ARG A 407 -17.67 -1.50 5.08
CA ARG A 407 -17.66 -2.43 3.96
C ARG A 407 -16.33 -2.36 3.19
N ASP A 408 -15.84 -1.14 2.93
CA ASP A 408 -14.58 -1.00 2.23
C ASP A 408 -13.42 -1.56 3.03
N SER A 409 -13.51 -1.52 4.37
CA SER A 409 -12.47 -2.13 5.19
C SER A 409 -12.56 -3.64 5.17
N ASN A 410 -13.78 -4.18 5.10
CA ASN A 410 -13.94 -5.62 5.02
C ASN A 410 -13.34 -6.17 3.73
N TYR A 411 -13.48 -5.44 2.63
CA TYR A 411 -12.84 -5.85 1.38
C TYR A 411 -11.35 -5.59 1.40
N HIS A 412 -10.91 -4.58 2.16
CA HIS A 412 -9.48 -4.30 2.27
C HIS A 412 -8.76 -5.39 3.06
N LEU A 413 -9.41 -5.93 4.09
CA LEU A 413 -8.79 -7.00 4.88
C LEU A 413 -8.66 -8.28 4.06
N LEU A 414 -9.70 -8.62 3.29
CA LEU A 414 -9.64 -9.82 2.46
C LEU A 414 -8.59 -9.68 1.36
N LEU A 415 -8.56 -8.52 0.69
CA LEU A 415 -7.56 -8.31 -0.36
C LEU A 415 -6.15 -8.26 0.21
N SER A 416 -5.99 -7.77 1.44
CA SER A 416 -4.67 -7.76 2.06
C SER A 416 -4.14 -9.18 2.26
N VAL A 417 -5.03 -10.10 2.64
CA VAL A 417 -4.62 -11.49 2.76
C VAL A 417 -4.33 -12.09 1.40
N GLN A 418 -5.10 -11.71 0.38
CA GLN A 418 -4.89 -12.24 -0.96
C GLN A 418 -3.56 -11.76 -1.53
N GLU A 419 -3.29 -10.46 -1.44
CA GLU A 419 -2.03 -9.93 -1.96
C GLU A 419 -0.82 -10.36 -1.14
N SER A 420 -1.02 -10.71 0.13
CA SER A 420 0.09 -11.15 0.96
C SER A 420 0.51 -12.59 0.65
N LEU A 421 -0.43 -13.40 0.15
CA LEU A 421 -0.12 -14.77 -0.22
C LEU A 421 0.38 -14.87 -1.66
N GLU A 422 -0.22 -14.10 -2.57
CA GLU A 422 0.26 -14.08 -3.95
C GLU A 422 1.66 -13.51 -4.06
N ARG A 423 2.04 -12.63 -3.14
CA ARG A 423 3.40 -12.08 -3.14
C ARG A 423 4.40 -13.10 -2.60
N LYS A 424 4.00 -13.89 -1.60
CA LYS A 424 4.92 -14.83 -0.99
C LYS A 424 5.25 -15.98 -1.96
N PHE A 425 4.24 -16.53 -2.61
CA PHE A 425 4.42 -17.69 -3.48
C PHE A 425 4.56 -17.32 -4.95
N GLY A 426 4.81 -16.05 -5.25
CA GLY A 426 5.12 -15.65 -6.62
C GLY A 426 4.00 -15.85 -7.62
N LYS A 427 2.78 -15.52 -7.24
CA LYS A 427 1.64 -15.61 -8.15
C LYS A 427 1.26 -14.21 -8.63
N HIS A 428 0.22 -14.14 -9.46
CA HIS A 428 -0.17 -12.89 -10.08
C HIS A 428 -1.69 -12.82 -10.20
N GLY A 429 -2.19 -11.59 -10.30
CA GLY A 429 -3.61 -11.38 -10.54
C GLY A 429 -4.45 -11.94 -9.40
N GLY A 430 -5.52 -12.65 -9.77
CA GLY A 430 -6.39 -13.27 -8.80
C GLY A 430 -6.18 -14.77 -8.72
N THR A 431 -4.92 -15.19 -8.58
CA THR A 431 -4.62 -16.62 -8.47
C THR A 431 -5.20 -17.20 -7.19
N ILE A 432 -5.17 -16.45 -6.10
CA ILE A 432 -5.74 -16.88 -4.83
C ILE A 432 -6.90 -15.96 -4.47
N PRO A 433 -8.08 -16.17 -5.03
CA PRO A 433 -9.21 -15.27 -4.73
C PRO A 433 -9.73 -15.51 -3.33
N ILE A 434 -9.88 -14.43 -2.57
CA ILE A 434 -10.40 -14.48 -1.21
C ILE A 434 -11.68 -13.65 -1.19
N VAL A 435 -12.82 -14.31 -1.27
CA VAL A 435 -14.11 -13.65 -1.30
C VAL A 435 -14.85 -13.92 0.01
N PRO A 436 -15.79 -13.07 0.42
CA PRO A 436 -16.57 -13.37 1.62
C PRO A 436 -17.45 -14.60 1.43
N THR A 437 -17.79 -15.23 2.54
CA THR A 437 -18.71 -16.35 2.50
C THR A 437 -20.09 -15.88 2.05
N ALA A 438 -20.95 -16.85 1.72
CA ALA A 438 -22.31 -16.51 1.30
C ALA A 438 -23.07 -15.81 2.42
N GLU A 439 -22.83 -16.22 3.67
CA GLU A 439 -23.47 -15.55 4.80
C GLU A 439 -22.88 -14.17 5.02
N PHE A 440 -21.56 -14.05 4.94
CA PHE A 440 -20.92 -12.73 5.08
C PHE A 440 -21.29 -11.82 3.92
N GLN A 441 -21.49 -12.36 2.73
CA GLN A 441 -21.93 -11.54 1.60
C GLN A 441 -23.30 -10.93 1.89
N ASP A 442 -24.22 -11.72 2.42
CA ASP A 442 -25.52 -11.19 2.81
C ASP A 442 -25.40 -10.14 3.91
N SER A 443 -24.39 -10.28 4.78
CA SER A 443 -24.17 -9.26 5.80
C SER A 443 -23.74 -7.94 5.17
N ILE A 444 -22.77 -7.99 4.26
CA ILE A 444 -22.31 -6.77 3.59
C ILE A 444 -23.38 -6.26 2.64
N SER A 445 -23.88 -7.12 1.75
CA SER A 445 -24.88 -6.73 0.77
C SER A 445 -26.21 -6.51 1.46
N GLY A 446 -26.65 -5.25 1.54
CA GLY A 446 -27.91 -4.93 2.17
C GLY A 446 -27.84 -4.66 3.65
N ALA A 447 -26.72 -4.13 4.13
CA ALA A 447 -26.59 -3.77 5.54
C ALA A 447 -27.56 -2.63 5.86
N SER A 448 -28.45 -2.87 6.81
CA SER A 448 -29.46 -1.90 7.19
C SER A 448 -29.32 -1.53 8.65
N GLU A 449 -30.01 -0.46 9.05
CA GLU A 449 -30.12 -0.14 10.47
C GLU A 449 -30.83 -1.26 11.22
N LYS A 450 -31.71 -2.00 10.54
CA LYS A 450 -32.37 -3.15 11.14
C LYS A 450 -31.35 -4.19 11.60
N ASP A 451 -30.30 -4.41 10.80
CA ASP A 451 -29.29 -5.40 11.15
C ASP A 451 -28.56 -5.03 12.44
N ILE A 452 -28.37 -3.73 12.69
CA ILE A 452 -27.63 -3.31 13.88
C ILE A 452 -28.50 -3.43 15.13
N VAL A 453 -29.76 -3.00 15.04
CA VAL A 453 -30.62 -3.04 16.23
C VAL A 453 -30.99 -4.48 16.59
N HIS A 454 -31.04 -5.38 15.60
CA HIS A 454 -31.28 -6.78 15.91
C HIS A 454 -30.05 -7.42 16.51
N SER A 455 -28.85 -7.03 16.03
CA SER A 455 -27.62 -7.50 16.64
C SER A 455 -27.46 -6.95 18.06
N ALA A 456 -27.86 -5.70 18.27
CA ALA A 456 -27.79 -5.13 19.61
C ALA A 456 -28.84 -5.73 20.53
N LEU A 457 -30.03 -6.03 19.98
CA LEU A 457 -31.05 -6.71 20.78
C LEU A 457 -30.58 -8.10 21.18
N ALA A 458 -29.93 -8.82 20.27
CA ALA A 458 -29.38 -10.13 20.60
C ALA A 458 -28.30 -10.00 21.66
N TYR A 459 -27.50 -8.94 21.60
CA TYR A 459 -26.48 -8.72 22.61
C TYR A 459 -27.10 -8.44 23.98
N THR A 460 -28.25 -7.75 23.99
CA THR A 460 -28.90 -7.44 25.27
C THR A 460 -29.57 -8.68 25.85
N MET A 461 -30.37 -9.38 25.04
CA MET A 461 -31.04 -10.58 25.53
C MET A 461 -30.05 -11.64 25.97
N GLU A 462 -28.88 -11.71 25.34
CA GLU A 462 -27.87 -12.67 25.75
C GLU A 462 -27.26 -12.30 27.09
N ARG A 463 -26.71 -11.10 27.20
CA ARG A 463 -26.07 -10.68 28.44
C ARG A 463 -27.04 -10.70 29.61
N SER A 464 -28.30 -10.33 29.36
CA SER A 464 -29.30 -10.38 30.42
C SER A 464 -29.60 -11.82 30.84
N ALA A 465 -29.56 -12.76 29.89
CA ALA A 465 -29.79 -14.15 30.23
C ALA A 465 -28.69 -14.68 31.16
N ARG A 466 -27.45 -14.25 30.94
CA ARG A 466 -26.37 -14.66 31.83
C ARG A 466 -26.56 -14.09 33.23
N GLN A 467 -27.05 -12.85 33.33
CA GLN A 467 -27.31 -12.26 34.64
C GLN A 467 -28.43 -12.98 35.37
N ILE A 468 -29.38 -13.57 34.63
CA ILE A 468 -30.47 -14.31 35.26
C ILE A 468 -29.97 -15.68 35.73
N MET A 469 -29.18 -16.37 34.90
CA MET A 469 -28.65 -17.67 35.29
C MET A 469 -27.69 -17.55 36.47
N HIS A 470 -27.02 -16.40 36.59
CA HIS A 470 -25.99 -16.25 37.61
C HIS A 470 -26.58 -16.25 39.02
N THR A 471 -27.64 -15.46 39.23
CA THR A 471 -28.24 -15.37 40.55
C THR A 471 -29.20 -16.51 40.84
N ALA A 472 -29.78 -17.13 39.82
CA ALA A 472 -30.53 -18.36 40.03
C ALA A 472 -29.62 -19.45 40.60
N MET A 473 -28.37 -19.50 40.12
CA MET A 473 -27.39 -20.42 40.69
C MET A 473 -26.93 -19.94 42.06
N LYS A 474 -26.72 -18.64 42.21
CA LYS A 474 -26.23 -18.11 43.49
C LYS A 474 -27.25 -18.32 44.60
N TYR A 475 -28.53 -18.14 44.31
CA TYR A 475 -29.58 -18.24 45.31
C TYR A 475 -30.32 -19.56 45.26
N ASN A 476 -29.80 -20.54 44.50
CA ASN A 476 -30.39 -21.89 44.44
C ASN A 476 -31.86 -21.85 44.03
N LEU A 477 -32.18 -20.96 43.08
CA LEU A 477 -33.56 -20.80 42.64
C LEU A 477 -33.99 -21.84 41.61
N GLY A 478 -33.05 -22.60 41.05
CA GLY A 478 -33.38 -23.64 40.10
C GLY A 478 -34.06 -23.14 38.84
N LEU A 479 -35.32 -23.52 38.66
CA LEU A 479 -36.08 -23.11 37.49
C LEU A 479 -36.94 -21.87 37.75
N ASP A 480 -36.80 -21.25 38.92
CA ASP A 480 -37.55 -20.04 39.25
C ASP A 480 -36.82 -18.83 38.65
N LEU A 481 -36.90 -18.73 37.32
CA LEU A 481 -36.25 -17.63 36.63
C LEU A 481 -36.91 -16.29 36.94
N ARG A 482 -38.21 -16.30 37.23
CA ARG A 482 -38.89 -15.06 37.55
C ARG A 482 -38.33 -14.42 38.82
N THR A 483 -38.09 -15.23 39.85
CA THR A 483 -37.51 -14.70 41.08
C THR A 483 -36.11 -14.16 40.84
N ALA A 484 -35.29 -14.90 40.10
CA ALA A 484 -33.94 -14.43 39.80
C ALA A 484 -33.95 -13.14 39.00
N ALA A 485 -34.95 -12.95 38.13
CA ALA A 485 -35.04 -11.72 37.37
C ALA A 485 -35.43 -10.55 38.27
N TYR A 486 -36.39 -10.75 39.16
CA TYR A 486 -36.81 -9.68 40.07
C TYR A 486 -35.71 -9.34 41.07
N VAL A 487 -34.95 -10.34 41.51
CA VAL A 487 -33.85 -10.07 42.44
C VAL A 487 -32.79 -9.19 41.77
N ASN A 488 -32.55 -9.41 40.48
CA ASN A 488 -31.57 -8.61 39.77
C ASN A 488 -32.08 -7.19 39.52
N ALA A 489 -33.35 -7.06 39.12
CA ALA A 489 -33.92 -5.73 38.88
C ALA A 489 -33.93 -4.91 40.16
N ILE A 490 -34.36 -5.50 41.27
CA ILE A 490 -34.41 -4.79 42.54
C ILE A 490 -33.01 -4.31 42.92
N GLU A 491 -32.01 -5.17 42.75
CA GLU A 491 -30.64 -4.79 43.09
C GLU A 491 -30.15 -3.65 42.22
N LYS A 492 -30.54 -3.64 40.94
CA LYS A 492 -30.12 -2.57 40.04
C LYS A 492 -30.77 -1.25 40.42
N VAL A 493 -32.09 -1.27 40.63
CA VAL A 493 -32.80 -0.05 41.02
C VAL A 493 -32.31 0.45 42.37
N PHE A 494 -31.97 -0.48 43.28
CA PHE A 494 -31.48 -0.07 44.59
C PHE A 494 -30.13 0.63 44.49
N LYS A 495 -29.25 0.14 43.62
CA LYS A 495 -27.91 0.71 43.52
C LYS A 495 -27.95 2.16 43.02
N VAL A 496 -28.93 2.50 42.18
CA VAL A 496 -29.05 3.88 41.71
C VAL A 496 -29.48 4.79 42.84
N TYR A 497 -30.39 4.31 43.70
CA TYR A 497 -30.83 5.12 44.83
C TYR A 497 -29.73 5.27 45.86
N SER A 498 -29.09 4.16 46.24
CA SER A 498 -28.14 4.18 47.35
C SER A 498 -26.92 5.04 47.03
N GLU A 499 -26.37 4.90 45.82
CA GLU A 499 -25.18 5.65 45.45
C GLU A 499 -25.48 7.08 45.05
N ALA A 500 -26.73 7.52 45.14
CA ALA A 500 -27.10 8.90 44.81
C ALA A 500 -27.22 9.80 46.02
N GLY A 501 -27.44 9.24 47.20
CA GLY A 501 -27.57 10.02 48.42
C GLY A 501 -28.94 9.94 49.05
N PRO B 11 11.74 26.21 44.28
CA PRO B 11 11.24 26.74 45.55
C PRO B 11 10.43 28.03 45.37
N ASN B 12 9.21 27.90 44.86
CA ASN B 12 8.39 29.06 44.55
C ASN B 12 6.93 28.65 44.48
N PHE B 13 6.07 29.65 44.34
CA PHE B 13 4.63 29.43 44.27
C PHE B 13 4.24 28.87 42.90
N PHE B 14 3.12 28.13 42.87
CA PHE B 14 2.64 27.55 41.63
C PHE B 14 2.00 28.59 40.73
N LYS B 15 2.69 29.70 40.49
CA LYS B 15 2.40 30.56 39.35
C LYS B 15 3.62 30.67 38.46
N MET B 16 4.46 29.64 38.51
CA MET B 16 5.37 29.34 37.41
C MET B 16 4.59 29.10 36.12
N VAL B 17 3.30 28.81 36.23
CA VAL B 17 2.42 28.73 35.06
C VAL B 17 2.43 30.04 34.29
N GLU B 18 2.41 31.17 35.00
CA GLU B 18 2.49 32.47 34.34
C GLU B 18 3.79 32.60 33.57
N GLY B 19 4.90 32.13 34.14
CA GLY B 19 6.16 32.12 33.42
C GLY B 19 6.16 31.14 32.27
N PHE B 20 5.53 29.97 32.46
CA PHE B 20 5.43 29.00 31.39
C PHE B 20 4.61 29.55 30.23
N PHE B 21 3.51 30.24 30.52
CA PHE B 21 2.74 30.89 29.48
C PHE B 21 3.54 32.01 28.83
N ASP B 22 4.21 32.83 29.63
CA ASP B 22 4.98 33.94 29.09
C ASP B 22 6.11 33.46 28.20
N ARG B 23 6.83 32.42 28.63
CA ARG B 23 7.90 31.87 27.81
C ARG B 23 7.36 31.29 26.52
N GLY B 24 6.26 30.52 26.60
CA GLY B 24 5.70 29.92 25.41
C GLY B 24 5.07 30.93 24.46
N ALA B 25 4.44 31.96 25.02
CA ALA B 25 3.78 32.96 24.19
C ALA B 25 4.79 33.78 23.38
N SER B 26 6.00 33.97 23.92
CA SER B 26 7.02 34.70 23.18
C SER B 26 7.55 33.90 22.00
N ILE B 27 7.60 32.57 22.14
CA ILE B 27 8.10 31.72 21.06
C ILE B 27 7.09 31.64 19.92
N VAL B 28 5.80 31.65 20.24
CA VAL B 28 4.76 31.44 19.23
C VAL B 28 4.35 32.72 18.50
N GLU B 29 4.68 33.90 19.05
CA GLU B 29 4.13 35.15 18.52
C GLU B 29 4.43 35.33 17.04
N ASP B 30 5.66 35.00 16.63
CA ASP B 30 6.04 35.20 15.23
C ASP B 30 5.26 34.28 14.28
N LYS B 31 4.94 33.06 14.72
CA LYS B 31 4.24 32.13 13.85
C LYS B 31 2.78 32.51 13.69
N LEU B 32 2.17 33.03 14.76
CA LEU B 32 0.74 33.36 14.70
C LEU B 32 0.46 34.55 13.80
N VAL B 33 1.40 35.51 13.72
CA VAL B 33 1.22 36.64 12.83
C VAL B 33 1.35 36.20 11.37
N LYS B 34 2.28 35.28 11.10
CA LYS B 34 2.46 34.80 9.73
C LYS B 34 1.23 34.06 9.24
N ASP B 35 0.58 33.30 10.12
CA ASP B 35 -0.57 32.47 9.75
C ASP B 35 -1.89 33.20 9.83
N LEU B 36 -1.90 34.47 10.25
CA LEU B 36 -3.13 35.23 10.33
C LEU B 36 -3.46 35.83 8.97
N ARG B 37 -4.67 35.54 8.48
CA ARG B 37 -5.13 36.02 7.18
C ARG B 37 -6.17 37.14 7.31
N THR B 38 -6.23 37.79 8.47
CA THR B 38 -7.13 38.93 8.63
C THR B 38 -6.79 40.01 7.61
N GLN B 39 -7.83 40.56 6.97
CA GLN B 39 -7.64 41.65 6.01
C GLN B 39 -7.27 42.89 6.80
N GLU B 40 -6.01 42.93 7.22
CA GLU B 40 -5.50 43.93 8.14
C GLU B 40 -4.07 44.29 7.74
N SER B 41 -3.54 45.32 8.40
CA SER B 41 -2.14 45.65 8.23
C SER B 41 -1.27 44.65 8.98
N GLU B 42 -0.01 44.52 8.54
CA GLU B 42 0.89 43.55 9.15
C GLU B 42 1.17 43.90 10.61
N GLU B 43 1.24 45.18 10.95
CA GLU B 43 1.43 45.56 12.35
C GLU B 43 0.15 45.40 13.15
N GLN B 44 -1.01 45.61 12.53
CA GLN B 44 -2.27 45.38 13.21
C GLN B 44 -2.49 43.89 13.50
N LYS B 45 -1.80 43.01 12.78
CA LYS B 45 -1.85 41.59 13.12
C LYS B 45 -1.14 41.32 14.44
N ARG B 46 0.02 41.94 14.65
CA ARG B 46 0.72 41.79 15.92
C ARG B 46 -0.09 42.36 17.08
N ASN B 47 -0.85 43.42 16.82
CA ASN B 47 -1.77 43.92 17.84
C ASN B 47 -2.80 42.87 18.20
N ARG B 48 -3.36 42.18 17.20
CA ARG B 48 -4.36 41.16 17.45
C ARG B 48 -3.75 39.95 18.14
N VAL B 49 -2.54 39.55 17.73
CA VAL B 49 -1.89 38.40 18.36
C VAL B 49 -1.50 38.73 19.78
N ARG B 50 -0.85 39.88 20.00
CA ARG B 50 -0.47 40.27 21.35
C ARG B 50 -1.67 40.56 22.22
N GLY B 51 -2.78 41.02 21.63
CA GLY B 51 -3.95 41.36 22.41
C GLY B 51 -4.72 40.13 22.87
N ILE B 52 -4.95 39.19 21.96
CA ILE B 52 -5.65 37.96 22.32
C ILE B 52 -4.86 37.20 23.37
N LEU B 53 -3.52 37.19 23.24
CA LEU B 53 -2.69 36.55 24.25
C LEU B 53 -2.90 37.20 25.62
N ARG B 54 -3.24 38.48 25.66
CA ARG B 54 -3.48 39.16 26.93
C ARG B 54 -4.79 38.75 27.58
N ILE B 55 -5.75 38.24 26.81
CA ILE B 55 -6.99 37.77 27.38
C ILE B 55 -6.89 36.31 27.84
N ILE B 56 -6.10 35.50 27.14
CA ILE B 56 -6.00 34.08 27.50
C ILE B 56 -5.28 33.90 28.82
N LYS B 57 -4.30 34.75 29.12
CA LYS B 57 -3.48 34.56 30.31
C LYS B 57 -4.28 34.60 31.61
N PRO B 58 -5.03 35.65 31.91
CA PRO B 58 -5.74 35.70 33.20
C PRO B 58 -7.04 34.91 33.16
N CYS B 59 -7.51 34.56 34.35
CA CYS B 59 -8.79 33.88 34.47
C CYS B 59 -9.93 34.83 34.15
N ASN B 60 -10.91 34.34 33.40
CA ASN B 60 -12.02 35.20 33.00
C ASN B 60 -12.97 35.48 34.15
N HIS B 61 -13.41 34.43 34.84
CA HIS B 61 -14.41 34.57 35.91
C HIS B 61 -13.94 33.81 37.14
N VAL B 62 -13.97 34.47 38.29
CA VAL B 62 -13.67 33.87 39.57
C VAL B 62 -14.82 34.18 40.53
N LEU B 63 -15.45 33.14 41.05
CA LEU B 63 -16.58 33.28 41.95
C LEU B 63 -16.16 32.87 43.35
N SER B 64 -16.37 33.76 44.32
CA SER B 64 -16.08 33.50 45.71
C SER B 64 -17.40 33.36 46.46
N LEU B 65 -17.56 32.25 47.17
CA LEU B 65 -18.82 31.94 47.82
C LEU B 65 -18.65 31.88 49.33
N SER B 66 -19.80 31.95 50.01
CA SER B 66 -19.86 31.82 51.46
C SER B 66 -21.23 31.30 51.88
N PHE B 67 -21.43 29.96 51.74
CA PHE B 67 -22.73 29.33 51.94
C PHE B 67 -22.80 28.65 53.30
N PRO B 68 -23.98 28.62 53.91
CA PRO B 68 -24.11 28.02 55.24
C PRO B 68 -24.61 26.58 55.22
N ILE B 69 -24.16 25.79 56.19
CA ILE B 69 -24.70 24.46 56.45
C ILE B 69 -25.02 24.35 57.93
N ARG B 70 -25.76 23.31 58.30
CA ARG B 70 -26.10 23.03 59.68
C ARG B 70 -25.46 21.71 60.07
N ARG B 71 -24.60 21.75 61.09
CA ARG B 71 -23.88 20.58 61.57
C ARG B 71 -24.86 19.55 62.16
N ASP B 72 -24.36 18.36 62.46
CA ASP B 72 -25.22 17.32 63.04
C ASP B 72 -25.71 17.70 64.44
N ASP B 73 -24.89 18.40 65.22
CA ASP B 73 -25.25 18.81 66.56
C ASP B 73 -26.17 20.03 66.60
N GLY B 74 -26.66 20.48 65.44
CA GLY B 74 -27.52 21.62 65.36
C GLY B 74 -26.81 22.95 65.18
N SER B 75 -25.50 23.00 65.38
CA SER B 75 -24.77 24.24 65.22
C SER B 75 -24.74 24.67 63.75
N TRP B 76 -24.39 25.93 63.53
CA TRP B 76 -24.35 26.51 62.21
C TRP B 76 -22.92 26.83 61.81
N GLU B 77 -22.59 26.62 60.55
CA GLU B 77 -21.24 26.85 60.05
C GLU B 77 -21.31 27.50 58.67
N VAL B 78 -20.47 28.50 58.47
CA VAL B 78 -20.32 29.17 57.18
C VAL B 78 -19.06 28.65 56.51
N ILE B 79 -19.16 28.26 55.24
CA ILE B 79 -18.07 27.64 54.50
C ILE B 79 -17.71 28.54 53.33
N GLU B 80 -16.41 28.81 53.18
CA GLU B 80 -15.90 29.62 52.08
C GLU B 80 -15.44 28.71 50.96
N GLY B 81 -15.89 29.00 49.75
CA GLY B 81 -15.48 28.25 48.58
C GLY B 81 -15.30 29.15 47.39
N TYR B 82 -14.43 28.73 46.47
CA TYR B 82 -14.15 29.49 45.27
C TYR B 82 -14.13 28.58 44.07
N ARG B 83 -14.48 29.14 42.90
CA ARG B 83 -14.36 28.45 41.62
C ARG B 83 -13.95 29.48 40.58
N ALA B 84 -12.88 29.17 39.84
CA ALA B 84 -12.32 30.10 38.87
C ALA B 84 -12.35 29.46 37.49
N GLN B 85 -13.11 30.06 36.57
CA GLN B 85 -13.13 29.64 35.18
C GLN B 85 -12.08 30.45 34.42
N HIS B 86 -11.01 29.79 33.98
CA HIS B 86 -9.89 30.48 33.35
C HIS B 86 -10.27 31.00 31.98
N SER B 87 -10.49 30.10 31.01
CA SER B 87 -10.84 30.49 29.65
C SER B 87 -12.13 29.77 29.25
N GLN B 88 -12.94 30.47 28.45
CA GLN B 88 -14.19 29.93 27.93
C GLN B 88 -14.24 30.00 26.41
N HIS B 89 -13.07 29.90 25.77
CA HIS B 89 -13.04 29.88 24.32
C HIS B 89 -13.77 28.66 23.76
N ARG B 90 -13.87 27.59 24.56
CA ARG B 90 -14.68 26.43 24.24
C ARG B 90 -15.53 26.08 25.46
N THR B 91 -16.82 25.87 25.24
CA THR B 91 -17.72 25.49 26.30
C THR B 91 -18.04 24.01 26.24
N PRO B 92 -18.25 23.33 27.37
CA PRO B 92 -18.19 23.90 28.73
C PRO B 92 -16.79 23.92 29.32
N CYS B 93 -16.66 24.52 30.50
CA CYS B 93 -15.39 24.49 31.22
C CYS B 93 -15.21 23.13 31.89
N LYS B 94 -14.00 22.90 32.40
CA LYS B 94 -13.68 21.63 33.04
C LYS B 94 -12.68 21.88 34.16
N GLY B 95 -12.72 21.01 35.17
CA GLY B 95 -11.80 21.12 36.27
C GLY B 95 -12.36 20.46 37.52
N GLY B 96 -11.44 20.13 38.43
CA GLY B 96 -11.80 19.41 39.63
C GLY B 96 -12.27 20.32 40.76
N ILE B 97 -12.66 19.68 41.86
CA ILE B 97 -13.10 20.35 43.07
C ILE B 97 -12.24 19.83 44.22
N ARG B 98 -11.56 20.74 44.91
CA ARG B 98 -10.62 20.39 45.97
C ARG B 98 -11.23 20.72 47.34
N TYR B 99 -11.19 19.76 48.25
CA TYR B 99 -11.63 19.95 49.63
C TYR B 99 -10.38 20.02 50.51
N SER B 100 -9.98 21.24 50.86
CA SER B 100 -8.77 21.41 51.67
C SER B 100 -8.85 22.74 52.41
N THR B 101 -8.17 22.79 53.56
CA THR B 101 -8.06 24.02 54.34
C THR B 101 -7.01 24.98 53.79
N ASP B 102 -6.23 24.55 52.79
CA ASP B 102 -5.17 25.38 52.22
C ASP B 102 -5.55 25.94 50.86
N VAL B 103 -6.84 25.99 50.54
CA VAL B 103 -7.28 26.46 49.22
C VAL B 103 -7.15 27.98 49.18
N SER B 104 -6.78 28.49 48.01
CA SER B 104 -6.65 29.93 47.79
C SER B 104 -7.23 30.27 46.43
N VAL B 105 -7.70 31.51 46.29
CA VAL B 105 -8.16 31.97 44.99
C VAL B 105 -6.98 32.04 44.03
N ASP B 106 -5.80 32.44 44.52
CA ASP B 106 -4.60 32.43 43.68
C ASP B 106 -4.16 31.01 43.35
N GLU B 107 -4.52 30.03 44.18
CA GLU B 107 -4.16 28.65 43.89
C GLU B 107 -5.10 28.03 42.85
N VAL B 108 -6.41 28.20 43.04
CA VAL B 108 -7.37 27.62 42.10
C VAL B 108 -7.32 28.32 40.76
N LYS B 109 -6.90 29.60 40.73
CA LYS B 109 -6.80 30.30 39.45
C LYS B 109 -5.62 29.77 38.64
N ALA B 110 -4.53 29.39 39.30
CA ALA B 110 -3.36 28.90 38.60
C ALA B 110 -3.62 27.52 38.00
N LEU B 111 -4.19 26.61 38.79
CA LEU B 111 -4.47 25.27 38.29
C LEU B 111 -5.60 25.28 37.26
N ALA B 112 -6.51 26.25 37.34
CA ALA B 112 -7.54 26.40 36.32
C ALA B 112 -6.92 26.78 34.98
N SER B 113 -5.92 27.66 34.99
CA SER B 113 -5.21 27.98 33.77
C SER B 113 -4.45 26.78 33.24
N LEU B 114 -3.84 26.00 34.12
CA LEU B 114 -3.17 24.78 33.71
C LEU B 114 -4.14 23.81 33.04
N MET B 115 -5.39 23.77 33.52
CA MET B 115 -6.38 22.90 32.92
C MET B 115 -6.69 23.32 31.48
N THR B 116 -6.68 24.63 31.21
CA THR B 116 -6.93 25.12 29.86
C THR B 116 -5.92 24.56 28.88
N TYR B 117 -4.62 24.77 29.16
CA TYR B 117 -3.57 24.29 28.27
C TYR B 117 -3.45 22.77 28.30
N LYS B 118 -3.84 22.14 29.40
CA LYS B 118 -3.83 20.68 29.45
C LYS B 118 -4.86 20.09 28.51
N CYS B 119 -6.10 20.61 28.55
CA CYS B 119 -7.13 20.14 27.64
C CYS B 119 -6.79 20.47 26.19
N ALA B 120 -6.03 21.53 25.95
CA ALA B 120 -5.65 21.88 24.59
C ALA B 120 -4.64 20.90 24.03
N VAL B 121 -3.72 20.41 24.86
CA VAL B 121 -2.69 19.48 24.39
C VAL B 121 -3.32 18.19 23.89
N VAL B 122 -4.31 17.67 24.63
CA VAL B 122 -4.90 16.38 24.29
C VAL B 122 -6.18 16.59 23.49
N ASP B 123 -6.31 17.75 22.88
CA ASP B 123 -7.43 18.07 21.98
C ASP B 123 -8.77 17.84 22.66
N VAL B 124 -8.90 18.30 23.90
CA VAL B 124 -10.14 18.21 24.65
C VAL B 124 -10.82 19.57 24.60
N PRO B 125 -12.00 19.68 23.97
CA PRO B 125 -12.62 20.99 23.73
C PRO B 125 -13.30 21.57 24.97
N PHE B 126 -12.52 21.72 26.05
CA PHE B 126 -13.02 22.24 27.30
C PHE B 126 -12.18 23.42 27.76
N GLY B 127 -12.83 24.38 28.41
CA GLY B 127 -12.11 25.46 29.04
C GLY B 127 -11.62 25.09 30.42
N GLY B 128 -10.59 25.80 30.88
CA GLY B 128 -9.99 25.49 32.17
C GLY B 128 -10.77 26.12 33.32
N ALA B 129 -10.97 25.32 34.37
CA ALA B 129 -11.65 25.78 35.57
C ALA B 129 -11.19 24.92 36.73
N LYS B 130 -11.51 25.36 37.94
CA LYS B 130 -11.22 24.60 39.14
C LYS B 130 -11.94 25.22 40.33
N ALA B 131 -12.45 24.36 41.20
CA ALA B 131 -13.15 24.80 42.41
C ALA B 131 -12.34 24.42 43.64
N GLY B 132 -12.80 24.93 44.79
CA GLY B 132 -12.16 24.63 46.05
C GLY B 132 -12.91 25.24 47.22
N VAL B 133 -13.23 24.41 48.22
CA VAL B 133 -13.89 24.88 49.43
C VAL B 133 -12.93 24.68 50.60
N LYS B 134 -13.07 25.54 51.61
CA LYS B 134 -12.06 25.66 52.67
C LYS B 134 -12.52 24.91 53.92
N ILE B 135 -12.52 23.58 53.81
CA ILE B 135 -12.85 22.68 54.93
C ILE B 135 -11.90 21.50 54.89
N ASN B 136 -11.96 20.69 55.96
CA ASN B 136 -11.23 19.44 56.05
C ASN B 136 -12.24 18.30 56.16
N PRO B 137 -12.29 17.39 55.19
CA PRO B 137 -13.33 16.35 55.22
C PRO B 137 -13.26 15.43 56.42
N LYS B 138 -12.11 15.34 57.10
CA LYS B 138 -11.99 14.48 58.27
C LYS B 138 -12.62 15.08 59.52
N ASN B 139 -13.04 16.35 59.46
CA ASN B 139 -13.74 16.99 60.57
C ASN B 139 -15.25 17.01 60.39
N TYR B 140 -15.76 16.48 59.28
CA TYR B 140 -17.18 16.48 58.99
C TYR B 140 -17.66 15.07 58.72
N THR B 141 -18.89 14.77 59.15
CA THR B 141 -19.49 13.49 58.89
C THR B 141 -19.77 13.32 57.39
N GLU B 142 -20.06 12.08 57.00
CA GLU B 142 -20.47 11.82 55.63
C GLU B 142 -21.78 12.55 55.30
N ASN B 143 -22.69 12.60 56.26
CA ASN B 143 -23.91 13.39 56.07
C ASN B 143 -23.60 14.88 56.02
N GLU B 144 -22.55 15.31 56.73
CA GLU B 144 -22.15 16.71 56.69
C GLU B 144 -21.51 17.05 55.36
N LEU B 145 -20.57 16.21 54.91
CA LEU B 145 -19.91 16.44 53.64
C LEU B 145 -20.90 16.48 52.50
N GLU B 146 -21.99 15.72 52.60
CA GLU B 146 -23.03 15.77 51.59
C GLU B 146 -23.72 17.14 51.58
N LYS B 147 -24.17 17.60 52.75
CA LYS B 147 -24.85 18.89 52.83
C LYS B 147 -23.96 20.02 52.33
N ILE B 148 -22.66 19.94 52.59
CA ILE B 148 -21.73 20.92 52.03
C ILE B 148 -21.66 20.78 50.51
N THR B 149 -21.63 19.54 50.02
CA THR B 149 -21.52 19.31 48.59
C THR B 149 -22.79 19.76 47.86
N ARG B 150 -23.96 19.39 48.39
CA ARG B 150 -25.21 19.77 47.74
C ARG B 150 -25.39 21.28 47.71
N ARG B 151 -25.11 21.95 48.83
CA ARG B 151 -25.27 23.41 48.87
C ARG B 151 -24.25 24.10 47.97
N PHE B 152 -23.03 23.56 47.90
CA PHE B 152 -22.02 24.12 47.01
C PHE B 152 -22.46 24.02 45.56
N THR B 153 -23.10 22.91 45.19
CA THR B 153 -23.61 22.77 43.83
C THR B 153 -24.75 23.75 43.57
N MET B 154 -25.58 24.01 44.59
CA MET B 154 -26.70 24.92 44.43
C MET B 154 -26.24 26.32 44.08
N GLU B 155 -25.27 26.84 44.83
CA GLU B 155 -24.79 28.20 44.59
C GLU B 155 -23.96 28.31 43.32
N LEU B 156 -23.37 27.20 42.86
CA LEU B 156 -22.66 27.24 41.59
C LEU B 156 -23.63 27.26 40.41
N ALA B 157 -24.73 26.53 40.52
CA ALA B 157 -25.69 26.46 39.42
C ALA B 157 -26.41 27.78 39.22
N LYS B 158 -26.75 28.46 40.32
CA LYS B 158 -27.47 29.73 40.20
C LYS B 158 -26.59 30.84 39.65
N LYS B 159 -25.27 30.72 39.78
CA LYS B 159 -24.34 31.74 39.29
C LYS B 159 -23.63 31.32 38.00
N GLY B 160 -24.09 30.26 37.36
CA GLY B 160 -23.52 29.85 36.09
C GLY B 160 -22.12 29.28 36.18
N PHE B 161 -21.84 28.47 37.20
CA PHE B 161 -20.53 27.84 37.35
C PHE B 161 -20.63 26.31 37.38
N ILE B 162 -21.76 25.75 36.95
CA ILE B 162 -21.87 24.32 36.71
C ILE B 162 -23.04 24.11 35.75
N GLY B 163 -22.83 23.22 34.78
CA GLY B 163 -23.84 22.93 33.78
C GLY B 163 -23.28 22.07 32.66
N PRO B 164 -24.16 21.30 32.01
CA PRO B 164 -23.68 20.42 30.93
C PRO B 164 -23.02 21.15 29.78
N GLY B 165 -23.38 22.41 29.55
CA GLY B 165 -22.75 23.21 28.52
C GLY B 165 -22.10 24.46 29.08
N VAL B 166 -22.09 24.57 30.41
CA VAL B 166 -21.53 25.74 31.10
C VAL B 166 -20.23 25.37 31.81
N ASP B 167 -20.27 24.43 32.74
CA ASP B 167 -19.10 24.06 33.52
C ASP B 167 -19.31 22.67 34.08
N VAL B 168 -18.36 21.78 33.83
CA VAL B 168 -18.45 20.39 34.25
C VAL B 168 -17.34 20.11 35.26
N PRO B 169 -17.65 20.12 36.55
CA PRO B 169 -16.64 19.82 37.56
C PRO B 169 -16.21 18.35 37.52
N ALA B 170 -15.22 18.05 38.35
CA ALA B 170 -14.61 16.73 38.38
C ALA B 170 -14.04 16.52 39.77
N PRO B 171 -13.63 15.29 40.11
CA PRO B 171 -12.99 15.08 41.40
C PRO B 171 -11.57 15.66 41.43
N ASP B 172 -11.14 16.00 42.64
CA ASP B 172 -9.75 16.40 42.88
C ASP B 172 -9.30 15.89 44.24
N MET B 173 -8.67 16.74 45.05
CA MET B 173 -8.15 16.31 46.33
C MET B 173 -9.28 16.13 47.33
N ASN B 174 -9.34 14.95 47.94
CA ASN B 174 -10.33 14.62 48.98
C ASN B 174 -11.76 14.69 48.46
N THR B 175 -11.95 14.58 47.15
CA THR B 175 -13.27 14.42 46.55
C THR B 175 -13.23 13.22 45.63
N GLY B 176 -14.24 12.35 45.73
CA GLY B 176 -14.28 11.16 44.91
C GLY B 176 -15.59 11.01 44.17
N GLU B 177 -15.86 9.79 43.68
CA GLU B 177 -17.12 9.54 42.99
C GLU B 177 -18.32 9.71 43.92
N ARG B 178 -18.11 9.63 45.23
CA ARG B 178 -19.21 9.86 46.17
C ARG B 178 -19.70 11.29 46.11
N GLU B 179 -18.78 12.25 46.06
CA GLU B 179 -19.18 13.66 45.99
C GLU B 179 -19.73 14.01 44.61
N MET B 180 -19.21 13.38 43.55
CA MET B 180 -19.70 13.68 42.21
C MET B 180 -21.13 13.21 42.03
N SER B 181 -21.49 12.07 42.61
CA SER B 181 -22.87 11.61 42.55
C SER B 181 -23.79 12.58 43.29
N TRP B 182 -23.31 13.15 44.40
CA TRP B 182 -24.10 14.15 45.11
C TRP B 182 -24.28 15.40 44.26
N ILE B 183 -23.25 15.79 43.52
CA ILE B 183 -23.33 16.99 42.69
C ILE B 183 -24.36 16.80 41.58
N ALA B 184 -24.29 15.67 40.86
CA ALA B 184 -25.19 15.44 39.74
C ALA B 184 -26.64 15.29 40.21
N ASP B 185 -26.86 14.63 41.35
CA ASP B 185 -28.21 14.46 41.84
C ASP B 185 -28.82 15.79 42.29
N THR B 186 -27.99 16.68 42.84
CA THR B 186 -28.49 18.00 43.23
C THR B 186 -28.85 18.84 42.01
N TYR B 187 -28.01 18.80 40.98
CA TYR B 187 -28.28 19.60 39.78
C TYR B 187 -29.47 19.06 39.01
N ALA B 188 -29.55 17.73 38.84
CA ALA B 188 -30.63 17.13 38.07
C ALA B 188 -31.99 17.29 38.74
N SER B 189 -32.04 17.66 40.01
CA SER B 189 -33.29 17.80 40.73
C SER B 189 -33.61 19.24 41.10
N THR B 190 -32.73 20.19 40.79
CA THR B 190 -32.97 21.59 41.14
C THR B 190 -33.00 22.46 39.89
N ILE B 191 -31.82 22.89 39.44
CA ILE B 191 -31.75 23.83 38.32
C ILE B 191 -31.86 23.10 36.99
N GLY B 192 -31.30 21.90 36.89
CA GLY B 192 -31.32 21.17 35.65
C GLY B 192 -32.38 20.08 35.58
N HIS B 193 -33.53 20.33 36.21
CA HIS B 193 -34.60 19.33 36.19
C HIS B 193 -35.15 19.14 34.78
N TYR B 194 -35.33 20.25 34.05
CA TYR B 194 -35.83 20.19 32.69
C TYR B 194 -34.73 19.94 31.66
N ASP B 195 -33.53 19.58 32.12
CA ASP B 195 -32.40 19.33 31.23
C ASP B 195 -32.25 17.83 31.04
N ILE B 196 -32.35 17.39 29.79
CA ILE B 196 -32.18 15.97 29.47
C ILE B 196 -30.73 15.53 29.68
N ASN B 197 -29.79 16.46 29.63
CA ASN B 197 -28.37 16.16 29.84
C ASN B 197 -27.90 16.56 31.23
N ALA B 198 -28.80 16.55 32.21
CA ALA B 198 -28.45 17.03 33.55
C ALA B 198 -27.33 16.21 34.17
N HIS B 199 -27.31 14.90 33.91
CA HIS B 199 -26.27 14.05 34.47
C HIS B 199 -24.92 14.24 33.79
N ALA B 200 -24.85 15.03 32.73
CA ALA B 200 -23.59 15.39 32.09
C ALA B 200 -22.95 16.61 32.73
N CYS B 201 -23.56 17.15 33.79
CA CYS B 201 -23.04 18.34 34.45
C CYS B 201 -21.77 18.07 35.25
N VAL B 202 -21.43 16.80 35.48
CA VAL B 202 -20.31 16.42 36.33
C VAL B 202 -19.69 15.14 35.76
N THR B 203 -18.41 14.93 36.05
CA THR B 203 -17.71 13.72 35.66
C THR B 203 -17.12 13.05 36.89
N GLY B 204 -16.68 11.80 36.70
CA GLY B 204 -16.18 11.03 37.81
C GLY B 204 -17.24 10.36 38.66
N LYS B 205 -18.46 10.25 38.14
CA LYS B 205 -19.53 9.61 38.88
C LYS B 205 -19.35 8.10 38.89
N PRO B 206 -20.02 7.41 39.82
CA PRO B 206 -20.09 5.95 39.74
C PRO B 206 -20.83 5.52 38.47
N ILE B 207 -20.59 4.28 38.06
CA ILE B 207 -21.19 3.79 36.82
C ILE B 207 -22.70 3.71 36.94
N SER B 208 -23.22 3.51 38.16
CA SER B 208 -24.67 3.50 38.36
C SER B 208 -25.29 4.88 38.28
N GLN B 209 -24.48 5.94 38.23
CA GLN B 209 -24.97 7.30 38.12
C GLN B 209 -24.65 7.95 36.79
N GLY B 210 -24.00 7.22 35.88
CA GLY B 210 -23.67 7.77 34.58
C GLY B 210 -22.18 7.79 34.31
N GLY B 211 -21.41 7.18 35.20
CA GLY B 211 -19.97 7.13 35.02
C GLY B 211 -19.55 6.26 33.85
N ILE B 212 -18.30 6.41 33.46
CA ILE B 212 -17.73 5.67 32.34
C ILE B 212 -16.77 4.63 32.88
N HIS B 213 -16.57 3.56 32.09
CA HIS B 213 -15.67 2.50 32.48
C HIS B 213 -14.23 2.86 32.12
N GLY B 214 -13.30 2.37 32.93
CA GLY B 214 -11.90 2.68 32.73
C GLY B 214 -11.47 4.01 33.29
N ARG B 215 -12.29 4.65 34.13
CA ARG B 215 -11.93 5.95 34.69
C ARG B 215 -10.91 5.82 35.82
N ILE B 216 -11.01 4.75 36.62
CA ILE B 216 -10.08 4.57 37.73
C ILE B 216 -8.65 4.38 37.20
N SER B 217 -8.50 3.59 36.14
CA SER B 217 -7.20 3.36 35.53
C SER B 217 -6.87 4.37 34.45
N ALA B 218 -7.71 5.40 34.27
CA ALA B 218 -7.51 6.33 33.17
C ALA B 218 -6.24 7.15 33.34
N THR B 219 -6.07 7.79 34.50
CA THR B 219 -4.91 8.64 34.71
C THR B 219 -3.62 7.83 34.71
N GLY B 220 -3.65 6.62 35.25
CA GLY B 220 -2.46 5.79 35.23
C GLY B 220 -2.11 5.30 33.84
N ARG B 221 -3.11 4.81 33.09
CA ARG B 221 -2.86 4.34 31.74
C ARG B 221 -2.41 5.48 30.83
N GLY B 222 -2.91 6.69 31.06
CA GLY B 222 -2.46 7.83 30.27
C GLY B 222 -0.99 8.14 30.51
N VAL B 223 -0.52 7.95 31.75
CA VAL B 223 0.89 8.16 32.04
C VAL B 223 1.75 7.12 31.32
N PHE B 224 1.27 5.88 31.26
CA PHE B 224 2.02 4.84 30.57
C PHE B 224 2.14 5.16 29.08
N HIS B 225 1.03 5.51 28.43
CA HIS B 225 1.08 5.83 27.00
C HIS B 225 1.90 7.07 26.74
N GLY B 226 2.02 7.97 27.72
CA GLY B 226 2.87 9.14 27.55
C GLY B 226 4.34 8.77 27.47
N ILE B 227 4.79 7.88 28.35
CA ILE B 227 6.18 7.42 28.29
C ILE B 227 6.38 6.48 27.12
N GLU B 228 5.35 5.71 26.76
CA GLU B 228 5.47 4.76 25.65
C GLU B 228 5.74 5.46 24.33
N ASN B 229 5.19 6.66 24.14
CA ASN B 229 5.36 7.35 22.87
C ASN B 229 6.76 7.92 22.73
N PHE B 230 7.45 8.20 23.84
CA PHE B 230 8.78 8.78 23.78
C PHE B 230 9.89 7.77 24.05
N ILE B 231 9.61 6.72 24.84
CA ILE B 231 10.62 5.68 25.04
C ILE B 231 10.80 4.85 23.78
N ASN B 232 9.78 4.77 22.94
CA ASN B 232 9.85 4.07 21.67
C ASN B 232 10.38 4.95 20.54
N GLU B 233 10.64 6.22 20.81
CA GLU B 233 11.14 7.14 19.78
C GLU B 233 12.67 7.14 19.80
N ALA B 234 13.26 6.69 18.70
CA ALA B 234 14.72 6.56 18.65
C ALA B 234 15.42 7.91 18.65
N SER B 235 14.77 8.95 18.11
CA SER B 235 15.41 10.26 18.06
C SER B 235 15.65 10.82 19.45
N TYR B 236 14.75 10.55 20.39
CA TYR B 236 14.89 11.07 21.74
C TYR B 236 15.80 10.19 22.60
N MET B 237 15.79 8.88 22.37
CA MET B 237 16.52 7.97 23.24
C MET B 237 18.03 8.09 23.07
N SER B 238 18.50 8.48 21.88
CA SER B 238 19.93 8.61 21.65
C SER B 238 20.54 9.70 22.51
N ILE B 239 19.82 10.82 22.66
CA ILE B 239 20.29 11.90 23.54
C ILE B 239 20.32 11.42 24.98
N LEU B 240 19.32 10.62 25.37
CA LEU B 240 19.33 10.01 26.69
C LEU B 240 20.31 8.85 26.81
N GLY B 241 20.85 8.38 25.68
CA GLY B 241 21.79 7.27 25.70
C GLY B 241 21.19 5.97 26.20
N MET B 242 19.98 5.65 25.74
CA MET B 242 19.27 4.47 26.21
C MET B 242 18.70 3.70 25.01
N THR B 243 18.42 2.43 25.25
CA THR B 243 17.84 1.59 24.21
C THR B 243 16.35 1.87 24.09
N PRO B 244 15.83 2.07 22.89
CA PRO B 244 14.38 2.26 22.73
C PRO B 244 13.61 1.00 23.12
N GLY B 245 12.58 1.19 23.93
CA GLY B 245 11.76 0.08 24.38
C GLY B 245 11.55 0.06 25.89
N PHE B 246 10.53 -0.67 26.34
CA PHE B 246 10.23 -0.77 27.76
C PHE B 246 10.94 -1.91 28.45
N ARG B 247 11.33 -2.95 27.70
CA ARG B 247 12.02 -4.08 28.30
C ARG B 247 13.41 -3.68 28.76
N ASP B 248 13.89 -4.36 29.80
CA ASP B 248 15.20 -4.09 30.40
C ASP B 248 15.29 -2.65 30.89
N LYS B 249 14.24 -2.20 31.58
CA LYS B 249 14.16 -0.84 32.10
C LYS B 249 13.71 -0.87 33.55
N THR B 250 14.24 0.04 34.35
CA THR B 250 13.90 0.17 35.76
C THR B 250 13.31 1.56 36.00
N PHE B 251 12.30 1.62 36.87
CA PHE B 251 11.61 2.87 37.16
C PHE B 251 11.19 2.90 38.63
N VAL B 252 11.13 4.11 39.17
CA VAL B 252 10.67 4.34 40.53
C VAL B 252 9.48 5.29 40.48
N VAL B 253 8.53 5.08 41.39
CA VAL B 253 7.29 5.85 41.44
C VAL B 253 7.19 6.55 42.79
N GLN B 254 7.02 7.87 42.76
CA GLN B 254 6.81 8.66 43.97
C GLN B 254 5.33 8.68 44.30
N GLY B 255 4.98 8.18 45.49
CA GLY B 255 3.60 8.11 45.90
C GLY B 255 2.87 6.92 45.30
N PHE B 256 2.11 6.20 46.13
CA PHE B 256 1.38 5.04 45.67
C PHE B 256 -0.12 5.28 45.73
N GLY B 257 -0.57 6.43 45.24
CA GLY B 257 -1.98 6.74 45.19
C GLY B 257 -2.67 6.09 44.01
N ASN B 258 -3.63 6.81 43.41
CA ASN B 258 -4.33 6.26 42.24
C ASN B 258 -3.44 6.30 41.00
N VAL B 259 -2.71 7.39 40.79
CA VAL B 259 -1.87 7.52 39.61
C VAL B 259 -0.62 6.65 39.76
N GLY B 260 -0.04 6.62 40.96
CA GLY B 260 1.17 5.83 41.17
C GLY B 260 0.94 4.34 41.09
N LEU B 261 -0.24 3.87 41.49
CA LEU B 261 -0.52 2.44 41.46
C LEU B 261 -0.67 1.93 40.03
N HIS B 262 -1.47 2.64 39.22
CA HIS B 262 -1.72 2.18 37.86
C HIS B 262 -0.54 2.43 36.93
N SER B 263 0.24 3.49 37.17
CA SER B 263 1.44 3.71 36.37
C SER B 263 2.44 2.58 36.57
N MET B 264 2.55 2.08 37.80
CA MET B 264 3.45 0.96 38.06
C MET B 264 2.95 -0.32 37.39
N ARG B 265 1.64 -0.50 37.29
CA ARG B 265 1.09 -1.74 36.75
C ARG B 265 1.29 -1.82 35.23
N TYR B 266 0.97 -0.74 34.52
CA TYR B 266 1.04 -0.78 33.06
C TYR B 266 2.48 -0.77 32.56
N LEU B 267 3.40 -0.15 33.31
CA LEU B 267 4.80 -0.24 32.95
C LEU B 267 5.36 -1.64 33.23
N HIS B 268 4.87 -2.28 34.30
CA HIS B 268 5.32 -3.64 34.62
C HIS B 268 4.82 -4.65 33.60
N ARG B 269 3.67 -4.39 32.97
CA ARG B 269 3.11 -5.35 32.02
C ARG B 269 3.89 -5.37 30.73
N PHE B 270 4.47 -4.24 30.31
CA PHE B 270 5.13 -4.12 29.02
C PHE B 270 6.64 -4.29 29.13
N GLY B 271 7.13 -4.88 30.21
CA GLY B 271 8.54 -5.21 30.36
C GLY B 271 9.26 -4.44 31.46
N ALA B 272 8.74 -3.28 31.85
CA ALA B 272 9.39 -2.50 32.88
C ALA B 272 9.37 -3.23 34.22
N LYS B 273 10.27 -2.82 35.11
CA LYS B 273 10.40 -3.43 36.43
C LYS B 273 10.54 -2.32 37.46
N CYS B 274 9.64 -2.28 38.43
CA CYS B 274 9.70 -1.26 39.48
C CYS B 274 10.69 -1.67 40.55
N ILE B 275 11.60 -0.75 40.89
CA ILE B 275 12.61 -1.01 41.91
C ILE B 275 12.48 -0.09 43.11
N ALA B 276 11.75 1.01 43.01
CA ALA B 276 11.59 1.94 44.12
C ALA B 276 10.14 2.41 44.19
N VAL B 277 9.64 2.55 45.41
CA VAL B 277 8.28 3.02 45.64
C VAL B 277 8.26 3.86 46.92
N GLY B 278 8.24 5.18 46.78
CA GLY B 278 8.33 6.06 47.92
C GLY B 278 7.05 6.81 48.24
N GLU B 279 6.56 6.65 49.47
CA GLU B 279 5.40 7.38 49.97
C GLU B 279 5.87 8.44 50.95
N SER B 280 4.89 9.13 51.56
CA SER B 280 5.22 10.13 52.57
C SER B 280 5.71 9.52 53.86
N ASP B 281 5.35 8.27 54.14
CA ASP B 281 5.75 7.59 55.37
C ASP B 281 7.09 6.88 55.23
N GLY B 282 7.33 6.23 54.10
CA GLY B 282 8.57 5.54 53.88
C GLY B 282 8.82 5.29 52.41
N SER B 283 9.69 4.33 52.13
CA SER B 283 10.03 3.97 50.75
C SER B 283 10.63 2.57 50.73
N ILE B 284 10.06 1.69 49.92
CA ILE B 284 10.57 0.33 49.76
C ILE B 284 11.46 0.29 48.53
N TRP B 285 12.45 -0.61 48.55
CA TRP B 285 13.42 -0.73 47.48
C TRP B 285 13.76 -2.19 47.26
N ASN B 286 13.95 -2.56 45.98
CA ASN B 286 14.35 -3.90 45.61
C ASN B 286 14.91 -3.89 44.19
N PRO B 287 16.21 -4.15 44.00
CA PRO B 287 16.78 -4.08 42.65
C PRO B 287 16.33 -5.21 41.73
N ASP B 288 15.75 -6.28 42.28
CA ASP B 288 15.24 -7.36 41.45
C ASP B 288 13.86 -7.07 40.88
N GLY B 289 13.10 -6.18 41.51
CA GLY B 289 11.79 -5.81 41.00
C GLY B 289 10.70 -5.84 42.05
N ILE B 290 9.77 -4.89 41.96
CA ILE B 290 8.61 -4.83 42.85
C ILE B 290 7.38 -5.24 42.06
N ASP B 291 6.53 -6.05 42.67
CA ASP B 291 5.36 -6.51 41.93
C ASP B 291 4.17 -5.59 42.19
N PRO B 292 3.42 -5.22 41.14
CA PRO B 292 2.29 -4.30 41.35
C PRO B 292 1.14 -4.92 42.11
N LYS B 293 0.78 -6.17 41.81
CA LYS B 293 -0.38 -6.78 42.45
C LYS B 293 -0.15 -6.95 43.95
N GLU B 294 1.05 -7.37 44.35
CA GLU B 294 1.33 -7.57 45.76
C GLU B 294 1.36 -6.25 46.52
N LEU B 295 2.02 -5.23 45.96
CA LEU B 295 2.09 -3.93 46.62
C LEU B 295 0.73 -3.26 46.69
N GLU B 296 -0.16 -3.54 45.73
CA GLU B 296 -1.50 -2.97 45.78
C GLU B 296 -2.32 -3.63 46.88
N ASP B 297 -2.27 -4.95 46.99
CA ASP B 297 -3.00 -5.64 48.04
C ASP B 297 -2.39 -5.39 49.41
N PHE B 298 -1.08 -5.08 49.46
CA PHE B 298 -0.44 -4.79 50.74
C PHE B 298 -0.92 -3.45 51.31
N LYS B 299 -1.10 -2.46 50.43
CA LYS B 299 -1.55 -1.14 50.91
C LYS B 299 -3.03 -1.17 51.26
N LEU B 300 -3.82 -1.94 50.53
CA LEU B 300 -5.26 -2.02 50.82
C LEU B 300 -5.56 -2.83 52.07
N GLN B 301 -4.62 -3.68 52.51
CA GLN B 301 -4.82 -4.50 53.69
C GLN B 301 -4.23 -3.89 54.95
N HIS B 302 -3.34 -2.90 54.82
CA HIS B 302 -2.70 -2.29 55.97
C HIS B 302 -2.87 -0.77 56.02
N GLY B 303 -2.81 -0.09 54.87
CA GLY B 303 -2.96 1.35 54.80
C GLY B 303 -1.74 2.08 54.30
N SER B 304 -0.56 1.48 54.39
CA SER B 304 0.67 2.10 53.94
C SER B 304 1.54 1.05 53.25
N ILE B 305 2.72 1.47 52.82
CA ILE B 305 3.67 0.58 52.15
C ILE B 305 4.86 0.26 53.04
N LEU B 306 4.74 0.52 54.34
CA LEU B 306 5.83 0.27 55.28
C LEU B 306 5.83 -1.21 55.66
N GLY B 307 6.95 -1.87 55.43
CA GLY B 307 7.09 -3.27 55.79
C GLY B 307 6.72 -4.27 54.71
N PHE B 308 6.97 -3.94 53.45
CA PHE B 308 6.70 -4.88 52.38
C PHE B 308 7.66 -6.06 52.46
N PRO B 309 7.17 -7.30 52.45
CA PRO B 309 8.07 -8.45 52.66
C PRO B 309 9.04 -8.69 51.52
N LYS B 310 8.73 -8.25 50.30
CA LYS B 310 9.60 -8.47 49.15
C LYS B 310 10.37 -7.21 48.75
N ALA B 311 10.59 -6.30 49.69
CA ALA B 311 11.31 -5.07 49.40
C ALA B 311 11.89 -4.53 50.70
N LYS B 312 13.20 -4.23 50.69
CA LYS B 312 13.86 -3.72 51.88
C LYS B 312 13.60 -2.21 52.01
N PRO B 313 13.35 -1.72 53.22
CA PRO B 313 13.10 -0.28 53.39
C PRO B 313 14.30 0.56 52.98
N TYR B 314 14.01 1.60 52.20
CA TYR B 314 15.01 2.56 51.73
C TYR B 314 14.84 3.83 52.54
N GLU B 315 15.69 4.03 53.53
CA GLU B 315 15.72 5.28 54.27
C GLU B 315 16.50 6.32 53.46
N GLY B 316 15.86 7.43 53.16
CA GLY B 316 16.48 8.47 52.37
C GLY B 316 15.41 9.22 51.57
N SER B 317 15.75 9.51 50.31
CA SER B 317 14.87 10.24 49.40
C SER B 317 14.54 9.35 48.22
N ILE B 318 13.25 9.12 47.99
CA ILE B 318 12.82 8.30 46.86
C ILE B 318 13.09 8.98 45.53
N LEU B 319 13.22 10.31 45.52
CA LEU B 319 13.48 11.03 44.28
C LEU B 319 14.87 10.72 43.71
N GLU B 320 15.80 10.26 44.54
CA GLU B 320 17.16 9.97 44.11
C GLU B 320 17.37 8.46 44.20
N VAL B 321 17.33 7.78 43.04
CA VAL B 321 17.55 6.35 42.97
C VAL B 321 18.02 6.03 41.56
N ASP B 322 18.86 5.01 41.44
CA ASP B 322 19.43 4.62 40.15
C ASP B 322 18.37 3.85 39.36
N CYS B 323 17.72 4.55 38.43
CA CYS B 323 16.72 3.94 37.57
C CYS B 323 16.72 4.68 36.24
N ASP B 324 15.85 4.23 35.33
CA ASP B 324 15.73 4.87 34.03
C ASP B 324 14.62 5.92 34.00
N ILE B 325 13.51 5.65 34.67
CA ILE B 325 12.36 6.55 34.69
C ILE B 325 12.03 6.89 36.14
N LEU B 326 11.60 8.13 36.36
CA LEU B 326 11.13 8.59 37.67
C LEU B 326 9.73 9.15 37.48
N ILE B 327 8.78 8.65 38.28
CA ILE B 327 7.38 9.03 38.12
C ILE B 327 6.87 9.71 39.38
N PRO B 328 7.02 11.04 39.50
CA PRO B 328 6.42 11.74 40.64
C PRO B 328 4.91 11.79 40.54
N ALA B 329 4.22 11.05 41.42
CA ALA B 329 2.76 11.01 41.44
C ALA B 329 2.25 11.21 42.86
N ALA B 330 2.73 12.26 43.52
CA ALA B 330 2.36 12.53 44.91
C ALA B 330 1.96 13.98 45.11
N THR B 331 2.93 14.83 45.47
CA THR B 331 2.68 16.22 45.80
C THR B 331 3.37 17.13 44.77
N GLU B 332 3.34 18.43 45.04
CA GLU B 332 3.90 19.44 44.15
C GLU B 332 5.25 19.94 44.66
N LYS B 333 6.04 20.47 43.73
CA LYS B 333 7.35 21.05 44.03
C LYS B 333 8.27 20.05 44.72
N GLN B 334 8.29 18.82 44.19
CA GLN B 334 9.14 17.78 44.79
C GLN B 334 10.58 17.87 44.31
N LEU B 335 10.79 18.17 43.03
CA LEU B 335 12.12 18.31 42.45
C LEU B 335 12.46 19.79 42.38
N THR B 336 13.14 20.28 43.41
CA THR B 336 13.52 21.69 43.52
C THR B 336 14.94 21.89 42.95
N LYS B 337 15.54 23.04 43.26
CA LYS B 337 16.88 23.32 42.76
C LYS B 337 17.95 22.52 43.51
N SER B 338 17.72 22.26 44.80
CA SER B 338 18.70 21.53 45.60
C SER B 338 18.85 20.09 45.09
N ASN B 339 17.76 19.33 45.07
CA ASN B 339 17.80 17.95 44.60
C ASN B 339 17.91 17.84 43.09
N ALA B 340 17.96 18.97 42.37
CA ALA B 340 18.05 18.92 40.91
C ALA B 340 19.32 18.24 40.41
N PRO B 341 20.53 18.69 40.77
CA PRO B 341 21.75 18.04 40.24
C PRO B 341 21.93 16.61 40.68
N ARG B 342 21.20 16.14 41.69
CA ARG B 342 21.33 14.76 42.17
C ARG B 342 20.26 13.84 41.59
N VAL B 343 19.70 14.17 40.43
CA VAL B 343 18.69 13.33 39.79
C VAL B 343 19.39 12.17 39.11
N LYS B 344 18.99 10.95 39.45
CA LYS B 344 19.62 9.75 38.90
C LYS B 344 18.95 9.26 37.63
N ALA B 345 17.66 9.54 37.45
CA ALA B 345 16.95 9.06 36.28
C ALA B 345 17.25 9.94 35.07
N LYS B 346 16.91 9.42 33.89
CA LYS B 346 17.09 10.13 32.63
C LYS B 346 15.76 10.51 31.98
N ILE B 347 14.64 10.13 32.57
CA ILE B 347 13.31 10.47 32.05
C ILE B 347 12.39 10.71 33.24
N ILE B 348 11.91 11.93 33.39
CA ILE B 348 11.04 12.32 34.50
C ILE B 348 9.63 12.41 33.93
N ALA B 349 8.83 11.36 34.14
CA ALA B 349 7.44 11.33 33.71
C ALA B 349 6.58 11.85 34.84
N GLU B 350 5.93 12.99 34.64
CA GLU B 350 5.19 13.67 35.70
C GLU B 350 3.80 13.06 35.84
N GLY B 351 3.53 12.45 36.99
CA GLY B 351 2.22 11.90 37.28
C GLY B 351 1.46 12.76 38.25
N ALA B 352 1.86 14.02 38.38
CA ALA B 352 1.20 14.98 39.25
C ALA B 352 1.29 16.35 38.58
N ASN B 353 0.64 17.34 39.21
CA ASN B 353 0.60 18.69 38.68
C ASN B 353 1.73 19.51 39.29
N GLY B 354 2.59 20.05 38.43
CA GLY B 354 3.72 20.86 38.84
C GLY B 354 4.62 20.22 39.88
N PRO B 355 5.21 19.06 39.56
CA PRO B 355 6.14 18.42 40.49
C PRO B 355 7.58 18.90 40.33
N THR B 356 7.89 19.64 39.28
CA THR B 356 9.23 20.11 39.00
C THR B 356 9.23 21.62 38.89
N THR B 357 10.10 22.28 39.65
CA THR B 357 10.26 23.72 39.56
C THR B 357 11.01 24.09 38.28
N PRO B 358 10.84 25.33 37.79
CA PRO B 358 11.56 25.73 36.57
C PRO B 358 13.07 25.71 36.74
N GLU B 359 13.57 25.83 37.98
CA GLU B 359 15.01 25.73 38.20
C GLU B 359 15.51 24.32 37.86
N ALA B 360 14.76 23.29 38.26
CA ALA B 360 15.13 21.93 37.89
C ALA B 360 15.02 21.70 36.40
N ASP B 361 14.09 22.41 35.73
CA ASP B 361 13.93 22.26 34.29
C ASP B 361 15.20 22.67 33.55
N LYS B 362 15.78 23.82 33.93
CA LYS B 362 17.01 24.27 33.32
C LYS B 362 18.16 23.31 33.61
N ILE B 363 18.19 22.75 34.83
CA ILE B 363 19.23 21.79 35.18
C ILE B 363 19.05 20.50 34.40
N PHE B 364 17.80 20.05 34.22
CA PHE B 364 17.55 18.82 33.48
C PHE B 364 17.89 18.98 32.00
N LEU B 365 17.67 20.16 31.43
CA LEU B 365 18.05 20.39 30.05
C LEU B 365 19.56 20.47 29.87
N GLU B 366 20.30 20.77 30.94
CA GLU B 366 21.76 20.79 30.87
C GLU B 366 22.33 19.36 30.88
N ARG B 367 21.73 18.47 31.65
CA ARG B 367 22.22 17.11 31.82
C ARG B 367 21.59 16.13 30.85
N ASN B 368 20.93 16.62 29.79
CA ASN B 368 20.28 15.76 28.79
C ASN B 368 19.29 14.80 29.44
N ILE B 369 18.41 15.36 30.27
CA ILE B 369 17.35 14.60 30.94
C ILE B 369 16.01 15.07 30.41
N LEU B 370 15.18 14.13 29.99
CA LEU B 370 13.87 14.45 29.43
C LEU B 370 12.82 14.46 30.54
N VAL B 371 12.02 15.52 30.57
CA VAL B 371 10.95 15.68 31.55
C VAL B 371 9.64 15.76 30.76
N ILE B 372 8.89 14.66 30.73
CA ILE B 372 7.58 14.65 30.10
C ILE B 372 6.65 15.53 30.94
N PRO B 373 6.18 16.65 30.41
CA PRO B 373 5.50 17.64 31.25
C PRO B 373 4.15 17.14 31.75
N ASP B 374 3.62 17.88 32.74
CA ASP B 374 2.38 17.47 33.39
C ASP B 374 1.16 17.73 32.51
N LEU B 375 1.17 18.85 31.77
CA LEU B 375 0.02 19.20 30.94
C LEU B 375 -0.20 18.24 29.78
N TYR B 376 0.68 17.27 29.59
CA TYR B 376 0.49 16.22 28.60
C TYR B 376 0.37 14.83 29.23
N LEU B 377 1.13 14.53 30.28
CA LEU B 377 1.14 13.17 30.82
C LEU B 377 0.00 12.94 31.81
N ASN B 378 -0.27 13.93 32.66
CA ASN B 378 -1.48 13.90 33.50
C ASN B 378 -2.67 14.47 32.74
N ALA B 379 -2.94 13.92 31.55
CA ALA B 379 -4.12 14.27 30.78
C ALA B 379 -4.99 13.05 30.49
N GLY B 380 -4.61 11.87 30.97
CA GLY B 380 -5.41 10.68 30.75
C GLY B 380 -6.77 10.76 31.41
N GLY B 381 -6.80 11.17 32.68
CA GLY B 381 -8.07 11.34 33.36
C GLY B 381 -8.91 12.44 32.74
N VAL B 382 -8.26 13.55 32.35
CA VAL B 382 -8.97 14.63 31.69
C VAL B 382 -9.54 14.17 30.35
N THR B 383 -8.74 13.43 29.58
CA THR B 383 -9.21 12.93 28.29
C THR B 383 -10.40 11.99 28.47
N VAL B 384 -10.33 11.10 29.46
CA VAL B 384 -11.43 10.16 29.67
C VAL B 384 -12.65 10.86 30.24
N SER B 385 -12.45 11.91 31.05
CA SER B 385 -13.58 12.71 31.52
C SER B 385 -14.32 13.35 30.36
N TYR B 386 -13.61 13.67 29.28
CA TYR B 386 -14.26 14.11 28.06
C TYR B 386 -15.14 13.01 27.47
N PHE B 387 -14.68 11.76 27.56
CA PHE B 387 -15.48 10.64 27.07
C PHE B 387 -16.67 10.39 27.96
N GLU B 388 -16.52 10.58 29.28
CA GLU B 388 -17.65 10.44 30.19
C GLU B 388 -18.70 11.52 29.93
N TRP B 389 -18.25 12.74 29.63
CA TRP B 389 -19.18 13.80 29.26
C TRP B 389 -19.93 13.46 27.98
N LEU B 390 -19.22 12.93 26.99
CA LEU B 390 -19.88 12.55 25.73
C LEU B 390 -20.84 11.39 25.94
N LYS B 391 -20.49 10.45 26.82
CA LYS B 391 -21.36 9.30 27.06
C LYS B 391 -22.68 9.71 27.67
N ASN B 392 -22.65 10.63 28.63
CA ASN B 392 -23.89 11.15 29.21
C ASN B 392 -24.72 11.89 28.17
N LEU B 393 -24.07 12.54 27.19
CA LEU B 393 -24.82 13.17 26.11
C LEU B 393 -25.41 12.12 25.17
N ASN B 394 -24.69 11.03 24.94
CA ASN B 394 -25.17 9.96 24.08
C ASN B 394 -26.24 9.12 24.78
N HIS B 395 -26.31 9.17 26.11
CA HIS B 395 -27.25 8.36 26.88
C HIS B 395 -27.09 6.88 26.58
N VAL B 396 -25.86 6.49 26.27
CA VAL B 396 -25.55 5.16 25.79
C VAL B 396 -24.12 4.82 26.21
N SER B 397 -23.85 3.57 26.53
CA SER B 397 -22.49 3.13 26.74
C SER B 397 -21.83 2.84 25.40
N TYR B 398 -20.52 3.03 25.36
CA TYR B 398 -19.77 2.78 24.14
C TYR B 398 -19.73 1.27 23.88
N GLY B 399 -20.24 0.86 22.72
CA GLY B 399 -20.27 -0.53 22.34
C GLY B 399 -21.60 -1.23 22.54
N ARG B 400 -22.53 -0.60 23.28
CA ARG B 400 -23.81 -1.23 23.55
C ARG B 400 -24.56 -1.56 22.25
N LEU B 401 -24.36 -0.77 21.21
CA LEU B 401 -25.07 -0.96 19.95
C LEU B 401 -24.27 -1.75 18.92
N THR B 402 -22.96 -1.92 19.11
CA THR B 402 -22.10 -2.46 18.07
C THR B 402 -21.20 -3.61 18.52
N PHE B 403 -21.26 -4.04 19.77
CA PHE B 403 -20.33 -5.05 20.25
C PHE B 403 -20.54 -6.39 19.55
N LYS B 404 -21.79 -6.84 19.46
CA LYS B 404 -22.06 -8.11 18.78
C LYS B 404 -21.89 -7.99 17.27
N TYR B 405 -22.15 -6.80 16.71
CA TYR B 405 -21.95 -6.62 15.28
C TYR B 405 -20.48 -6.75 14.89
N GLU B 406 -19.59 -6.14 15.68
CA GLU B 406 -18.16 -6.28 15.41
C GLU B 406 -17.69 -7.71 15.63
N ARG B 407 -18.17 -8.35 16.70
CA ARG B 407 -17.75 -9.71 17.02
C ARG B 407 -18.11 -10.68 15.90
N ASP B 408 -19.31 -10.56 15.35
CA ASP B 408 -19.76 -11.47 14.29
C ASP B 408 -19.07 -11.17 12.96
N SER B 409 -18.78 -9.91 12.68
CA SER B 409 -18.12 -9.57 11.41
C SER B 409 -16.68 -10.07 11.40
N ASN B 410 -15.99 -10.00 12.54
CA ASN B 410 -14.62 -10.52 12.61
C ASN B 410 -14.60 -12.03 12.41
N TYR B 411 -15.55 -12.74 13.01
CA TYR B 411 -15.66 -14.19 12.78
C TYR B 411 -16.06 -14.51 11.35
N HIS B 412 -16.74 -13.58 10.66
CA HIS B 412 -17.02 -13.78 9.25
C HIS B 412 -15.77 -13.61 8.41
N LEU B 413 -14.93 -12.63 8.75
CA LEU B 413 -13.72 -12.38 7.98
C LEU B 413 -12.77 -13.57 8.05
N LEU B 414 -12.56 -14.10 9.26
CA LEU B 414 -11.67 -15.24 9.41
C LEU B 414 -12.23 -16.47 8.69
N LEU B 415 -13.55 -16.67 8.75
CA LEU B 415 -14.15 -17.77 8.03
C LEU B 415 -14.10 -17.55 6.53
N SER B 416 -14.13 -16.30 6.08
CA SER B 416 -14.02 -16.01 4.65
C SER B 416 -12.64 -16.36 4.12
N VAL B 417 -11.59 -16.07 4.90
CA VAL B 417 -10.25 -16.45 4.49
C VAL B 417 -10.11 -17.97 4.51
N GLN B 418 -10.74 -18.63 5.48
CA GLN B 418 -10.67 -20.09 5.56
C GLN B 418 -11.42 -20.74 4.41
N GLU B 419 -12.67 -20.33 4.18
CA GLU B 419 -13.47 -20.93 3.11
C GLU B 419 -12.84 -20.71 1.75
N SER B 420 -12.08 -19.62 1.58
CA SER B 420 -11.46 -19.35 0.29
C SER B 420 -10.14 -20.09 0.12
N LEU B 421 -9.39 -20.25 1.21
CA LEU B 421 -8.10 -20.95 1.11
C LEU B 421 -8.32 -22.46 0.98
N GLU B 422 -9.31 -23.01 1.66
CA GLU B 422 -9.61 -24.43 1.52
C GLU B 422 -10.11 -24.76 0.12
N ARG B 423 -10.73 -23.79 -0.55
CA ARG B 423 -11.14 -23.98 -1.94
C ARG B 423 -9.95 -23.91 -2.89
N LYS B 424 -8.92 -23.16 -2.53
CA LYS B 424 -7.76 -23.01 -3.41
C LYS B 424 -6.78 -24.17 -3.26
N PHE B 425 -6.61 -24.67 -2.04
CA PHE B 425 -5.65 -25.73 -1.76
C PHE B 425 -6.29 -27.11 -1.72
N GLY B 426 -7.58 -27.23 -2.02
CA GLY B 426 -8.26 -28.51 -2.03
C GLY B 426 -8.58 -29.00 -0.63
N LYS B 427 -9.29 -30.12 -0.59
CA LYS B 427 -9.70 -30.74 0.66
C LYS B 427 -8.86 -31.94 1.06
N HIS B 428 -7.97 -32.40 0.18
CA HIS B 428 -7.15 -33.57 0.51
C HIS B 428 -6.08 -33.22 1.54
N GLY B 429 -5.53 -32.02 1.47
CA GLY B 429 -4.49 -31.61 2.39
C GLY B 429 -4.94 -31.33 3.81
N GLY B 430 -6.24 -31.43 4.08
CA GLY B 430 -6.78 -31.16 5.39
C GLY B 430 -7.38 -29.76 5.48
N THR B 431 -8.11 -29.53 6.56
CA THR B 431 -8.70 -28.23 6.80
C THR B 431 -7.64 -27.21 7.19
N ILE B 432 -7.91 -25.95 6.87
CA ILE B 432 -7.02 -24.84 7.22
C ILE B 432 -7.72 -23.97 8.25
N PRO B 433 -7.69 -24.32 9.53
CA PRO B 433 -8.43 -23.53 10.53
C PRO B 433 -7.76 -22.18 10.76
N ILE B 434 -8.54 -21.12 10.65
CA ILE B 434 -8.07 -19.75 10.90
C ILE B 434 -8.85 -19.25 12.11
N VAL B 435 -8.15 -19.11 13.23
CA VAL B 435 -8.77 -18.72 14.50
C VAL B 435 -8.03 -17.49 15.01
N PRO B 436 -8.68 -16.67 15.84
CA PRO B 436 -8.01 -15.49 16.38
C PRO B 436 -6.81 -15.86 17.24
N THR B 437 -5.88 -14.92 17.36
CA THR B 437 -4.73 -15.10 18.23
C THR B 437 -5.17 -15.08 19.70
N ALA B 438 -4.23 -15.38 20.59
CA ALA B 438 -4.53 -15.39 22.01
C ALA B 438 -4.97 -14.01 22.48
N GLU B 439 -4.29 -12.96 22.03
CA GLU B 439 -4.68 -11.60 22.41
C GLU B 439 -5.98 -11.20 21.73
N PHE B 440 -6.17 -11.59 20.46
CA PHE B 440 -7.40 -11.26 19.76
C PHE B 440 -8.60 -11.96 20.39
N GLN B 441 -8.44 -13.24 20.75
CA GLN B 441 -9.53 -13.97 21.39
C GLN B 441 -9.90 -13.34 22.72
N ASP B 442 -8.91 -12.84 23.47
CA ASP B 442 -9.21 -12.17 24.73
C ASP B 442 -9.89 -10.83 24.50
N SER B 443 -9.50 -10.12 23.44
CA SER B 443 -10.13 -8.85 23.12
C SER B 443 -11.57 -9.04 22.66
N ILE B 444 -11.86 -10.16 22.00
CA ILE B 444 -13.22 -10.40 21.50
C ILE B 444 -14.14 -10.81 22.64
N SER B 445 -13.69 -11.75 23.48
CA SER B 445 -14.57 -12.29 24.51
C SER B 445 -14.79 -11.28 25.63
N GLY B 446 -13.79 -10.48 25.95
CA GLY B 446 -13.92 -9.49 27.01
C GLY B 446 -14.17 -8.09 26.50
N ALA B 447 -15.03 -7.96 25.49
CA ALA B 447 -15.33 -6.66 24.92
C ALA B 447 -16.22 -5.85 25.87
N SER B 448 -15.69 -4.73 26.35
CA SER B 448 -16.41 -3.86 27.27
C SER B 448 -16.15 -2.41 26.87
N GLU B 449 -16.84 -1.50 27.57
CA GLU B 449 -16.64 -0.08 27.31
C GLU B 449 -15.22 0.36 27.65
N LYS B 450 -14.61 -0.25 28.66
CA LYS B 450 -13.25 0.12 29.05
C LYS B 450 -12.26 -0.06 27.90
N ASP B 451 -12.47 -1.07 27.05
CA ASP B 451 -11.58 -1.29 25.93
C ASP B 451 -11.63 -0.13 24.93
N ILE B 452 -12.83 0.37 24.63
CA ILE B 452 -12.94 1.48 23.71
C ILE B 452 -12.38 2.75 24.33
N VAL B 453 -12.64 2.97 25.62
CA VAL B 453 -12.14 4.17 26.29
C VAL B 453 -10.62 4.17 26.35
N HIS B 454 -10.02 3.02 26.69
CA HIS B 454 -8.56 2.97 26.78
C HIS B 454 -7.91 3.01 25.41
N SER B 455 -8.60 2.55 24.37
CA SER B 455 -8.08 2.70 23.02
C SER B 455 -8.14 4.14 22.56
N ALA B 456 -9.23 4.83 22.86
CA ALA B 456 -9.34 6.26 22.52
C ALA B 456 -8.35 7.08 23.33
N LEU B 457 -8.04 6.66 24.56
CA LEU B 457 -7.03 7.36 25.34
C LEU B 457 -5.64 7.17 24.74
N ALA B 458 -5.31 5.95 24.32
CA ALA B 458 -4.02 5.72 23.68
C ALA B 458 -3.92 6.47 22.36
N TYR B 459 -5.04 6.57 21.63
CA TYR B 459 -5.04 7.34 20.39
C TYR B 459 -4.78 8.81 20.66
N THR B 460 -5.32 9.34 21.75
CA THR B 460 -5.12 10.75 22.08
C THR B 460 -3.68 11.01 22.55
N MET B 461 -3.15 10.14 23.40
CA MET B 461 -1.78 10.30 23.87
C MET B 461 -0.78 10.12 22.74
N GLU B 462 -1.07 9.25 21.79
CA GLU B 462 -0.16 9.05 20.65
C GLU B 462 -0.15 10.27 19.74
N ARG B 463 -1.33 10.76 19.35
CA ARG B 463 -1.40 11.90 18.45
C ARG B 463 -0.83 13.15 19.11
N SER B 464 -1.14 13.36 20.39
CA SER B 464 -0.63 14.54 21.07
C SER B 464 0.88 14.49 21.24
N ALA B 465 1.46 13.29 21.28
CA ALA B 465 2.91 13.17 21.35
C ALA B 465 3.55 13.63 20.05
N ARG B 466 2.95 13.27 18.91
CA ARG B 466 3.49 13.70 17.62
C ARG B 466 3.44 15.22 17.48
N GLN B 467 2.46 15.87 18.13
CA GLN B 467 2.38 17.32 18.07
C GLN B 467 3.49 17.98 18.89
N ILE B 468 3.80 17.40 20.06
CA ILE B 468 4.88 17.94 20.88
C ILE B 468 6.23 17.73 20.22
N MET B 469 6.45 16.53 19.65
CA MET B 469 7.70 16.27 18.94
C MET B 469 7.86 17.20 17.74
N HIS B 470 6.76 17.47 17.03
CA HIS B 470 6.84 18.34 15.87
C HIS B 470 7.16 19.78 16.26
N THR B 471 6.54 20.27 17.34
CA THR B 471 6.79 21.65 17.76
C THR B 471 8.17 21.81 18.37
N ALA B 472 8.61 20.81 19.14
CA ALA B 472 9.94 20.88 19.73
C ALA B 472 11.03 20.84 18.67
N MET B 473 10.77 20.17 17.53
CA MET B 473 11.75 20.12 16.46
C MET B 473 11.69 21.39 15.60
N LYS B 474 10.49 21.95 15.40
CA LYS B 474 10.37 23.15 14.60
C LYS B 474 11.02 24.36 15.27
N TYR B 475 10.97 24.42 16.60
CA TYR B 475 11.56 25.52 17.35
C TYR B 475 12.90 25.16 17.98
N ASN B 476 13.42 23.95 17.71
CA ASN B 476 14.71 23.50 18.21
C ASN B 476 14.78 23.61 19.73
N LEU B 477 13.82 22.95 20.39
CA LEU B 477 13.77 22.91 21.84
C LEU B 477 14.47 21.69 22.42
N GLY B 478 14.78 20.70 21.60
CA GLY B 478 15.47 19.50 22.08
C GLY B 478 14.64 18.68 23.04
N LEU B 479 15.05 18.65 24.30
CA LEU B 479 14.36 17.90 25.34
C LEU B 479 13.41 18.78 26.16
N ASP B 480 13.15 20.00 25.71
CA ASP B 480 12.22 20.89 26.39
C ASP B 480 10.80 20.61 25.88
N LEU B 481 10.28 19.45 26.28
CA LEU B 481 8.93 19.07 25.90
C LEU B 481 7.89 19.95 26.56
N ARG B 482 8.20 20.51 27.73
CA ARG B 482 7.24 21.36 28.42
C ARG B 482 6.98 22.64 27.63
N THR B 483 8.04 23.34 27.23
CA THR B 483 7.87 24.54 26.42
C THR B 483 7.16 24.21 25.12
N ALA B 484 7.51 23.09 24.49
CA ALA B 484 6.80 22.66 23.28
C ALA B 484 5.33 22.40 23.55
N ALA B 485 4.99 21.96 24.77
CA ALA B 485 3.60 21.70 25.11
C ALA B 485 2.81 22.97 25.34
N TYR B 486 3.48 24.06 25.75
CA TYR B 486 2.77 25.31 26.00
C TYR B 486 2.55 26.11 24.73
N VAL B 487 3.57 26.19 23.86
CA VAL B 487 3.36 26.78 22.54
C VAL B 487 2.32 25.99 21.77
N ASN B 488 2.29 24.68 21.97
CA ASN B 488 1.26 23.84 21.36
C ASN B 488 -0.13 24.28 21.79
N ALA B 489 -0.32 24.47 23.11
CA ALA B 489 -1.63 24.82 23.62
C ALA B 489 -1.98 26.28 23.33
N ILE B 490 -1.02 27.19 23.52
CA ILE B 490 -1.25 28.61 23.26
C ILE B 490 -1.64 28.81 21.79
N GLU B 491 -0.97 28.12 20.88
CA GLU B 491 -1.32 28.21 19.47
C GLU B 491 -2.72 27.68 19.21
N LYS B 492 -3.16 26.69 19.97
CA LYS B 492 -4.50 26.12 19.77
C LYS B 492 -5.58 27.04 20.30
N VAL B 493 -5.41 27.55 21.52
CA VAL B 493 -6.39 28.46 22.10
C VAL B 493 -6.45 29.76 21.31
N PHE B 494 -5.31 30.22 20.78
CA PHE B 494 -5.31 31.43 19.98
C PHE B 494 -6.11 31.26 18.70
N LYS B 495 -6.01 30.08 18.07
CA LYS B 495 -6.70 29.87 16.79
C LYS B 495 -8.21 29.88 16.97
N VAL B 496 -8.70 29.30 18.07
CA VAL B 496 -10.14 29.34 18.33
C VAL B 496 -10.58 30.75 18.65
N TYR B 497 -9.75 31.50 19.38
CA TYR B 497 -10.08 32.89 19.68
C TYR B 497 -10.04 33.76 18.43
N SER B 498 -9.06 33.53 17.55
CA SER B 498 -8.84 34.42 16.41
C SER B 498 -9.97 34.30 15.40
N GLU B 499 -10.23 33.08 14.91
CA GLU B 499 -11.21 32.87 13.85
C GLU B 499 -12.65 33.02 14.34
N ALA B 500 -12.87 33.19 15.64
CA ALA B 500 -14.20 33.48 16.15
C ALA B 500 -14.58 34.95 15.99
N GLY B 501 -13.60 35.83 15.85
CA GLY B 501 -13.86 37.26 15.71
C GLY B 501 -14.39 37.89 16.98
N PRO C 11 52.08 22.28 9.23
CA PRO C 11 51.40 23.13 8.24
C PRO C 11 51.19 22.44 6.90
N ASN C 12 52.27 21.92 6.31
CA ASN C 12 52.23 21.41 4.95
C ASN C 12 51.67 19.99 4.93
N PHE C 13 51.37 19.53 3.71
CA PHE C 13 50.94 18.16 3.46
C PHE C 13 51.45 17.75 2.09
N PHE C 14 51.38 16.45 1.79
CA PHE C 14 51.97 15.93 0.57
C PHE C 14 50.93 15.41 -0.41
N LYS C 15 50.45 14.19 -0.18
CA LYS C 15 49.56 13.51 -1.12
C LYS C 15 48.19 13.34 -0.47
N MET C 16 47.39 14.41 -0.51
CA MET C 16 46.02 14.35 -0.02
C MET C 16 45.11 13.60 -0.98
N VAL C 17 45.54 13.40 -2.22
CA VAL C 17 44.70 12.75 -3.23
C VAL C 17 44.41 11.31 -2.83
N GLU C 18 45.38 10.64 -2.19
CA GLU C 18 45.16 9.27 -1.75
C GLU C 18 44.04 9.21 -0.71
N GLY C 19 43.97 10.21 0.17
CA GLY C 19 42.88 10.27 1.12
C GLY C 19 41.55 10.62 0.47
N PHE C 20 41.59 11.51 -0.54
CA PHE C 20 40.37 11.85 -1.27
C PHE C 20 39.77 10.62 -1.93
N PHE C 21 40.61 9.75 -2.49
CA PHE C 21 40.12 8.52 -3.09
C PHE C 21 39.61 7.55 -2.01
N ASP C 22 40.37 7.41 -0.92
CA ASP C 22 40.01 6.45 0.12
C ASP C 22 38.64 6.79 0.72
N ARG C 23 38.40 8.06 1.00
CA ARG C 23 37.12 8.46 1.59
C ARG C 23 36.01 8.53 0.57
N GLY C 24 36.34 8.79 -0.70
CA GLY C 24 35.33 8.73 -1.74
C GLY C 24 34.97 7.32 -2.14
N ALA C 25 35.92 6.39 -2.02
CA ALA C 25 35.63 5.00 -2.36
C ALA C 25 34.75 4.34 -1.30
N SER C 26 34.95 4.69 -0.03
CA SER C 26 34.15 4.10 1.04
C SER C 26 32.71 4.58 0.97
N ILE C 27 32.47 5.80 0.51
CA ILE C 27 31.11 6.32 0.43
C ILE C 27 30.37 5.71 -0.76
N VAL C 28 31.05 5.55 -1.90
CA VAL C 28 30.40 5.03 -3.10
C VAL C 28 30.24 3.52 -3.09
N GLU C 29 30.89 2.82 -2.14
CA GLU C 29 30.96 1.36 -2.21
C GLU C 29 29.59 0.72 -2.13
N ASP C 30 28.77 1.14 -1.17
CA ASP C 30 27.44 0.55 -1.02
C ASP C 30 26.62 0.71 -2.30
N LYS C 31 26.73 1.88 -2.94
CA LYS C 31 25.98 2.10 -4.18
C LYS C 31 26.51 1.23 -5.32
N LEU C 32 27.82 1.05 -5.40
CA LEU C 32 28.41 0.31 -6.51
C LEU C 32 28.02 -1.16 -6.49
N VAL C 33 27.78 -1.73 -5.30
CA VAL C 33 27.37 -3.12 -5.22
C VAL C 33 25.92 -3.27 -5.69
N LYS C 34 25.06 -2.32 -5.33
CA LYS C 34 23.67 -2.40 -5.72
C LYS C 34 23.52 -2.44 -7.24
N ASP C 35 24.26 -1.59 -7.94
CA ASP C 35 24.14 -1.49 -9.39
C ASP C 35 24.85 -2.62 -10.14
N LEU C 36 25.62 -3.45 -9.45
CA LEU C 36 26.32 -4.55 -10.10
C LEU C 36 25.31 -5.63 -10.48
N ARG C 37 25.15 -5.88 -11.78
CA ARG C 37 24.22 -6.88 -12.29
C ARG C 37 24.94 -8.13 -12.78
N THR C 38 26.18 -8.34 -12.36
CA THR C 38 26.92 -9.53 -12.77
C THR C 38 26.26 -10.78 -12.22
N GLN C 39 26.39 -11.88 -12.96
CA GLN C 39 25.91 -13.16 -12.48
C GLN C 39 26.83 -13.69 -11.39
N GLU C 40 26.81 -13.02 -10.24
CA GLU C 40 27.68 -13.35 -9.11
C GLU C 40 26.89 -13.16 -7.82
N SER C 41 27.51 -13.56 -6.72
CA SER C 41 26.88 -13.48 -5.41
C SER C 41 27.27 -12.15 -4.73
N GLU C 42 26.31 -11.59 -3.99
CA GLU C 42 26.48 -10.24 -3.44
C GLU C 42 27.75 -10.12 -2.59
N GLU C 43 28.24 -11.23 -2.05
CA GLU C 43 29.54 -11.21 -1.39
C GLU C 43 30.66 -11.09 -2.42
N GLN C 44 30.62 -11.93 -3.45
CA GLN C 44 31.62 -11.84 -4.51
C GLN C 44 31.54 -10.50 -5.24
N LYS C 45 30.34 -9.91 -5.32
CA LYS C 45 30.20 -8.60 -5.94
C LYS C 45 30.93 -7.53 -5.13
N ARG C 46 30.76 -7.55 -3.81
CA ARG C 46 31.48 -6.60 -2.95
C ARG C 46 32.99 -6.78 -3.09
N ASN C 47 33.45 -7.98 -3.45
CA ASN C 47 34.87 -8.18 -3.68
C ASN C 47 35.32 -7.52 -4.98
N ARG C 48 34.50 -7.59 -6.02
CA ARG C 48 34.86 -6.94 -7.28
C ARG C 48 34.82 -5.43 -7.17
N VAL C 49 33.90 -4.90 -6.38
CA VAL C 49 33.90 -3.46 -6.10
C VAL C 49 35.19 -3.07 -5.39
N ARG C 50 35.57 -3.83 -4.38
CA ARG C 50 36.82 -3.58 -3.67
C ARG C 50 38.03 -3.79 -4.58
N GLY C 51 37.95 -4.75 -5.49
CA GLY C 51 39.09 -5.04 -6.34
C GLY C 51 39.34 -3.98 -7.39
N ILE C 52 38.28 -3.51 -8.06
CA ILE C 52 38.44 -2.51 -9.10
C ILE C 52 39.00 -1.22 -8.53
N LEU C 53 38.55 -0.83 -7.34
CA LEU C 53 39.09 0.36 -6.70
C LEU C 53 40.56 0.19 -6.36
N ARG C 54 41.00 -1.05 -6.10
CA ARG C 54 42.41 -1.30 -5.84
C ARG C 54 43.27 -1.12 -7.08
N ILE C 55 42.68 -1.18 -8.28
CA ILE C 55 43.42 -0.96 -9.51
C ILE C 55 43.41 0.51 -9.90
N ILE C 56 42.30 1.21 -9.64
CA ILE C 56 42.19 2.61 -10.05
C ILE C 56 43.14 3.49 -9.25
N LYS C 57 43.30 3.18 -7.95
CA LYS C 57 44.04 4.08 -7.06
C LYS C 57 45.48 4.30 -7.46
N PRO C 58 46.30 3.28 -7.72
CA PRO C 58 47.71 3.55 -8.07
C PRO C 58 47.89 3.77 -9.56
N CYS C 59 48.94 4.50 -9.89
CA CYS C 59 49.30 4.74 -11.28
C CYS C 59 49.68 3.42 -11.96
N ASN C 60 49.07 3.16 -13.12
CA ASN C 60 49.32 1.90 -13.80
C ASN C 60 50.72 1.85 -14.41
N HIS C 61 51.17 2.96 -14.98
CA HIS C 61 52.44 2.99 -15.69
C HIS C 61 53.19 4.27 -15.34
N VAL C 62 54.47 4.13 -15.04
CA VAL C 62 55.36 5.26 -14.74
C VAL C 62 56.67 5.03 -15.49
N LEU C 63 57.06 6.00 -16.31
CA LEU C 63 58.29 5.92 -17.09
C LEU C 63 59.29 6.95 -16.57
N SER C 64 60.50 6.49 -16.27
CA SER C 64 61.60 7.37 -15.86
C SER C 64 62.63 7.41 -16.98
N LEU C 65 63.06 8.61 -17.34
CA LEU C 65 63.94 8.80 -18.48
C LEU C 65 65.17 9.58 -18.09
N SER C 66 66.22 9.43 -18.90
CA SER C 66 67.46 10.20 -18.76
C SER C 66 68.07 10.31 -20.17
N PHE C 67 67.65 11.35 -20.92
CA PHE C 67 68.05 11.60 -22.30
C PHE C 67 69.09 12.71 -22.39
N PRO C 68 69.97 12.67 -23.39
CA PRO C 68 71.02 13.68 -23.49
C PRO C 68 70.71 14.78 -24.49
N ILE C 69 71.34 15.96 -24.30
CA ILE C 69 71.30 17.05 -25.26
C ILE C 69 72.71 17.59 -25.44
N ARG C 70 72.87 18.43 -26.44
CA ARG C 70 74.13 19.14 -26.70
C ARG C 70 73.85 20.63 -26.55
N ARG C 71 74.43 21.25 -25.52
CA ARG C 71 74.21 22.66 -25.28
C ARG C 71 74.86 23.51 -26.38
N ASP C 72 74.56 24.81 -26.34
CA ASP C 72 75.05 25.70 -27.38
C ASP C 72 76.56 25.81 -27.37
N ASP C 73 77.20 25.61 -26.21
CA ASP C 73 78.64 25.68 -26.08
C ASP C 73 79.32 24.34 -26.36
N GLY C 74 78.64 23.44 -27.06
CA GLY C 74 79.21 22.13 -27.37
C GLY C 74 79.28 21.17 -26.21
N SER C 75 78.76 21.52 -25.04
CA SER C 75 78.83 20.65 -23.89
C SER C 75 77.77 19.56 -23.97
N TRP C 76 77.86 18.60 -23.07
CA TRP C 76 76.92 17.48 -22.98
C TRP C 76 76.25 17.48 -21.62
N GLU C 77 74.97 17.15 -21.60
CA GLU C 77 74.19 17.11 -20.36
C GLU C 77 73.22 15.95 -20.40
N VAL C 78 72.93 15.41 -19.22
CA VAL C 78 71.96 14.33 -19.06
C VAL C 78 70.78 14.87 -18.27
N ILE C 79 69.58 14.75 -18.83
CA ILE C 79 68.37 15.36 -18.29
C ILE C 79 67.44 14.27 -17.80
N GLU C 80 66.97 14.40 -16.57
CA GLU C 80 66.03 13.46 -15.99
C GLU C 80 64.60 13.90 -16.29
N GLY C 81 63.78 12.97 -16.76
CA GLY C 81 62.39 13.26 -17.04
C GLY C 81 61.53 12.06 -16.71
N TYR C 82 60.28 12.34 -16.34
CA TYR C 82 59.34 11.30 -15.95
C TYR C 82 57.99 11.55 -16.61
N ARG C 83 57.22 10.46 -16.75
CA ARG C 83 55.87 10.54 -17.26
C ARG C 83 55.07 9.41 -16.61
N ALA C 84 54.06 9.77 -15.81
CA ALA C 84 53.25 8.81 -15.08
C ALA C 84 51.84 8.80 -15.68
N GLN C 85 51.41 7.64 -16.15
CA GLN C 85 50.07 7.44 -16.66
C GLN C 85 49.25 6.75 -15.57
N HIS C 86 48.27 7.46 -15.02
CA HIS C 86 47.49 6.93 -13.91
C HIS C 86 46.59 5.79 -14.35
N SER C 87 45.52 6.12 -15.06
CA SER C 87 44.55 5.14 -15.52
C SER C 87 44.48 5.15 -17.04
N GLN C 88 44.17 3.99 -17.61
CA GLN C 88 43.98 3.84 -19.05
C GLN C 88 42.61 3.25 -19.39
N HIS C 89 41.65 3.35 -18.46
CA HIS C 89 40.29 2.91 -18.75
C HIS C 89 39.68 3.68 -19.92
N ARG C 90 40.23 4.84 -20.25
CA ARG C 90 39.79 5.62 -21.41
C ARG C 90 41.04 6.14 -22.11
N THR C 91 41.30 5.62 -23.31
CA THR C 91 42.45 6.04 -24.10
C THR C 91 42.02 7.09 -25.13
N PRO C 92 42.88 8.08 -25.44
CA PRO C 92 44.24 8.25 -24.91
C PRO C 92 44.28 8.86 -23.52
N CYS C 93 45.49 9.07 -23.01
CA CYS C 93 45.67 9.74 -21.73
C CYS C 93 45.90 11.23 -21.93
N LYS C 94 45.59 12.01 -20.91
CA LYS C 94 45.72 13.45 -20.95
C LYS C 94 46.51 13.92 -19.74
N GLY C 95 47.35 14.93 -19.95
CA GLY C 95 48.15 15.48 -18.86
C GLY C 95 49.09 16.54 -19.38
N GLY C 96 49.77 17.19 -18.43
CA GLY C 96 50.69 18.26 -18.75
C GLY C 96 52.14 17.84 -18.66
N ILE C 97 53.02 18.76 -19.05
CA ILE C 97 54.46 18.58 -18.98
C ILE C 97 55.04 19.77 -18.22
N ARG C 98 55.67 19.49 -17.08
CA ARG C 98 56.18 20.53 -16.21
C ARG C 98 57.70 20.60 -16.31
N TYR C 99 58.23 21.80 -16.54
CA TYR C 99 59.66 22.04 -16.58
C TYR C 99 60.05 22.73 -15.28
N SER C 100 60.57 21.95 -14.33
CA SER C 100 60.94 22.49 -13.03
C SER C 100 62.01 21.60 -12.40
N THR C 101 62.84 22.21 -11.56
CA THR C 101 63.85 21.45 -10.84
C THR C 101 63.25 20.63 -9.71
N ASP C 102 62.05 20.98 -9.24
CA ASP C 102 61.42 20.32 -8.11
C ASP C 102 60.50 19.19 -8.51
N VAL C 103 60.60 18.70 -9.74
CA VAL C 103 59.73 17.61 -10.18
C VAL C 103 60.18 16.31 -9.54
N SER C 104 59.21 15.45 -9.24
CA SER C 104 59.48 14.14 -8.66
C SER C 104 58.49 13.15 -9.24
N VAL C 105 58.85 11.86 -9.20
CA VAL C 105 57.91 10.84 -9.64
C VAL C 105 56.73 10.76 -8.69
N ASP C 106 56.95 11.03 -7.40
CA ASP C 106 55.86 10.96 -6.43
C ASP C 106 54.83 12.05 -6.67
N GLU C 107 55.22 13.17 -7.27
CA GLU C 107 54.30 14.26 -7.52
C GLU C 107 53.62 14.15 -8.88
N VAL C 108 54.38 13.78 -9.92
CA VAL C 108 53.76 13.56 -11.23
C VAL C 108 52.79 12.39 -11.18
N LYS C 109 52.96 11.48 -10.23
CA LYS C 109 51.97 10.43 -10.02
C LYS C 109 50.70 11.00 -9.40
N ALA C 110 50.85 11.82 -8.36
CA ALA C 110 49.69 12.39 -7.68
C ALA C 110 48.91 13.32 -8.62
N LEU C 111 49.63 14.14 -9.40
CA LEU C 111 48.95 15.02 -10.34
C LEU C 111 48.31 14.25 -11.47
N ALA C 112 48.87 13.10 -11.85
CA ALA C 112 48.25 12.26 -12.87
C ALA C 112 46.96 11.64 -12.34
N SER C 113 46.94 11.27 -11.05
CA SER C 113 45.72 10.73 -10.46
C SER C 113 44.64 11.80 -10.38
N LEU C 114 45.02 13.05 -10.10
CA LEU C 114 44.05 14.14 -10.06
C LEU C 114 43.44 14.38 -11.43
N MET C 115 44.25 14.28 -12.49
CA MET C 115 43.72 14.48 -13.84
C MET C 115 42.71 13.40 -14.22
N THR C 116 42.90 12.18 -13.72
CA THR C 116 41.94 11.12 -13.99
C THR C 116 40.56 11.49 -13.49
N TYR C 117 40.47 11.85 -12.20
CA TYR C 117 39.17 12.17 -11.61
C TYR C 117 38.64 13.50 -12.10
N LYS C 118 39.52 14.44 -12.46
CA LYS C 118 39.07 15.71 -13.01
C LYS C 118 38.40 15.51 -14.36
N CYS C 119 38.99 14.67 -15.22
CA CYS C 119 38.38 14.41 -16.52
C CYS C 119 37.02 13.72 -16.37
N ALA C 120 36.90 12.82 -15.40
CA ALA C 120 35.62 12.15 -15.16
C ALA C 120 34.56 13.13 -14.67
N VAL C 121 34.96 14.14 -13.89
CA VAL C 121 34.00 15.10 -13.36
C VAL C 121 33.35 15.88 -14.51
N VAL C 122 34.15 16.30 -15.47
CA VAL C 122 33.65 17.09 -16.59
C VAL C 122 33.41 16.21 -17.83
N ASP C 123 33.24 14.90 -17.64
CA ASP C 123 32.87 13.98 -18.72
C ASP C 123 33.84 14.05 -19.89
N VAL C 124 35.13 14.06 -19.59
CA VAL C 124 36.19 14.07 -20.59
C VAL C 124 36.72 12.64 -20.72
N PRO C 125 36.66 12.03 -21.91
CA PRO C 125 37.02 10.61 -22.05
C PRO C 125 38.52 10.39 -22.22
N PHE C 126 39.29 10.83 -21.22
CA PHE C 126 40.74 10.69 -21.23
C PHE C 126 41.21 10.06 -19.92
N GLY C 127 42.40 9.48 -19.97
CA GLY C 127 43.06 8.94 -18.80
C GLY C 127 44.04 9.95 -18.22
N GLY C 128 44.28 9.84 -16.92
CA GLY C 128 45.15 10.80 -16.24
C GLY C 128 46.62 10.53 -16.51
N ALA C 129 47.37 11.61 -16.74
CA ALA C 129 48.80 11.52 -16.95
C ALA C 129 49.41 12.87 -16.60
N LYS C 130 50.75 12.88 -16.56
CA LYS C 130 51.52 14.11 -16.34
C LYS C 130 53.01 13.83 -16.48
N ALA C 131 53.71 14.68 -17.24
CA ALA C 131 55.15 14.56 -17.41
C ALA C 131 55.87 15.58 -16.53
N GLY C 132 57.19 15.46 -16.50
CA GLY C 132 58.02 16.37 -15.72
C GLY C 132 59.49 16.25 -16.06
N VAL C 133 60.09 17.34 -16.54
CA VAL C 133 61.50 17.39 -16.89
C VAL C 133 62.22 18.20 -15.80
N LYS C 134 63.30 17.64 -15.26
CA LYS C 134 63.99 18.24 -14.12
C LYS C 134 65.07 19.22 -14.59
N ILE C 135 64.59 20.35 -15.12
CA ILE C 135 65.47 21.45 -15.52
C ILE C 135 64.83 22.76 -15.10
N ASN C 136 65.67 23.78 -14.96
CA ASN C 136 65.19 25.15 -14.81
C ASN C 136 65.28 25.82 -16.18
N PRO C 137 64.15 26.16 -16.81
CA PRO C 137 64.21 26.70 -18.18
C PRO C 137 64.90 28.05 -18.29
N LYS C 138 65.28 28.67 -17.17
CA LYS C 138 65.98 29.95 -17.24
C LYS C 138 67.46 29.77 -17.57
N ASN C 139 68.06 28.66 -17.13
CA ASN C 139 69.45 28.38 -17.44
C ASN C 139 69.65 27.82 -18.85
N TYR C 140 68.59 27.77 -19.66
CA TYR C 140 68.65 27.19 -20.99
C TYR C 140 68.14 28.20 -22.01
N THR C 141 68.67 28.11 -23.22
CA THR C 141 68.25 28.97 -24.32
C THR C 141 67.07 28.35 -25.06
N GLU C 142 66.49 29.14 -25.97
CA GLU C 142 65.38 28.64 -26.77
C GLU C 142 65.81 27.48 -27.66
N ASN C 143 67.01 27.58 -28.23
CA ASN C 143 67.53 26.47 -29.04
C ASN C 143 67.83 25.25 -28.17
N GLU C 144 68.31 25.48 -26.94
CA GLU C 144 68.56 24.36 -26.04
C GLU C 144 67.26 23.78 -25.52
N LEU C 145 66.27 24.63 -25.22
CA LEU C 145 64.98 24.14 -24.76
C LEU C 145 64.25 23.37 -25.84
N GLU C 146 64.51 23.67 -27.12
CA GLU C 146 63.90 22.92 -28.21
C GLU C 146 64.46 21.51 -28.27
N LYS C 147 65.78 21.38 -28.30
CA LYS C 147 66.40 20.06 -28.34
C LYS C 147 66.02 19.21 -27.13
N ILE C 148 65.83 19.84 -25.97
CA ILE C 148 65.34 19.11 -24.80
C ILE C 148 63.93 18.59 -25.06
N THR C 149 63.08 19.44 -25.63
CA THR C 149 61.67 19.06 -25.84
C THR C 149 61.54 17.97 -26.89
N ARG C 150 62.25 18.13 -28.02
CA ARG C 150 62.12 17.18 -29.12
C ARG C 150 62.61 15.80 -28.72
N ARG C 151 63.78 15.73 -28.08
CA ARG C 151 64.30 14.43 -27.63
C ARG C 151 63.40 13.81 -26.57
N PHE C 152 62.83 14.64 -25.70
CA PHE C 152 61.87 14.14 -24.72
C PHE C 152 60.65 13.53 -25.41
N THR C 153 60.24 14.08 -26.55
CA THR C 153 59.09 13.54 -27.26
C THR C 153 59.40 12.17 -27.84
N MET C 154 60.60 11.99 -28.40
CA MET C 154 60.92 10.74 -29.07
C MET C 154 61.08 9.60 -28.09
N GLU C 155 61.64 9.86 -26.91
CA GLU C 155 61.74 8.82 -25.89
C GLU C 155 60.36 8.43 -25.37
N LEU C 156 59.44 9.39 -25.30
CA LEU C 156 58.06 9.05 -24.94
C LEU C 156 57.36 8.30 -26.06
N ALA C 157 57.71 8.61 -27.32
CA ALA C 157 57.06 7.93 -28.43
C ALA C 157 57.55 6.49 -28.57
N LYS C 158 58.85 6.27 -28.40
CA LYS C 158 59.38 4.91 -28.54
C LYS C 158 58.80 3.98 -27.48
N LYS C 159 58.55 4.49 -26.27
CA LYS C 159 58.02 3.70 -25.18
C LYS C 159 56.52 3.83 -25.00
N GLY C 160 55.82 4.39 -25.99
CA GLY C 160 54.37 4.47 -25.95
C GLY C 160 53.81 5.36 -24.87
N PHE C 161 54.41 6.55 -24.66
CA PHE C 161 53.90 7.51 -23.70
C PHE C 161 53.48 8.81 -24.36
N ILE C 162 53.26 8.79 -25.67
CA ILE C 162 52.68 9.92 -26.39
C ILE C 162 52.14 9.39 -27.71
N GLY C 163 50.95 9.86 -28.08
CA GLY C 163 50.30 9.44 -29.30
C GLY C 163 48.85 9.90 -29.37
N PRO C 164 48.32 10.00 -30.58
CA PRO C 164 46.92 10.47 -30.72
C PRO C 164 45.93 9.58 -29.99
N GLY C 165 46.16 8.27 -29.98
CA GLY C 165 45.33 7.35 -29.25
C GLY C 165 46.01 6.71 -28.05
N VAL C 166 47.19 7.16 -27.66
CA VAL C 166 47.94 6.59 -26.55
C VAL C 166 48.05 7.59 -25.40
N ASP C 167 48.61 8.77 -25.66
CA ASP C 167 48.82 9.78 -24.63
C ASP C 167 48.91 11.14 -25.29
N VAL C 168 48.07 12.07 -24.84
CA VAL C 168 48.06 13.42 -25.40
C VAL C 168 48.53 14.40 -24.34
N PRO C 169 49.81 14.80 -24.36
CA PRO C 169 50.29 15.80 -23.40
C PRO C 169 49.66 17.17 -23.59
N ALA C 170 50.07 18.12 -22.76
CA ALA C 170 49.50 19.47 -22.76
C ALA C 170 50.48 20.40 -22.05
N PRO C 171 50.31 21.71 -22.19
CA PRO C 171 51.17 22.63 -21.44
C PRO C 171 50.96 22.51 -19.94
N ASP C 172 51.96 22.98 -19.20
CA ASP C 172 51.86 23.08 -17.74
C ASP C 172 52.78 24.19 -17.25
N MET C 173 53.48 23.95 -16.14
CA MET C 173 54.35 24.97 -15.57
C MET C 173 55.60 25.14 -16.44
N ASN C 174 55.87 26.40 -16.81
CA ASN C 174 57.03 26.79 -17.60
C ASN C 174 57.04 26.12 -18.97
N THR C 175 55.87 25.74 -19.48
CA THR C 175 55.69 25.25 -20.83
C THR C 175 54.48 25.94 -21.44
N GLY C 176 54.40 25.89 -22.77
CA GLY C 176 53.31 26.56 -23.45
C GLY C 176 53.18 26.18 -24.91
N GLU C 177 52.62 27.10 -25.71
CA GLU C 177 52.45 26.84 -27.14
C GLU C 177 53.77 26.51 -27.81
N ARG C 178 54.84 27.19 -27.38
CA ARG C 178 56.15 26.98 -28.00
C ARG C 178 56.62 25.54 -27.84
N GLU C 179 56.40 24.95 -26.66
CA GLU C 179 56.84 23.58 -26.43
C GLU C 179 55.93 22.57 -27.11
N MET C 180 54.62 22.83 -27.11
CA MET C 180 53.69 21.88 -27.72
C MET C 180 53.86 21.83 -29.23
N SER C 181 54.17 22.96 -29.86
CA SER C 181 54.42 22.95 -31.29
C SER C 181 55.65 22.12 -31.63
N TRP C 182 56.69 22.20 -30.79
CA TRP C 182 57.86 21.36 -30.99
C TRP C 182 57.54 19.89 -30.81
N ILE C 183 56.68 19.57 -29.85
CA ILE C 183 56.29 18.18 -29.61
C ILE C 183 55.53 17.64 -30.80
N ALA C 184 54.54 18.38 -31.28
CA ALA C 184 53.73 17.91 -32.41
C ALA C 184 54.56 17.82 -33.68
N ASP C 185 55.45 18.80 -33.91
CA ASP C 185 56.28 18.76 -35.10
C ASP C 185 57.22 17.57 -35.09
N THR C 186 57.71 17.18 -33.91
CA THR C 186 58.65 16.05 -33.83
C THR C 186 57.94 14.73 -34.09
N TYR C 187 56.79 14.52 -33.44
CA TYR C 187 56.08 13.25 -33.60
C TYR C 187 55.59 13.08 -35.04
N ALA C 188 55.10 14.16 -35.66
CA ALA C 188 54.58 14.07 -37.02
C ALA C 188 55.67 13.93 -38.07
N SER C 189 56.94 14.03 -37.68
CA SER C 189 58.06 13.87 -38.60
C SER C 189 58.86 12.60 -38.36
N THR C 190 58.54 11.85 -37.30
CA THR C 190 59.29 10.64 -36.97
C THR C 190 58.36 9.44 -36.79
N ILE C 191 57.98 9.18 -35.54
CA ILE C 191 57.23 7.98 -35.22
C ILE C 191 55.83 8.02 -35.85
N GLY C 192 55.21 9.20 -35.87
CA GLY C 192 53.86 9.31 -36.39
C GLY C 192 53.78 9.90 -37.77
N HIS C 193 54.80 9.67 -38.61
CA HIS C 193 54.78 10.21 -39.96
C HIS C 193 53.61 9.66 -40.77
N TYR C 194 53.37 8.35 -40.66
CA TYR C 194 52.24 7.73 -41.37
C TYR C 194 50.91 7.91 -40.64
N ASP C 195 50.93 8.48 -39.43
CA ASP C 195 49.70 8.75 -38.69
C ASP C 195 49.02 9.97 -39.30
N ILE C 196 47.79 9.80 -39.78
CA ILE C 196 47.05 10.91 -40.36
C ILE C 196 46.66 11.92 -39.27
N ASN C 197 46.48 11.45 -38.04
CA ASN C 197 46.13 12.32 -36.92
C ASN C 197 47.33 12.62 -36.04
N ALA C 198 48.52 12.78 -36.64
CA ALA C 198 49.74 12.94 -35.87
C ALA C 198 49.74 14.25 -35.08
N HIS C 199 49.09 15.28 -35.60
CA HIS C 199 49.05 16.57 -34.89
C HIS C 199 48.04 16.57 -33.76
N ALA C 200 47.25 15.52 -33.59
CA ALA C 200 46.40 15.36 -32.42
C ALA C 200 47.14 14.75 -31.23
N CYS C 201 48.44 14.54 -31.36
CA CYS C 201 49.22 13.91 -30.29
C CYS C 201 49.40 14.81 -29.08
N VAL C 202 49.12 16.11 -29.21
CA VAL C 202 49.31 17.04 -28.10
C VAL C 202 48.39 18.23 -28.33
N THR C 203 47.92 18.82 -27.24
CA THR C 203 47.05 19.99 -27.27
C THR C 203 47.83 21.23 -26.83
N GLY C 204 47.11 22.35 -26.74
CA GLY C 204 47.74 23.61 -26.40
C GLY C 204 48.61 24.20 -27.48
N LYS C 205 48.54 23.68 -28.71
CA LYS C 205 49.36 24.17 -29.80
C LYS C 205 48.90 25.54 -30.27
N PRO C 206 49.76 26.29 -30.94
CA PRO C 206 49.31 27.53 -31.58
C PRO C 206 48.26 27.25 -32.65
N ILE C 207 47.53 28.31 -33.02
CA ILE C 207 46.45 28.17 -33.98
C ILE C 207 46.98 27.72 -35.33
N SER C 208 48.14 28.25 -35.72
CA SER C 208 48.75 27.85 -36.98
C SER C 208 49.29 26.43 -36.95
N GLN C 209 49.47 25.85 -35.76
CA GLN C 209 49.97 24.50 -35.61
C GLN C 209 48.86 23.48 -35.34
N GLY C 210 47.60 23.89 -35.50
CA GLY C 210 46.49 23.01 -35.24
C GLY C 210 45.76 23.26 -33.94
N GLY C 211 46.07 24.35 -33.24
CA GLY C 211 45.40 24.66 -32.00
C GLY C 211 43.94 25.02 -32.20
N ILE C 212 43.27 25.25 -31.07
CA ILE C 212 41.84 25.57 -31.07
C ILE C 212 41.66 26.98 -30.52
N HIS C 213 40.57 27.63 -30.95
CA HIS C 213 40.26 28.97 -30.48
C HIS C 213 39.55 28.91 -29.13
N GLY C 214 39.82 29.92 -28.30
CA GLY C 214 39.27 29.96 -26.96
C GLY C 214 40.04 29.17 -25.93
N ARG C 215 41.27 28.74 -26.25
CA ARG C 215 42.05 27.93 -25.33
C ARG C 215 42.74 28.77 -24.26
N ILE C 216 43.17 29.99 -24.61
CA ILE C 216 43.89 30.81 -23.65
C ILE C 216 42.95 31.30 -22.55
N SER C 217 41.71 31.61 -22.91
CA SER C 217 40.69 31.99 -21.94
C SER C 217 39.86 30.80 -21.48
N ALA C 218 40.33 29.58 -21.74
CA ALA C 218 39.54 28.39 -21.41
C ALA C 218 39.46 28.19 -19.90
N THR C 219 40.61 28.07 -19.24
CA THR C 219 40.62 27.81 -17.80
C THR C 219 40.00 28.97 -17.03
N GLY C 220 40.23 30.20 -17.47
CA GLY C 220 39.63 31.34 -16.80
C GLY C 220 38.12 31.36 -16.91
N ARG C 221 37.60 31.07 -18.11
CA ARG C 221 36.15 31.01 -18.29
C ARG C 221 35.55 29.83 -17.54
N GLY C 222 36.26 28.70 -17.49
CA GLY C 222 35.77 27.55 -16.74
C GLY C 222 35.62 27.84 -15.26
N VAL C 223 36.45 28.74 -14.72
CA VAL C 223 36.33 29.11 -13.32
C VAL C 223 35.10 29.97 -13.09
N PHE C 224 34.80 30.86 -14.04
CA PHE C 224 33.64 31.74 -13.91
C PHE C 224 32.35 30.94 -13.91
N HIS C 225 32.21 30.00 -14.85
CA HIS C 225 31.01 29.17 -14.89
C HIS C 225 30.90 28.28 -13.67
N GLY C 226 32.03 27.92 -13.05
CA GLY C 226 31.97 27.14 -11.82
C GLY C 226 31.34 27.91 -10.69
N ILE C 227 31.74 29.18 -10.51
CA ILE C 227 31.13 30.01 -9.49
C ILE C 227 29.70 30.39 -9.89
N GLU C 228 29.47 30.58 -11.18
CA GLU C 228 28.15 31.02 -11.65
C GLU C 228 27.08 29.99 -11.33
N ASN C 229 27.36 28.72 -11.59
CA ASN C 229 26.37 27.67 -11.35
C ASN C 229 26.05 27.50 -9.88
N PHE C 230 26.93 27.96 -8.98
CA PHE C 230 26.70 27.84 -7.55
C PHE C 230 26.32 29.15 -6.88
N ILE C 231 26.75 30.30 -7.43
CA ILE C 231 26.39 31.58 -6.85
C ILE C 231 24.94 31.93 -7.12
N ASN C 232 24.33 31.33 -8.15
CA ASN C 232 22.95 31.60 -8.51
C ASN C 232 22.01 30.46 -8.10
N GLU C 233 22.42 29.65 -7.13
CA GLU C 233 21.59 28.56 -6.61
C GLU C 233 21.26 28.88 -5.16
N ALA C 234 19.99 29.20 -4.90
CA ALA C 234 19.56 29.59 -3.55
C ALA C 234 19.70 28.47 -2.54
N SER C 235 19.67 27.21 -2.97
CA SER C 235 19.79 26.09 -2.04
C SER C 235 21.15 26.08 -1.35
N TYR C 236 22.17 26.68 -1.97
CA TYR C 236 23.51 26.72 -1.40
C TYR C 236 23.93 28.10 -0.95
N MET C 237 23.32 29.16 -1.50
CA MET C 237 23.57 30.51 -1.01
C MET C 237 22.84 30.80 0.29
N SER C 238 21.76 30.09 0.58
CA SER C 238 21.06 30.29 1.85
C SER C 238 21.89 29.76 3.02
N ILE C 239 22.56 28.62 2.83
CA ILE C 239 23.42 28.09 3.89
C ILE C 239 24.62 29.00 4.10
N LEU C 240 25.14 29.58 3.02
CA LEU C 240 26.24 30.53 3.15
C LEU C 240 25.77 31.90 3.64
N GLY C 241 24.49 32.21 3.50
CA GLY C 241 23.95 33.47 3.98
C GLY C 241 24.20 34.63 3.04
N MET C 242 23.96 34.42 1.75
CA MET C 242 24.13 35.46 0.75
C MET C 242 22.99 35.39 -0.26
N THR C 243 22.79 36.48 -0.99
CA THR C 243 21.75 36.51 -2.01
C THR C 243 22.27 35.92 -3.31
N PRO C 244 21.43 35.19 -4.04
CA PRO C 244 21.89 34.58 -5.30
C PRO C 244 22.25 35.63 -6.34
N GLY C 245 23.26 35.31 -7.13
CA GLY C 245 23.71 36.16 -8.21
C GLY C 245 24.98 36.92 -7.87
N PHE C 246 25.63 37.44 -8.90
CA PHE C 246 26.84 38.23 -8.76
C PHE C 246 26.56 39.69 -8.43
N ARG C 247 25.30 40.06 -8.19
CA ARG C 247 24.95 41.45 -7.97
C ARG C 247 25.55 41.94 -6.66
N ASP C 248 26.35 43.01 -6.75
CA ASP C 248 26.97 43.66 -5.59
C ASP C 248 27.80 42.66 -4.79
N LYS C 249 28.82 42.11 -5.45
CA LYS C 249 29.71 41.13 -4.85
C LYS C 249 31.16 41.52 -5.14
N THR C 250 32.02 41.33 -4.14
CA THR C 250 33.44 41.61 -4.27
C THR C 250 34.23 40.31 -4.16
N PHE C 251 35.26 40.18 -4.98
CA PHE C 251 36.10 38.99 -4.99
C PHE C 251 37.57 39.39 -5.05
N VAL C 252 38.41 38.58 -4.43
CA VAL C 252 39.86 38.79 -4.43
C VAL C 252 40.50 37.61 -5.15
N VAL C 253 41.36 37.90 -6.13
CA VAL C 253 42.02 36.90 -6.95
C VAL C 253 43.47 36.80 -6.50
N GLN C 254 43.82 35.68 -5.88
CA GLN C 254 45.20 35.44 -5.44
C GLN C 254 46.00 34.88 -6.61
N GLY C 255 47.05 35.60 -7.00
CA GLY C 255 47.85 35.20 -8.15
C GLY C 255 47.26 35.68 -9.46
N PHE C 256 47.95 36.61 -10.11
CA PHE C 256 47.47 37.21 -11.35
C PHE C 256 48.09 36.52 -12.57
N GLY C 257 48.00 35.19 -12.61
CA GLY C 257 48.48 34.44 -13.75
C GLY C 257 47.46 34.43 -14.88
N ASN C 258 47.58 33.42 -15.74
CA ASN C 258 46.64 33.28 -16.84
C ASN C 258 45.25 32.92 -16.34
N VAL C 259 45.17 32.08 -15.32
CA VAL C 259 43.87 31.70 -14.77
C VAL C 259 43.23 32.86 -14.03
N GLY C 260 44.05 33.68 -13.36
CA GLY C 260 43.51 34.79 -12.60
C GLY C 260 43.07 35.94 -13.49
N LEU C 261 43.82 36.21 -14.56
CA LEU C 261 43.49 37.34 -15.42
C LEU C 261 42.14 37.14 -16.11
N HIS C 262 41.88 35.92 -16.60
CA HIS C 262 40.63 35.67 -17.31
C HIS C 262 39.46 35.43 -16.36
N SER C 263 39.71 34.83 -15.19
CA SER C 263 38.66 34.69 -14.20
C SER C 263 38.18 36.06 -13.73
N MET C 264 39.10 37.01 -13.60
CA MET C 264 38.72 38.37 -13.24
C MET C 264 37.92 39.04 -14.35
N ARG C 265 38.37 38.88 -15.61
CA ARG C 265 37.74 39.57 -16.73
C ARG C 265 36.30 39.13 -16.92
N TYR C 266 35.98 37.88 -16.61
CA TYR C 266 34.64 37.37 -16.82
C TYR C 266 33.74 37.59 -15.61
N LEU C 267 34.28 37.46 -14.39
CA LEU C 267 33.48 37.78 -13.21
C LEU C 267 33.15 39.27 -13.16
N HIS C 268 34.08 40.11 -13.62
CA HIS C 268 33.81 41.55 -13.68
C HIS C 268 32.70 41.86 -14.67
N ARG C 269 32.65 41.12 -15.77
CA ARG C 269 31.68 41.41 -16.82
C ARG C 269 30.25 41.21 -16.35
N PHE C 270 30.03 40.31 -15.39
CA PHE C 270 28.68 39.96 -14.95
C PHE C 270 28.32 40.59 -13.60
N GLY C 271 29.01 41.66 -13.21
CA GLY C 271 28.67 42.43 -12.02
C GLY C 271 29.67 42.33 -10.89
N ALA C 272 30.52 41.31 -10.89
CA ALA C 272 31.48 41.14 -9.81
C ALA C 272 32.49 42.29 -9.80
N LYS C 273 33.07 42.53 -8.62
CA LYS C 273 34.04 43.59 -8.43
C LYS C 273 35.30 43.02 -7.81
N CYS C 274 36.46 43.38 -8.37
CA CYS C 274 37.74 42.90 -7.89
C CYS C 274 38.24 43.86 -6.81
N ILE C 275 38.24 43.41 -5.56
CA ILE C 275 38.65 44.26 -4.45
C ILE C 275 40.16 44.26 -4.28
N ALA C 276 40.80 43.11 -4.54
CA ALA C 276 42.24 43.01 -4.37
C ALA C 276 42.77 41.92 -5.29
N VAL C 277 44.09 41.97 -5.52
CA VAL C 277 44.77 41.00 -6.38
C VAL C 277 46.23 40.90 -5.96
N GLY C 278 46.57 39.86 -5.21
CA GLY C 278 47.94 39.69 -4.73
C GLY C 278 48.79 38.84 -5.66
N GLU C 279 50.11 38.96 -5.48
CA GLU C 279 51.08 38.21 -6.27
C GLU C 279 52.18 37.72 -5.34
N SER C 280 53.22 37.13 -5.92
CA SER C 280 54.37 36.63 -5.17
C SER C 280 55.34 37.74 -4.77
N ASP C 281 54.98 39.00 -4.99
CA ASP C 281 55.85 40.10 -4.61
C ASP C 281 55.08 41.33 -4.14
N GLY C 282 53.76 41.28 -4.06
CA GLY C 282 52.99 42.43 -3.64
C GLY C 282 51.50 42.15 -3.78
N SER C 283 50.71 43.15 -3.41
CA SER C 283 49.26 43.03 -3.46
C SER C 283 48.65 44.42 -3.56
N ILE C 284 47.74 44.60 -4.51
CA ILE C 284 47.01 45.85 -4.69
C ILE C 284 45.63 45.69 -4.08
N TRP C 285 45.05 46.81 -3.65
CA TRP C 285 43.74 46.78 -3.00
C TRP C 285 42.98 48.05 -3.35
N ASN C 286 41.68 47.90 -3.56
CA ASN C 286 40.77 49.01 -3.85
C ASN C 286 39.33 48.56 -3.65
N PRO C 287 38.66 49.04 -2.60
CA PRO C 287 37.28 48.59 -2.37
C PRO C 287 36.28 49.10 -3.41
N ASP C 288 36.59 50.21 -4.07
CA ASP C 288 35.69 50.70 -5.13
C ASP C 288 35.69 49.77 -6.33
N GLY C 289 36.76 49.03 -6.55
CA GLY C 289 36.79 48.06 -7.64
C GLY C 289 37.91 48.35 -8.62
N ILE C 290 38.69 47.31 -8.93
CA ILE C 290 39.77 47.39 -9.90
C ILE C 290 39.25 46.86 -11.23
N ASP C 291 39.75 47.44 -12.32
CA ASP C 291 39.36 47.02 -13.66
C ASP C 291 40.34 45.99 -14.19
N PRO C 292 39.85 44.88 -14.77
CA PRO C 292 40.80 43.85 -15.24
C PRO C 292 41.63 44.31 -16.43
N LYS C 293 41.05 45.06 -17.35
CA LYS C 293 41.79 45.51 -18.53
C LYS C 293 42.87 46.51 -18.14
N GLU C 294 42.52 47.50 -17.30
CA GLU C 294 43.52 48.48 -16.86
C GLU C 294 44.67 47.81 -16.12
N LEU C 295 44.38 46.75 -15.37
CA LEU C 295 45.43 46.00 -14.68
C LEU C 295 46.15 45.03 -15.61
N GLU C 296 45.53 44.63 -16.72
CA GLU C 296 46.16 43.70 -17.65
C GLU C 296 47.21 44.39 -18.51
N ASP C 297 46.85 45.53 -19.12
CA ASP C 297 47.81 46.26 -19.93
C ASP C 297 48.99 46.75 -19.10
N PHE C 298 48.76 47.02 -17.81
CA PHE C 298 49.84 47.47 -16.93
C PHE C 298 50.85 46.35 -16.71
N LYS C 299 50.38 45.15 -16.38
CA LYS C 299 51.29 44.02 -16.21
C LYS C 299 51.93 43.61 -17.53
N LEU C 300 51.19 43.75 -18.64
CA LEU C 300 51.79 43.47 -19.95
C LEU C 300 52.90 44.45 -20.26
N GLN C 301 52.74 45.71 -19.85
CA GLN C 301 53.77 46.72 -20.03
C GLN C 301 54.93 46.56 -19.05
N HIS C 302 54.71 45.91 -17.91
CA HIS C 302 55.74 45.76 -16.90
C HIS C 302 55.99 44.29 -16.59
N GLY C 303 56.27 43.98 -15.33
CA GLY C 303 56.55 42.61 -14.95
C GLY C 303 55.75 42.13 -13.75
N SER C 304 55.07 43.06 -13.07
CA SER C 304 54.29 42.70 -11.90
C SER C 304 53.17 43.72 -11.72
N ILE C 305 52.18 43.34 -10.90
CA ILE C 305 51.06 44.24 -10.60
C ILE C 305 51.39 45.23 -9.49
N LEU C 306 52.59 45.19 -8.95
CA LEU C 306 52.97 46.13 -7.89
C LEU C 306 53.10 47.53 -8.47
N GLY C 307 52.69 48.53 -7.67
CA GLY C 307 52.71 49.89 -8.13
C GLY C 307 51.55 50.28 -9.01
N PHE C 308 50.42 49.59 -8.88
CA PHE C 308 49.25 49.91 -9.70
C PHE C 308 48.67 51.25 -9.26
N PRO C 309 48.45 52.19 -10.18
CA PRO C 309 47.95 53.52 -9.76
C PRO C 309 46.56 53.49 -9.18
N LYS C 310 45.63 52.72 -9.78
CA LYS C 310 44.24 52.70 -9.35
C LYS C 310 43.99 51.77 -8.16
N ALA C 311 45.01 51.51 -7.35
CA ALA C 311 44.83 50.64 -6.17
C ALA C 311 46.03 50.85 -5.25
N LYS C 312 45.75 51.04 -3.96
CA LYS C 312 46.81 51.24 -3.00
C LYS C 312 47.47 49.91 -2.65
N PRO C 313 48.79 49.92 -2.40
CA PRO C 313 49.47 48.68 -2.02
C PRO C 313 48.91 48.12 -0.72
N TYR C 314 48.74 46.80 -0.70
CA TYR C 314 48.11 46.09 0.40
C TYR C 314 49.12 45.15 1.04
N GLU C 315 49.45 45.40 2.31
CA GLU C 315 50.31 44.51 3.07
C GLU C 315 49.46 43.52 3.85
N GLY C 316 49.95 42.29 3.97
CA GLY C 316 49.24 41.23 4.64
C GLY C 316 48.84 40.13 3.67
N SER C 317 48.20 39.11 4.23
CA SER C 317 47.77 37.96 3.44
C SER C 317 46.72 38.38 2.41
N ILE C 318 47.05 38.19 1.13
CA ILE C 318 46.12 38.53 0.07
C ILE C 318 44.92 37.60 0.04
N LEU C 319 45.03 36.43 0.67
CA LEU C 319 43.92 35.47 0.72
C LEU C 319 42.96 35.74 1.85
N GLU C 320 43.29 36.65 2.78
CA GLU C 320 42.43 36.97 3.91
C GLU C 320 41.76 38.33 3.77
N VAL C 321 41.73 38.88 2.55
CA VAL C 321 41.09 40.18 2.34
C VAL C 321 39.59 40.06 2.55
N ASP C 322 38.99 41.11 3.11
CA ASP C 322 37.56 41.12 3.38
C ASP C 322 36.80 41.18 2.07
N CYS C 323 36.11 40.08 1.73
CA CYS C 323 35.36 40.03 0.48
C CYS C 323 34.28 38.95 0.62
N ASP C 324 33.97 38.27 -0.47
CA ASP C 324 32.96 37.22 -0.49
C ASP C 324 33.43 35.96 -1.20
N ILE C 325 34.21 36.08 -2.27
CA ILE C 325 34.69 34.94 -3.03
C ILE C 325 36.21 35.09 -3.19
N LEU C 326 36.95 34.06 -2.80
CA LEU C 326 38.40 34.03 -2.93
C LEU C 326 38.76 33.09 -4.08
N ILE C 327 39.62 33.57 -4.97
CA ILE C 327 40.03 32.79 -6.14
C ILE C 327 41.53 32.54 -6.07
N PRO C 328 41.98 31.49 -5.38
CA PRO C 328 43.41 31.19 -5.37
C PRO C 328 43.89 30.60 -6.68
N ALA C 329 44.60 31.38 -7.49
CA ALA C 329 45.10 30.92 -8.78
C ALA C 329 46.61 31.06 -8.85
N ALA C 330 47.32 30.48 -7.88
CA ALA C 330 48.78 30.57 -7.83
C ALA C 330 49.42 29.21 -7.59
N THR C 331 50.18 29.09 -6.51
CA THR C 331 50.87 27.85 -6.18
C THR C 331 49.95 26.88 -5.46
N GLU C 332 50.52 25.85 -4.84
CA GLU C 332 49.76 24.82 -4.15
C GLU C 332 49.86 25.00 -2.64
N LYS C 333 48.79 24.64 -1.94
CA LYS C 333 48.71 24.66 -0.49
C LYS C 333 49.00 26.06 0.07
N GLN C 334 48.09 26.97 -0.26
CA GLN C 334 48.15 28.34 0.25
C GLN C 334 47.27 28.54 1.47
N LEU C 335 46.07 27.97 1.47
CA LEU C 335 45.14 28.05 2.60
C LEU C 335 45.25 26.76 3.39
N THR C 336 45.94 26.81 4.51
CA THR C 336 46.15 25.67 5.39
C THR C 336 45.39 25.88 6.70
N LYS C 337 45.60 24.96 7.65
CA LYS C 337 44.96 25.07 8.95
C LYS C 337 45.52 26.21 9.79
N SER C 338 46.70 26.72 9.44
CA SER C 338 47.27 27.84 10.19
C SER C 338 46.50 29.13 9.93
N ASN C 339 46.21 29.41 8.66
CA ASN C 339 45.46 30.61 8.29
C ASN C 339 44.02 30.29 7.89
N ALA C 340 43.52 29.10 8.25
CA ALA C 340 42.16 28.73 7.87
C ALA C 340 41.12 29.57 8.59
N PRO C 341 41.15 29.70 9.93
CA PRO C 341 40.11 30.49 10.60
C PRO C 341 40.18 31.98 10.30
N ARG C 342 41.32 32.48 9.82
CA ARG C 342 41.49 33.89 9.51
C ARG C 342 41.02 34.25 8.10
N VAL C 343 40.34 33.34 7.42
CA VAL C 343 39.86 33.60 6.06
C VAL C 343 38.59 34.46 6.15
N LYS C 344 38.59 35.58 5.44
CA LYS C 344 37.46 36.50 5.45
C LYS C 344 36.44 36.22 4.36
N ALA C 345 36.84 35.57 3.27
CA ALA C 345 35.92 35.29 2.18
C ALA C 345 34.94 34.19 2.58
N LYS C 346 33.90 34.03 1.75
CA LYS C 346 32.87 33.03 1.99
C LYS C 346 32.85 31.91 0.96
N ILE C 347 33.47 32.10 -0.20
CA ILE C 347 33.52 31.09 -1.25
C ILE C 347 34.97 30.96 -1.71
N ILE C 348 35.52 29.75 -1.63
CA ILE C 348 36.90 29.48 -2.02
C ILE C 348 36.85 28.81 -3.39
N ALA C 349 37.02 29.59 -4.45
CA ALA C 349 37.01 29.07 -5.82
C ALA C 349 38.44 28.68 -6.17
N GLU C 350 38.71 27.38 -6.16
CA GLU C 350 40.06 26.86 -6.39
C GLU C 350 40.45 27.06 -7.84
N GLY C 351 41.23 28.10 -8.10
CA GLY C 351 41.74 28.35 -9.44
C GLY C 351 43.00 27.60 -9.80
N ALA C 352 43.53 26.80 -8.88
CA ALA C 352 44.73 26.01 -9.10
C ALA C 352 44.47 24.58 -8.64
N ASN C 353 45.50 23.75 -8.75
CA ASN C 353 45.39 22.33 -8.39
C ASN C 353 45.79 22.16 -6.92
N GLY C 354 44.80 21.92 -6.08
CA GLY C 354 45.01 21.69 -4.66
C GLY C 354 45.73 22.80 -3.92
N PRO C 355 45.10 23.98 -3.81
CA PRO C 355 45.65 25.03 -2.94
C PRO C 355 45.09 25.05 -1.53
N THR C 356 44.32 24.03 -1.13
CA THR C 356 43.72 23.96 0.20
C THR C 356 43.97 22.59 0.78
N THR C 357 44.57 22.55 1.98
CA THR C 357 44.86 21.30 2.65
C THR C 357 43.57 20.69 3.23
N PRO C 358 43.56 19.38 3.49
CA PRO C 358 42.35 18.78 4.07
C PRO C 358 42.05 19.27 5.47
N GLU C 359 43.07 19.70 6.22
CA GLU C 359 42.81 20.31 7.52
C GLU C 359 42.00 21.59 7.37
N ALA C 360 42.32 22.40 6.35
CA ALA C 360 41.53 23.58 6.06
C ALA C 360 40.18 23.24 5.44
N ASP C 361 40.05 22.06 4.84
CA ASP C 361 38.77 21.66 4.27
C ASP C 361 37.74 21.39 5.37
N LYS C 362 38.18 20.77 6.47
CA LYS C 362 37.30 20.55 7.61
C LYS C 362 37.08 21.83 8.41
N ILE C 363 38.05 22.74 8.39
CA ILE C 363 37.86 24.03 9.06
C ILE C 363 36.87 24.88 8.30
N PHE C 364 36.91 24.85 6.97
CA PHE C 364 35.96 25.60 6.17
C PHE C 364 34.58 24.95 6.18
N LEU C 365 34.52 23.64 6.37
CA LEU C 365 33.22 22.95 6.39
C LEU C 365 32.45 23.28 7.67
N GLU C 366 33.13 23.28 8.82
CA GLU C 366 32.47 23.64 10.06
C GLU C 366 32.19 25.14 10.14
N ARG C 367 32.89 25.94 9.35
CA ARG C 367 32.65 27.39 9.28
C ARG C 367 31.58 27.77 8.28
N ASN C 368 30.99 26.79 7.58
CA ASN C 368 29.99 27.04 6.55
C ASN C 368 30.53 27.96 5.46
N ILE C 369 31.70 27.59 4.93
CA ILE C 369 32.35 28.32 3.85
C ILE C 369 32.46 27.38 2.65
N LEU C 370 31.81 27.76 1.55
CA LEU C 370 31.81 26.92 0.35
C LEU C 370 33.18 26.94 -0.31
N VAL C 371 33.60 25.77 -0.82
CA VAL C 371 34.87 25.62 -1.50
C VAL C 371 34.61 24.80 -2.76
N ILE C 372 34.67 25.44 -3.92
CA ILE C 372 34.52 24.76 -5.19
C ILE C 372 35.77 23.90 -5.42
N PRO C 373 35.62 22.60 -5.62
CA PRO C 373 36.80 21.73 -5.72
C PRO C 373 37.64 22.02 -6.95
N ASP C 374 38.90 21.60 -6.87
CA ASP C 374 39.83 21.83 -7.98
C ASP C 374 39.55 20.89 -9.16
N LEU C 375 39.10 19.67 -8.88
CA LEU C 375 38.82 18.74 -9.97
C LEU C 375 37.58 19.12 -10.78
N TYR C 376 36.88 20.20 -10.40
CA TYR C 376 35.75 20.70 -11.17
C TYR C 376 35.99 22.10 -11.70
N LEU C 377 36.27 23.07 -10.83
CA LEU C 377 36.41 24.45 -11.27
C LEU C 377 37.66 24.64 -12.12
N ASN C 378 38.73 23.89 -11.83
CA ASN C 378 39.97 23.98 -12.59
C ASN C 378 40.03 22.96 -13.73
N ALA C 379 38.90 22.74 -14.41
CA ALA C 379 38.83 21.77 -15.50
C ALA C 379 38.41 22.40 -16.82
N GLY C 380 38.35 23.74 -16.89
CA GLY C 380 37.94 24.38 -18.13
C GLY C 380 38.93 24.16 -19.26
N GLY C 381 40.23 24.26 -18.96
CA GLY C 381 41.23 24.02 -19.99
C GLY C 381 41.25 22.59 -20.46
N VAL C 382 41.04 21.64 -19.53
CA VAL C 382 41.01 20.23 -19.91
C VAL C 382 39.84 19.95 -20.84
N THR C 383 38.68 20.55 -20.55
CA THR C 383 37.51 20.35 -21.41
C THR C 383 37.76 20.91 -22.80
N VAL C 384 38.41 22.07 -22.89
CA VAL C 384 38.72 22.65 -24.19
C VAL C 384 39.83 21.88 -24.88
N SER C 385 40.79 21.36 -24.12
CA SER C 385 41.81 20.49 -24.70
C SER C 385 41.20 19.25 -25.32
N TYR C 386 40.11 18.75 -24.73
CA TYR C 386 39.36 17.67 -25.37
C TYR C 386 38.77 18.12 -26.69
N PHE C 387 38.29 19.37 -26.75
CA PHE C 387 37.77 19.90 -28.00
C PHE C 387 38.87 20.09 -29.03
N GLU C 388 40.05 20.52 -28.58
CA GLU C 388 41.19 20.66 -29.49
C GLU C 388 41.60 19.30 -30.05
N TRP C 389 41.56 18.27 -29.22
CA TRP C 389 41.88 16.92 -29.69
C TRP C 389 40.90 16.46 -30.77
N LEU C 390 39.61 16.75 -30.58
CA LEU C 390 38.62 16.40 -31.59
C LEU C 390 38.76 17.25 -32.84
N LYS C 391 39.23 18.49 -32.69
CA LYS C 391 39.43 19.34 -33.86
C LYS C 391 40.49 18.76 -34.79
N ASN C 392 41.61 18.30 -34.24
CA ASN C 392 42.65 17.71 -35.05
C ASN C 392 42.20 16.39 -35.67
N LEU C 393 41.29 15.68 -35.01
CA LEU C 393 40.73 14.46 -35.61
C LEU C 393 39.78 14.80 -36.75
N ASN C 394 39.00 15.87 -36.60
CA ASN C 394 38.08 16.28 -37.65
C ASN C 394 38.81 16.94 -38.81
N HIS C 395 40.03 17.44 -38.58
CA HIS C 395 40.83 18.12 -39.61
C HIS C 395 40.08 19.32 -40.17
N VAL C 396 39.31 20.00 -39.33
CA VAL C 396 38.54 21.16 -39.73
C VAL C 396 38.13 21.91 -38.48
N SER C 397 38.00 23.23 -38.60
CA SER C 397 37.56 24.06 -37.48
C SER C 397 36.06 23.91 -37.27
N TYR C 398 35.62 24.14 -36.04
CA TYR C 398 34.20 24.10 -35.73
C TYR C 398 33.50 25.30 -36.36
N GLY C 399 32.44 25.03 -37.13
CA GLY C 399 31.67 26.07 -37.77
C GLY C 399 32.06 26.35 -39.22
N ARG C 400 33.17 25.79 -39.70
CA ARG C 400 33.61 26.05 -41.06
C ARG C 400 32.58 25.62 -42.09
N LEU C 401 31.83 24.56 -41.80
CA LEU C 401 30.81 24.04 -42.70
C LEU C 401 29.40 24.51 -42.34
N THR C 402 29.24 25.21 -41.21
CA THR C 402 27.93 25.48 -40.64
C THR C 402 27.57 26.95 -40.50
N PHE C 403 28.56 27.85 -40.47
CA PHE C 403 28.30 29.23 -40.07
C PHE C 403 27.32 29.92 -41.01
N LYS C 404 27.62 29.91 -42.32
CA LYS C 404 26.73 30.56 -43.27
C LYS C 404 25.39 29.84 -43.37
N TYR C 405 25.38 28.52 -43.17
CA TYR C 405 24.10 27.80 -43.18
C TYR C 405 23.26 28.18 -41.96
N GLU C 406 23.92 28.41 -40.82
CA GLU C 406 23.20 28.84 -39.62
C GLU C 406 22.87 30.33 -39.65
N ARG C 407 23.61 31.13 -40.40
CA ARG C 407 23.31 32.55 -40.49
C ARG C 407 22.07 32.80 -41.33
N ASP C 408 22.00 32.16 -42.50
CA ASP C 408 20.85 32.37 -43.38
C ASP C 408 19.58 31.77 -42.81
N SER C 409 19.70 30.74 -41.96
CA SER C 409 18.51 30.16 -41.35
C SER C 409 17.86 31.12 -40.36
N ASN C 410 18.67 31.80 -39.55
CA ASN C 410 18.12 32.78 -38.60
C ASN C 410 17.46 33.94 -39.34
N TYR C 411 18.08 34.42 -40.41
CA TYR C 411 17.47 35.49 -41.20
C TYR C 411 16.24 35.00 -41.94
N HIS C 412 16.21 33.72 -42.31
CA HIS C 412 15.01 33.16 -42.93
C HIS C 412 13.87 33.04 -41.93
N LEU C 413 14.18 32.68 -40.69
CA LEU C 413 13.13 32.56 -39.67
C LEU C 413 12.56 33.92 -39.30
N LEU C 414 13.44 34.91 -39.07
CA LEU C 414 12.96 36.25 -38.72
C LEU C 414 12.14 36.84 -39.87
N LEU C 415 12.57 36.61 -41.11
CA LEU C 415 11.79 37.11 -42.25
C LEU C 415 10.50 36.33 -42.41
N SER C 416 10.49 35.03 -42.05
CA SER C 416 9.26 34.26 -42.11
C SER C 416 8.23 34.77 -41.13
N VAL C 417 8.67 35.16 -39.92
CA VAL C 417 7.74 35.76 -38.97
C VAL C 417 7.31 37.14 -39.44
N GLN C 418 8.18 37.84 -40.17
CA GLN C 418 7.84 39.17 -40.65
C GLN C 418 6.76 39.10 -41.73
N GLU C 419 6.98 38.29 -42.76
CA GLU C 419 6.04 38.21 -43.87
C GLU C 419 4.74 37.50 -43.49
N SER C 420 4.77 36.66 -42.46
CA SER C 420 3.54 36.00 -42.02
C SER C 420 2.65 36.94 -41.23
N LEU C 421 3.23 37.77 -40.36
CA LEU C 421 2.44 38.69 -39.55
C LEU C 421 1.95 39.87 -40.39
N GLU C 422 2.77 40.33 -41.34
CA GLU C 422 2.32 41.41 -42.23
C GLU C 422 1.20 40.93 -43.14
N ARG C 423 1.20 39.65 -43.51
CA ARG C 423 0.08 39.10 -44.27
C ARG C 423 -1.17 39.02 -43.42
N LYS C 424 -1.02 38.75 -42.12
CA LYS C 424 -2.18 38.62 -41.23
C LYS C 424 -2.73 39.98 -40.80
N PHE C 425 -1.86 40.98 -40.65
CA PHE C 425 -2.30 42.27 -40.14
C PHE C 425 -2.56 43.31 -41.22
N GLY C 426 -2.02 43.13 -42.42
CA GLY C 426 -2.31 44.01 -43.54
C GLY C 426 -1.20 45.01 -43.80
N LYS C 427 -1.42 45.80 -44.85
CA LYS C 427 -0.48 46.83 -45.26
C LYS C 427 -0.80 48.22 -44.71
N HIS C 428 -2.05 48.46 -44.32
CA HIS C 428 -2.44 49.81 -43.89
C HIS C 428 -1.80 50.17 -42.56
N GLY C 429 -1.64 49.20 -41.66
CA GLY C 429 -1.01 49.46 -40.39
C GLY C 429 0.49 49.70 -40.46
N GLY C 430 1.08 49.49 -41.62
CA GLY C 430 2.51 49.66 -41.80
C GLY C 430 3.23 48.34 -41.97
N THR C 431 4.53 48.37 -41.73
CA THR C 431 5.38 47.20 -41.81
C THR C 431 5.75 46.73 -40.40
N ILE C 432 6.06 45.45 -40.27
CA ILE C 432 6.42 44.86 -38.99
C ILE C 432 7.86 44.34 -39.08
N PRO C 433 8.86 45.19 -38.88
CA PRO C 433 10.25 44.74 -39.03
C PRO C 433 10.65 43.81 -37.89
N ILE C 434 11.16 42.63 -38.26
CA ILE C 434 11.67 41.64 -37.32
C ILE C 434 13.18 41.58 -37.48
N VAL C 435 13.91 41.95 -36.43
CA VAL C 435 15.37 42.04 -36.50
C VAL C 435 15.95 41.35 -35.27
N PRO C 436 17.22 40.92 -35.36
CA PRO C 436 17.87 40.32 -34.19
C PRO C 436 18.04 41.33 -33.06
N THR C 437 18.27 40.81 -31.85
CA THR C 437 18.63 41.63 -30.71
C THR C 437 19.99 42.27 -30.94
N ALA C 438 20.36 43.18 -30.04
CA ALA C 438 21.74 43.65 -30.02
C ALA C 438 22.70 42.51 -29.68
N GLU C 439 22.31 41.65 -28.74
CA GLU C 439 23.13 40.50 -28.38
C GLU C 439 23.12 39.43 -29.48
N PHE C 440 22.00 39.31 -30.20
CA PHE C 440 21.92 38.31 -31.27
C PHE C 440 22.80 38.69 -32.45
N GLN C 441 22.56 39.88 -33.02
CA GLN C 441 23.35 40.32 -34.17
C GLN C 441 24.82 40.40 -33.83
N ASP C 442 25.16 40.71 -32.58
CA ASP C 442 26.55 40.64 -32.15
C ASP C 442 27.10 39.22 -32.30
N SER C 443 26.27 38.21 -32.05
CA SER C 443 26.72 36.83 -32.11
C SER C 443 26.85 36.34 -33.55
N ILE C 444 25.83 36.59 -34.38
CA ILE C 444 25.85 36.09 -35.76
C ILE C 444 26.94 36.79 -36.56
N SER C 445 27.15 38.09 -36.31
CA SER C 445 28.13 38.82 -37.11
C SER C 445 29.56 38.37 -36.80
N GLY C 446 29.86 38.10 -35.53
CA GLY C 446 31.18 37.66 -35.15
C GLY C 446 31.27 36.18 -34.85
N ALA C 447 30.49 35.38 -35.57
CA ALA C 447 30.46 33.95 -35.34
C ALA C 447 31.83 33.34 -35.63
N SER C 448 32.45 32.79 -34.59
CA SER C 448 33.77 32.19 -34.68
C SER C 448 33.77 30.85 -33.95
N GLU C 449 34.86 30.09 -34.16
CA GLU C 449 35.00 28.81 -33.48
C GLU C 449 35.01 28.98 -31.96
N LYS C 450 35.61 30.07 -31.48
CA LYS C 450 35.66 30.33 -30.04
C LYS C 450 34.26 30.39 -29.44
N ASP C 451 33.30 30.93 -30.19
CA ASP C 451 31.92 30.98 -29.70
C ASP C 451 31.35 29.59 -29.50
N ILE C 452 31.75 28.62 -30.31
CA ILE C 452 31.27 27.25 -30.14
C ILE C 452 32.01 26.57 -29.00
N VAL C 453 33.32 26.79 -28.89
CA VAL C 453 34.10 26.15 -27.83
C VAL C 453 33.66 26.65 -26.46
N HIS C 454 33.46 27.96 -26.32
CA HIS C 454 33.04 28.50 -25.04
C HIS C 454 31.61 28.08 -24.69
N SER C 455 30.75 27.92 -25.70
CA SER C 455 29.41 27.42 -25.44
C SER C 455 29.45 25.98 -24.95
N ALA C 456 30.25 25.14 -25.60
CA ALA C 456 30.36 23.75 -25.16
C ALA C 456 31.03 23.63 -23.80
N LEU C 457 31.92 24.57 -23.46
CA LEU C 457 32.53 24.57 -22.13
C LEU C 457 31.51 24.93 -21.06
N ALA C 458 30.71 25.96 -21.31
CA ALA C 458 29.66 26.32 -20.37
C ALA C 458 28.64 25.20 -20.21
N TYR C 459 28.38 24.45 -21.28
CA TYR C 459 27.50 23.29 -21.17
C TYR C 459 28.12 22.20 -20.31
N THR C 460 29.44 22.04 -20.39
CA THR C 460 30.11 21.01 -19.59
C THR C 460 30.08 21.37 -18.10
N MET C 461 30.40 22.63 -17.78
CA MET C 461 30.42 23.04 -16.37
C MET C 461 29.02 23.05 -15.78
N GLU C 462 28.02 23.43 -16.57
CA GLU C 462 26.64 23.44 -16.07
C GLU C 462 26.14 22.02 -15.81
N ARG C 463 26.40 21.10 -16.74
CA ARG C 463 25.96 19.73 -16.55
C ARG C 463 26.72 19.03 -15.43
N SER C 464 28.02 19.33 -15.30
CA SER C 464 28.82 18.69 -14.26
C SER C 464 28.48 19.25 -12.87
N ALA C 465 28.06 20.51 -12.80
CA ALA C 465 27.63 21.06 -11.52
C ALA C 465 26.40 20.35 -10.98
N ARG C 466 25.43 20.05 -11.86
CA ARG C 466 24.24 19.33 -11.44
C ARG C 466 24.59 17.93 -10.95
N GLN C 467 25.59 17.30 -11.55
CA GLN C 467 26.02 15.98 -11.09
C GLN C 467 26.67 16.05 -9.72
N ILE C 468 27.36 17.14 -9.41
CA ILE C 468 27.96 17.31 -8.10
C ILE C 468 26.90 17.67 -7.06
N MET C 469 25.98 18.58 -7.41
CA MET C 469 24.92 18.94 -6.48
C MET C 469 24.03 17.75 -6.16
N HIS C 470 23.84 16.84 -7.12
CA HIS C 470 22.95 15.70 -6.90
C HIS C 470 23.48 14.79 -5.80
N THR C 471 24.72 14.32 -5.94
CA THR C 471 25.30 13.43 -4.95
C THR C 471 25.74 14.16 -3.68
N ALA C 472 25.84 15.49 -3.71
CA ALA C 472 26.12 16.23 -2.47
C ALA C 472 24.94 16.14 -1.51
N MET C 473 23.72 16.21 -2.03
CA MET C 473 22.52 16.06 -1.21
C MET C 473 22.03 14.62 -1.15
N LYS C 474 22.43 13.78 -2.10
CA LYS C 474 22.07 12.36 -2.03
C LYS C 474 22.77 11.68 -0.87
N TYR C 475 24.08 11.92 -0.72
CA TYR C 475 24.85 11.39 0.39
C TYR C 475 24.88 12.33 1.58
N ASN C 476 24.17 13.46 1.52
CA ASN C 476 24.12 14.44 2.59
C ASN C 476 25.53 14.93 2.95
N LEU C 477 26.24 15.42 1.94
CA LEU C 477 27.60 15.92 2.12
C LEU C 477 27.64 17.42 2.39
N GLY C 478 26.49 18.09 2.45
CA GLY C 478 26.43 19.52 2.72
C GLY C 478 27.15 20.40 1.72
N LEU C 479 28.15 21.15 2.21
CA LEU C 479 28.92 22.06 1.38
C LEU C 479 30.25 21.47 0.94
N ASP C 480 30.49 20.19 1.24
CA ASP C 480 31.74 19.53 0.86
C ASP C 480 31.57 18.94 -0.54
N LEU C 481 31.72 19.81 -1.55
CA LEU C 481 31.56 19.38 -2.93
C LEU C 481 32.70 18.48 -3.40
N ARG C 482 33.88 18.63 -2.80
CA ARG C 482 35.04 17.86 -3.22
C ARG C 482 34.78 16.37 -3.10
N THR C 483 34.28 15.93 -1.94
CA THR C 483 33.92 14.52 -1.78
C THR C 483 32.84 14.12 -2.78
N ALA C 484 31.83 14.98 -2.99
CA ALA C 484 30.82 14.70 -4.01
C ALA C 484 31.45 14.66 -5.40
N ALA C 485 32.46 15.48 -5.64
CA ALA C 485 33.15 15.45 -6.93
C ALA C 485 33.95 14.16 -7.09
N TYR C 486 34.64 13.73 -6.03
CA TYR C 486 35.38 12.47 -6.08
C TYR C 486 34.45 11.27 -6.12
N VAL C 487 33.31 11.34 -5.44
CA VAL C 487 32.35 10.25 -5.48
C VAL C 487 31.85 10.03 -6.92
N ASN C 488 31.54 11.12 -7.62
CA ASN C 488 31.08 11.00 -8.99
C ASN C 488 32.19 10.50 -9.91
N ALA C 489 33.41 11.04 -9.74
CA ALA C 489 34.51 10.64 -10.60
C ALA C 489 34.86 9.16 -10.41
N ILE C 490 34.91 8.70 -9.16
CA ILE C 490 35.21 7.30 -8.89
C ILE C 490 34.12 6.40 -9.47
N GLU C 491 32.85 6.84 -9.36
CA GLU C 491 31.76 6.03 -9.86
C GLU C 491 31.83 5.87 -11.38
N LYS C 492 32.20 6.95 -12.09
CA LYS C 492 32.27 6.87 -13.54
C LYS C 492 33.40 5.96 -14.00
N VAL C 493 34.58 6.08 -13.38
CA VAL C 493 35.70 5.23 -13.74
C VAL C 493 35.39 3.77 -13.41
N PHE C 494 34.67 3.53 -12.32
CA PHE C 494 34.36 2.14 -11.93
C PHE C 494 33.43 1.49 -12.95
N LYS C 495 32.43 2.23 -13.44
CA LYS C 495 31.45 1.63 -14.35
C LYS C 495 32.10 1.19 -15.65
N VAL C 496 33.10 1.94 -16.12
CA VAL C 496 33.82 1.53 -17.32
C VAL C 496 34.62 0.26 -17.05
N TYR C 497 35.22 0.16 -15.86
CA TYR C 497 35.96 -1.05 -15.51
C TYR C 497 35.04 -2.25 -15.33
N SER C 498 33.94 -2.05 -14.61
CA SER C 498 33.05 -3.17 -14.28
C SER C 498 32.32 -3.70 -15.51
N GLU C 499 31.97 -2.83 -16.46
CA GLU C 499 31.25 -3.23 -17.65
C GLU C 499 32.16 -3.66 -18.78
N ALA C 500 33.46 -3.80 -18.52
CA ALA C 500 34.42 -4.25 -19.53
C ALA C 500 34.99 -5.63 -19.25
N GLY C 501 34.77 -6.18 -18.06
CA GLY C 501 35.29 -7.49 -17.73
C GLY C 501 36.66 -7.44 -17.06
N GLU D 8 -35.39 35.15 -26.75
CA GLU D 8 -34.51 34.46 -25.81
C GLU D 8 -35.31 33.66 -24.79
N ASP D 9 -34.95 32.39 -24.63
CA ASP D 9 -35.57 31.52 -23.63
C ASP D 9 -34.93 31.84 -22.28
N ASP D 10 -35.63 32.63 -21.47
CA ASP D 10 -35.11 33.07 -20.18
C ASP D 10 -36.25 33.26 -19.19
N PRO D 11 -36.79 32.16 -18.66
CA PRO D 11 -37.75 32.27 -17.54
C PRO D 11 -37.02 32.31 -16.21
N ASN D 12 -37.66 32.98 -15.25
CA ASN D 12 -37.05 33.09 -13.93
C ASN D 12 -37.02 31.74 -13.24
N PHE D 13 -36.06 31.57 -12.33
CA PHE D 13 -35.90 30.30 -11.64
C PHE D 13 -37.11 29.95 -10.78
N PHE D 14 -37.84 30.97 -10.33
CA PHE D 14 -39.02 30.72 -9.51
C PHE D 14 -40.11 29.99 -10.30
N LYS D 15 -40.24 30.33 -11.58
CA LYS D 15 -41.23 29.64 -12.42
C LYS D 15 -40.76 28.25 -12.80
N MET D 16 -39.45 28.02 -12.82
CA MET D 16 -38.93 26.71 -13.22
C MET D 16 -39.20 25.66 -12.13
N VAL D 17 -38.91 26.00 -10.88
CA VAL D 17 -39.07 25.03 -9.79
C VAL D 17 -40.53 24.69 -9.60
N GLU D 18 -41.42 25.68 -9.73
CA GLU D 18 -42.85 25.39 -9.66
C GLU D 18 -43.29 24.48 -10.79
N GLY D 19 -42.73 24.68 -11.99
CA GLY D 19 -43.04 23.79 -13.09
C GLY D 19 -42.48 22.39 -12.88
N PHE D 20 -41.28 22.29 -12.30
CA PHE D 20 -40.73 20.99 -11.97
C PHE D 20 -41.59 20.29 -10.92
N PHE D 21 -42.13 21.05 -9.97
CA PHE D 21 -43.01 20.46 -8.96
C PHE D 21 -44.34 20.03 -9.57
N ASP D 22 -44.92 20.87 -10.42
CA ASP D 22 -46.22 20.56 -11.01
C ASP D 22 -46.14 19.29 -11.86
N ARG D 23 -45.05 19.12 -12.61
CA ARG D 23 -44.89 17.92 -13.43
C ARG D 23 -44.74 16.68 -12.56
N GLY D 24 -43.99 16.77 -11.47
CA GLY D 24 -43.82 15.63 -10.59
C GLY D 24 -45.04 15.35 -9.74
N ALA D 25 -45.79 16.39 -9.38
CA ALA D 25 -47.00 16.17 -8.57
C ALA D 25 -48.12 15.55 -9.39
N SER D 26 -48.19 15.85 -10.70
CA SER D 26 -49.21 15.27 -11.53
C SER D 26 -48.95 13.80 -11.87
N ILE D 27 -47.70 13.35 -11.73
CA ILE D 27 -47.34 11.99 -12.08
C ILE D 27 -47.53 11.04 -10.91
N VAL D 28 -47.08 11.43 -9.72
CA VAL D 28 -47.06 10.55 -8.57
C VAL D 28 -48.37 10.67 -7.79
N GLU D 29 -49.33 11.42 -8.35
CA GLU D 29 -50.62 11.60 -7.66
C GLU D 29 -51.34 10.26 -7.52
N ASP D 30 -51.40 9.48 -8.59
CA ASP D 30 -52.09 8.19 -8.53
C ASP D 30 -51.40 7.23 -7.57
N LYS D 31 -50.07 7.30 -7.47
CA LYS D 31 -49.35 6.40 -6.58
C LYS D 31 -49.64 6.72 -5.11
N LEU D 32 -49.74 8.01 -4.78
CA LEU D 32 -49.96 8.39 -3.39
C LEU D 32 -51.37 8.05 -2.93
N VAL D 33 -52.37 8.15 -3.83
CA VAL D 33 -53.72 7.75 -3.47
C VAL D 33 -53.79 6.25 -3.20
N LYS D 34 -53.01 5.46 -3.95
CA LYS D 34 -53.01 4.01 -3.75
C LYS D 34 -52.40 3.65 -2.40
N ASP D 35 -51.22 4.19 -2.10
CA ASP D 35 -50.52 3.86 -0.85
C ASP D 35 -51.12 4.54 0.36
N LEU D 36 -52.13 5.39 0.20
CA LEU D 36 -52.76 6.09 1.31
C LEU D 36 -53.67 5.10 2.05
N ARG D 37 -53.13 4.48 3.10
CA ARG D 37 -53.87 3.48 3.86
C ARG D 37 -54.55 4.10 5.08
N THR D 38 -55.34 5.15 4.85
CA THR D 38 -56.08 5.80 5.91
C THR D 38 -57.47 5.18 6.01
N GLN D 39 -58.38 5.85 6.72
CA GLN D 39 -59.74 5.38 6.90
C GLN D 39 -60.70 6.45 6.36
N GLU D 40 -60.75 6.55 5.03
CA GLU D 40 -61.64 7.48 4.36
C GLU D 40 -61.92 6.96 2.96
N SER D 41 -62.86 7.61 2.27
CA SER D 41 -63.24 7.18 0.94
C SER D 41 -62.11 7.41 -0.06
N GLU D 42 -62.26 6.81 -1.24
CA GLU D 42 -61.22 6.94 -2.26
C GLU D 42 -61.10 8.38 -2.76
N GLU D 43 -62.22 9.08 -2.91
CA GLU D 43 -62.15 10.49 -3.28
C GLU D 43 -61.66 11.35 -2.13
N GLN D 44 -61.97 10.96 -0.89
CA GLN D 44 -61.40 11.65 0.26
C GLN D 44 -59.90 11.49 0.32
N LYS D 45 -59.38 10.33 -0.12
CA LYS D 45 -57.94 10.15 -0.22
C LYS D 45 -57.34 11.04 -1.30
N ARG D 46 -58.01 11.13 -2.46
CA ARG D 46 -57.52 12.02 -3.51
C ARG D 46 -57.60 13.48 -3.07
N ASN D 47 -58.64 13.84 -2.32
CA ASN D 47 -58.73 15.19 -1.78
C ASN D 47 -57.63 15.47 -0.77
N ARG D 48 -57.12 14.42 -0.11
CA ARG D 48 -56.05 14.62 0.87
C ARG D 48 -54.71 14.83 0.19
N VAL D 49 -54.37 14.00 -0.80
CA VAL D 49 -53.08 14.14 -1.47
C VAL D 49 -53.05 15.39 -2.33
N ARG D 50 -54.20 15.80 -2.88
CA ARG D 50 -54.22 17.03 -3.66
C ARG D 50 -54.10 18.26 -2.76
N GLY D 51 -54.59 18.17 -1.54
CA GLY D 51 -54.47 19.27 -0.59
C GLY D 51 -53.10 19.37 0.03
N ILE D 52 -52.53 18.23 0.41
CA ILE D 52 -51.18 18.22 0.98
C ILE D 52 -50.18 18.75 -0.03
N LEU D 53 -50.34 18.38 -1.30
CA LEU D 53 -49.46 18.89 -2.34
C LEU D 53 -49.59 20.41 -2.49
N ARG D 54 -50.77 20.96 -2.21
CA ARG D 54 -50.97 22.40 -2.28
C ARG D 54 -50.21 23.13 -1.18
N ILE D 55 -49.89 22.45 -0.08
CA ILE D 55 -49.15 23.09 1.01
C ILE D 55 -47.65 23.00 0.80
N ILE D 56 -47.16 21.92 0.18
CA ILE D 56 -45.73 21.73 0.02
C ILE D 56 -45.17 22.72 -1.00
N LYS D 57 -45.94 23.02 -2.04
CA LYS D 57 -45.43 23.84 -3.13
C LYS D 57 -44.96 25.23 -2.69
N PRO D 58 -45.77 26.04 -2.00
CA PRO D 58 -45.31 27.39 -1.64
C PRO D 58 -44.50 27.38 -0.35
N CYS D 59 -43.72 28.44 -0.19
CA CYS D 59 -42.93 28.61 1.02
C CYS D 59 -43.84 28.95 2.19
N ASN D 60 -43.51 28.39 3.36
CA ASN D 60 -44.35 28.60 4.54
C ASN D 60 -44.11 29.98 5.16
N HIS D 61 -42.84 30.37 5.31
CA HIS D 61 -42.51 31.65 5.92
C HIS D 61 -41.42 32.34 5.12
N VAL D 62 -41.55 33.65 4.97
CA VAL D 62 -40.52 34.50 4.37
C VAL D 62 -40.38 35.74 5.25
N LEU D 63 -39.15 36.03 5.65
CA LEU D 63 -38.85 37.15 6.53
C LEU D 63 -38.04 38.20 5.76
N SER D 64 -38.60 39.40 5.63
CA SER D 64 -37.90 40.52 5.04
C SER D 64 -37.41 41.44 6.15
N LEU D 65 -36.11 41.73 6.16
CA LEU D 65 -35.48 42.48 7.23
C LEU D 65 -34.96 43.81 6.71
N SER D 66 -34.78 44.75 7.63
CA SER D 66 -34.20 46.07 7.35
C SER D 66 -33.50 46.52 8.62
N PHE D 67 -32.28 45.98 8.84
CA PHE D 67 -31.49 46.21 10.04
C PHE D 67 -30.39 47.24 9.78
N PRO D 68 -30.00 47.99 10.80
CA PRO D 68 -29.00 49.04 10.60
C PRO D 68 -27.58 48.62 10.95
N ILE D 69 -26.60 49.18 10.24
CA ILE D 69 -25.19 49.03 10.57
C ILE D 69 -24.55 50.42 10.53
N ARG D 70 -23.30 50.49 10.98
CA ARG D 70 -22.54 51.73 10.96
C ARG D 70 -21.18 51.45 10.34
N ARG D 71 -20.90 52.11 9.22
CA ARG D 71 -19.64 51.90 8.52
C ARG D 71 -18.48 52.49 9.32
N ASP D 72 -17.26 52.16 8.88
CA ASP D 72 -16.06 52.61 9.59
C ASP D 72 -15.88 54.12 9.51
N ASP D 73 -16.43 54.78 8.50
CA ASP D 73 -16.30 56.22 8.40
C ASP D 73 -17.15 56.96 9.43
N GLY D 74 -18.15 56.30 10.02
CA GLY D 74 -19.03 56.92 10.98
C GLY D 74 -20.47 57.09 10.52
N SER D 75 -20.75 56.99 9.23
CA SER D 75 -22.12 57.15 8.73
C SER D 75 -22.92 55.88 8.96
N TRP D 76 -24.24 56.04 9.06
CA TRP D 76 -25.15 54.93 9.23
C TRP D 76 -25.64 54.42 7.88
N GLU D 77 -26.00 53.14 7.84
CA GLU D 77 -26.53 52.56 6.63
C GLU D 77 -27.58 51.52 6.97
N VAL D 78 -28.65 51.53 6.18
CA VAL D 78 -29.76 50.60 6.33
C VAL D 78 -29.57 49.47 5.33
N ILE D 79 -29.64 48.23 5.80
CA ILE D 79 -29.35 47.06 4.99
C ILE D 79 -30.59 46.18 4.95
N GLU D 80 -30.97 45.75 3.75
CA GLU D 80 -32.11 44.88 3.55
C GLU D 80 -31.67 43.43 3.44
N GLY D 81 -32.50 42.53 3.94
CA GLY D 81 -32.20 41.10 3.90
C GLY D 81 -33.47 40.28 3.83
N TYR D 82 -33.30 39.04 3.38
CA TYR D 82 -34.41 38.11 3.24
C TYR D 82 -34.00 36.73 3.72
N ARG D 83 -34.98 35.98 4.22
CA ARG D 83 -34.77 34.60 4.63
C ARG D 83 -36.08 33.86 4.44
N ALA D 84 -36.07 32.86 3.56
CA ALA D 84 -37.26 32.09 3.22
C ALA D 84 -37.12 30.68 3.73
N GLN D 85 -38.09 30.23 4.51
CA GLN D 85 -38.18 28.85 4.97
C GLN D 85 -39.31 28.18 4.21
N HIS D 86 -38.94 27.31 3.26
CA HIS D 86 -39.95 26.73 2.37
C HIS D 86 -40.81 25.70 3.09
N SER D 87 -40.18 24.71 3.71
CA SER D 87 -40.91 23.63 4.37
C SER D 87 -40.41 23.45 5.79
N GLN D 88 -41.33 23.08 6.68
CA GLN D 88 -41.00 22.71 8.05
C GLN D 88 -41.41 21.29 8.37
N HIS D 89 -41.68 20.47 7.34
CA HIS D 89 -42.04 19.08 7.56
C HIS D 89 -40.94 18.31 8.28
N ARG D 90 -39.70 18.80 8.21
CA ARG D 90 -38.60 18.25 8.99
C ARG D 90 -37.79 19.42 9.56
N THR D 91 -37.62 19.43 10.87
CA THR D 91 -36.84 20.45 11.56
C THR D 91 -35.44 19.93 11.85
N PRO D 92 -34.40 20.78 11.79
CA PRO D 92 -34.46 22.20 11.42
C PRO D 92 -34.38 22.45 9.92
N CYS D 93 -34.48 23.70 9.52
CA CYS D 93 -34.33 24.07 8.11
C CYS D 93 -32.85 24.23 7.77
N LYS D 94 -32.55 24.17 6.48
CA LYS D 94 -31.18 24.24 6.00
C LYS D 94 -31.14 25.04 4.70
N GLY D 95 -30.11 25.88 4.56
CA GLY D 95 -29.96 26.69 3.36
C GLY D 95 -28.90 27.76 3.46
N GLY D 96 -28.32 28.14 2.33
CA GLY D 96 -27.22 29.08 2.32
C GLY D 96 -27.66 30.53 2.47
N ILE D 97 -26.65 31.39 2.64
CA ILE D 97 -26.85 32.83 2.78
C ILE D 97 -26.07 33.52 1.67
N ARG D 98 -26.77 34.32 0.87
CA ARG D 98 -26.18 34.99 -0.29
C ARG D 98 -25.91 36.45 0.03
N TYR D 99 -24.71 36.91 -0.28
CA TYR D 99 -24.31 38.31 -0.13
C TYR D 99 -24.17 38.90 -1.53
N SER D 100 -25.27 39.43 -2.06
CA SER D 100 -25.27 40.01 -3.39
C SER D 100 -26.39 41.04 -3.48
N THR D 101 -26.18 42.05 -4.33
CA THR D 101 -27.17 43.10 -4.51
C THR D 101 -28.34 42.68 -5.39
N ASP D 102 -28.25 41.53 -6.04
CA ASP D 102 -29.29 41.06 -6.96
C ASP D 102 -30.28 40.11 -6.30
N VAL D 103 -30.17 39.88 -4.98
CA VAL D 103 -31.09 38.97 -4.32
C VAL D 103 -32.49 39.56 -4.28
N SER D 104 -33.49 38.69 -4.30
CA SER D 104 -34.88 39.11 -4.27
C SER D 104 -35.68 38.11 -3.47
N VAL D 105 -36.92 38.48 -3.14
CA VAL D 105 -37.79 37.57 -2.40
C VAL D 105 -38.13 36.35 -3.25
N ASP D 106 -38.35 36.54 -4.55
CA ASP D 106 -38.67 35.42 -5.42
C ASP D 106 -37.46 34.52 -5.65
N GLU D 107 -36.24 35.08 -5.59
CA GLU D 107 -35.05 34.28 -5.79
C GLU D 107 -34.77 33.39 -4.58
N VAL D 108 -34.87 33.94 -3.38
CA VAL D 108 -34.61 33.13 -2.19
C VAL D 108 -35.73 32.13 -1.96
N LYS D 109 -36.95 32.44 -2.42
CA LYS D 109 -38.05 31.48 -2.27
C LYS D 109 -37.83 30.26 -3.17
N ALA D 110 -37.37 30.49 -4.40
CA ALA D 110 -37.14 29.39 -5.32
C ALA D 110 -36.01 28.49 -4.86
N LEU D 111 -34.87 29.10 -4.46
CA LEU D 111 -33.75 28.31 -3.99
C LEU D 111 -34.06 27.61 -2.68
N ALA D 112 -34.94 28.18 -1.87
CA ALA D 112 -35.39 27.49 -0.66
C ALA D 112 -36.28 26.30 -1.01
N SER D 113 -37.15 26.47 -2.01
CA SER D 113 -37.99 25.36 -2.43
C SER D 113 -37.16 24.26 -3.09
N LEU D 114 -36.09 24.63 -3.81
CA LEU D 114 -35.26 23.62 -4.46
C LEU D 114 -34.56 22.74 -3.43
N MET D 115 -34.11 23.32 -2.32
CA MET D 115 -33.36 22.54 -1.34
C MET D 115 -34.27 21.61 -0.54
N THR D 116 -35.54 21.96 -0.36
CA THR D 116 -36.48 21.03 0.26
C THR D 116 -36.48 19.70 -0.47
N TYR D 117 -36.59 19.76 -1.80
CA TYR D 117 -36.60 18.54 -2.61
C TYR D 117 -35.20 17.94 -2.73
N LYS D 118 -34.16 18.77 -2.78
CA LYS D 118 -32.80 18.25 -2.85
C LYS D 118 -32.44 17.47 -1.59
N CYS D 119 -32.80 18.00 -0.43
CA CYS D 119 -32.54 17.28 0.82
C CYS D 119 -33.29 15.95 0.87
N ALA D 120 -34.48 15.89 0.26
CA ALA D 120 -35.22 14.64 0.25
C ALA D 120 -34.56 13.61 -0.64
N VAL D 121 -33.96 14.04 -1.75
CA VAL D 121 -33.33 13.11 -2.68
C VAL D 121 -32.18 12.37 -2.02
N VAL D 122 -31.35 13.08 -1.26
CA VAL D 122 -30.21 12.48 -0.60
C VAL D 122 -30.53 12.08 0.84
N ASP D 123 -31.82 11.99 1.19
CA ASP D 123 -32.26 11.54 2.50
C ASP D 123 -31.64 12.37 3.62
N VAL D 124 -31.62 13.69 3.45
CA VAL D 124 -31.13 14.62 4.46
C VAL D 124 -32.35 15.20 5.18
N PRO D 125 -32.51 14.97 6.49
CA PRO D 125 -33.75 15.33 7.19
C PRO D 125 -33.84 16.82 7.53
N PHE D 126 -33.77 17.67 6.50
CA PHE D 126 -33.83 19.10 6.67
C PHE D 126 -34.88 19.70 5.74
N GLY D 127 -35.44 20.83 6.16
CA GLY D 127 -36.32 21.59 5.31
C GLY D 127 -35.56 22.66 4.53
N GLY D 128 -36.06 22.98 3.34
CA GLY D 128 -35.37 23.91 2.48
C GLY D 128 -35.47 25.33 2.98
N ALA D 129 -34.33 26.03 2.92
CA ALA D 129 -34.26 27.44 3.31
C ALA D 129 -33.25 28.14 2.41
N LYS D 130 -33.28 29.47 2.45
CA LYS D 130 -32.35 30.28 1.67
C LYS D 130 -32.44 31.72 2.15
N ALA D 131 -31.29 32.39 2.21
CA ALA D 131 -31.20 33.77 2.66
C ALA D 131 -30.57 34.64 1.59
N GLY D 132 -30.63 35.96 1.81
CA GLY D 132 -30.05 36.92 0.91
C GLY D 132 -29.98 38.30 1.51
N VAL D 133 -28.82 38.95 1.39
CA VAL D 133 -28.63 40.30 1.93
C VAL D 133 -28.16 41.20 0.79
N LYS D 134 -28.88 42.30 0.59
CA LYS D 134 -28.69 43.18 -0.55
C LYS D 134 -27.45 44.07 -0.34
N ILE D 135 -26.29 43.43 -0.36
CA ILE D 135 -25.00 44.11 -0.27
C ILE D 135 -23.99 43.40 -1.16
N ASN D 136 -23.00 44.16 -1.62
CA ASN D 136 -21.84 43.54 -2.25
C ASN D 136 -20.67 43.65 -1.28
N PRO D 137 -20.07 42.53 -0.90
CA PRO D 137 -18.96 42.57 0.07
C PRO D 137 -17.75 43.33 -0.41
N LYS D 138 -17.64 43.60 -1.72
CA LYS D 138 -16.50 44.36 -2.21
C LYS D 138 -16.55 45.83 -1.81
N ASN D 139 -17.73 46.34 -1.46
CA ASN D 139 -17.89 47.73 -1.06
C ASN D 139 -17.81 47.94 0.45
N TYR D 140 -17.59 46.88 1.22
CA TYR D 140 -17.54 46.96 2.68
C TYR D 140 -16.28 46.29 3.19
N THR D 141 -15.64 46.92 4.18
CA THR D 141 -14.44 46.34 4.76
C THR D 141 -14.79 45.09 5.56
N GLU D 142 -13.76 44.33 5.91
CA GLU D 142 -13.96 43.11 6.69
C GLU D 142 -14.59 43.44 8.04
N ASN D 143 -14.17 44.54 8.67
CA ASN D 143 -14.79 44.96 9.92
C ASN D 143 -16.24 45.37 9.71
N GLU D 144 -16.56 45.93 8.55
CA GLU D 144 -17.95 46.28 8.26
C GLU D 144 -18.78 45.05 7.91
N LEU D 145 -18.18 44.10 7.17
CA LEU D 145 -18.89 42.87 6.86
C LEU D 145 -19.21 42.07 8.12
N GLU D 146 -18.33 42.14 9.12
CA GLU D 146 -18.60 41.47 10.39
C GLU D 146 -19.81 42.08 11.10
N LYS D 147 -19.92 43.41 11.07
CA LYS D 147 -21.07 44.08 11.67
C LYS D 147 -22.37 43.64 11.00
N ILE D 148 -22.34 43.49 9.66
CA ILE D 148 -23.54 43.05 8.95
C ILE D 148 -23.91 41.63 9.35
N THR D 149 -22.91 40.75 9.43
CA THR D 149 -23.19 39.34 9.69
C THR D 149 -23.73 39.12 11.10
N ARG D 150 -23.22 39.86 12.08
CA ARG D 150 -23.66 39.67 13.46
C ARG D 150 -25.08 40.21 13.66
N ARG D 151 -25.34 41.44 13.20
CA ARG D 151 -26.68 42.00 13.33
C ARG D 151 -27.71 41.20 12.54
N PHE D 152 -27.31 40.65 11.39
CA PHE D 152 -28.20 39.79 10.62
C PHE D 152 -28.53 38.51 11.40
N THR D 153 -27.55 37.99 12.16
CA THR D 153 -27.79 36.76 12.91
C THR D 153 -28.73 37.01 14.09
N MET D 154 -28.58 38.14 14.78
CA MET D 154 -29.44 38.42 15.92
C MET D 154 -30.87 38.69 15.48
N GLU D 155 -31.04 39.34 14.32
CA GLU D 155 -32.39 39.59 13.83
C GLU D 155 -33.07 38.30 13.38
N LEU D 156 -32.30 37.36 12.83
CA LEU D 156 -32.88 36.07 12.47
C LEU D 156 -33.18 35.22 13.69
N ALA D 157 -32.35 35.31 14.73
CA ALA D 157 -32.56 34.50 15.93
C ALA D 157 -33.80 34.94 16.69
N LYS D 158 -34.04 36.24 16.76
CA LYS D 158 -35.20 36.74 17.49
C LYS D 158 -36.51 36.43 16.79
N LYS D 159 -36.48 36.21 15.47
CA LYS D 159 -37.66 35.88 14.69
C LYS D 159 -37.74 34.40 14.35
N GLY D 160 -36.94 33.56 15.00
CA GLY D 160 -36.99 32.13 14.77
C GLY D 160 -36.55 31.69 13.38
N PHE D 161 -35.54 32.34 12.82
CA PHE D 161 -35.03 31.98 11.50
C PHE D 161 -33.59 31.51 11.54
N ILE D 162 -33.06 31.20 12.73
CA ILE D 162 -31.78 30.51 12.87
C ILE D 162 -31.76 29.86 14.24
N GLY D 163 -31.29 28.62 14.28
CA GLY D 163 -31.22 27.87 15.52
C GLY D 163 -30.84 26.42 15.28
N PRO D 164 -30.26 25.77 16.28
CA PRO D 164 -29.84 24.37 16.12
C PRO D 164 -30.99 23.45 15.72
N GLY D 165 -32.17 23.64 16.32
CA GLY D 165 -33.35 22.89 15.94
C GLY D 165 -34.38 23.67 15.16
N VAL D 166 -34.08 24.90 14.75
CA VAL D 166 -35.02 25.76 14.02
C VAL D 166 -34.58 25.95 12.57
N ASP D 167 -33.41 26.56 12.35
CA ASP D 167 -32.92 26.84 11.01
C ASP D 167 -31.41 26.92 11.07
N VAL D 168 -30.74 26.14 10.22
CA VAL D 168 -29.28 26.06 10.22
C VAL D 168 -28.75 26.61 8.90
N PRO D 169 -28.32 27.87 8.85
CA PRO D 169 -27.80 28.43 7.59
C PRO D 169 -26.49 27.82 7.14
N ALA D 170 -25.95 28.32 6.03
CA ALA D 170 -24.79 27.75 5.37
C ALA D 170 -24.19 28.82 4.46
N PRO D 171 -22.97 28.62 3.98
CA PRO D 171 -22.39 29.59 3.05
C PRO D 171 -23.06 29.53 1.68
N ASP D 172 -22.82 30.58 0.89
CA ASP D 172 -23.26 30.63 -0.50
C ASP D 172 -22.40 31.62 -1.28
N MET D 173 -23.04 32.42 -2.15
CA MET D 173 -22.28 33.32 -3.01
C MET D 173 -21.70 34.47 -2.19
N ASN D 174 -20.40 34.72 -2.37
CA ASN D 174 -19.67 35.77 -1.65
C ASN D 174 -19.83 35.62 -0.15
N THR D 175 -19.80 34.38 0.32
CA THR D 175 -19.93 34.08 1.74
C THR D 175 -19.22 32.76 2.01
N GLY D 176 -18.27 32.77 2.94
CA GLY D 176 -17.49 31.58 3.23
C GLY D 176 -17.45 31.23 4.70
N GLU D 177 -16.42 30.48 5.11
CA GLU D 177 -16.30 30.07 6.50
C GLU D 177 -16.10 31.24 7.45
N ARG D 178 -15.63 32.38 6.93
CA ARG D 178 -15.45 33.55 7.77
C ARG D 178 -16.78 34.06 8.31
N GLU D 179 -17.77 34.18 7.43
CA GLU D 179 -19.10 34.66 7.87
C GLU D 179 -19.78 33.65 8.79
N MET D 180 -19.55 32.36 8.56
CA MET D 180 -20.20 31.34 9.40
C MET D 180 -19.63 31.35 10.81
N SER D 181 -18.33 31.59 10.96
CA SER D 181 -17.76 31.73 12.30
C SER D 181 -18.37 32.90 13.03
N TRP D 182 -18.63 34.01 12.33
CA TRP D 182 -19.29 35.15 12.94
C TRP D 182 -20.73 34.81 13.32
N ILE D 183 -21.42 34.05 12.47
CA ILE D 183 -22.80 33.66 12.77
C ILE D 183 -22.85 32.78 14.01
N ALA D 184 -21.97 31.79 14.08
CA ALA D 184 -21.97 30.86 15.21
C ALA D 184 -21.62 31.58 16.50
N ASP D 185 -20.58 32.42 16.47
CA ASP D 185 -20.15 33.12 17.68
C ASP D 185 -21.23 34.08 18.17
N THR D 186 -21.95 34.72 17.24
CA THR D 186 -22.98 35.67 17.65
C THR D 186 -24.16 34.96 18.30
N TYR D 187 -24.58 33.82 17.74
CA TYR D 187 -25.72 33.10 18.30
C TYR D 187 -25.39 32.54 19.69
N ALA D 188 -24.20 31.94 19.83
CA ALA D 188 -23.82 31.37 21.12
C ALA D 188 -23.54 32.44 22.16
N SER D 189 -23.22 33.66 21.75
CA SER D 189 -22.89 34.71 22.70
C SER D 189 -24.12 35.43 23.25
N THR D 190 -25.25 35.35 22.55
CA THR D 190 -26.41 36.14 22.95
C THR D 190 -27.65 35.28 23.17
N ILE D 191 -28.44 35.08 22.10
CA ILE D 191 -29.73 34.41 22.25
C ILE D 191 -29.56 32.95 22.65
N GLY D 192 -28.57 32.27 22.08
CA GLY D 192 -28.37 30.87 22.35
C GLY D 192 -27.28 30.58 23.36
N HIS D 193 -27.14 31.44 24.37
CA HIS D 193 -26.09 31.24 25.36
C HIS D 193 -26.34 30.00 26.21
N TYR D 194 -27.61 29.68 26.48
CA TYR D 194 -27.95 28.52 27.29
C TYR D 194 -28.11 27.25 26.47
N ASP D 195 -28.05 27.33 25.15
CA ASP D 195 -28.13 26.16 24.29
C ASP D 195 -26.79 25.44 24.28
N ILE D 196 -26.78 24.17 24.68
CA ILE D 196 -25.56 23.38 24.67
C ILE D 196 -25.09 23.11 23.25
N ASN D 197 -26.00 23.14 22.27
CA ASN D 197 -25.67 22.92 20.86
C ASN D 197 -25.74 24.22 20.07
N ALA D 198 -25.38 25.35 20.69
CA ALA D 198 -25.48 26.63 20.02
C ALA D 198 -24.62 26.68 18.77
N HIS D 199 -23.45 26.05 18.79
CA HIS D 199 -22.57 26.06 17.64
C HIS D 199 -23.07 25.18 16.51
N ALA D 200 -24.13 24.41 16.72
CA ALA D 200 -24.79 23.66 15.66
C ALA D 200 -25.80 24.51 14.88
N CYS D 201 -25.84 25.81 15.14
CA CYS D 201 -26.80 26.69 14.49
C CYS D 201 -26.41 27.07 13.07
N VAL D 202 -25.21 26.70 12.61
CA VAL D 202 -24.76 27.05 11.28
C VAL D 202 -23.64 26.09 10.89
N THR D 203 -23.56 25.77 9.61
CA THR D 203 -22.53 24.88 9.07
C THR D 203 -21.56 25.68 8.20
N GLY D 204 -20.60 24.97 7.62
CA GLY D 204 -19.56 25.64 6.86
C GLY D 204 -18.58 26.42 7.70
N LYS D 205 -18.54 26.16 9.01
CA LYS D 205 -17.65 26.88 9.91
C LYS D 205 -16.22 26.38 9.76
N PRO D 206 -15.23 27.16 10.20
CA PRO D 206 -13.86 26.66 10.24
C PRO D 206 -13.73 25.49 11.21
N ILE D 207 -12.65 24.73 11.04
CA ILE D 207 -12.43 23.55 11.88
C ILE D 207 -12.31 23.96 13.35
N SER D 208 -11.62 25.07 13.61
CA SER D 208 -11.44 25.55 14.97
C SER D 208 -12.75 26.01 15.61
N GLN D 209 -13.76 26.30 14.79
CA GLN D 209 -15.05 26.78 15.29
C GLN D 209 -16.12 25.70 15.32
N GLY D 210 -15.79 24.48 14.90
CA GLY D 210 -16.76 23.40 14.93
C GLY D 210 -17.02 22.79 13.57
N GLY D 211 -16.25 23.20 12.57
CA GLY D 211 -16.41 22.69 11.23
C GLY D 211 -16.02 21.22 11.12
N ILE D 212 -16.44 20.61 10.02
CA ILE D 212 -16.17 19.20 9.76
C ILE D 212 -15.12 19.09 8.64
N HIS D 213 -14.29 18.06 8.75
CA HIS D 213 -13.26 17.84 7.75
C HIS D 213 -13.87 17.23 6.49
N GLY D 214 -13.32 17.61 5.34
CA GLY D 214 -13.85 17.17 4.07
C GLY D 214 -14.98 18.02 3.53
N ARG D 215 -15.21 19.21 4.09
CA ARG D 215 -16.28 20.06 3.61
C ARG D 215 -15.87 20.85 2.37
N ILE D 216 -14.59 21.17 2.24
CA ILE D 216 -14.14 22.00 1.12
C ILE D 216 -14.34 21.26 -0.20
N SER D 217 -14.10 19.95 -0.21
CA SER D 217 -14.25 19.14 -1.41
C SER D 217 -15.61 18.44 -1.48
N ALA D 218 -16.54 18.79 -0.59
CA ALA D 218 -17.78 18.03 -0.46
C ALA D 218 -18.58 18.04 -1.76
N THR D 219 -18.87 19.23 -2.28
CA THR D 219 -19.67 19.33 -3.50
C THR D 219 -18.95 18.72 -4.70
N GLY D 220 -17.62 18.78 -4.71
CA GLY D 220 -16.86 18.22 -5.83
C GLY D 220 -17.03 16.72 -5.96
N ARG D 221 -16.99 15.99 -4.84
CA ARG D 221 -17.16 14.55 -4.89
C ARG D 221 -18.58 14.18 -5.29
N GLY D 222 -19.58 14.90 -4.75
CA GLY D 222 -20.95 14.61 -5.12
C GLY D 222 -21.19 14.70 -6.60
N VAL D 223 -20.59 15.69 -7.26
CA VAL D 223 -20.66 15.78 -8.71
C VAL D 223 -19.99 14.56 -9.34
N PHE D 224 -18.82 14.18 -8.83
CA PHE D 224 -18.12 13.03 -9.38
C PHE D 224 -18.87 11.73 -9.06
N HIS D 225 -19.30 11.56 -7.81
CA HIS D 225 -19.98 10.33 -7.42
C HIS D 225 -21.29 10.14 -8.16
N GLY D 226 -21.98 11.24 -8.49
CA GLY D 226 -23.21 11.12 -9.24
C GLY D 226 -22.98 10.70 -10.68
N ILE D 227 -21.94 11.24 -11.32
CA ILE D 227 -21.59 10.80 -12.67
C ILE D 227 -21.11 9.36 -12.65
N GLU D 228 -20.31 9.00 -11.65
CA GLU D 228 -19.78 7.64 -11.56
C GLU D 228 -20.90 6.62 -11.43
N ASN D 229 -21.96 6.96 -10.70
CA ASN D 229 -23.07 6.02 -10.52
C ASN D 229 -23.82 5.79 -11.82
N PHE D 230 -23.82 6.77 -12.73
CA PHE D 230 -24.50 6.63 -14.00
C PHE D 230 -23.55 6.30 -15.16
N ILE D 231 -22.26 6.57 -15.00
CA ILE D 231 -21.30 6.19 -16.04
C ILE D 231 -21.03 4.69 -16.01
N ASN D 232 -21.32 4.02 -14.89
CA ASN D 232 -21.10 2.59 -14.77
C ASN D 232 -22.36 1.77 -14.97
N GLU D 233 -23.53 2.41 -15.08
CA GLU D 233 -24.77 1.71 -15.34
C GLU D 233 -24.90 1.49 -16.85
N ALA D 234 -24.69 0.24 -17.28
CA ALA D 234 -24.70 -0.06 -18.70
C ALA D 234 -26.07 0.16 -19.35
N SER D 235 -27.14 0.14 -18.56
CA SER D 235 -28.47 0.37 -19.12
C SER D 235 -28.63 1.79 -19.64
N TYR D 236 -27.97 2.77 -19.00
CA TYR D 236 -28.03 4.15 -19.46
C TYR D 236 -26.93 4.48 -20.46
N MET D 237 -25.76 3.85 -20.34
CA MET D 237 -24.67 4.13 -21.26
C MET D 237 -24.94 3.57 -22.65
N SER D 238 -25.69 2.47 -22.73
CA SER D 238 -26.01 1.89 -24.04
C SER D 238 -27.01 2.77 -24.79
N ILE D 239 -27.94 3.40 -24.07
CA ILE D 239 -28.88 4.32 -24.72
C ILE D 239 -28.15 5.52 -25.30
N LEU D 240 -27.21 6.10 -24.53
CA LEU D 240 -26.41 7.20 -25.01
C LEU D 240 -25.38 6.77 -26.05
N GLY D 241 -25.17 5.47 -26.23
CA GLY D 241 -24.19 4.97 -27.17
C GLY D 241 -22.76 5.22 -26.71
N MET D 242 -22.44 4.75 -25.50
CA MET D 242 -21.11 4.92 -24.93
C MET D 242 -20.74 3.69 -24.13
N THR D 243 -19.44 3.52 -23.94
CA THR D 243 -18.93 2.39 -23.16
C THR D 243 -18.98 2.73 -21.67
N PRO D 244 -19.48 1.84 -20.82
CA PRO D 244 -19.50 2.12 -19.38
C PRO D 244 -18.10 2.33 -18.83
N GLY D 245 -17.99 3.26 -17.89
CA GLY D 245 -16.72 3.58 -17.26
C GLY D 245 -16.21 4.94 -17.67
N PHE D 246 -15.20 5.40 -16.94
CA PHE D 246 -14.58 6.70 -17.19
C PHE D 246 -13.41 6.62 -18.17
N ARG D 247 -12.95 5.42 -18.51
CA ARG D 247 -11.82 5.28 -19.42
C ARG D 247 -12.22 5.74 -20.83
N ASP D 248 -11.35 6.53 -21.45
CA ASP D 248 -11.56 7.08 -22.79
C ASP D 248 -12.63 8.15 -22.83
N LYS D 249 -13.07 8.66 -21.68
CA LYS D 249 -14.11 9.67 -21.62
C LYS D 249 -13.48 11.06 -21.52
N THR D 250 -14.14 12.04 -22.15
CA THR D 250 -13.71 13.42 -22.11
C THR D 250 -14.81 14.29 -21.52
N PHE D 251 -14.41 15.32 -20.79
CA PHE D 251 -15.36 16.22 -20.16
C PHE D 251 -14.79 17.63 -20.13
N VAL D 252 -15.67 18.61 -20.19
CA VAL D 252 -15.31 20.02 -20.08
C VAL D 252 -16.07 20.63 -18.92
N VAL D 253 -15.47 21.63 -18.28
CA VAL D 253 -16.00 22.26 -17.08
C VAL D 253 -16.27 23.72 -17.37
N GLN D 254 -17.47 24.18 -17.01
CA GLN D 254 -17.85 25.58 -17.11
C GLN D 254 -17.79 26.20 -15.72
N GLY D 255 -16.84 27.10 -15.51
CA GLY D 255 -16.66 27.72 -14.22
C GLY D 255 -15.67 26.98 -13.36
N PHE D 256 -14.49 27.56 -13.16
CA PHE D 256 -13.43 26.94 -12.36
C PHE D 256 -13.49 27.36 -10.90
N GLY D 257 -14.69 27.40 -10.32
CA GLY D 257 -14.86 27.70 -8.91
C GLY D 257 -14.56 26.49 -8.05
N ASN D 258 -15.11 26.51 -6.84
CA ASN D 258 -14.89 25.40 -5.92
C ASN D 258 -15.48 24.11 -6.44
N VAL D 259 -16.66 24.17 -7.04
CA VAL D 259 -17.31 22.97 -7.55
C VAL D 259 -16.60 22.46 -8.79
N GLY D 260 -16.28 23.36 -9.73
CA GLY D 260 -15.62 22.93 -10.95
C GLY D 260 -14.21 22.44 -10.74
N LEU D 261 -13.52 22.97 -9.73
CA LEU D 261 -12.13 22.57 -9.49
C LEU D 261 -12.06 21.12 -9.01
N HIS D 262 -12.79 20.79 -7.94
CA HIS D 262 -12.72 19.44 -7.40
C HIS D 262 -13.37 18.42 -8.31
N SER D 263 -14.38 18.82 -9.09
CA SER D 263 -14.97 17.92 -10.06
C SER D 263 -13.95 17.49 -11.11
N MET D 264 -13.16 18.45 -11.61
CA MET D 264 -12.10 18.13 -12.55
C MET D 264 -11.00 17.30 -11.87
N ARG D 265 -10.76 17.53 -10.58
CA ARG D 265 -9.71 16.80 -9.88
C ARG D 265 -10.08 15.33 -9.71
N TYR D 266 -11.33 15.04 -9.34
CA TYR D 266 -11.71 13.67 -9.03
C TYR D 266 -12.03 12.85 -10.27
N LEU D 267 -12.58 13.47 -11.31
CA LEU D 267 -12.83 12.75 -12.55
C LEU D 267 -11.52 12.40 -13.25
N HIS D 268 -10.57 13.35 -13.27
CA HIS D 268 -9.26 13.06 -13.86
C HIS D 268 -8.54 11.96 -13.10
N ARG D 269 -8.82 11.83 -11.79
CA ARG D 269 -8.18 10.79 -10.99
C ARG D 269 -8.64 9.39 -11.41
N PHE D 270 -9.90 9.27 -11.84
CA PHE D 270 -10.48 7.96 -12.16
C PHE D 270 -10.51 7.68 -13.66
N GLY D 271 -9.67 8.36 -14.44
CA GLY D 271 -9.49 8.05 -15.85
C GLY D 271 -10.04 9.06 -16.82
N ALA D 272 -10.96 9.92 -16.39
CA ALA D 272 -11.54 10.91 -17.29
C ALA D 272 -10.50 11.94 -17.69
N LYS D 273 -10.73 12.59 -18.83
CA LYS D 273 -9.80 13.55 -19.39
C LYS D 273 -10.51 14.89 -19.55
N CYS D 274 -9.95 15.93 -18.94
CA CYS D 274 -10.48 17.28 -19.06
C CYS D 274 -9.84 17.97 -20.26
N ILE D 275 -10.66 18.32 -21.25
CA ILE D 275 -10.16 18.88 -22.51
C ILE D 275 -10.52 20.33 -22.68
N ALA D 276 -11.28 20.93 -21.76
CA ALA D 276 -11.62 22.34 -21.87
C ALA D 276 -12.11 22.86 -20.53
N VAL D 277 -11.68 24.07 -20.18
CA VAL D 277 -12.12 24.77 -18.98
C VAL D 277 -12.40 26.21 -19.35
N GLY D 278 -13.52 26.75 -18.89
CA GLY D 278 -13.93 28.09 -19.27
C GLY D 278 -14.60 28.82 -18.12
N GLU D 279 -14.39 30.13 -18.10
CA GLU D 279 -15.00 30.99 -17.10
C GLU D 279 -15.68 32.14 -17.82
N SER D 280 -15.95 33.23 -17.10
CA SER D 280 -16.63 34.38 -17.68
C SER D 280 -15.71 35.24 -18.54
N ASP D 281 -14.39 35.10 -18.39
CA ASP D 281 -13.44 35.91 -19.12
C ASP D 281 -12.75 35.16 -20.26
N GLY D 282 -13.13 33.93 -20.52
CA GLY D 282 -12.55 33.17 -21.60
C GLY D 282 -12.51 31.70 -21.26
N SER D 283 -12.05 30.92 -22.24
CA SER D 283 -11.98 29.47 -22.11
C SER D 283 -10.65 28.97 -22.65
N ILE D 284 -10.26 27.79 -22.21
CA ILE D 284 -9.06 27.12 -22.68
C ILE D 284 -9.46 25.75 -23.22
N TRP D 285 -8.57 25.18 -24.05
CA TRP D 285 -8.86 23.92 -24.72
C TRP D 285 -7.57 23.15 -24.92
N ASN D 286 -7.67 21.83 -24.84
CA ASN D 286 -6.55 20.93 -25.06
C ASN D 286 -7.06 19.51 -25.26
N PRO D 287 -7.07 18.99 -26.49
CA PRO D 287 -7.63 17.65 -26.72
C PRO D 287 -6.84 16.53 -26.05
N ASP D 288 -5.56 16.76 -25.74
CA ASP D 288 -4.77 15.76 -25.05
C ASP D 288 -5.00 15.75 -23.54
N GLY D 289 -5.66 16.77 -23.00
CA GLY D 289 -5.96 16.81 -21.58
C GLY D 289 -5.33 17.96 -20.84
N ILE D 290 -5.96 18.37 -19.74
CA ILE D 290 -5.48 19.44 -18.88
C ILE D 290 -5.29 18.87 -17.48
N ASP D 291 -4.19 19.24 -16.84
CA ASP D 291 -3.90 18.73 -15.50
C ASP D 291 -4.65 19.56 -14.46
N PRO D 292 -5.41 18.93 -13.57
CA PRO D 292 -6.12 19.71 -12.54
C PRO D 292 -5.18 20.43 -11.58
N LYS D 293 -4.06 19.81 -11.21
CA LYS D 293 -3.13 20.45 -10.29
C LYS D 293 -2.46 21.65 -10.95
N GLU D 294 -2.08 21.53 -12.22
CA GLU D 294 -1.44 22.65 -12.91
C GLU D 294 -2.41 23.81 -13.10
N LEU D 295 -3.68 23.51 -13.39
CA LEU D 295 -4.66 24.57 -13.61
C LEU D 295 -5.06 25.23 -12.29
N GLU D 296 -5.13 24.46 -11.20
CA GLU D 296 -5.47 25.05 -9.92
C GLU D 296 -4.38 26.01 -9.45
N ASP D 297 -3.12 25.61 -9.57
CA ASP D 297 -2.02 26.50 -9.21
C ASP D 297 -1.98 27.72 -10.12
N PHE D 298 -2.28 27.53 -11.42
CA PHE D 298 -2.33 28.66 -12.34
C PHE D 298 -3.44 29.62 -11.98
N LYS D 299 -4.59 29.08 -11.56
CA LYS D 299 -5.71 29.94 -11.15
C LYS D 299 -5.39 30.70 -9.87
N LEU D 300 -4.60 30.10 -8.97
CA LEU D 300 -4.27 30.77 -7.72
C LEU D 300 -3.26 31.88 -7.94
N GLN D 301 -2.36 31.74 -8.93
CA GLN D 301 -1.31 32.71 -9.13
C GLN D 301 -1.81 34.00 -9.76
N HIS D 302 -2.64 33.89 -10.80
CA HIS D 302 -3.09 35.06 -11.56
C HIS D 302 -4.58 35.31 -11.45
N GLY D 303 -5.31 34.56 -10.63
CA GLY D 303 -6.73 34.79 -10.46
C GLY D 303 -7.60 34.46 -11.64
N SER D 304 -7.05 33.83 -12.68
CA SER D 304 -7.82 33.47 -13.86
C SER D 304 -7.12 32.32 -14.57
N ILE D 305 -7.85 31.70 -15.50
CA ILE D 305 -7.29 30.62 -16.31
C ILE D 305 -6.76 31.12 -17.64
N LEU D 306 -6.93 32.41 -17.94
CA LEU D 306 -6.49 32.95 -19.22
C LEU D 306 -4.97 32.91 -19.31
N GLY D 307 -4.46 32.45 -20.46
CA GLY D 307 -3.03 32.36 -20.66
C GLY D 307 -2.38 31.10 -20.11
N PHE D 308 -3.15 30.06 -19.88
CA PHE D 308 -2.58 28.80 -19.40
C PHE D 308 -1.67 28.23 -20.47
N PRO D 309 -0.41 27.89 -20.14
CA PRO D 309 0.53 27.48 -21.19
C PRO D 309 0.14 26.19 -21.90
N LYS D 310 -0.23 25.15 -21.15
CA LYS D 310 -0.52 23.83 -21.70
C LYS D 310 -1.93 23.72 -22.26
N ALA D 311 -2.51 24.83 -22.72
CA ALA D 311 -3.83 24.82 -23.32
C ALA D 311 -3.98 26.04 -24.22
N LYS D 312 -4.67 25.85 -25.34
CA LYS D 312 -4.91 26.95 -26.26
C LYS D 312 -6.23 27.63 -25.95
N PRO D 313 -6.36 28.92 -26.26
CA PRO D 313 -7.65 29.59 -26.07
C PRO D 313 -8.74 28.99 -26.95
N TYR D 314 -9.96 29.01 -26.44
CA TYR D 314 -11.13 28.50 -27.16
C TYR D 314 -12.11 29.64 -27.33
N GLU D 315 -12.29 30.08 -28.59
CA GLU D 315 -13.12 31.25 -28.85
C GLU D 315 -14.61 30.92 -28.81
N GLY D 316 -15.00 29.73 -29.24
CA GLY D 316 -16.39 29.34 -29.23
C GLY D 316 -16.93 29.17 -27.82
N SER D 317 -18.22 28.85 -27.75
CA SER D 317 -18.86 28.62 -26.47
C SER D 317 -18.41 27.29 -25.88
N ILE D 318 -18.12 27.29 -24.57
CA ILE D 318 -17.68 26.07 -23.91
C ILE D 318 -18.79 25.03 -23.82
N LEU D 319 -20.05 25.46 -23.87
CA LEU D 319 -21.17 24.53 -23.77
C LEU D 319 -21.35 23.68 -25.02
N GLU D 320 -20.69 24.02 -26.12
CA GLU D 320 -20.84 23.30 -27.37
C GLU D 320 -19.54 22.65 -27.83
N VAL D 321 -18.63 22.37 -26.89
CA VAL D 321 -17.37 21.69 -27.22
C VAL D 321 -17.64 20.21 -27.41
N ASP D 322 -16.97 19.62 -28.40
CA ASP D 322 -17.10 18.18 -28.64
C ASP D 322 -16.49 17.41 -27.48
N CYS D 323 -17.32 16.67 -26.75
CA CYS D 323 -16.89 15.89 -25.60
C CYS D 323 -18.00 14.91 -25.25
N ASP D 324 -17.78 14.14 -24.18
CA ASP D 324 -18.77 13.20 -23.69
C ASP D 324 -19.62 13.80 -22.58
N ILE D 325 -18.97 14.39 -21.58
CA ILE D 325 -19.65 14.95 -20.41
C ILE D 325 -19.42 16.46 -20.40
N LEU D 326 -20.43 17.20 -19.95
CA LEU D 326 -20.32 18.64 -19.77
C LEU D 326 -20.84 18.99 -18.39
N ILE D 327 -20.04 19.75 -17.63
CA ILE D 327 -20.37 20.05 -16.24
C ILE D 327 -20.60 21.55 -16.07
N PRO D 328 -21.84 22.03 -16.17
CA PRO D 328 -22.11 23.42 -15.79
C PRO D 328 -21.95 23.63 -14.29
N ALA D 329 -20.80 24.15 -13.88
CA ALA D 329 -20.49 24.39 -12.47
C ALA D 329 -20.31 25.88 -12.19
N ALA D 330 -21.13 26.70 -12.83
CA ALA D 330 -21.01 28.15 -12.68
C ALA D 330 -22.34 28.80 -12.34
N THR D 331 -22.86 29.62 -13.25
CA THR D 331 -24.00 30.47 -12.95
C THR D 331 -25.30 29.80 -13.39
N GLU D 332 -26.34 30.59 -13.63
CA GLU D 332 -27.70 30.12 -13.80
C GLU D 332 -28.12 30.21 -15.27
N LYS D 333 -28.93 29.23 -15.69
CA LYS D 333 -29.58 29.24 -17.01
C LYS D 333 -28.56 29.41 -18.14
N GLN D 334 -27.55 28.55 -18.14
CA GLN D 334 -26.53 28.61 -19.17
C GLN D 334 -26.89 27.82 -20.42
N LEU D 335 -27.62 26.71 -20.26
CA LEU D 335 -28.06 25.88 -21.38
C LEU D 335 -29.55 26.13 -21.58
N THR D 336 -29.87 26.92 -22.60
CA THR D 336 -31.25 27.30 -22.90
C THR D 336 -31.70 26.65 -24.20
N LYS D 337 -32.91 27.01 -24.65
CA LYS D 337 -33.47 26.47 -25.88
C LYS D 337 -32.68 26.91 -27.11
N SER D 338 -31.93 28.02 -27.02
CA SER D 338 -31.21 28.52 -28.18
C SER D 338 -30.00 27.66 -28.51
N ASN D 339 -29.20 27.33 -27.49
CA ASN D 339 -27.96 26.58 -27.70
C ASN D 339 -28.10 25.09 -27.41
N ALA D 340 -29.30 24.63 -27.06
CA ALA D 340 -29.49 23.21 -26.79
C ALA D 340 -29.24 22.32 -28.01
N PRO D 341 -29.72 22.64 -29.22
CA PRO D 341 -29.46 21.74 -30.36
C PRO D 341 -28.00 21.68 -30.80
N ARG D 342 -27.11 22.46 -30.19
CA ARG D 342 -25.70 22.45 -30.56
C ARG D 342 -24.81 21.78 -29.52
N VAL D 343 -25.39 21.23 -28.45
CA VAL D 343 -24.60 20.60 -27.40
C VAL D 343 -24.06 19.27 -27.94
N LYS D 344 -22.73 19.15 -27.98
CA LYS D 344 -22.09 17.94 -28.47
C LYS D 344 -21.95 16.87 -27.40
N ALA D 345 -22.03 17.23 -26.12
CA ALA D 345 -21.87 16.26 -25.05
C ALA D 345 -23.10 15.36 -24.96
N LYS D 346 -22.88 14.16 -24.42
CA LYS D 346 -23.96 13.19 -24.23
C LYS D 346 -24.53 13.18 -22.83
N ILE D 347 -23.73 13.55 -21.82
CA ILE D 347 -24.17 13.64 -20.44
C ILE D 347 -23.90 15.05 -19.96
N ILE D 348 -24.94 15.73 -19.47
CA ILE D 348 -24.84 17.06 -18.91
C ILE D 348 -24.98 16.93 -17.40
N ALA D 349 -23.89 17.11 -16.68
CA ALA D 349 -23.85 16.94 -15.23
C ALA D 349 -23.97 18.32 -14.57
N GLU D 350 -25.16 18.63 -14.09
CA GLU D 350 -25.43 19.94 -13.49
C GLU D 350 -24.69 20.06 -12.17
N GLY D 351 -23.53 20.72 -12.18
CA GLY D 351 -22.80 20.98 -10.97
C GLY D 351 -23.13 22.35 -10.40
N ALA D 352 -24.31 22.87 -10.78
CA ALA D 352 -24.78 24.15 -10.30
C ALA D 352 -26.30 24.10 -10.19
N ASN D 353 -26.86 25.07 -9.49
CA ASN D 353 -28.30 25.11 -9.23
C ASN D 353 -29.01 25.68 -10.45
N GLY D 354 -29.80 24.85 -11.12
CA GLY D 354 -30.61 25.26 -12.26
C GLY D 354 -29.84 25.91 -13.39
N PRO D 355 -28.96 25.18 -14.05
CA PRO D 355 -28.26 25.70 -15.24
C PRO D 355 -28.90 25.34 -16.57
N THR D 356 -30.04 24.64 -16.56
CA THR D 356 -30.70 24.20 -17.78
C THR D 356 -32.17 24.56 -17.69
N THR D 357 -32.62 25.42 -18.60
CA THR D 357 -34.02 25.81 -18.64
C THR D 357 -34.89 24.62 -19.06
N PRO D 358 -36.17 24.62 -18.68
CA PRO D 358 -37.04 23.49 -19.05
C PRO D 358 -37.12 23.25 -20.54
N GLU D 359 -37.07 24.30 -21.36
CA GLU D 359 -37.13 24.11 -22.81
C GLU D 359 -35.90 23.37 -23.32
N ALA D 360 -34.74 23.61 -22.71
CA ALA D 360 -33.54 22.86 -23.09
C ALA D 360 -33.62 21.41 -22.64
N ASP D 361 -34.25 21.15 -21.49
CA ASP D 361 -34.44 19.77 -21.05
C ASP D 361 -35.34 19.00 -22.01
N LYS D 362 -36.30 19.68 -22.64
CA LYS D 362 -37.15 19.03 -23.63
C LYS D 362 -36.35 18.64 -24.86
N ILE D 363 -35.37 19.47 -25.25
CA ILE D 363 -34.57 19.17 -26.43
C ILE D 363 -33.57 18.04 -26.13
N PHE D 364 -32.98 18.06 -24.93
CA PHE D 364 -31.99 17.04 -24.59
C PHE D 364 -32.63 15.65 -24.50
N LEU D 365 -33.93 15.58 -24.21
CA LEU D 365 -34.61 14.30 -24.24
C LEU D 365 -34.79 13.82 -25.68
N GLU D 366 -35.15 14.72 -26.58
CA GLU D 366 -35.29 14.37 -27.99
C GLU D 366 -33.95 14.00 -28.61
N ARG D 367 -32.85 14.55 -28.08
CA ARG D 367 -31.52 14.27 -28.59
C ARG D 367 -30.83 13.11 -27.87
N ASN D 368 -31.54 12.44 -26.95
CA ASN D 368 -30.98 11.33 -26.18
C ASN D 368 -29.72 11.77 -25.43
N ILE D 369 -29.83 12.89 -24.71
CA ILE D 369 -28.75 13.44 -23.92
C ILE D 369 -29.17 13.39 -22.47
N LEU D 370 -28.45 12.59 -21.67
CA LEU D 370 -28.81 12.40 -20.27
C LEU D 370 -28.36 13.61 -19.46
N VAL D 371 -29.31 14.30 -18.85
CA VAL D 371 -29.04 15.44 -17.99
C VAL D 371 -29.26 14.98 -16.55
N ILE D 372 -28.16 14.88 -15.79
CA ILE D 372 -28.24 14.54 -14.37
C ILE D 372 -28.70 15.79 -13.62
N PRO D 373 -29.79 15.72 -12.87
CA PRO D 373 -30.39 16.96 -12.32
C PRO D 373 -29.57 17.54 -11.19
N ASP D 374 -29.82 18.83 -10.93
CA ASP D 374 -29.05 19.55 -9.91
C ASP D 374 -29.45 19.13 -8.50
N LEU D 375 -30.74 18.87 -8.27
CA LEU D 375 -31.21 18.53 -6.94
C LEU D 375 -30.70 17.17 -6.45
N TYR D 376 -29.91 16.46 -7.26
CA TYR D 376 -29.20 15.27 -6.82
C TYR D 376 -27.70 15.42 -6.92
N LEU D 377 -27.19 16.02 -8.00
CA LEU D 377 -25.75 16.14 -8.19
C LEU D 377 -25.16 17.25 -7.31
N ASN D 378 -25.85 18.37 -7.18
CA ASN D 378 -25.39 19.48 -6.35
C ASN D 378 -25.73 19.29 -4.87
N ALA D 379 -25.99 18.06 -4.44
CA ALA D 379 -26.34 17.78 -3.05
C ALA D 379 -25.15 17.25 -2.24
N GLY D 380 -23.95 17.25 -2.83
CA GLY D 380 -22.80 16.73 -2.12
C GLY D 380 -22.45 17.54 -0.89
N GLY D 381 -22.38 18.86 -1.04
CA GLY D 381 -22.10 19.70 0.10
C GLY D 381 -23.22 19.69 1.13
N VAL D 382 -24.47 19.60 0.66
CA VAL D 382 -25.60 19.54 1.58
C VAL D 382 -25.54 18.29 2.44
N THR D 383 -25.16 17.17 1.84
CA THR D 383 -25.01 15.93 2.60
C THR D 383 -23.95 16.08 3.68
N VAL D 384 -22.82 16.71 3.35
CA VAL D 384 -21.77 16.91 4.35
C VAL D 384 -22.18 17.97 5.36
N SER D 385 -22.97 18.96 4.94
CA SER D 385 -23.51 19.92 5.89
C SER D 385 -24.38 19.24 6.94
N TYR D 386 -25.12 18.21 6.51
CA TYR D 386 -25.85 17.39 7.47
C TYR D 386 -24.90 16.69 8.44
N PHE D 387 -23.75 16.23 7.93
CA PHE D 387 -22.76 15.59 8.79
C PHE D 387 -22.12 16.59 9.74
N GLU D 388 -21.94 17.83 9.31
CA GLU D 388 -21.39 18.84 10.20
C GLU D 388 -22.37 19.18 11.32
N TRP D 389 -23.67 19.20 10.99
CA TRP D 389 -24.68 19.44 12.02
C TRP D 389 -24.68 18.33 13.06
N LEU D 390 -24.48 17.07 12.62
CA LEU D 390 -24.43 15.96 13.56
C LEU D 390 -23.17 16.00 14.41
N LYS D 391 -22.04 16.40 13.82
CA LYS D 391 -20.80 16.48 14.56
C LYS D 391 -20.91 17.50 15.70
N ASN D 392 -21.54 18.64 15.45
CA ASN D 392 -21.73 19.63 16.50
C ASN D 392 -22.71 19.15 17.56
N LEU D 393 -23.66 18.29 17.19
CA LEU D 393 -24.54 17.70 18.18
C LEU D 393 -23.84 16.61 18.98
N ASN D 394 -23.02 15.80 18.31
CA ASN D 394 -22.25 14.77 19.00
C ASN D 394 -21.13 15.37 19.85
N HIS D 395 -20.74 16.61 19.58
CA HIS D 395 -19.68 17.31 20.32
C HIS D 395 -18.36 16.57 20.26
N VAL D 396 -18.14 15.83 19.18
CA VAL D 396 -16.89 15.09 18.99
C VAL D 396 -16.77 14.76 17.51
N SER D 397 -15.53 14.75 17.01
CA SER D 397 -15.29 14.43 15.62
C SER D 397 -15.50 12.93 15.39
N TYR D 398 -15.66 12.57 14.12
CA TYR D 398 -15.93 11.18 13.75
C TYR D 398 -14.64 10.38 13.74
N GLY D 399 -14.63 9.28 14.50
CA GLY D 399 -13.47 8.41 14.58
C GLY D 399 -12.59 8.64 15.80
N ARG D 400 -12.74 9.77 16.48
CA ARG D 400 -11.90 10.06 17.65
C ARG D 400 -12.00 8.97 18.70
N LEU D 401 -13.17 8.37 18.87
CA LEU D 401 -13.37 7.32 19.86
C LEU D 401 -13.06 5.92 19.34
N THR D 402 -12.92 5.75 18.02
CA THR D 402 -12.85 4.42 17.44
C THR D 402 -11.68 4.19 16.49
N PHE D 403 -10.94 5.23 16.09
CA PHE D 403 -9.93 5.07 15.05
C PHE D 403 -8.89 4.01 15.42
N LYS D 404 -8.37 4.08 16.64
CA LYS D 404 -7.36 3.10 17.05
C LYS D 404 -7.98 1.76 17.40
N TYR D 405 -9.21 1.74 17.92
CA TYR D 405 -9.87 0.48 18.25
C TYR D 405 -10.06 -0.36 16.99
N GLU D 406 -10.37 0.27 15.86
CA GLU D 406 -10.50 -0.46 14.61
C GLU D 406 -9.15 -0.75 13.99
N ARG D 407 -8.16 0.11 14.22
CA ARG D 407 -6.80 -0.14 13.71
C ARG D 407 -6.20 -1.38 14.36
N ASP D 408 -6.33 -1.51 15.68
CA ASP D 408 -5.84 -2.69 16.37
C ASP D 408 -6.61 -3.94 15.96
N SER D 409 -7.91 -3.81 15.69
CA SER D 409 -8.70 -4.96 15.26
C SER D 409 -8.25 -5.45 13.89
N ASN D 410 -7.95 -4.52 12.97
CA ASN D 410 -7.49 -4.90 11.65
C ASN D 410 -6.16 -5.65 11.73
N TYR D 411 -5.22 -5.13 12.51
CA TYR D 411 -3.94 -5.81 12.67
C TYR D 411 -4.10 -7.12 13.41
N HIS D 412 -5.14 -7.25 14.25
CA HIS D 412 -5.37 -8.50 14.94
C HIS D 412 -5.96 -9.56 14.00
N LEU D 413 -6.77 -9.15 13.04
CA LEU D 413 -7.31 -10.11 12.07
C LEU D 413 -6.23 -10.62 11.14
N LEU D 414 -5.38 -9.73 10.64
CA LEU D 414 -4.30 -10.15 9.75
C LEU D 414 -3.28 -11.00 10.48
N LEU D 415 -2.96 -10.65 11.74
CA LEU D 415 -2.06 -11.47 12.52
C LEU D 415 -2.68 -12.83 12.86
N SER D 416 -4.01 -12.89 12.94
CA SER D 416 -4.68 -14.17 13.18
C SER D 416 -4.55 -15.07 11.96
N VAL D 417 -4.70 -14.52 10.75
CA VAL D 417 -4.51 -15.32 9.54
C VAL D 417 -3.05 -15.69 9.37
N GLN D 418 -2.14 -14.84 9.85
CA GLN D 418 -0.71 -15.13 9.70
C GLN D 418 -0.30 -16.30 10.58
N GLU D 419 -0.66 -16.27 11.86
CA GLU D 419 -0.30 -17.36 12.76
C GLU D 419 -1.05 -18.64 12.42
N SER D 420 -2.27 -18.52 11.91
CA SER D 420 -3.01 -19.72 11.50
C SER D 420 -2.36 -20.37 10.29
N LEU D 421 -1.89 -19.57 9.33
CA LEU D 421 -1.22 -20.13 8.15
C LEU D 421 0.16 -20.66 8.49
N GLU D 422 0.87 -20.00 9.41
CA GLU D 422 2.16 -20.51 9.85
C GLU D 422 2.01 -21.81 10.63
N ARG D 423 0.90 -21.99 11.33
CA ARG D 423 0.66 -23.23 12.06
C ARG D 423 0.39 -24.39 11.10
N LYS D 424 -0.18 -24.10 9.93
CA LYS D 424 -0.56 -25.15 8.98
C LYS D 424 0.54 -25.44 7.97
N PHE D 425 1.17 -24.39 7.41
CA PHE D 425 2.12 -24.57 6.33
C PHE D 425 3.54 -24.14 6.70
N GLY D 426 3.77 -23.63 7.89
CA GLY D 426 5.10 -23.21 8.29
C GLY D 426 5.54 -23.77 9.64
N LYS D 427 5.34 -25.08 9.83
CA LYS D 427 5.63 -25.69 11.11
C LYS D 427 7.13 -25.74 11.43
N HIS D 428 7.98 -25.63 10.40
CA HIS D 428 9.44 -25.76 10.57
C HIS D 428 10.11 -24.57 9.90
N GLY D 429 10.11 -23.43 10.58
CA GLY D 429 10.78 -22.25 10.08
C GLY D 429 10.02 -21.52 8.99
N GLY D 430 10.26 -20.21 8.87
CA GLY D 430 9.60 -19.41 7.87
C GLY D 430 8.32 -18.78 8.35
N THR D 431 8.09 -17.52 7.96
CA THR D 431 6.89 -16.79 8.32
C THR D 431 6.09 -16.48 7.05
N ILE D 432 4.78 -16.40 7.22
CA ILE D 432 3.88 -16.03 6.12
C ILE D 432 3.29 -14.67 6.44
N PRO D 433 3.96 -13.57 6.11
CA PRO D 433 3.51 -12.25 6.56
C PRO D 433 2.22 -11.83 5.85
N ILE D 434 1.23 -11.45 6.65
CA ILE D 434 -0.04 -10.92 6.16
C ILE D 434 -0.03 -9.43 6.49
N VAL D 435 0.23 -8.60 5.48
CA VAL D 435 0.34 -7.16 5.66
C VAL D 435 -0.75 -6.47 4.87
N PRO D 436 -1.16 -5.26 5.25
CA PRO D 436 -2.18 -4.55 4.46
C PRO D 436 -1.63 -4.13 3.10
N THR D 437 -2.56 -3.91 2.18
CA THR D 437 -2.21 -3.41 0.85
C THR D 437 -1.78 -1.95 0.94
N ALA D 438 -1.33 -1.41 -0.20
CA ALA D 438 -0.94 0.00 -0.25
C ALA D 438 -2.13 0.90 0.03
N GLU D 439 -3.29 0.57 -0.52
CA GLU D 439 -4.49 1.37 -0.27
C GLU D 439 -5.01 1.17 1.15
N PHE D 440 -4.84 -0.03 1.71
CA PHE D 440 -5.29 -0.28 3.08
C PHE D 440 -4.36 0.37 4.09
N GLN D 441 -3.04 0.30 3.85
CA GLN D 441 -2.09 0.92 4.76
C GLN D 441 -2.24 2.44 4.77
N ASP D 442 -2.64 3.03 3.64
CA ASP D 442 -2.92 4.46 3.61
C ASP D 442 -4.18 4.79 4.40
N SER D 443 -5.18 3.91 4.33
CA SER D 443 -6.40 4.13 5.10
C SER D 443 -6.17 3.94 6.59
N ILE D 444 -5.18 3.14 6.97
CA ILE D 444 -4.88 2.90 8.37
C ILE D 444 -3.96 3.97 8.93
N SER D 445 -2.86 4.27 8.22
CA SER D 445 -1.92 5.27 8.70
C SER D 445 -2.51 6.67 8.63
N GLY D 446 -3.18 6.99 7.53
CA GLY D 446 -3.81 8.29 7.38
C GLY D 446 -5.31 8.25 7.58
N ALA D 447 -5.75 7.86 8.78
CA ALA D 447 -7.17 7.75 9.10
C ALA D 447 -7.61 9.03 9.80
N SER D 448 -8.45 9.81 9.13
CA SER D 448 -8.96 11.07 9.66
C SER D 448 -10.48 11.10 9.50
N GLU D 449 -11.09 12.08 10.17
CA GLU D 449 -12.54 12.24 10.06
C GLU D 449 -12.96 12.49 8.62
N LYS D 450 -12.10 13.13 7.82
CA LYS D 450 -12.39 13.36 6.41
C LYS D 450 -12.68 12.05 5.68
N ASP D 451 -12.01 10.96 6.06
CA ASP D 451 -12.23 9.69 5.40
C ASP D 451 -13.60 9.11 5.70
N ILE D 452 -14.12 9.34 6.91
CA ILE D 452 -15.46 8.86 7.25
C ILE D 452 -16.52 9.70 6.57
N VAL D 453 -16.28 11.01 6.46
CA VAL D 453 -17.25 11.90 5.84
C VAL D 453 -17.42 11.57 4.36
N HIS D 454 -16.30 11.51 3.63
CA HIS D 454 -16.37 11.25 2.20
C HIS D 454 -16.88 9.86 1.90
N SER D 455 -16.57 8.88 2.76
CA SER D 455 -17.14 7.55 2.60
C SER D 455 -18.65 7.57 2.78
N ALA D 456 -19.14 8.35 3.75
CA ALA D 456 -20.57 8.48 3.97
C ALA D 456 -21.23 9.26 2.83
N LEU D 457 -20.51 10.20 2.23
CA LEU D 457 -21.05 10.93 1.09
C LEU D 457 -21.23 10.01 -0.11
N ALA D 458 -20.24 9.15 -0.39
CA ALA D 458 -20.37 8.20 -1.48
C ALA D 458 -21.51 7.23 -1.22
N TYR D 459 -21.71 6.84 0.04
CA TYR D 459 -22.84 5.98 0.39
C TYR D 459 -24.16 6.68 0.07
N THR D 460 -24.25 7.98 0.36
CA THR D 460 -25.49 8.70 0.09
C THR D 460 -25.72 8.90 -1.40
N MET D 461 -24.67 9.23 -2.14
CA MET D 461 -24.83 9.45 -3.58
C MET D 461 -25.13 8.13 -4.31
N GLU D 462 -24.65 7.01 -3.78
CA GLU D 462 -24.93 5.72 -4.41
C GLU D 462 -26.38 5.29 -4.16
N ARG D 463 -26.84 5.38 -2.91
CA ARG D 463 -28.20 4.96 -2.59
C ARG D 463 -29.22 5.86 -3.26
N SER D 464 -28.99 7.17 -3.27
CA SER D 464 -29.94 8.09 -3.89
C SER D 464 -29.97 7.92 -5.41
N ALA D 465 -28.85 7.54 -6.01
CA ALA D 465 -28.84 7.29 -7.45
C ALA D 465 -29.73 6.09 -7.80
N ARG D 466 -29.64 5.02 -7.02
CA ARG D 466 -30.49 3.85 -7.25
C ARG D 466 -31.96 4.18 -7.01
N GLN D 467 -32.25 5.09 -6.07
CA GLN D 467 -33.62 5.52 -5.87
C GLN D 467 -34.14 6.29 -7.08
N ILE D 468 -33.28 7.08 -7.71
CA ILE D 468 -33.68 7.79 -8.92
C ILE D 468 -33.87 6.81 -10.08
N MET D 469 -32.96 5.85 -10.23
CA MET D 469 -33.09 4.87 -11.29
C MET D 469 -34.35 4.02 -11.14
N HIS D 470 -34.73 3.72 -9.90
CA HIS D 470 -35.92 2.91 -9.67
C HIS D 470 -37.19 3.65 -10.06
N THR D 471 -37.27 4.94 -9.73
CA THR D 471 -38.45 5.72 -10.09
C THR D 471 -38.51 5.97 -11.59
N ALA D 472 -37.35 6.14 -12.23
CA ALA D 472 -37.34 6.38 -13.67
C ALA D 472 -37.91 5.19 -14.44
N MET D 473 -37.44 3.98 -14.12
CA MET D 473 -37.97 2.80 -14.78
C MET D 473 -39.40 2.48 -14.35
N LYS D 474 -39.85 3.04 -13.22
CA LYS D 474 -41.22 2.79 -12.77
C LYS D 474 -42.23 3.55 -13.64
N TYR D 475 -41.95 4.81 -13.94
CA TYR D 475 -42.85 5.64 -14.72
C TYR D 475 -42.41 5.80 -16.17
N ASN D 476 -41.47 4.96 -16.62
CA ASN D 476 -40.99 4.97 -18.02
C ASN D 476 -40.48 6.35 -18.42
N LEU D 477 -39.78 7.01 -17.49
CA LEU D 477 -39.28 8.36 -17.75
C LEU D 477 -38.02 8.37 -18.62
N GLY D 478 -37.34 7.23 -18.75
CA GLY D 478 -36.16 7.16 -19.59
C GLY D 478 -35.00 7.97 -19.06
N LEU D 479 -34.53 8.91 -19.87
CA LEU D 479 -33.41 9.78 -19.47
C LEU D 479 -33.87 11.00 -18.69
N ASP D 480 -35.17 11.13 -18.42
CA ASP D 480 -35.70 12.26 -17.66
C ASP D 480 -35.47 12.00 -16.17
N LEU D 481 -34.22 12.22 -15.76
CA LEU D 481 -33.86 11.98 -14.35
C LEU D 481 -34.42 13.03 -13.43
N ARG D 482 -34.56 14.28 -13.91
CA ARG D 482 -35.08 15.35 -13.06
C ARG D 482 -36.49 15.03 -12.59
N THR D 483 -37.36 14.59 -13.51
CA THR D 483 -38.70 14.19 -13.12
C THR D 483 -38.68 12.98 -12.19
N ALA D 484 -37.71 12.08 -12.38
CA ALA D 484 -37.56 10.96 -11.46
C ALA D 484 -37.15 11.46 -10.07
N ALA D 485 -36.32 12.51 -10.02
CA ALA D 485 -35.86 13.04 -8.75
C ALA D 485 -36.96 13.84 -8.04
N TYR D 486 -37.70 14.66 -8.79
CA TYR D 486 -38.75 15.45 -8.17
C TYR D 486 -39.89 14.56 -7.68
N VAL D 487 -40.20 13.50 -8.43
CA VAL D 487 -41.21 12.54 -7.97
C VAL D 487 -40.73 11.87 -6.69
N ASN D 488 -39.45 11.49 -6.63
CA ASN D 488 -38.90 10.89 -5.42
C ASN D 488 -38.96 11.85 -4.25
N ALA D 489 -38.61 13.11 -4.48
CA ALA D 489 -38.62 14.10 -3.40
C ALA D 489 -40.04 14.41 -2.95
N ILE D 490 -40.96 14.57 -3.90
CA ILE D 490 -42.34 14.87 -3.53
C ILE D 490 -42.95 13.72 -2.75
N GLU D 491 -42.65 12.48 -3.14
CA GLU D 491 -43.18 11.32 -2.43
C GLU D 491 -42.65 11.24 -1.01
N LYS D 492 -41.36 11.55 -0.82
CA LYS D 492 -40.79 11.50 0.52
C LYS D 492 -41.36 12.59 1.41
N VAL D 493 -41.55 13.79 0.87
CA VAL D 493 -42.10 14.89 1.67
C VAL D 493 -43.56 14.64 1.99
N PHE D 494 -44.30 14.04 1.06
CA PHE D 494 -45.72 13.79 1.29
C PHE D 494 -45.94 12.78 2.42
N LYS D 495 -45.13 11.72 2.46
CA LYS D 495 -45.32 10.69 3.47
C LYS D 495 -45.07 11.23 4.87
N VAL D 496 -44.20 12.23 5.00
CA VAL D 496 -43.99 12.86 6.30
C VAL D 496 -45.23 13.65 6.71
N TYR D 497 -45.80 14.41 5.77
CA TYR D 497 -47.01 15.15 6.06
C TYR D 497 -48.19 14.22 6.31
N SER D 498 -48.34 13.20 5.46
CA SER D 498 -49.51 12.32 5.55
C SER D 498 -49.50 11.53 6.84
N GLU D 499 -48.40 10.83 7.15
CA GLU D 499 -48.34 9.99 8.33
C GLU D 499 -48.29 10.78 9.63
N ALA D 500 -48.07 12.10 9.57
CA ALA D 500 -48.13 12.93 10.76
C ALA D 500 -49.55 13.32 11.12
N GLY D 501 -50.47 13.34 10.15
CA GLY D 501 -51.85 13.65 10.42
C GLY D 501 -52.13 15.13 10.54
N VAL D 502 -53.25 15.57 9.96
CA VAL D 502 -53.70 16.96 10.05
C VAL D 502 -55.12 16.93 10.61
N THR D 503 -55.28 17.35 11.87
CA THR D 503 -56.58 17.35 12.52
C THR D 503 -56.46 17.64 14.01
N ASP E 10 27.30 -38.39 -16.08
CA ASP E 10 28.52 -38.72 -16.82
C ASP E 10 29.46 -39.67 -16.06
N PRO E 11 29.85 -39.35 -14.82
CA PRO E 11 30.80 -40.21 -14.11
C PRO E 11 30.12 -41.42 -13.50
N ASN E 12 30.93 -42.43 -13.20
CA ASN E 12 30.42 -43.63 -12.57
C ASN E 12 29.86 -43.32 -11.18
N PHE E 13 28.84 -44.08 -10.79
CA PHE E 13 28.12 -43.77 -9.55
C PHE E 13 29.02 -43.91 -8.33
N PHE E 14 30.06 -44.75 -8.41
CA PHE E 14 30.98 -44.87 -7.27
C PHE E 14 31.71 -43.57 -7.00
N LYS E 15 31.99 -42.79 -8.05
CA LYS E 15 32.61 -41.48 -7.86
C LYS E 15 31.65 -40.50 -7.19
N MET E 16 30.35 -40.71 -7.35
CA MET E 16 29.36 -39.79 -6.81
C MET E 16 29.19 -39.95 -5.31
N VAL E 17 28.99 -41.18 -4.84
CA VAL E 17 28.68 -41.40 -3.43
C VAL E 17 29.85 -40.99 -2.55
N GLU E 18 31.08 -41.23 -3.01
CA GLU E 18 32.23 -40.79 -2.25
C GLU E 18 32.34 -39.27 -2.21
N GLY E 19 31.89 -38.60 -3.28
CA GLY E 19 31.84 -37.15 -3.25
C GLY E 19 30.77 -36.62 -2.31
N PHE E 20 29.61 -37.29 -2.29
CA PHE E 20 28.55 -36.90 -1.36
C PHE E 20 28.99 -37.10 0.08
N PHE E 21 29.75 -38.17 0.35
CA PHE E 21 30.22 -38.42 1.70
C PHE E 21 31.25 -37.39 2.13
N ASP E 22 32.23 -37.09 1.25
CA ASP E 22 33.27 -36.15 1.61
C ASP E 22 32.73 -34.74 1.81
N ARG E 23 31.68 -34.37 1.07
CA ARG E 23 31.08 -33.06 1.26
C ARG E 23 30.35 -32.97 2.59
N GLY E 24 29.59 -34.01 2.95
CA GLY E 24 28.90 -34.00 4.22
C GLY E 24 29.81 -34.21 5.41
N ALA E 25 30.93 -34.91 5.21
CA ALA E 25 31.86 -35.14 6.31
C ALA E 25 32.60 -33.87 6.69
N SER E 26 32.87 -32.98 5.72
CA SER E 26 33.58 -31.75 6.02
C SER E 26 32.69 -30.75 6.74
N ILE E 27 31.38 -30.81 6.53
CA ILE E 27 30.47 -29.87 7.16
C ILE E 27 30.14 -30.30 8.60
N VAL E 28 29.85 -31.59 8.79
CA VAL E 28 29.49 -32.09 10.11
C VAL E 28 30.70 -32.35 11.00
N GLU E 29 31.92 -32.15 10.49
CA GLU E 29 33.12 -32.52 11.24
C GLU E 29 33.21 -31.78 12.57
N ASP E 30 33.11 -30.45 12.54
CA ASP E 30 33.27 -29.67 13.76
C ASP E 30 32.10 -29.88 14.72
N LYS E 31 30.92 -30.23 14.22
CA LYS E 31 29.87 -30.51 15.19
C LYS E 31 30.07 -31.88 15.85
N LEU E 32 30.71 -32.84 15.17
CA LEU E 32 31.02 -34.11 15.83
C LEU E 32 32.01 -33.93 16.96
N VAL E 33 33.00 -33.05 16.77
CA VAL E 33 34.01 -32.83 17.81
C VAL E 33 33.39 -32.17 19.04
N LYS E 34 32.41 -31.30 18.84
CA LYS E 34 31.80 -30.61 19.98
C LYS E 34 31.01 -31.59 20.86
N ASP E 35 30.11 -32.37 20.25
CA ASP E 35 29.28 -33.28 21.00
C ASP E 35 30.00 -34.55 21.43
N LEU E 36 31.24 -34.75 20.99
CA LEU E 36 32.04 -35.90 21.43
C LEU E 36 32.62 -35.59 22.80
N ARG E 37 32.26 -36.40 23.80
CA ARG E 37 32.67 -36.14 25.17
C ARG E 37 33.61 -37.22 25.70
N THR E 38 34.65 -37.53 24.93
CA THR E 38 35.67 -38.46 25.39
C THR E 38 36.64 -37.73 26.33
N GLN E 39 37.57 -38.49 26.89
CA GLN E 39 38.55 -37.95 27.84
C GLN E 39 39.82 -37.50 27.14
N GLU E 40 39.65 -36.74 26.05
CA GLU E 40 40.77 -36.21 25.28
C GLU E 40 40.53 -34.73 25.02
N SER E 41 41.59 -34.05 24.56
CA SER E 41 41.46 -32.66 24.17
C SER E 41 40.80 -32.55 22.80
N GLU E 42 40.44 -31.33 22.41
CA GLU E 42 39.76 -31.10 21.15
C GLU E 42 40.65 -31.37 19.94
N GLU E 43 41.95 -31.62 20.14
CA GLU E 43 42.83 -32.00 19.06
C GLU E 43 42.80 -33.50 18.80
N GLN E 44 42.83 -34.31 19.85
CA GLN E 44 42.75 -35.76 19.68
C GLN E 44 41.34 -36.20 19.30
N LYS E 45 40.33 -35.44 19.72
CA LYS E 45 38.96 -35.77 19.35
C LYS E 45 38.75 -35.61 17.85
N ARG E 46 39.38 -34.61 17.24
CA ARG E 46 39.30 -34.46 15.79
C ARG E 46 39.99 -35.62 15.08
N ASN E 47 41.05 -36.18 15.69
CA ASN E 47 41.67 -37.37 15.13
C ASN E 47 40.71 -38.56 15.16
N ARG E 48 39.91 -38.66 16.22
CA ARG E 48 38.92 -39.73 16.29
C ARG E 48 37.78 -39.50 15.30
N VAL E 49 37.33 -38.25 15.16
CA VAL E 49 36.27 -37.95 14.21
C VAL E 49 36.74 -38.24 12.79
N ARG E 50 37.89 -37.70 12.41
CA ARG E 50 38.45 -37.98 11.08
C ARG E 50 38.86 -39.43 10.94
N GLY E 51 39.19 -40.10 12.04
CA GLY E 51 39.55 -41.50 11.98
C GLY E 51 38.34 -42.40 11.76
N ILE E 52 37.25 -42.12 12.46
CA ILE E 52 36.03 -42.91 12.28
C ILE E 52 35.44 -42.69 10.89
N LEU E 53 35.50 -41.45 10.39
CA LEU E 53 35.02 -41.17 9.05
C LEU E 53 35.81 -41.94 8.00
N ARG E 54 37.09 -42.19 8.24
CA ARG E 54 37.90 -42.98 7.32
C ARG E 54 37.48 -44.45 7.32
N ILE E 55 36.81 -44.90 8.38
CA ILE E 55 36.33 -46.28 8.43
C ILE E 55 35.00 -46.43 7.71
N ILE E 56 34.12 -45.43 7.85
CA ILE E 56 32.76 -45.54 7.32
C ILE E 56 32.77 -45.45 5.80
N LYS E 57 33.65 -44.62 5.24
CA LYS E 57 33.62 -44.35 3.80
C LYS E 57 33.80 -45.59 2.95
N PRO E 58 34.82 -46.44 3.13
CA PRO E 58 34.96 -47.61 2.28
C PRO E 58 34.16 -48.80 2.77
N CYS E 59 33.83 -49.69 1.84
CA CYS E 59 33.14 -50.92 2.18
C CYS E 59 34.04 -51.83 2.99
N ASN E 60 33.46 -52.54 3.95
CA ASN E 60 34.27 -53.38 4.84
C ASN E 60 34.53 -54.76 4.23
N HIS E 61 33.54 -55.34 3.58
CA HIS E 61 33.64 -56.69 3.03
C HIS E 61 33.09 -56.71 1.61
N VAL E 62 33.79 -57.40 0.72
CA VAL E 62 33.36 -57.61 -0.66
C VAL E 62 33.64 -59.06 -1.02
N LEU E 63 32.59 -59.83 -1.29
CA LEU E 63 32.71 -61.24 -1.63
C LEU E 63 32.55 -61.40 -3.14
N SER E 64 33.63 -61.75 -3.82
CA SER E 64 33.59 -62.07 -5.23
C SER E 64 33.40 -63.58 -5.38
N LEU E 65 32.43 -63.98 -6.19
CA LEU E 65 32.05 -65.37 -6.32
C LEU E 65 32.19 -65.86 -7.75
N SER E 66 32.23 -67.18 -7.89
CA SER E 66 32.34 -67.84 -9.18
C SER E 66 31.84 -69.27 -9.07
N PHE E 67 30.52 -69.44 -8.98
CA PHE E 67 29.90 -70.73 -8.75
C PHE E 67 29.37 -71.32 -10.06
N PRO E 68 29.23 -72.65 -10.14
CA PRO E 68 28.73 -73.27 -11.37
C PRO E 68 27.25 -73.63 -11.32
N ILE E 69 26.58 -73.56 -12.47
CA ILE E 69 25.23 -74.07 -12.64
C ILE E 69 25.21 -74.95 -13.88
N ARG E 70 24.14 -75.72 -14.02
CA ARG E 70 23.96 -76.63 -15.15
C ARG E 70 22.70 -76.25 -15.90
N ARG E 71 22.84 -75.94 -17.19
CA ARG E 71 21.69 -75.54 -18.00
C ARG E 71 20.81 -76.75 -18.29
N ASP E 72 19.61 -76.46 -18.80
CA ASP E 72 18.66 -77.53 -19.13
C ASP E 72 19.14 -78.37 -20.30
N ASP E 73 19.90 -77.78 -21.22
CA ASP E 73 20.39 -78.50 -22.39
C ASP E 73 21.49 -79.50 -22.05
N GLY E 74 21.96 -79.53 -20.81
CA GLY E 74 23.04 -80.40 -20.41
C GLY E 74 24.41 -79.75 -20.38
N SER E 75 24.51 -78.48 -20.79
CA SER E 75 25.78 -77.78 -20.79
C SER E 75 26.13 -77.32 -19.37
N TRP E 76 27.39 -76.94 -19.20
CA TRP E 76 27.88 -76.38 -17.94
C TRP E 76 28.19 -74.90 -18.13
N GLU E 77 28.05 -74.14 -17.05
CA GLU E 77 28.27 -72.71 -17.09
C GLU E 77 28.67 -72.23 -15.71
N VAL E 78 29.67 -71.35 -15.66
CA VAL E 78 30.14 -70.77 -14.42
C VAL E 78 29.59 -69.36 -14.32
N ILE E 79 28.89 -69.06 -13.22
CA ILE E 79 28.25 -67.77 -12.99
C ILE E 79 29.13 -66.93 -12.09
N GLU E 80 29.19 -65.63 -12.37
CA GLU E 80 29.97 -64.68 -11.58
C GLU E 80 29.02 -63.78 -10.81
N GLY E 81 29.27 -63.62 -9.52
CA GLY E 81 28.45 -62.76 -8.68
C GLY E 81 29.28 -62.12 -7.60
N TYR E 82 28.79 -60.99 -7.10
CA TYR E 82 29.46 -60.24 -6.06
C TYR E 82 28.45 -59.76 -5.03
N ARG E 83 28.94 -59.53 -3.82
CA ARG E 83 28.13 -58.94 -2.74
C ARG E 83 29.05 -58.16 -1.82
N ALA E 84 28.72 -56.90 -1.58
CA ALA E 84 29.52 -56.02 -0.75
C ALA E 84 28.73 -55.62 0.48
N GLN E 85 29.39 -55.63 1.63
CA GLN E 85 28.83 -55.15 2.89
C GLN E 85 29.59 -53.88 3.27
N HIS E 86 28.94 -52.73 3.08
CA HIS E 86 29.62 -51.46 3.28
C HIS E 86 29.92 -51.23 4.76
N SER E 87 28.90 -51.32 5.61
CA SER E 87 29.05 -51.04 7.03
C SER E 87 28.48 -52.18 7.85
N GLN E 88 29.12 -52.44 9.00
CA GLN E 88 28.62 -53.40 9.98
C GLN E 88 28.34 -52.73 11.31
N HIS E 89 28.26 -51.40 11.34
CA HIS E 89 27.95 -50.67 12.57
C HIS E 89 26.59 -51.05 13.12
N ARG E 90 25.70 -51.60 12.28
CA ARG E 90 24.40 -52.10 12.71
C ARG E 90 24.13 -53.40 11.98
N THR E 91 23.94 -54.47 12.74
CA THR E 91 23.65 -55.76 12.15
C THR E 91 22.15 -56.05 12.21
N PRO E 92 21.60 -56.77 11.22
CA PRO E 92 22.29 -57.30 10.03
C PRO E 92 22.47 -56.26 8.94
N CYS E 93 23.06 -56.69 7.81
CA CYS E 93 23.20 -55.84 6.64
C CYS E 93 21.97 -56.00 5.75
N LYS E 94 21.66 -54.94 5.01
CA LYS E 94 20.50 -54.91 4.13
C LYS E 94 20.90 -54.39 2.76
N GLY E 95 20.25 -54.91 1.73
CA GLY E 95 20.53 -54.47 0.37
C GLY E 95 19.89 -55.40 -0.63
N GLY E 96 19.88 -54.93 -1.88
CA GLY E 96 19.25 -55.67 -2.95
C GLY E 96 20.21 -56.58 -3.71
N ILE E 97 19.64 -57.41 -4.57
CA ILE E 97 20.38 -58.30 -5.45
C ILE E 97 19.97 -58.01 -6.89
N ARG E 98 20.95 -57.73 -7.74
CA ARG E 98 20.71 -57.37 -9.13
C ARG E 98 21.14 -58.50 -10.05
N TYR E 99 20.32 -58.79 -11.06
CA TYR E 99 20.60 -59.82 -12.07
C TYR E 99 20.74 -59.12 -13.41
N SER E 100 21.89 -58.50 -13.63
CA SER E 100 22.15 -57.76 -14.86
C SER E 100 23.51 -58.16 -15.42
N THR E 101 23.73 -57.79 -16.69
CA THR E 101 25.04 -57.99 -17.30
C THR E 101 25.99 -56.85 -16.95
N ASP E 102 25.47 -55.64 -16.77
CA ASP E 102 26.26 -54.45 -16.50
C ASP E 102 26.75 -54.37 -15.05
N VAL E 103 26.65 -55.44 -14.28
CA VAL E 103 26.99 -55.38 -12.86
C VAL E 103 28.48 -55.52 -12.69
N SER E 104 29.08 -54.63 -11.90
CA SER E 104 30.50 -54.65 -11.58
C SER E 104 30.65 -54.56 -10.07
N VAL E 105 31.89 -54.76 -9.61
CA VAL E 105 32.16 -54.67 -8.18
C VAL E 105 32.03 -53.23 -7.69
N ASP E 106 32.59 -52.29 -8.45
CA ASP E 106 32.53 -50.88 -8.05
C ASP E 106 31.08 -50.39 -7.98
N GLU E 107 30.25 -50.82 -8.93
CA GLU E 107 28.84 -50.46 -8.88
C GLU E 107 28.14 -51.08 -7.69
N VAL E 108 28.60 -52.24 -7.23
CA VAL E 108 28.00 -52.89 -6.07
C VAL E 108 28.44 -52.20 -4.78
N LYS E 109 29.73 -51.89 -4.65
CA LYS E 109 30.21 -51.20 -3.46
C LYS E 109 29.60 -49.80 -3.34
N ALA E 110 29.30 -49.17 -4.47
CA ALA E 110 28.68 -47.84 -4.43
C ALA E 110 27.26 -47.91 -3.88
N LEU E 111 26.42 -48.76 -4.48
CA LEU E 111 25.06 -48.90 -4.00
C LEU E 111 24.99 -49.50 -2.60
N ALA E 112 26.02 -50.24 -2.19
CA ALA E 112 26.08 -50.71 -0.81
C ALA E 112 26.30 -49.55 0.15
N SER E 113 27.17 -48.61 -0.20
CA SER E 113 27.37 -47.44 0.64
C SER E 113 26.13 -46.56 0.65
N LEU E 114 25.42 -46.47 -0.49
CA LEU E 114 24.19 -45.69 -0.54
C LEU E 114 23.13 -46.27 0.38
N MET E 115 23.06 -47.60 0.48
CA MET E 115 22.08 -48.23 1.35
C MET E 115 22.36 -47.90 2.82
N THR E 116 23.64 -47.80 3.19
CA THR E 116 23.99 -47.45 4.57
C THR E 116 23.43 -46.08 4.93
N TYR E 117 23.70 -45.08 4.09
CA TYR E 117 23.25 -43.72 4.39
C TYR E 117 21.74 -43.58 4.20
N LYS E 118 21.16 -44.36 3.29
CA LYS E 118 19.71 -44.35 3.13
C LYS E 118 19.00 -44.92 4.35
N CYS E 119 19.52 -46.03 4.89
CA CYS E 119 18.92 -46.63 6.08
C CYS E 119 19.02 -45.68 7.27
N ALA E 120 20.14 -44.96 7.39
CA ALA E 120 20.30 -44.03 8.50
C ALA E 120 19.33 -42.87 8.41
N VAL E 121 18.96 -42.45 7.21
CA VAL E 121 18.05 -41.32 7.05
C VAL E 121 16.66 -41.67 7.58
N VAL E 122 16.17 -42.85 7.22
CA VAL E 122 14.83 -43.27 7.63
C VAL E 122 14.90 -44.04 8.93
N ASP E 123 16.02 -43.93 9.64
CA ASP E 123 16.20 -44.52 10.97
C ASP E 123 15.94 -46.03 10.95
N VAL E 124 16.51 -46.69 9.95
CA VAL E 124 16.41 -48.15 9.81
C VAL E 124 17.73 -48.75 10.28
N PRO E 125 17.72 -49.59 11.33
CA PRO E 125 18.98 -50.07 11.93
C PRO E 125 19.61 -51.21 11.14
N PHE E 126 19.97 -50.92 9.90
CA PHE E 126 20.57 -51.92 9.01
C PHE E 126 21.82 -51.34 8.37
N GLY E 127 22.87 -52.17 8.28
CA GLY E 127 24.04 -51.80 7.52
C GLY E 127 23.80 -51.96 6.03
N GLY E 128 24.44 -51.09 5.25
CA GLY E 128 24.24 -51.12 3.82
C GLY E 128 24.95 -52.28 3.17
N ALA E 129 24.25 -52.95 2.25
CA ALA E 129 24.81 -54.04 1.48
C ALA E 129 24.25 -53.98 0.06
N LYS E 130 24.82 -54.79 -0.82
CA LYS E 130 24.41 -54.81 -2.22
C LYS E 130 25.02 -56.04 -2.88
N ALA E 131 24.25 -56.67 -3.77
CA ALA E 131 24.69 -57.87 -4.47
C ALA E 131 24.40 -57.72 -5.96
N GLY E 132 24.98 -58.63 -6.74
CA GLY E 132 24.79 -58.63 -8.17
C GLY E 132 25.52 -59.75 -8.89
N VAL E 133 24.78 -60.55 -9.65
CA VAL E 133 25.36 -61.61 -10.46
C VAL E 133 25.33 -61.17 -11.92
N LYS E 134 26.31 -61.65 -12.69
CA LYS E 134 26.53 -61.18 -14.06
C LYS E 134 25.87 -62.15 -15.04
N ILE E 135 24.55 -62.08 -15.11
CA ILE E 135 23.77 -62.83 -16.09
C ILE E 135 22.65 -61.95 -16.63
N ASN E 136 22.08 -62.37 -17.74
CA ASN E 136 20.90 -61.73 -18.30
C ASN E 136 19.72 -62.67 -18.14
N PRO E 137 18.74 -62.36 -17.30
CA PRO E 137 17.66 -63.33 -17.04
C PRO E 137 16.86 -63.73 -18.26
N LYS E 138 16.86 -62.92 -19.33
CA LYS E 138 16.14 -63.28 -20.53
C LYS E 138 16.79 -64.43 -21.29
N ASN E 139 18.04 -64.77 -20.98
CA ASN E 139 18.74 -65.87 -21.62
C ASN E 139 18.65 -67.17 -20.83
N TYR E 140 17.93 -67.17 -19.71
CA TYR E 140 17.83 -68.35 -18.86
C TYR E 140 16.36 -68.65 -18.60
N THR E 141 16.04 -69.95 -18.54
CA THR E 141 14.68 -70.37 -18.24
C THR E 141 14.40 -70.21 -16.75
N GLU E 142 13.13 -70.40 -16.39
CA GLU E 142 12.73 -70.27 -14.99
C GLU E 142 13.43 -71.31 -14.12
N ASN E 143 13.54 -72.55 -14.61
CA ASN E 143 14.23 -73.58 -13.85
C ASN E 143 15.72 -73.28 -13.74
N GLU E 144 16.30 -72.71 -14.79
CA GLU E 144 17.72 -72.34 -14.74
C GLU E 144 17.93 -71.17 -13.80
N LEU E 145 16.98 -70.23 -13.74
CA LEU E 145 17.10 -69.10 -12.82
C LEU E 145 17.01 -69.55 -11.37
N GLU E 146 16.28 -70.65 -11.11
CA GLU E 146 16.18 -71.15 -9.74
C GLU E 146 17.49 -71.74 -9.27
N LYS E 147 18.17 -72.51 -10.12
CA LYS E 147 19.45 -73.09 -9.74
C LYS E 147 20.49 -72.00 -9.49
N ILE E 148 20.46 -70.94 -10.29
CA ILE E 148 21.40 -69.83 -10.08
C ILE E 148 21.10 -69.13 -8.76
N THR E 149 19.81 -68.92 -8.45
CA THR E 149 19.45 -68.23 -7.23
C THR E 149 19.80 -69.05 -6.00
N ARG E 150 19.43 -70.33 -5.99
CA ARG E 150 19.65 -71.17 -4.82
C ARG E 150 21.15 -71.37 -4.55
N ARG E 151 21.91 -71.68 -5.61
CA ARG E 151 23.35 -71.84 -5.44
C ARG E 151 24.01 -70.56 -4.96
N PHE E 152 23.54 -69.42 -5.48
CA PHE E 152 24.03 -68.13 -4.99
C PHE E 152 23.74 -67.95 -3.51
N THR E 153 22.54 -68.37 -3.08
CA THR E 153 22.21 -68.31 -1.67
C THR E 153 23.09 -69.24 -0.85
N MET E 154 23.39 -70.44 -1.40
CA MET E 154 24.24 -71.38 -0.69
C MET E 154 25.63 -70.82 -0.46
N GLU E 155 26.18 -70.13 -1.48
CA GLU E 155 27.54 -69.62 -1.35
C GLU E 155 27.61 -68.41 -0.43
N LEU E 156 26.56 -67.58 -0.41
CA LEU E 156 26.54 -66.46 0.52
C LEU E 156 26.39 -66.92 1.95
N ALA E 157 25.74 -68.06 2.17
CA ALA E 157 25.47 -68.52 3.53
C ALA E 157 26.74 -68.96 4.24
N LYS E 158 27.56 -69.78 3.58
CA LYS E 158 28.77 -70.30 4.20
C LYS E 158 29.88 -69.25 4.33
N LYS E 159 29.80 -68.16 3.58
CA LYS E 159 30.77 -67.08 3.66
C LYS E 159 30.27 -65.90 4.50
N GLY E 160 29.14 -66.07 5.19
CA GLY E 160 28.62 -65.03 6.05
C GLY E 160 28.12 -63.80 5.31
N PHE E 161 27.41 -63.99 4.19
CA PHE E 161 26.87 -62.87 3.43
C PHE E 161 25.36 -62.99 3.25
N ILE E 162 24.70 -63.80 4.08
CA ILE E 162 23.24 -63.84 4.13
C ILE E 162 22.85 -64.51 5.44
N GLY E 163 21.76 -64.02 6.03
CA GLY E 163 21.25 -64.56 7.27
C GLY E 163 20.48 -63.54 8.06
N PRO E 164 19.66 -64.00 9.01
CA PRO E 164 18.77 -63.08 9.73
C PRO E 164 19.50 -62.06 10.58
N GLY E 165 20.70 -62.37 11.03
CA GLY E 165 21.43 -61.46 11.89
C GLY E 165 22.76 -61.01 11.34
N VAL E 166 23.03 -61.33 10.07
CA VAL E 166 24.28 -60.95 9.42
C VAL E 166 24.03 -60.12 8.17
N ASP E 167 23.14 -60.58 7.30
CA ASP E 167 22.89 -59.91 6.03
C ASP E 167 21.54 -60.34 5.49
N VAL E 168 20.64 -59.38 5.29
CA VAL E 168 19.30 -59.67 4.81
C VAL E 168 19.13 -59.07 3.42
N PRO E 169 19.27 -59.85 2.34
CA PRO E 169 19.12 -59.31 0.99
C PRO E 169 17.71 -58.82 0.67
N ALA E 170 17.53 -58.31 -0.54
CA ALA E 170 16.27 -57.72 -0.95
C ALA E 170 16.19 -57.78 -2.47
N PRO E 171 15.02 -57.58 -3.06
CA PRO E 171 14.92 -57.57 -4.52
C PRO E 171 15.52 -56.31 -5.13
N ASP E 172 15.82 -56.39 -6.42
CA ASP E 172 16.29 -55.23 -7.18
C ASP E 172 15.97 -55.45 -8.66
N MET E 173 16.81 -54.90 -9.53
CA MET E 173 16.53 -54.96 -10.97
C MET E 173 16.60 -56.40 -11.46
N ASN E 174 15.64 -56.76 -12.31
CA ASN E 174 15.49 -58.12 -12.83
C ASN E 174 15.35 -59.14 -11.71
N THR E 175 14.75 -58.73 -10.60
CA THR E 175 14.59 -59.59 -9.44
C THR E 175 13.29 -59.24 -8.74
N GLY E 176 12.48 -60.26 -8.46
CA GLY E 176 11.21 -60.03 -7.79
C GLY E 176 11.00 -60.91 -6.58
N GLU E 177 9.75 -61.03 -6.12
CA GLU E 177 9.46 -61.86 -4.97
C GLU E 177 9.69 -63.34 -5.25
N ARG E 178 9.71 -63.75 -6.52
CA ARG E 178 9.95 -65.15 -6.84
C ARG E 178 11.35 -65.57 -6.44
N GLU E 179 12.36 -64.73 -6.73
CA GLU E 179 13.72 -65.05 -6.33
C GLU E 179 13.88 -65.04 -4.82
N MET E 180 13.14 -64.18 -4.11
CA MET E 180 13.23 -64.15 -2.67
C MET E 180 12.68 -65.41 -2.02
N SER E 181 11.71 -66.05 -2.67
CA SER E 181 11.21 -67.33 -2.17
C SER E 181 12.29 -68.39 -2.22
N TRP E 182 12.98 -68.51 -3.37
CA TRP E 182 14.07 -69.46 -3.50
C TRP E 182 15.20 -69.15 -2.51
N ILE E 183 15.43 -67.88 -2.22
CA ILE E 183 16.49 -67.50 -1.30
C ILE E 183 16.13 -67.94 0.12
N ALA E 184 14.90 -67.63 0.56
CA ALA E 184 14.49 -67.99 1.90
C ALA E 184 14.33 -69.50 2.05
N ASP E 185 13.87 -70.17 0.99
CA ASP E 185 13.68 -71.61 1.05
C ASP E 185 15.02 -72.34 1.16
N THR E 186 16.02 -71.90 0.40
CA THR E 186 17.33 -72.55 0.43
C THR E 186 17.98 -72.39 1.80
N TYR E 187 17.94 -71.18 2.37
CA TYR E 187 18.55 -70.96 3.67
C TYR E 187 17.83 -71.71 4.78
N ALA E 188 16.50 -71.76 4.71
CA ALA E 188 15.72 -72.43 5.75
C ALA E 188 15.82 -73.95 5.67
N SER E 189 16.35 -74.50 4.59
CA SER E 189 16.48 -75.95 4.44
C SER E 189 17.90 -76.47 4.55
N THR E 190 18.91 -75.60 4.46
CA THR E 190 20.29 -76.03 4.47
C THR E 190 20.99 -75.42 5.67
N ILE E 191 21.71 -74.31 5.50
CA ILE E 191 22.57 -73.79 6.56
C ILE E 191 21.74 -73.30 7.74
N GLY E 192 20.63 -72.63 7.48
CA GLY E 192 19.82 -72.07 8.56
C GLY E 192 18.62 -72.92 8.94
N HIS E 193 18.78 -74.24 8.85
CA HIS E 193 17.67 -75.13 9.21
C HIS E 193 17.35 -75.04 10.70
N TYR E 194 18.38 -74.93 11.54
CA TYR E 194 18.19 -74.83 12.97
C TYR E 194 17.87 -73.41 13.43
N ASP E 195 17.72 -72.47 12.51
CA ASP E 195 17.42 -71.08 12.84
C ASP E 195 15.91 -70.88 12.87
N ILE E 196 15.38 -70.44 14.01
CA ILE E 196 13.94 -70.24 14.14
C ILE E 196 13.48 -69.07 13.28
N ASN E 197 14.36 -68.11 13.03
CA ASN E 197 14.05 -66.97 12.17
C ASN E 197 14.66 -67.12 10.78
N ALA E 198 14.73 -68.35 10.28
CA ALA E 198 15.39 -68.60 8.99
C ALA E 198 14.71 -67.83 7.86
N HIS E 199 13.40 -67.66 7.92
CA HIS E 199 12.68 -66.93 6.89
C HIS E 199 12.85 -65.43 7.00
N ALA E 200 13.54 -64.94 8.03
CA ALA E 200 13.92 -63.55 8.13
C ALA E 200 15.24 -63.25 7.43
N CYS E 201 15.80 -64.23 6.72
CA CYS E 201 17.08 -64.04 6.05
C CYS E 201 16.97 -63.17 4.82
N VAL E 202 15.76 -62.93 4.31
CA VAL E 202 15.56 -62.11 3.12
C VAL E 202 14.18 -61.47 3.21
N THR E 203 14.04 -60.33 2.54
CA THR E 203 12.78 -59.60 2.50
C THR E 203 12.25 -59.54 1.07
N GLY E 204 11.10 -58.91 0.91
CA GLY E 204 10.44 -58.88 -0.39
C GLY E 204 9.80 -60.20 -0.78
N LYS E 205 9.57 -61.08 0.19
CA LYS E 205 8.98 -62.39 -0.09
C LYS E 205 7.49 -62.28 -0.32
N PRO E 206 6.88 -63.25 -0.98
CA PRO E 206 5.42 -63.28 -1.09
C PRO E 206 4.78 -63.51 0.29
N ILE E 207 3.48 -63.19 0.36
CA ILE E 207 2.76 -63.33 1.63
C ILE E 207 2.76 -64.79 2.09
N SER E 208 2.71 -65.74 1.15
CA SER E 208 2.68 -67.14 1.53
C SER E 208 4.02 -67.59 2.12
N GLN E 209 5.12 -66.99 1.69
CA GLN E 209 6.44 -67.35 2.17
C GLN E 209 6.91 -66.48 3.33
N GLY E 210 6.01 -65.72 3.95
CA GLY E 210 6.36 -64.88 5.06
C GLY E 210 6.53 -63.40 4.75
N GLY E 211 6.01 -62.93 3.61
CA GLY E 211 6.11 -61.52 3.28
C GLY E 211 5.17 -60.66 4.09
N ILE E 212 5.33 -59.35 3.94
CA ILE E 212 4.52 -58.37 4.64
C ILE E 212 3.56 -57.73 3.65
N HIS E 213 2.38 -57.36 4.15
CA HIS E 213 1.39 -56.69 3.32
C HIS E 213 1.77 -55.22 3.13
N GLY E 214 1.34 -54.66 2.00
CA GLY E 214 1.67 -53.28 1.68
C GLY E 214 3.08 -53.07 1.15
N ARG E 215 3.72 -54.14 0.67
CA ARG E 215 5.08 -54.04 0.14
C ARG E 215 5.10 -53.60 -1.33
N ILE E 216 4.11 -54.01 -2.12
CA ILE E 216 4.10 -53.67 -3.53
C ILE E 216 4.01 -52.16 -3.73
N SER E 217 3.17 -51.50 -2.94
CA SER E 217 2.99 -50.06 -3.03
C SER E 217 3.79 -49.30 -1.97
N ALA E 218 4.86 -49.91 -1.45
CA ALA E 218 5.61 -49.28 -0.37
C ALA E 218 6.49 -48.15 -0.90
N THR E 219 7.31 -48.44 -1.92
CA THR E 219 8.17 -47.40 -2.47
C THR E 219 7.36 -46.31 -3.16
N GLY E 220 6.24 -46.66 -3.79
CA GLY E 220 5.40 -45.65 -4.40
C GLY E 220 4.76 -44.73 -3.39
N ARG E 221 4.36 -45.27 -2.24
CA ARG E 221 3.83 -44.43 -1.18
C ARG E 221 4.91 -43.61 -0.50
N GLY E 222 6.16 -44.07 -0.54
CA GLY E 222 7.24 -43.32 0.08
C GLY E 222 7.58 -42.06 -0.70
N VAL E 223 7.52 -42.13 -2.04
CA VAL E 223 7.80 -40.94 -2.83
C VAL E 223 6.66 -39.93 -2.72
N PHE E 224 5.44 -40.40 -2.45
CA PHE E 224 4.33 -39.48 -2.26
C PHE E 224 4.49 -38.69 -0.96
N HIS E 225 4.72 -39.40 0.15
CA HIS E 225 4.93 -38.72 1.42
C HIS E 225 6.23 -37.93 1.44
N GLY E 226 7.19 -38.26 0.57
CA GLY E 226 8.39 -37.45 0.47
C GLY E 226 8.13 -36.10 -0.16
N ILE E 227 7.33 -36.06 -1.22
CA ILE E 227 6.94 -34.78 -1.80
C ILE E 227 5.96 -34.05 -0.89
N GLU E 228 5.04 -34.80 -0.26
CA GLU E 228 3.99 -34.18 0.53
C GLU E 228 4.55 -33.40 1.70
N ASN E 229 5.59 -33.94 2.35
CA ASN E 229 6.18 -33.26 3.50
C ASN E 229 6.85 -31.94 3.11
N PHE E 230 7.27 -31.79 1.86
CA PHE E 230 7.83 -30.53 1.39
C PHE E 230 6.83 -29.69 0.61
N ILE E 231 5.81 -30.32 0.00
CA ILE E 231 4.77 -29.57 -0.70
C ILE E 231 3.90 -28.79 0.28
N ASN E 232 3.91 -29.15 1.55
CA ASN E 232 3.08 -28.50 2.56
C ASN E 232 3.89 -27.58 3.48
N GLU E 233 5.14 -27.29 3.12
CA GLU E 233 5.99 -26.38 3.88
C GLU E 233 6.12 -25.08 3.12
N ALA E 234 5.72 -23.97 3.76
CA ALA E 234 5.69 -22.69 3.06
C ALA E 234 7.10 -22.20 2.73
N SER E 235 8.06 -22.43 3.63
CA SER E 235 9.40 -21.88 3.44
C SER E 235 10.08 -22.44 2.19
N TYR E 236 9.78 -23.69 1.83
CA TYR E 236 10.38 -24.28 0.65
C TYR E 236 9.59 -23.96 -0.63
N MET E 237 8.26 -23.95 -0.54
CA MET E 237 7.44 -23.57 -1.68
C MET E 237 7.55 -22.08 -1.99
N SER E 238 7.96 -21.27 -1.02
CA SER E 238 8.12 -19.84 -1.29
C SER E 238 9.35 -19.58 -2.16
N ILE E 239 10.42 -20.33 -1.94
CA ILE E 239 11.62 -20.19 -2.78
C ILE E 239 11.29 -20.53 -4.23
N LEU E 240 10.37 -21.46 -4.44
CA LEU E 240 9.87 -21.75 -5.78
C LEU E 240 8.65 -20.87 -6.07
N GLY E 241 8.11 -21.01 -7.27
CA GLY E 241 6.97 -20.18 -7.66
C GLY E 241 5.64 -20.89 -7.50
N MET E 242 5.50 -21.67 -6.45
CA MET E 242 4.31 -22.49 -6.24
C MET E 242 3.75 -22.28 -4.84
N THR E 243 2.43 -22.43 -4.72
CA THR E 243 1.69 -22.42 -3.47
C THR E 243 1.68 -23.82 -2.86
N PRO E 244 1.57 -23.92 -1.53
CA PRO E 244 1.55 -25.24 -0.90
C PRO E 244 0.31 -26.03 -1.32
N GLY E 245 0.45 -27.36 -1.29
CA GLY E 245 -0.64 -28.25 -1.59
C GLY E 245 -0.42 -29.00 -2.89
N PHE E 246 -1.28 -29.99 -3.11
CA PHE E 246 -1.21 -30.86 -4.28
C PHE E 246 -2.28 -30.54 -5.32
N ARG E 247 -3.20 -29.63 -5.02
CA ARG E 247 -4.29 -29.33 -5.94
C ARG E 247 -3.75 -28.62 -7.18
N ASP E 248 -4.13 -29.13 -8.36
CA ASP E 248 -3.73 -28.56 -9.65
C ASP E 248 -2.22 -28.48 -9.79
N LYS E 249 -1.53 -29.53 -9.34
CA LYS E 249 -0.08 -29.65 -9.48
C LYS E 249 0.22 -30.62 -10.60
N THR E 250 0.93 -30.16 -11.63
CA THR E 250 1.30 -30.99 -12.76
C THR E 250 2.61 -31.72 -12.44
N PHE E 251 2.60 -33.05 -12.61
CA PHE E 251 3.79 -33.85 -12.39
C PHE E 251 3.98 -34.83 -13.53
N VAL E 252 5.24 -35.13 -13.82
CA VAL E 252 5.63 -36.03 -14.90
C VAL E 252 6.35 -37.22 -14.29
N VAL E 253 5.96 -38.42 -14.72
CA VAL E 253 6.57 -39.67 -14.26
C VAL E 253 7.40 -40.24 -15.40
N GLN E 254 8.66 -40.55 -15.11
CA GLN E 254 9.58 -41.14 -16.08
C GLN E 254 9.86 -42.57 -15.66
N GLY E 255 9.37 -43.53 -16.44
CA GLY E 255 9.49 -44.93 -16.10
C GLY E 255 8.27 -45.46 -15.38
N PHE E 256 7.37 -46.08 -16.13
CA PHE E 256 6.12 -46.59 -15.56
C PHE E 256 6.32 -47.98 -14.97
N GLY E 257 7.30 -48.13 -14.10
CA GLY E 257 7.58 -49.39 -13.42
C GLY E 257 6.75 -49.56 -12.18
N ASN E 258 7.33 -50.21 -11.18
CA ASN E 258 6.63 -50.42 -9.92
C ASN E 258 6.48 -49.10 -9.16
N VAL E 259 7.57 -48.34 -9.05
CA VAL E 259 7.52 -47.09 -8.30
C VAL E 259 6.68 -46.06 -9.06
N GLY E 260 6.90 -45.93 -10.37
CA GLY E 260 6.17 -44.95 -11.15
C GLY E 260 4.68 -45.18 -11.17
N LEU E 261 4.25 -46.44 -11.09
CA LEU E 261 2.83 -46.74 -11.09
C LEU E 261 2.16 -46.24 -9.82
N HIS E 262 2.72 -46.57 -8.66
CA HIS E 262 2.13 -46.14 -7.40
C HIS E 262 2.43 -44.68 -7.08
N SER E 263 3.44 -44.10 -7.72
CA SER E 263 3.73 -42.67 -7.50
C SER E 263 2.63 -41.80 -8.08
N MET E 264 2.22 -42.07 -9.32
CA MET E 264 1.18 -41.27 -9.94
C MET E 264 -0.19 -41.55 -9.34
N ARG E 265 -0.40 -42.75 -8.78
CA ARG E 265 -1.70 -43.07 -8.21
C ARG E 265 -1.96 -42.31 -6.92
N TYR E 266 -0.93 -42.14 -6.09
CA TYR E 266 -1.10 -41.44 -4.83
C TYR E 266 -1.03 -39.93 -5.01
N LEU E 267 -0.36 -39.46 -6.05
CA LEU E 267 -0.38 -38.03 -6.36
C LEU E 267 -1.71 -37.63 -6.99
N HIS E 268 -2.22 -38.45 -7.91
CA HIS E 268 -3.53 -38.19 -8.50
C HIS E 268 -4.63 -38.25 -7.46
N ARG E 269 -4.43 -39.03 -6.40
CA ARG E 269 -5.45 -39.14 -5.36
C ARG E 269 -5.57 -37.84 -4.56
N PHE E 270 -4.49 -37.09 -4.43
CA PHE E 270 -4.48 -35.87 -3.63
C PHE E 270 -4.68 -34.61 -4.45
N GLY E 271 -5.05 -34.74 -5.73
CA GLY E 271 -5.38 -33.61 -6.56
C GLY E 271 -4.37 -33.29 -7.65
N ALA E 272 -3.20 -33.92 -7.63
CA ALA E 272 -2.21 -33.65 -8.67
C ALA E 272 -2.64 -34.29 -9.99
N LYS E 273 -2.26 -33.64 -11.09
CA LYS E 273 -2.62 -34.08 -12.44
C LYS E 273 -1.37 -34.53 -13.17
N CYS E 274 -1.37 -35.79 -13.62
CA CYS E 274 -0.26 -36.35 -14.37
C CYS E 274 -0.43 -35.96 -15.84
N ILE E 275 0.49 -35.14 -16.35
CA ILE E 275 0.38 -34.66 -17.72
C ILE E 275 1.17 -35.49 -18.71
N ALA E 276 2.13 -36.30 -18.25
CA ALA E 276 2.95 -37.07 -19.17
C ALA E 276 3.61 -38.23 -18.42
N VAL E 277 3.66 -39.38 -19.08
CA VAL E 277 4.40 -40.54 -18.60
C VAL E 277 5.28 -41.05 -19.73
N GLY E 278 6.55 -41.25 -19.45
CA GLY E 278 7.50 -41.70 -20.46
C GLY E 278 8.31 -42.89 -19.99
N GLU E 279 8.52 -43.83 -20.92
CA GLU E 279 9.36 -44.99 -20.64
C GLU E 279 10.49 -45.07 -21.65
N SER E 280 11.07 -46.25 -21.82
CA SER E 280 12.19 -46.42 -22.75
C SER E 280 11.75 -46.53 -24.20
N ASP E 281 10.48 -46.82 -24.45
CA ASP E 281 9.98 -47.04 -25.80
C ASP E 281 9.03 -45.94 -26.28
N GLY E 282 8.86 -44.88 -25.50
CA GLY E 282 7.99 -43.80 -25.91
C GLY E 282 7.56 -42.96 -24.71
N SER E 283 6.77 -41.93 -25.02
CA SER E 283 6.26 -41.02 -24.01
C SER E 283 4.91 -40.48 -24.45
N ILE E 284 3.93 -40.55 -23.56
CA ILE E 284 2.60 -40.02 -23.82
C ILE E 284 2.47 -38.67 -23.14
N TRP E 285 1.45 -37.91 -23.53
CA TRP E 285 1.27 -36.57 -23.00
C TRP E 285 -0.20 -36.17 -23.09
N ASN E 286 -0.69 -35.51 -22.05
CA ASN E 286 -2.05 -35.02 -21.99
C ASN E 286 -2.17 -33.98 -20.87
N PRO E 287 -2.24 -32.69 -21.19
CA PRO E 287 -2.24 -31.66 -20.14
C PRO E 287 -3.49 -31.67 -19.28
N ASP E 288 -4.52 -32.43 -19.62
CA ASP E 288 -5.75 -32.49 -18.85
C ASP E 288 -5.78 -33.70 -17.91
N GLY E 289 -4.66 -34.34 -17.68
CA GLY E 289 -4.58 -35.43 -16.72
C GLY E 289 -4.66 -36.79 -17.38
N ILE E 290 -3.97 -37.76 -16.78
CA ILE E 290 -4.00 -39.16 -17.21
C ILE E 290 -4.44 -40.01 -16.04
N ASP E 291 -5.43 -40.86 -16.26
CA ASP E 291 -5.94 -41.72 -15.21
C ASP E 291 -4.92 -42.81 -14.88
N PRO E 292 -4.46 -42.92 -13.63
CA PRO E 292 -3.50 -43.98 -13.31
C PRO E 292 -4.06 -45.38 -13.50
N LYS E 293 -5.33 -45.60 -13.16
CA LYS E 293 -5.92 -46.92 -13.32
C LYS E 293 -6.05 -47.30 -14.79
N GLU E 294 -6.44 -46.35 -15.64
CA GLU E 294 -6.56 -46.63 -17.06
C GLU E 294 -5.20 -46.95 -17.68
N LEU E 295 -4.16 -46.21 -17.26
CA LEU E 295 -2.83 -46.47 -17.80
C LEU E 295 -2.23 -47.75 -17.22
N GLU E 296 -2.56 -48.09 -15.98
CA GLU E 296 -2.06 -49.32 -15.39
C GLU E 296 -2.64 -50.55 -16.10
N ASP E 297 -3.95 -50.54 -16.33
CA ASP E 297 -4.57 -51.64 -17.06
C ASP E 297 -4.08 -51.70 -18.50
N PHE E 298 -3.74 -50.55 -19.09
CA PHE E 298 -3.22 -50.53 -20.45
C PHE E 298 -1.78 -51.03 -20.51
N LYS E 299 -0.98 -50.72 -19.48
CA LYS E 299 0.39 -51.22 -19.44
C LYS E 299 0.43 -52.73 -19.25
N LEU E 300 -0.52 -53.27 -18.49
CA LEU E 300 -0.57 -54.71 -18.27
C LEU E 300 -0.93 -55.46 -19.54
N GLN E 301 -1.85 -54.90 -20.34
CA GLN E 301 -2.38 -55.63 -21.48
C GLN E 301 -1.34 -55.78 -22.58
N HIS E 302 -0.61 -54.71 -22.90
CA HIS E 302 0.29 -54.71 -24.04
C HIS E 302 1.75 -54.53 -23.67
N GLY E 303 2.09 -54.46 -22.38
CA GLY E 303 3.47 -54.32 -21.97
C GLY E 303 4.13 -53.01 -22.34
N SER E 304 3.36 -52.00 -22.74
CA SER E 304 3.91 -50.71 -23.12
C SER E 304 2.82 -49.66 -23.05
N ILE E 305 3.22 -48.42 -22.79
CA ILE E 305 2.27 -47.31 -22.73
C ILE E 305 2.11 -46.61 -24.07
N LEU E 306 2.78 -47.09 -25.13
CA LEU E 306 2.67 -46.48 -26.44
C LEU E 306 1.31 -46.78 -27.05
N GLY E 307 0.63 -45.74 -27.55
CA GLY E 307 -0.68 -45.89 -28.12
C GLY E 307 -1.83 -45.76 -27.15
N PHE E 308 -1.66 -44.98 -26.09
CA PHE E 308 -2.73 -44.80 -25.12
C PHE E 308 -3.87 -44.01 -25.75
N PRO E 309 -5.11 -44.46 -25.63
CA PRO E 309 -6.22 -43.75 -26.29
C PRO E 309 -6.44 -42.34 -25.77
N LYS E 310 -6.54 -42.18 -24.46
CA LYS E 310 -6.80 -40.88 -23.85
C LYS E 310 -5.54 -40.04 -23.65
N ALA E 311 -4.59 -40.14 -24.58
CA ALA E 311 -3.36 -39.35 -24.51
C ALA E 311 -2.79 -39.24 -25.92
N LYS E 312 -1.79 -38.39 -26.07
CA LYS E 312 -1.15 -38.17 -27.36
C LYS E 312 0.35 -38.45 -27.27
N PRO E 313 0.95 -38.95 -28.35
CA PRO E 313 2.39 -39.22 -28.33
C PRO E 313 3.20 -37.94 -28.17
N TYR E 314 4.23 -38.01 -27.32
CA TYR E 314 5.12 -36.89 -27.04
C TYR E 314 6.47 -37.18 -27.67
N GLU E 315 6.80 -36.49 -28.75
CA GLU E 315 8.08 -36.67 -29.44
C GLU E 315 9.07 -35.66 -28.88
N GLY E 316 9.56 -35.95 -27.69
CA GLY E 316 10.50 -35.07 -27.03
C GLY E 316 10.96 -35.68 -25.72
N SER E 317 11.84 -34.95 -25.04
CA SER E 317 12.39 -35.42 -23.77
C SER E 317 11.31 -35.37 -22.69
N ILE E 318 11.11 -36.50 -22.00
CA ILE E 318 10.12 -36.55 -20.92
C ILE E 318 10.58 -35.73 -19.73
N LEU E 319 11.89 -35.54 -19.57
CA LEU E 319 12.42 -34.79 -18.44
C LEU E 319 12.35 -33.29 -18.63
N GLU E 320 12.15 -32.82 -19.86
CA GLU E 320 12.09 -31.40 -20.17
C GLU E 320 10.66 -30.89 -20.35
N VAL E 321 9.67 -31.70 -19.98
CA VAL E 321 8.28 -31.29 -20.15
C VAL E 321 7.96 -30.16 -19.16
N ASP E 322 7.28 -29.13 -19.66
CA ASP E 322 6.84 -28.04 -18.79
C ASP E 322 5.88 -28.57 -17.74
N CYS E 323 6.28 -28.51 -16.47
CA CYS E 323 5.49 -29.07 -15.39
C CYS E 323 5.94 -28.43 -14.08
N ASP E 324 5.52 -29.02 -12.97
CA ASP E 324 5.91 -28.58 -11.63
C ASP E 324 6.78 -29.59 -10.91
N ILE E 325 6.42 -30.86 -10.95
CA ILE E 325 7.15 -31.93 -10.28
C ILE E 325 7.62 -32.92 -11.33
N LEU E 326 8.91 -33.28 -11.27
CA LEU E 326 9.48 -34.30 -12.14
C LEU E 326 9.93 -35.47 -11.28
N ILE E 327 9.47 -36.67 -11.62
CA ILE E 327 9.77 -37.86 -10.84
C ILE E 327 10.56 -38.86 -11.69
N PRO E 328 11.88 -38.78 -11.71
CA PRO E 328 12.67 -39.83 -12.38
C PRO E 328 12.59 -41.16 -11.62
N ALA E 329 11.96 -42.16 -12.23
CA ALA E 329 11.78 -43.46 -11.61
C ALA E 329 12.21 -44.57 -12.56
N ALA E 330 13.31 -44.35 -13.28
CA ALA E 330 13.80 -45.33 -14.24
C ALA E 330 15.26 -45.67 -14.01
N THR E 331 16.11 -45.31 -14.96
CA THR E 331 17.52 -45.68 -14.90
C THR E 331 18.33 -44.63 -14.17
N GLU E 332 19.65 -44.82 -14.16
CA GLU E 332 20.57 -43.96 -13.44
C GLU E 332 21.06 -42.82 -14.32
N LYS E 333 21.44 -41.71 -13.67
CA LYS E 333 22.07 -40.57 -14.32
C LYS E 333 21.26 -40.10 -15.53
N GLN E 334 19.99 -39.81 -15.30
CA GLN E 334 19.12 -39.29 -16.36
C GLN E 334 19.14 -37.78 -16.45
N LEU E 335 19.58 -37.10 -15.40
CA LEU E 335 19.68 -35.64 -15.38
C LEU E 335 21.15 -35.27 -15.22
N THR E 336 21.80 -34.96 -16.33
CA THR E 336 23.21 -34.59 -16.36
C THR E 336 23.34 -33.11 -16.74
N LYS E 337 24.59 -32.66 -16.86
CA LYS E 337 24.87 -31.27 -17.20
C LYS E 337 24.31 -30.85 -18.56
N SER E 338 23.87 -31.81 -19.38
CA SER E 338 23.35 -31.48 -20.70
C SER E 338 21.90 -31.02 -20.63
N ASN E 339 21.01 -31.88 -20.12
CA ASN E 339 19.58 -31.62 -20.12
C ASN E 339 19.08 -30.90 -18.89
N ALA E 340 19.88 -30.83 -17.83
CA ALA E 340 19.43 -30.18 -16.60
C ALA E 340 19.14 -28.69 -16.78
N PRO E 341 19.94 -27.89 -17.50
CA PRO E 341 19.56 -26.49 -17.70
C PRO E 341 18.28 -26.30 -18.51
N ARG E 342 17.72 -27.35 -19.07
CA ARG E 342 16.48 -27.26 -19.84
C ARG E 342 15.28 -27.84 -19.10
N VAL E 343 15.46 -28.29 -17.84
CA VAL E 343 14.35 -28.85 -17.08
C VAL E 343 13.44 -27.72 -16.62
N LYS E 344 12.14 -27.88 -16.88
CA LYS E 344 11.16 -26.87 -16.52
C LYS E 344 10.54 -27.09 -15.15
N ALA E 345 10.80 -28.22 -14.51
CA ALA E 345 10.20 -28.52 -13.22
C ALA E 345 10.90 -27.75 -12.11
N LYS E 346 10.16 -27.51 -11.04
CA LYS E 346 10.70 -26.85 -9.84
C LYS E 346 10.97 -27.83 -8.72
N ILE E 347 10.32 -28.99 -8.71
CA ILE E 347 10.54 -30.04 -7.73
C ILE E 347 10.94 -31.31 -8.46
N ILE E 348 12.04 -31.92 -8.04
CA ILE E 348 12.54 -33.16 -8.63
C ILE E 348 12.57 -34.20 -7.54
N ALA E 349 11.67 -35.19 -7.63
CA ALA E 349 11.60 -36.28 -6.67
C ALA E 349 12.28 -37.50 -7.28
N GLU E 350 13.43 -37.88 -6.71
CA GLU E 350 14.24 -38.96 -7.25
C GLU E 350 13.65 -40.29 -6.82
N GLY E 351 12.80 -40.85 -7.67
CA GLY E 351 12.23 -42.17 -7.45
C GLY E 351 13.16 -43.32 -7.74
N ALA E 352 14.41 -43.03 -8.10
CA ALA E 352 15.41 -44.04 -8.39
C ALA E 352 16.69 -43.74 -7.63
N ASN E 353 17.65 -44.64 -7.74
CA ASN E 353 18.91 -44.52 -7.01
C ASN E 353 19.90 -43.74 -7.87
N GLY E 354 20.15 -42.49 -7.49
CA GLY E 354 21.10 -41.63 -8.17
C GLY E 354 20.79 -41.40 -9.64
N PRO E 355 19.71 -40.70 -9.94
CA PRO E 355 19.42 -40.31 -11.33
C PRO E 355 19.84 -38.90 -11.71
N THR E 356 20.59 -38.21 -10.86
CA THR E 356 21.04 -36.84 -11.12
C THR E 356 22.53 -36.75 -10.84
N THR E 357 23.28 -36.30 -11.83
CA THR E 357 24.72 -36.16 -11.68
C THR E 357 25.04 -35.05 -10.68
N PRO E 358 26.21 -35.10 -10.03
CA PRO E 358 26.59 -34.01 -9.11
C PRO E 358 26.73 -32.68 -9.81
N GLU E 359 27.10 -32.67 -11.10
CA GLU E 359 27.18 -31.42 -11.83
C GLU E 359 25.80 -30.83 -12.10
N ALA E 360 24.80 -31.68 -12.33
CA ALA E 360 23.43 -31.19 -12.47
C ALA E 360 22.89 -30.67 -11.15
N ASP E 361 23.34 -31.23 -10.03
CA ASP E 361 22.95 -30.72 -8.72
C ASP E 361 23.42 -29.29 -8.52
N LYS E 362 24.55 -28.92 -9.12
CA LYS E 362 25.09 -27.58 -8.95
C LYS E 362 24.20 -26.55 -9.62
N ILE E 363 23.82 -26.80 -10.88
CA ILE E 363 22.97 -25.84 -11.59
C ILE E 363 21.52 -25.92 -11.14
N PHE E 364 21.08 -27.07 -10.62
CA PHE E 364 19.75 -27.15 -10.05
C PHE E 364 19.62 -26.26 -8.82
N LEU E 365 20.66 -26.21 -7.99
CA LEU E 365 20.66 -25.31 -6.84
C LEU E 365 20.75 -23.87 -7.28
N GLU E 366 21.43 -23.59 -8.40
CA GLU E 366 21.53 -22.22 -8.90
C GLU E 366 20.23 -21.77 -9.53
N ARG E 367 19.51 -22.69 -10.21
CA ARG E 367 18.25 -22.38 -10.85
C ARG E 367 17.08 -22.35 -9.86
N ASN E 368 17.34 -22.56 -8.58
CA ASN E 368 16.30 -22.66 -7.55
C ASN E 368 15.28 -23.74 -7.93
N ILE E 369 15.77 -24.97 -7.98
CA ILE E 369 14.95 -26.14 -8.28
C ILE E 369 15.13 -27.13 -7.14
N LEU E 370 14.04 -27.49 -6.48
CA LEU E 370 14.10 -28.39 -5.34
C LEU E 370 14.35 -29.81 -5.81
N VAL E 371 15.41 -30.44 -5.29
CA VAL E 371 15.75 -31.81 -5.62
C VAL E 371 15.68 -32.61 -4.31
N ILE E 372 14.62 -33.38 -4.15
CA ILE E 372 14.50 -34.27 -3.00
C ILE E 372 15.37 -35.50 -3.22
N PRO E 373 16.28 -35.82 -2.31
CA PRO E 373 17.32 -36.81 -2.62
C PRO E 373 16.81 -38.24 -2.54
N ASP E 374 17.58 -39.14 -3.14
CA ASP E 374 17.18 -40.54 -3.22
C ASP E 374 17.34 -41.25 -1.87
N LEU E 375 18.41 -40.92 -1.14
CA LEU E 375 18.67 -41.60 0.13
C LEU E 375 17.60 -41.31 1.18
N TYR E 376 16.69 -40.40 0.91
CA TYR E 376 15.51 -40.17 1.75
C TYR E 376 14.22 -40.55 1.04
N LEU E 377 13.98 -39.99 -0.14
CA LEU E 377 12.70 -40.20 -0.81
C LEU E 377 12.55 -41.63 -1.32
N ASN E 378 13.62 -42.20 -1.88
CA ASN E 378 13.58 -43.56 -2.39
C ASN E 378 13.84 -44.61 -1.31
N ALA E 379 13.32 -44.40 -0.10
CA ALA E 379 13.52 -45.32 1.02
C ALA E 379 12.20 -45.89 1.54
N GLY E 380 11.13 -45.76 0.76
CA GLY E 380 9.84 -46.31 1.20
C GLY E 380 9.84 -47.82 1.27
N GLY E 381 10.42 -48.47 0.26
CA GLY E 381 10.50 -49.92 0.30
C GLY E 381 11.46 -50.44 1.35
N VAL E 382 12.57 -49.72 1.55
CA VAL E 382 13.55 -50.13 2.55
C VAL E 382 12.96 -50.00 3.96
N THR E 383 12.07 -49.02 4.16
CA THR E 383 11.46 -48.85 5.47
C THR E 383 10.58 -50.05 5.85
N VAL E 384 9.73 -50.50 4.91
CA VAL E 384 8.89 -51.65 5.19
C VAL E 384 9.66 -52.96 5.02
N SER E 385 10.80 -52.95 4.33
CA SER E 385 11.68 -54.11 4.39
C SER E 385 12.17 -54.33 5.82
N TYR E 386 12.43 -53.24 6.53
CA TYR E 386 12.70 -53.34 7.96
C TYR E 386 11.48 -53.85 8.71
N PHE E 387 10.28 -53.47 8.27
CA PHE E 387 9.06 -53.96 8.90
C PHE E 387 8.81 -55.43 8.57
N GLU E 388 9.19 -55.87 7.37
CA GLU E 388 9.05 -57.28 7.02
C GLU E 388 10.04 -58.14 7.82
N TRP E 389 11.24 -57.63 8.04
CA TRP E 389 12.22 -58.35 8.85
C TRP E 389 11.73 -58.51 10.28
N LEU E 390 11.11 -57.47 10.83
CA LEU E 390 10.54 -57.58 12.17
C LEU E 390 9.36 -58.53 12.20
N LYS E 391 8.55 -58.54 11.12
CA LYS E 391 7.40 -59.44 11.06
C LYS E 391 7.84 -60.90 11.13
N ASN E 392 8.90 -61.25 10.40
CA ASN E 392 9.41 -62.61 10.46
C ASN E 392 10.00 -62.92 11.84
N LEU E 393 10.56 -61.91 12.52
CA LEU E 393 11.04 -62.12 13.87
C LEU E 393 9.89 -62.28 14.86
N ASN E 394 8.80 -61.56 14.63
CA ASN E 394 7.63 -61.66 15.49
C ASN E 394 6.81 -62.92 15.22
N HIS E 395 6.96 -63.52 14.04
CA HIS E 395 6.26 -64.74 13.66
C HIS E 395 4.74 -64.55 13.69
N VAL E 396 4.28 -63.33 13.42
CA VAL E 396 2.85 -63.03 13.42
C VAL E 396 2.66 -61.73 12.65
N SER E 397 1.52 -61.61 11.97
CA SER E 397 1.20 -60.40 11.25
C SER E 397 0.86 -59.26 12.20
N TYR E 398 1.11 -58.03 11.76
CA TYR E 398 0.82 -56.87 12.58
C TYR E 398 -0.69 -56.70 12.72
N GLY E 399 -1.15 -56.58 13.97
CA GLY E 399 -2.55 -56.40 14.25
C GLY E 399 -3.35 -57.67 14.42
N ARG E 400 -2.73 -58.84 14.25
CA ARG E 400 -3.47 -60.10 14.36
C ARG E 400 -4.10 -60.26 15.73
N LEU E 401 -3.43 -59.78 16.78
CA LEU E 401 -3.92 -59.93 18.15
C LEU E 401 -4.57 -58.66 18.70
N THR E 402 -4.59 -57.57 17.94
CA THR E 402 -5.07 -56.29 18.43
C THR E 402 -6.20 -55.68 17.61
N PHE E 403 -6.50 -56.22 16.44
CA PHE E 403 -7.51 -55.61 15.57
C PHE E 403 -8.88 -55.60 16.24
N LYS E 404 -9.37 -56.76 16.65
CA LYS E 404 -10.67 -56.83 17.31
C LYS E 404 -10.66 -56.13 18.66
N TYR E 405 -9.53 -56.19 19.38
CA TYR E 405 -9.44 -55.50 20.66
C TYR E 405 -9.54 -53.99 20.48
N GLU E 406 -8.86 -53.45 19.46
CA GLU E 406 -8.92 -52.02 19.23
C GLU E 406 -10.28 -51.59 18.68
N ARG E 407 -10.86 -52.41 17.79
CA ARG E 407 -12.16 -52.07 17.22
C ARG E 407 -13.24 -52.04 18.29
N ASP E 408 -13.19 -52.97 19.24
CA ASP E 408 -14.17 -52.98 20.33
C ASP E 408 -13.94 -51.80 21.27
N SER E 409 -12.70 -51.35 21.42
CA SER E 409 -12.44 -50.20 22.27
C SER E 409 -12.94 -48.91 21.63
N ASN E 410 -12.79 -48.78 20.31
CA ASN E 410 -13.30 -47.60 19.62
C ASN E 410 -14.82 -47.53 19.71
N TYR E 411 -15.49 -48.66 19.52
CA TYR E 411 -16.95 -48.68 19.65
C TYR E 411 -17.38 -48.47 21.10
N HIS E 412 -16.53 -48.84 22.06
CA HIS E 412 -16.81 -48.54 23.46
C HIS E 412 -16.68 -47.05 23.73
N LEU E 413 -15.72 -46.39 23.09
CA LEU E 413 -15.52 -44.96 23.29
C LEU E 413 -16.70 -44.17 22.74
N LEU E 414 -17.15 -44.50 21.53
CA LEU E 414 -18.27 -43.79 20.94
C LEU E 414 -19.57 -44.08 21.68
N LEU E 415 -19.73 -45.32 22.18
CA LEU E 415 -20.93 -45.64 22.95
C LEU E 415 -20.92 -44.95 24.31
N SER E 416 -19.74 -44.75 24.89
CA SER E 416 -19.66 -44.04 26.16
C SER E 416 -20.10 -42.59 26.02
N VAL E 417 -19.77 -41.95 24.90
CA VAL E 417 -20.25 -40.60 24.64
C VAL E 417 -21.76 -40.61 24.43
N GLN E 418 -22.27 -41.62 23.72
CA GLN E 418 -23.69 -41.69 23.44
C GLN E 418 -24.50 -41.89 24.73
N GLU E 419 -24.11 -42.87 25.54
CA GLU E 419 -24.88 -43.16 26.75
C GLU E 419 -24.77 -42.04 27.77
N SER E 420 -23.59 -41.41 27.87
CA SER E 420 -23.42 -40.34 28.84
C SER E 420 -24.27 -39.12 28.48
N LEU E 421 -24.38 -38.82 27.18
CA LEU E 421 -25.21 -37.70 26.76
C LEU E 421 -26.69 -38.04 26.83
N GLU E 422 -27.06 -39.29 26.50
CA GLU E 422 -28.45 -39.70 26.63
C GLU E 422 -28.90 -39.69 28.08
N ARG E 423 -28.01 -40.09 29.00
CA ARG E 423 -28.35 -40.06 30.42
C ARG E 423 -28.36 -38.63 30.96
N LYS E 424 -27.48 -37.77 30.44
CA LYS E 424 -27.42 -36.39 30.92
C LYS E 424 -28.71 -35.65 30.62
N PHE E 425 -29.31 -35.91 29.45
CA PHE E 425 -30.52 -35.22 29.03
C PHE E 425 -31.76 -36.10 29.12
N GLY E 426 -31.68 -37.20 29.84
CA GLY E 426 -32.85 -38.04 30.09
C GLY E 426 -33.46 -38.65 28.86
N LYS E 427 -32.64 -39.00 27.86
CA LYS E 427 -33.13 -39.61 26.64
C LYS E 427 -32.82 -41.11 26.66
N HIS E 428 -33.72 -41.89 26.05
CA HIS E 428 -33.55 -43.33 26.01
C HIS E 428 -32.47 -43.70 24.99
N GLY E 429 -32.14 -44.99 24.93
CA GLY E 429 -31.10 -45.45 24.03
C GLY E 429 -31.47 -45.26 22.58
N GLY E 430 -30.46 -44.94 21.78
CA GLY E 430 -30.65 -44.73 20.35
C GLY E 430 -31.07 -43.34 19.95
N THR E 431 -31.29 -42.43 20.91
CA THR E 431 -31.70 -41.08 20.58
C THR E 431 -30.54 -40.25 20.03
N ILE E 432 -29.35 -40.45 20.57
CA ILE E 432 -28.17 -39.69 20.14
C ILE E 432 -27.12 -40.66 19.61
N PRO E 433 -27.25 -41.15 18.38
CA PRO E 433 -26.29 -42.14 17.87
C PRO E 433 -24.94 -41.49 17.58
N ILE E 434 -23.89 -42.08 18.14
CA ILE E 434 -22.52 -41.66 17.89
C ILE E 434 -21.90 -42.74 17.00
N VAL E 435 -21.81 -42.45 15.70
CA VAL E 435 -21.29 -43.40 14.73
C VAL E 435 -19.99 -42.85 14.13
N PRO E 436 -19.07 -43.71 13.70
CA PRO E 436 -17.84 -43.21 13.08
C PRO E 436 -18.13 -42.49 11.77
N THR E 437 -17.22 -41.60 11.39
CA THR E 437 -17.35 -40.89 10.13
C THR E 437 -17.17 -41.84 8.96
N ALA E 438 -17.38 -41.31 7.75
CA ALA E 438 -17.21 -42.12 6.55
C ALA E 438 -15.78 -42.60 6.40
N GLU E 439 -14.80 -41.76 6.79
CA GLU E 439 -13.41 -42.15 6.73
C GLU E 439 -13.05 -43.12 7.85
N PHE E 440 -13.56 -42.88 9.06
CA PHE E 440 -13.26 -43.77 10.18
C PHE E 440 -13.89 -45.14 9.97
N GLN E 441 -15.07 -45.21 9.35
CA GLN E 441 -15.72 -46.48 9.14
C GLN E 441 -14.91 -47.36 8.19
N ASP E 442 -14.29 -46.75 7.18
CA ASP E 442 -13.46 -47.53 6.26
C ASP E 442 -12.18 -48.01 6.92
N SER E 443 -11.57 -47.16 7.76
CA SER E 443 -10.36 -47.55 8.47
C SER E 443 -10.64 -48.64 9.51
N ILE E 444 -11.89 -48.83 9.90
CA ILE E 444 -12.24 -49.85 10.89
C ILE E 444 -12.60 -51.16 10.21
N SER E 445 -13.45 -51.12 9.18
CA SER E 445 -13.90 -52.34 8.53
C SER E 445 -12.79 -52.97 7.69
N GLY E 446 -11.99 -52.15 7.03
CA GLY E 446 -10.92 -52.66 6.18
C GLY E 446 -9.57 -52.68 6.85
N ALA E 447 -9.55 -52.81 8.17
CA ALA E 447 -8.30 -52.82 8.91
C ALA E 447 -7.49 -54.06 8.57
N SER E 448 -6.24 -53.86 8.17
CA SER E 448 -5.36 -54.96 7.80
C SER E 448 -3.93 -54.57 8.14
N GLU E 449 -3.02 -55.53 7.96
CA GLU E 449 -1.60 -55.26 8.19
C GLU E 449 -1.08 -54.19 7.25
N LYS E 450 -1.66 -54.09 6.05
CA LYS E 450 -1.27 -53.04 5.11
C LYS E 450 -1.53 -51.65 5.70
N ASP E 451 -2.58 -51.51 6.50
CA ASP E 451 -2.91 -50.20 7.06
C ASP E 451 -1.88 -49.75 8.09
N ILE E 452 -1.35 -50.69 8.87
CA ILE E 452 -0.40 -50.33 9.92
C ILE E 452 0.96 -50.02 9.34
N VAL E 453 1.42 -50.81 8.36
CA VAL E 453 2.74 -50.58 7.79
C VAL E 453 2.74 -49.34 6.91
N HIS E 454 1.58 -48.97 6.35
CA HIS E 454 1.51 -47.75 5.56
C HIS E 454 1.49 -46.51 6.44
N SER E 455 0.80 -46.59 7.58
CA SER E 455 0.86 -45.49 8.55
C SER E 455 2.23 -45.41 9.19
N ALA E 456 2.87 -46.56 9.42
CA ALA E 456 4.23 -46.56 9.95
C ALA E 456 5.22 -46.00 8.93
N LEU E 457 4.98 -46.25 7.64
CA LEU E 457 5.82 -45.65 6.61
C LEU E 457 5.65 -44.14 6.56
N ALA E 458 4.40 -43.67 6.72
CA ALA E 458 4.16 -42.23 6.73
C ALA E 458 4.81 -41.58 7.94
N TYR E 459 4.80 -42.25 9.09
CA TYR E 459 5.47 -41.72 10.28
C TYR E 459 6.97 -41.60 10.03
N THR E 460 7.56 -42.59 9.37
CA THR E 460 9.00 -42.57 9.13
C THR E 460 9.38 -41.48 8.14
N MET E 461 8.63 -41.38 7.03
CA MET E 461 8.94 -40.36 6.03
C MET E 461 8.71 -38.95 6.56
N GLU E 462 7.70 -38.78 7.42
CA GLU E 462 7.45 -37.46 7.99
C GLU E 462 8.54 -37.09 8.98
N ARG E 463 8.89 -38.00 9.89
CA ARG E 463 9.90 -37.71 10.90
C ARG E 463 11.26 -37.46 10.27
N SER E 464 11.60 -38.21 9.21
CA SER E 464 12.87 -37.99 8.54
C SER E 464 12.88 -36.65 7.80
N ALA E 465 11.72 -36.19 7.33
CA ALA E 465 11.66 -34.89 6.67
C ALA E 465 11.99 -33.77 7.64
N ARG E 466 11.54 -33.88 8.89
CA ARG E 466 11.86 -32.85 9.89
C ARG E 466 13.35 -32.84 10.19
N GLN E 467 13.98 -34.01 10.26
CA GLN E 467 15.42 -34.07 10.51
C GLN E 467 16.20 -33.46 9.35
N ILE E 468 15.70 -33.62 8.12
CA ILE E 468 16.37 -33.02 6.97
C ILE E 468 16.13 -31.50 6.96
N MET E 469 14.89 -31.08 7.20
CA MET E 469 14.59 -29.65 7.22
C MET E 469 15.34 -28.94 8.33
N HIS E 470 15.51 -29.61 9.48
CA HIS E 470 16.18 -28.99 10.61
C HIS E 470 17.65 -28.73 10.31
N THR E 471 18.38 -29.77 9.89
CA THR E 471 19.81 -29.61 9.65
C THR E 471 20.10 -28.77 8.41
N ALA E 472 19.22 -28.81 7.41
CA ALA E 472 19.37 -27.90 6.28
C ALA E 472 19.19 -26.45 6.71
N MET E 473 18.21 -26.19 7.57
CA MET E 473 18.03 -24.84 8.10
C MET E 473 19.16 -24.46 9.05
N LYS E 474 19.80 -25.45 9.67
CA LYS E 474 20.89 -25.17 10.61
C LYS E 474 22.17 -24.77 9.89
N TYR E 475 22.47 -25.42 8.77
CA TYR E 475 23.68 -25.14 8.01
C TYR E 475 23.43 -24.22 6.82
N ASN E 476 22.25 -23.61 6.74
CA ASN E 476 21.91 -22.66 5.68
C ASN E 476 22.11 -23.27 4.30
N LEU E 477 21.76 -24.55 4.17
CA LEU E 477 21.94 -25.28 2.92
C LEU E 477 20.85 -24.95 1.90
N GLY E 478 19.78 -24.27 2.31
CA GLY E 478 18.79 -23.84 1.34
C GLY E 478 18.04 -25.03 0.76
N LEU E 479 18.13 -25.19 -0.55
CA LEU E 479 17.48 -26.28 -1.27
C LEU E 479 18.40 -27.46 -1.51
N ASP E 480 19.56 -27.51 -0.84
CA ASP E 480 20.48 -28.63 -0.97
C ASP E 480 20.07 -29.71 0.02
N LEU E 481 18.99 -30.43 -0.33
CA LEU E 481 18.48 -31.46 0.56
C LEU E 481 19.41 -32.67 0.61
N ARG E 482 20.15 -32.94 -0.45
CA ARG E 482 21.04 -34.09 -0.48
C ARG E 482 22.14 -33.95 0.57
N THR E 483 22.81 -32.80 0.59
CA THR E 483 23.87 -32.59 1.57
C THR E 483 23.34 -32.69 2.99
N ALA E 484 22.19 -32.08 3.26
CA ALA E 484 21.59 -32.18 4.59
C ALA E 484 21.24 -33.62 4.93
N ALA E 485 20.84 -34.41 3.95
CA ALA E 485 20.54 -35.81 4.20
C ALA E 485 21.80 -36.60 4.54
N TYR E 486 22.86 -36.40 3.76
CA TYR E 486 24.11 -37.11 4.03
C TYR E 486 24.73 -36.69 5.35
N VAL E 487 24.54 -35.44 5.75
CA VAL E 487 25.03 -34.99 7.06
C VAL E 487 24.29 -35.71 8.17
N ASN E 488 22.99 -35.96 7.98
CA ASN E 488 22.22 -36.68 8.98
C ASN E 488 22.68 -38.14 9.09
N ALA E 489 22.90 -38.79 7.94
CA ALA E 489 23.30 -40.19 7.96
C ALA E 489 24.69 -40.36 8.55
N ILE E 490 25.63 -39.50 8.15
CA ILE E 490 27.00 -39.61 8.64
C ILE E 490 27.04 -39.41 10.16
N GLU E 491 26.29 -38.41 10.66
CA GLU E 491 26.28 -38.15 12.10
C GLU E 491 25.69 -39.31 12.88
N LYS E 492 24.68 -39.99 12.31
CA LYS E 492 24.05 -41.10 13.01
C LYS E 492 25.00 -42.30 13.08
N VAL E 493 25.63 -42.65 11.96
CA VAL E 493 26.57 -43.77 11.95
C VAL E 493 27.76 -43.47 12.85
N PHE E 494 28.18 -42.20 12.88
CA PHE E 494 29.34 -41.83 13.71
C PHE E 494 29.05 -42.06 15.19
N LYS E 495 27.84 -41.74 15.64
CA LYS E 495 27.53 -41.89 17.06
C LYS E 495 27.52 -43.36 17.48
N VAL E 496 27.15 -44.26 16.57
CA VAL E 496 27.21 -45.68 16.89
C VAL E 496 28.65 -46.14 17.04
N TYR E 497 29.54 -45.66 16.16
CA TYR E 497 30.96 -46.00 16.28
C TYR E 497 31.59 -45.35 17.51
N SER E 498 31.30 -44.06 17.73
CA SER E 498 31.99 -43.32 18.78
C SER E 498 31.63 -43.85 20.16
N GLU E 499 30.34 -44.10 20.42
CA GLU E 499 29.86 -44.57 21.71
C GLU E 499 30.01 -46.07 21.88
N ALA E 500 30.98 -46.69 21.22
CA ALA E 500 31.23 -48.12 21.33
C ALA E 500 32.69 -48.46 21.62
N GLY E 501 33.63 -47.73 21.02
CA GLY E 501 35.05 -47.98 21.24
C GLY E 501 35.69 -48.80 20.15
N GLU F 8 5.58 -29.30 -44.26
CA GLU F 8 4.47 -28.56 -44.84
C GLU F 8 4.97 -27.57 -45.90
N ASP F 9 4.91 -26.28 -45.57
CA ASP F 9 5.29 -25.21 -46.48
C ASP F 9 6.74 -24.77 -46.32
N ASP F 10 7.24 -24.75 -45.08
CA ASP F 10 8.40 -23.92 -44.75
C ASP F 10 9.62 -24.29 -45.60
N PRO F 11 10.24 -23.32 -46.27
CA PRO F 11 11.54 -23.56 -46.91
C PRO F 11 12.66 -23.15 -45.98
N ASN F 12 13.89 -23.19 -46.47
CA ASN F 12 15.02 -22.65 -45.71
C ASN F 12 15.26 -21.21 -46.13
N PHE F 13 15.59 -20.36 -45.14
CA PHE F 13 15.76 -18.94 -45.40
C PHE F 13 16.84 -18.70 -46.47
N PHE F 14 17.80 -19.60 -46.60
CA PHE F 14 18.80 -19.47 -47.65
C PHE F 14 18.17 -19.53 -49.04
N LYS F 15 17.11 -20.32 -49.19
CA LYS F 15 16.42 -20.40 -50.47
C LYS F 15 15.55 -19.16 -50.71
N MET F 16 14.99 -18.58 -49.65
CA MET F 16 14.09 -17.44 -49.82
C MET F 16 14.84 -16.19 -50.29
N VAL F 17 16.03 -15.93 -49.73
CA VAL F 17 16.77 -14.73 -50.10
C VAL F 17 17.28 -14.82 -51.53
N GLU F 18 17.75 -16.00 -51.94
CA GLU F 18 18.18 -16.16 -53.32
C GLU F 18 17.02 -16.00 -54.29
N GLY F 19 15.84 -16.46 -53.90
CA GLY F 19 14.66 -16.23 -54.73
C GLY F 19 14.29 -14.76 -54.79
N PHE F 20 14.43 -14.05 -53.67
CA PHE F 20 14.15 -12.61 -53.66
C PHE F 20 15.14 -11.86 -54.55
N PHE F 21 16.41 -12.24 -54.50
CA PHE F 21 17.42 -11.59 -55.34
C PHE F 21 17.17 -11.88 -56.81
N ASP F 22 16.86 -13.13 -57.16
CA ASP F 22 16.63 -13.48 -58.55
C ASP F 22 15.40 -12.77 -59.11
N ARG F 23 14.39 -12.52 -58.28
CA ARG F 23 13.22 -11.80 -58.75
C ARG F 23 13.55 -10.34 -59.02
N GLY F 24 14.23 -9.69 -58.07
CA GLY F 24 14.55 -8.28 -58.25
C GLY F 24 15.61 -8.03 -59.30
N ALA F 25 16.53 -8.98 -59.50
CA ALA F 25 17.59 -8.81 -60.48
C ALA F 25 17.04 -8.85 -61.89
N SER F 26 16.05 -9.73 -62.15
CA SER F 26 15.48 -9.83 -63.49
C SER F 26 14.67 -8.59 -63.85
N ILE F 27 14.02 -7.97 -62.87
CA ILE F 27 13.23 -6.77 -63.14
C ILE F 27 14.14 -5.57 -63.36
N VAL F 28 15.12 -5.38 -62.48
CA VAL F 28 15.98 -4.19 -62.54
C VAL F 28 17.07 -4.30 -63.60
N GLU F 29 17.21 -5.44 -64.26
CA GLU F 29 18.30 -5.63 -65.21
C GLU F 29 18.21 -4.64 -66.37
N ASP F 30 17.00 -4.40 -66.88
CA ASP F 30 16.84 -3.51 -68.02
C ASP F 30 17.23 -2.08 -67.68
N LYS F 31 17.00 -1.65 -66.44
CA LYS F 31 17.37 -0.29 -66.06
C LYS F 31 18.88 -0.12 -65.97
N LEU F 32 19.60 -1.17 -65.62
CA LEU F 32 21.05 -1.07 -65.45
C LEU F 32 21.78 -1.06 -66.79
N VAL F 33 21.30 -1.81 -67.77
CA VAL F 33 21.96 -1.88 -69.06
C VAL F 33 21.84 -0.55 -69.82
N LYS F 34 20.89 0.30 -69.45
CA LYS F 34 20.71 1.59 -70.11
C LYS F 34 21.40 2.73 -69.37
N ASP F 35 21.39 2.71 -68.04
CA ASP F 35 22.09 3.71 -67.26
C ASP F 35 23.60 3.50 -67.23
N LEU F 36 24.10 2.44 -67.84
CA LEU F 36 25.53 2.18 -67.91
C LEU F 36 26.16 3.08 -68.97
N ARG F 37 27.07 3.94 -68.55
CA ARG F 37 27.70 4.92 -69.44
C ARG F 37 29.11 4.50 -69.84
N THR F 38 29.40 3.20 -69.86
CA THR F 38 30.71 2.73 -70.27
C THR F 38 30.85 2.78 -71.78
N GLN F 39 32.11 2.83 -72.23
CA GLN F 39 32.42 2.90 -73.67
C GLN F 39 32.48 1.50 -74.24
N GLU F 40 31.30 0.91 -74.46
CA GLU F 40 31.20 -0.41 -75.05
C GLU F 40 29.79 -0.58 -75.62
N SER F 41 29.63 -1.64 -76.41
CA SER F 41 28.35 -1.90 -77.06
C SER F 41 27.32 -2.41 -76.06
N GLU F 42 26.07 -2.49 -76.51
CA GLU F 42 24.97 -2.85 -75.63
C GLU F 42 25.01 -4.32 -75.22
N GLU F 43 25.72 -5.17 -75.96
CA GLU F 43 25.81 -6.57 -75.55
C GLU F 43 26.83 -6.74 -74.44
N GLN F 44 27.98 -6.09 -74.54
CA GLN F 44 28.93 -6.11 -73.42
C GLN F 44 28.36 -5.40 -72.20
N LYS F 45 27.47 -4.42 -72.43
CA LYS F 45 26.82 -3.72 -71.33
C LYS F 45 25.88 -4.66 -70.57
N ARG F 46 25.04 -5.40 -71.31
CA ARG F 46 24.18 -6.37 -70.65
C ARG F 46 24.97 -7.52 -70.07
N ASN F 47 26.12 -7.85 -70.67
CA ASN F 47 26.98 -8.87 -70.09
C ASN F 47 27.60 -8.39 -68.78
N ARG F 48 27.98 -7.11 -68.72
CA ARG F 48 28.55 -6.57 -67.49
C ARG F 48 27.49 -6.46 -66.40
N VAL F 49 26.26 -6.12 -66.76
CA VAL F 49 25.18 -6.05 -65.78
C VAL F 49 24.89 -7.44 -65.24
N ARG F 50 24.67 -8.41 -66.12
CA ARG F 50 24.43 -9.77 -65.68
C ARG F 50 25.66 -10.37 -65.01
N GLY F 51 26.86 -9.90 -65.38
CA GLY F 51 28.06 -10.41 -64.75
C GLY F 51 28.21 -9.94 -63.32
N ILE F 52 27.95 -8.66 -63.07
CA ILE F 52 28.06 -8.13 -61.71
C ILE F 52 27.00 -8.75 -60.81
N LEU F 53 25.81 -9.02 -61.34
CA LEU F 53 24.76 -9.66 -60.55
C LEU F 53 25.18 -11.06 -60.10
N ARG F 54 25.99 -11.74 -60.90
CA ARG F 54 26.53 -13.03 -60.51
C ARG F 54 27.51 -12.93 -59.36
N ILE F 55 28.03 -11.73 -59.08
CA ILE F 55 29.00 -11.54 -58.00
C ILE F 55 28.33 -11.14 -56.70
N ILE F 56 27.27 -10.33 -56.77
CA ILE F 56 26.62 -9.83 -55.56
C ILE F 56 25.90 -10.96 -54.83
N LYS F 57 25.30 -11.88 -55.58
CA LYS F 57 24.46 -12.91 -54.96
C LYS F 57 25.23 -13.81 -53.99
N PRO F 58 26.35 -14.44 -54.36
CA PRO F 58 27.02 -15.34 -53.41
C PRO F 58 27.83 -14.57 -52.37
N CYS F 59 27.98 -15.20 -51.21
CA CYS F 59 28.82 -14.64 -50.17
C CYS F 59 30.29 -14.73 -50.59
N ASN F 60 31.01 -13.61 -50.50
CA ASN F 60 32.39 -13.59 -50.98
C ASN F 60 33.33 -14.30 -50.02
N HIS F 61 33.07 -14.19 -48.71
CA HIS F 61 33.95 -14.78 -47.71
C HIS F 61 33.12 -15.44 -46.63
N VAL F 62 33.46 -16.68 -46.29
CA VAL F 62 32.86 -17.41 -45.18
C VAL F 62 33.98 -18.03 -44.36
N LEU F 63 33.92 -17.86 -43.04
CA LEU F 63 34.95 -18.36 -42.13
C LEU F 63 34.32 -19.31 -41.13
N SER F 64 34.72 -20.57 -41.18
CA SER F 64 34.31 -21.58 -40.21
C SER F 64 35.44 -21.78 -39.21
N LEU F 65 35.14 -21.62 -37.93
CA LEU F 65 36.16 -21.63 -36.88
C LEU F 65 35.94 -22.80 -35.94
N SER F 66 37.03 -23.23 -35.29
CA SER F 66 36.99 -24.30 -34.30
C SER F 66 38.07 -23.97 -33.26
N PHE F 67 37.67 -23.22 -32.24
CA PHE F 67 38.59 -22.75 -31.22
C PHE F 67 38.30 -23.40 -29.87
N PRO F 68 39.33 -23.60 -29.05
CA PRO F 68 39.11 -24.28 -27.76
C PRO F 68 38.77 -23.31 -26.62
N ILE F 69 38.48 -23.86 -25.45
CA ILE F 69 38.23 -23.06 -24.26
C ILE F 69 38.40 -23.96 -23.05
N ARG F 70 38.77 -23.37 -21.92
CA ARG F 70 38.92 -24.08 -20.65
C ARG F 70 37.75 -23.69 -19.76
N ARG F 71 36.88 -24.65 -19.47
CA ARG F 71 35.67 -24.37 -18.72
C ARG F 71 35.99 -24.13 -17.24
N ASP F 72 34.96 -23.78 -16.47
CA ASP F 72 35.15 -23.51 -15.06
C ASP F 72 35.48 -24.78 -14.28
N ASP F 73 34.84 -25.90 -14.63
CA ASP F 73 35.15 -27.15 -13.97
C ASP F 73 36.55 -27.66 -14.31
N GLY F 74 37.15 -27.14 -15.39
CA GLY F 74 38.50 -27.51 -15.79
C GLY F 74 38.57 -28.18 -17.15
N SER F 75 37.49 -28.84 -17.56
CA SER F 75 37.50 -29.60 -18.81
C SER F 75 37.69 -28.68 -20.01
N TRP F 76 38.07 -29.29 -21.13
CA TRP F 76 38.37 -28.57 -22.37
C TRP F 76 37.28 -28.86 -23.39
N GLU F 77 36.76 -27.80 -24.01
CA GLU F 77 35.73 -27.91 -25.03
C GLU F 77 36.19 -27.21 -26.31
N VAL F 78 35.66 -27.67 -27.44
CA VAL F 78 35.93 -27.09 -28.75
C VAL F 78 34.65 -26.44 -29.25
N ILE F 79 34.74 -25.16 -29.62
CA ILE F 79 33.59 -24.36 -30.00
C ILE F 79 33.61 -24.14 -31.51
N GLU F 80 32.52 -24.50 -32.18
CA GLU F 80 32.36 -24.23 -33.59
C GLU F 80 31.78 -22.84 -33.79
N GLY F 81 32.35 -22.09 -34.73
CA GLY F 81 31.88 -20.75 -35.03
C GLY F 81 31.85 -20.50 -36.52
N TYR F 82 31.05 -19.51 -36.91
CA TYR F 82 30.91 -19.14 -38.31
C TYR F 82 30.85 -17.62 -38.42
N ARG F 83 31.31 -17.11 -39.56
CA ARG F 83 31.23 -15.69 -39.87
C ARG F 83 31.26 -15.55 -41.38
N ALA F 84 30.13 -15.15 -41.96
CA ALA F 84 29.99 -15.01 -43.40
C ALA F 84 29.93 -13.54 -43.78
N GLN F 85 30.79 -13.13 -44.71
CA GLN F 85 30.79 -11.77 -45.25
C GLN F 85 30.19 -11.85 -46.65
N HIS F 86 28.96 -11.35 -46.79
CA HIS F 86 28.25 -11.47 -48.06
C HIS F 86 28.94 -10.69 -49.16
N SER F 87 29.05 -9.37 -48.99
CA SER F 87 29.71 -8.52 -49.96
C SER F 87 30.50 -7.45 -49.24
N GLN F 88 31.57 -6.99 -49.90
CA GLN F 88 32.45 -5.96 -49.36
C GLN F 88 32.53 -4.74 -50.28
N HIS F 89 31.48 -4.52 -51.08
CA HIS F 89 31.44 -3.36 -51.95
C HIS F 89 31.50 -2.05 -51.16
N ARG F 90 31.16 -2.09 -49.87
CA ARG F 90 31.30 -0.95 -48.98
C ARG F 90 31.88 -1.45 -47.67
N THR F 91 33.16 -1.18 -47.43
CA THR F 91 33.76 -1.57 -46.17
C THR F 91 33.50 -0.51 -45.11
N PRO F 92 33.36 -0.91 -43.83
CA PRO F 92 33.42 -2.28 -43.33
C PRO F 92 32.10 -3.03 -43.46
N CYS F 93 32.12 -4.33 -43.18
CA CYS F 93 30.90 -5.13 -43.16
C CYS F 93 30.18 -4.94 -41.82
N LYS F 94 28.89 -5.22 -41.83
CA LYS F 94 28.05 -5.13 -40.64
C LYS F 94 27.22 -6.40 -40.51
N GLY F 95 27.06 -6.88 -39.28
CA GLY F 95 26.29 -8.10 -39.06
C GLY F 95 26.23 -8.42 -37.58
N GLY F 96 25.40 -9.40 -37.26
CA GLY F 96 25.21 -9.80 -35.88
C GLY F 96 25.86 -11.12 -35.53
N ILE F 97 26.05 -11.38 -34.24
CA ILE F 97 26.64 -12.61 -33.75
C ILE F 97 25.57 -13.38 -32.98
N ARG F 98 25.22 -14.55 -33.49
CA ARG F 98 24.16 -15.38 -32.91
C ARG F 98 24.77 -16.51 -32.08
N TYR F 99 24.20 -16.73 -30.90
CA TYR F 99 24.61 -17.81 -30.01
C TYR F 99 23.45 -18.81 -29.92
N SER F 100 23.53 -19.89 -30.70
CA SER F 100 22.52 -20.92 -30.68
C SER F 100 23.08 -22.18 -31.30
N THR F 101 22.50 -23.32 -30.94
CA THR F 101 22.90 -24.58 -31.56
C THR F 101 22.27 -24.78 -32.93
N ASP F 102 21.37 -23.88 -33.34
CA ASP F 102 20.73 -23.95 -34.65
C ASP F 102 21.51 -23.21 -35.73
N VAL F 103 22.64 -22.59 -35.40
CA VAL F 103 23.41 -21.88 -36.41
C VAL F 103 23.98 -22.87 -37.41
N SER F 104 24.27 -22.36 -38.61
CA SER F 104 24.84 -23.17 -39.67
C SER F 104 25.44 -22.25 -40.72
N VAL F 105 26.21 -22.83 -41.63
CA VAL F 105 26.80 -22.06 -42.71
C VAL F 105 25.70 -21.48 -43.61
N ASP F 106 24.71 -22.31 -43.96
CA ASP F 106 23.60 -21.83 -44.78
C ASP F 106 22.80 -20.76 -44.06
N GLU F 107 22.74 -20.82 -42.72
CA GLU F 107 22.00 -19.81 -41.97
C GLU F 107 22.70 -18.46 -42.01
N VAL F 108 23.98 -18.43 -41.63
CA VAL F 108 24.69 -17.16 -41.56
C VAL F 108 24.94 -16.58 -42.95
N LYS F 109 25.01 -17.44 -43.97
CA LYS F 109 25.19 -16.92 -45.33
C LYS F 109 23.93 -16.20 -45.80
N ALA F 110 22.76 -16.72 -45.46
CA ALA F 110 21.51 -16.10 -45.88
C ALA F 110 21.30 -14.76 -45.19
N LEU F 111 21.40 -14.73 -43.87
CA LEU F 111 21.17 -13.50 -43.13
C LEU F 111 22.24 -12.45 -43.41
N ALA F 112 23.43 -12.87 -43.83
CA ALA F 112 24.43 -11.90 -44.29
C ALA F 112 24.00 -11.30 -45.62
N SER F 113 23.41 -12.11 -46.51
CA SER F 113 22.90 -11.59 -47.77
C SER F 113 21.76 -10.61 -47.53
N LEU F 114 20.87 -10.92 -46.59
CA LEU F 114 19.80 -9.99 -46.24
C LEU F 114 20.36 -8.71 -45.64
N MET F 115 21.45 -8.81 -44.89
CA MET F 115 22.03 -7.62 -44.28
C MET F 115 22.55 -6.63 -45.31
N THR F 116 23.06 -7.13 -46.44
CA THR F 116 23.49 -6.24 -47.51
C THR F 116 22.33 -5.43 -48.06
N TYR F 117 21.25 -6.10 -48.46
CA TYR F 117 20.13 -5.41 -49.05
C TYR F 117 19.36 -4.59 -48.02
N LYS F 118 19.40 -5.00 -46.75
CA LYS F 118 18.78 -4.18 -45.70
C LYS F 118 19.54 -2.88 -45.52
N CYS F 119 20.87 -2.92 -45.59
CA CYS F 119 21.67 -1.70 -45.45
C CYS F 119 21.49 -0.79 -46.66
N ALA F 120 21.33 -1.36 -47.85
CA ALA F 120 21.12 -0.53 -49.04
C ALA F 120 19.77 0.16 -49.01
N VAL F 121 18.77 -0.46 -48.37
CA VAL F 121 17.46 0.18 -48.29
C VAL F 121 17.53 1.44 -47.45
N VAL F 122 18.20 1.38 -46.30
CA VAL F 122 18.31 2.53 -45.41
C VAL F 122 19.56 3.35 -45.69
N ASP F 123 20.22 3.09 -46.83
CA ASP F 123 21.40 3.85 -47.25
C ASP F 123 22.51 3.80 -46.20
N VAL F 124 22.70 2.64 -45.59
CA VAL F 124 23.76 2.43 -44.61
C VAL F 124 24.96 1.85 -45.35
N PRO F 125 26.12 2.53 -45.36
CA PRO F 125 27.25 2.14 -46.20
C PRO F 125 28.08 0.98 -45.67
N PHE F 126 27.42 -0.13 -45.37
CA PHE F 126 28.06 -1.31 -44.84
C PHE F 126 27.77 -2.52 -45.73
N GLY F 127 28.69 -3.48 -45.73
CA GLY F 127 28.44 -4.76 -46.37
C GLY F 127 27.75 -5.73 -45.44
N GLY F 128 27.15 -6.76 -46.03
CA GLY F 128 26.40 -7.73 -45.24
C GLY F 128 27.31 -8.72 -44.55
N ALA F 129 27.05 -8.98 -43.27
CA ALA F 129 27.79 -9.96 -42.50
C ALA F 129 26.84 -10.65 -41.54
N LYS F 130 27.31 -11.76 -40.96
CA LYS F 130 26.54 -12.54 -40.00
C LYS F 130 27.46 -13.55 -39.36
N ALA F 131 27.30 -13.75 -38.04
CA ALA F 131 28.10 -14.68 -37.29
C ALA F 131 27.20 -15.66 -36.54
N GLY F 132 27.81 -16.73 -36.05
CA GLY F 132 27.10 -17.73 -35.29
C GLY F 132 28.01 -18.81 -34.74
N VAL F 133 27.83 -19.16 -33.46
CA VAL F 133 28.59 -20.22 -32.83
C VAL F 133 27.61 -21.25 -32.28
N LYS F 134 28.02 -22.53 -32.33
CA LYS F 134 27.15 -23.64 -31.95
C LYS F 134 27.27 -23.92 -30.45
N ILE F 135 26.73 -22.99 -29.67
CA ILE F 135 26.63 -23.16 -28.23
C ILE F 135 25.25 -22.70 -27.76
N ASN F 136 24.90 -23.09 -26.54
CA ASN F 136 23.68 -22.63 -25.88
C ASN F 136 24.09 -21.85 -24.63
N PRO F 137 23.82 -20.55 -24.56
CA PRO F 137 24.32 -19.75 -23.43
C PRO F 137 23.81 -20.22 -22.07
N LYS F 138 22.71 -20.97 -22.02
CA LYS F 138 22.22 -21.49 -20.75
C LYS F 138 23.10 -22.61 -20.22
N ASN F 139 23.84 -23.30 -21.10
CA ASN F 139 24.72 -24.38 -20.66
C ASN F 139 26.02 -23.87 -20.06
N TYR F 140 26.45 -22.66 -20.42
CA TYR F 140 27.70 -22.09 -19.93
C TYR F 140 27.41 -20.98 -18.93
N THR F 141 28.37 -20.76 -18.03
CA THR F 141 28.23 -19.70 -17.03
C THR F 141 28.67 -18.37 -17.62
N GLU F 142 28.56 -17.31 -16.81
CA GLU F 142 28.97 -15.98 -17.28
C GLU F 142 30.46 -15.92 -17.57
N ASN F 143 31.27 -16.58 -16.74
CA ASN F 143 32.71 -16.60 -16.98
C ASN F 143 33.05 -17.43 -18.21
N GLU F 144 32.31 -18.52 -18.46
CA GLU F 144 32.58 -19.33 -19.64
C GLU F 144 32.12 -18.65 -20.92
N LEU F 145 31.06 -17.84 -20.84
CA LEU F 145 30.62 -17.09 -22.02
C LEU F 145 31.59 -15.97 -22.36
N GLU F 146 32.29 -15.43 -21.36
CA GLU F 146 33.28 -14.39 -21.62
C GLU F 146 34.47 -14.96 -22.37
N LYS F 147 35.02 -16.09 -21.89
CA LYS F 147 36.16 -16.69 -22.56
C LYS F 147 35.78 -17.23 -23.92
N ILE F 148 34.51 -17.62 -24.12
CA ILE F 148 34.04 -17.96 -25.46
C ILE F 148 34.04 -16.73 -26.36
N THR F 149 33.55 -15.60 -25.83
CA THR F 149 33.42 -14.40 -26.64
C THR F 149 34.77 -13.78 -26.95
N ARG F 150 35.66 -13.72 -25.98
CA ARG F 150 36.97 -13.11 -26.20
C ARG F 150 37.81 -13.92 -27.17
N ARG F 151 37.80 -15.25 -27.03
CA ARG F 151 38.56 -16.09 -27.94
C ARG F 151 37.96 -16.04 -29.35
N PHE F 152 36.64 -15.93 -29.46
CA PHE F 152 36.01 -15.76 -30.76
C PHE F 152 36.43 -14.46 -31.42
N THR F 153 36.65 -13.40 -30.62
CA THR F 153 37.12 -12.14 -31.17
C THR F 153 38.55 -12.24 -31.66
N MET F 154 39.40 -12.99 -30.94
CA MET F 154 40.80 -13.12 -31.33
C MET F 154 40.94 -13.81 -32.67
N GLU F 155 40.20 -14.92 -32.87
CA GLU F 155 40.32 -15.66 -34.11
C GLU F 155 39.76 -14.87 -35.30
N LEU F 156 38.74 -14.03 -35.06
CA LEU F 156 38.19 -13.23 -36.15
C LEU F 156 39.14 -12.11 -36.54
N ALA F 157 39.84 -11.53 -35.58
CA ALA F 157 40.75 -10.42 -35.87
C ALA F 157 41.95 -10.90 -36.68
N LYS F 158 42.51 -12.05 -36.33
CA LYS F 158 43.67 -12.56 -37.05
C LYS F 158 43.33 -12.95 -38.49
N LYS F 159 42.06 -13.22 -38.79
CA LYS F 159 41.65 -13.64 -40.12
C LYS F 159 40.86 -12.57 -40.86
N GLY F 160 40.89 -11.33 -40.38
CA GLY F 160 40.24 -10.23 -41.08
C GLY F 160 38.73 -10.32 -41.15
N PHE F 161 38.09 -10.71 -40.05
CA PHE F 161 36.63 -10.76 -39.99
C PHE F 161 36.06 -9.88 -38.88
N ILE F 162 36.87 -9.00 -38.30
CA ILE F 162 36.40 -8.00 -37.37
C ILE F 162 37.40 -6.85 -37.36
N GLY F 163 36.89 -5.63 -37.34
CA GLY F 163 37.72 -4.44 -37.37
C GLY F 163 36.93 -3.21 -37.75
N PRO F 164 37.38 -2.05 -37.28
CA PRO F 164 36.64 -0.81 -37.58
C PRO F 164 36.51 -0.50 -39.05
N GLY F 165 37.44 -0.98 -39.88
CA GLY F 165 37.36 -0.76 -41.31
C GLY F 165 37.19 -2.03 -42.10
N VAL F 166 37.10 -3.16 -41.39
CA VAL F 166 36.98 -4.48 -42.02
C VAL F 166 35.58 -5.05 -41.82
N ASP F 167 35.18 -5.29 -40.57
CA ASP F 167 33.88 -5.87 -40.27
C ASP F 167 33.47 -5.47 -38.87
N VAL F 168 32.26 -4.95 -38.72
CA VAL F 168 31.72 -4.43 -37.47
C VAL F 168 30.62 -5.34 -36.95
N PRO F 169 30.87 -6.30 -36.06
CA PRO F 169 29.76 -7.13 -35.54
C PRO F 169 28.77 -6.35 -34.70
N ALA F 170 27.71 -7.03 -34.26
CA ALA F 170 26.62 -6.41 -33.53
C ALA F 170 25.90 -7.49 -32.74
N PRO F 171 25.08 -7.12 -31.75
CA PRO F 171 24.31 -8.12 -31.02
C PRO F 171 23.29 -8.82 -31.91
N ASP F 172 22.87 -10.00 -31.45
CA ASP F 172 21.84 -10.77 -32.14
C ASP F 172 21.15 -11.70 -31.16
N MET F 173 20.77 -12.89 -31.61
CA MET F 173 20.07 -13.83 -30.75
C MET F 173 20.99 -14.35 -29.65
N ASN F 174 20.52 -14.26 -28.40
CA ASN F 174 21.26 -14.71 -27.22
C ASN F 174 22.58 -13.96 -27.03
N THR F 175 22.69 -12.75 -27.60
CA THR F 175 23.85 -11.90 -27.37
C THR F 175 23.35 -10.48 -27.13
N GLY F 176 24.04 -9.77 -26.24
CA GLY F 176 23.66 -8.41 -25.91
C GLY F 176 24.85 -7.49 -25.72
N GLU F 177 24.63 -6.36 -25.05
CA GLU F 177 25.71 -5.40 -24.81
C GLU F 177 26.83 -6.01 -23.97
N ARG F 178 26.52 -7.03 -23.17
CA ARG F 178 27.56 -7.68 -22.37
C ARG F 178 28.60 -8.35 -23.26
N GLU F 179 28.15 -9.03 -24.32
CA GLU F 179 29.07 -9.69 -25.23
C GLU F 179 29.84 -8.67 -26.07
N MET F 180 29.16 -7.60 -26.50
CA MET F 180 29.83 -6.57 -27.29
C MET F 180 30.90 -5.85 -26.48
N SER F 181 30.67 -5.67 -25.18
CA SER F 181 31.69 -5.08 -24.33
C SER F 181 32.93 -5.96 -24.26
N TRP F 182 32.74 -7.27 -24.19
CA TRP F 182 33.87 -8.19 -24.21
C TRP F 182 34.56 -8.17 -25.57
N ILE F 183 33.79 -8.07 -26.65
CA ILE F 183 34.38 -8.04 -27.98
C ILE F 183 35.22 -6.80 -28.17
N ALA F 184 34.70 -5.63 -27.79
CA ALA F 184 35.44 -4.39 -27.96
C ALA F 184 36.70 -4.37 -27.09
N ASP F 185 36.59 -4.82 -25.83
CA ASP F 185 37.75 -4.82 -24.95
C ASP F 185 38.82 -5.79 -25.42
N THR F 186 38.43 -6.91 -26.02
CA THR F 186 39.41 -7.88 -26.50
C THR F 186 40.18 -7.34 -27.69
N TYR F 187 39.48 -6.79 -28.68
CA TYR F 187 40.15 -6.24 -29.85
C TYR F 187 41.03 -5.05 -29.49
N ALA F 188 40.52 -4.17 -28.62
CA ALA F 188 41.28 -2.97 -28.26
C ALA F 188 42.49 -3.26 -27.40
N SER F 189 42.55 -4.43 -26.76
CA SER F 189 43.66 -4.76 -25.88
C SER F 189 44.69 -5.69 -26.53
N THR F 190 44.41 -6.20 -27.73
CA THR F 190 45.31 -7.16 -28.35
C THR F 190 45.66 -6.76 -29.78
N ILE F 191 44.85 -7.21 -30.75
CA ILE F 191 45.17 -7.02 -32.16
C ILE F 191 45.07 -5.54 -32.53
N GLY F 192 44.04 -4.85 -32.03
CA GLY F 192 43.85 -3.46 -32.39
C GLY F 192 44.25 -2.47 -31.32
N HIS F 193 45.31 -2.78 -30.57
CA HIS F 193 45.74 -1.88 -29.51
C HIS F 193 46.26 -0.57 -30.06
N TYR F 194 46.97 -0.61 -31.19
CA TYR F 194 47.50 0.61 -31.78
C TYR F 194 46.47 1.33 -32.66
N ASP F 195 45.24 0.83 -32.71
CA ASP F 195 44.17 1.46 -33.47
C ASP F 195 43.47 2.51 -32.61
N ILE F 196 43.42 3.75 -33.11
CA ILE F 196 42.79 4.82 -32.34
C ILE F 196 41.29 4.62 -32.26
N ASN F 197 40.69 3.97 -33.25
CA ASN F 197 39.26 3.69 -33.28
C ASN F 197 38.97 2.23 -32.96
N ALA F 198 39.76 1.66 -32.05
CA ALA F 198 39.62 0.23 -31.73
C ALA F 198 38.24 -0.09 -31.19
N HIS F 199 37.62 0.83 -30.46
CA HIS F 199 36.29 0.58 -29.91
C HIS F 199 35.19 0.71 -30.96
N ALA F 200 35.51 1.16 -32.17
CA ALA F 200 34.55 1.20 -33.27
C ALA F 200 34.40 -0.15 -33.96
N CYS F 201 35.08 -1.19 -33.47
CA CYS F 201 35.05 -2.50 -34.11
C CYS F 201 33.73 -3.24 -33.90
N VAL F 202 32.86 -2.76 -33.02
CA VAL F 202 31.61 -3.43 -32.72
C VAL F 202 30.60 -2.39 -32.24
N THR F 203 29.33 -2.63 -32.55
CA THR F 203 28.24 -1.77 -32.13
C THR F 203 27.33 -2.52 -31.16
N GLY F 204 26.44 -1.78 -30.52
CA GLY F 204 25.59 -2.32 -29.48
C GLY F 204 26.23 -2.38 -28.11
N LYS F 205 27.33 -1.67 -27.89
CA LYS F 205 28.03 -1.68 -26.62
C LYS F 205 27.28 -0.83 -25.59
N PRO F 206 27.55 -1.04 -24.30
CA PRO F 206 27.01 -0.14 -23.27
C PRO F 206 27.56 1.27 -23.44
N ILE F 207 26.90 2.21 -22.75
CA ILE F 207 27.28 3.63 -22.87
C ILE F 207 28.69 3.85 -22.36
N SER F 208 29.06 3.17 -21.27
CA SER F 208 30.40 3.33 -20.71
C SER F 208 31.49 2.74 -21.60
N GLN F 209 31.11 1.88 -22.54
CA GLN F 209 32.06 1.25 -23.45
C GLN F 209 32.06 1.88 -24.84
N GLY F 210 31.29 2.96 -25.04
CA GLY F 210 31.23 3.62 -26.32
C GLY F 210 29.90 3.53 -27.04
N GLY F 211 28.87 2.95 -26.41
CA GLY F 211 27.59 2.83 -27.07
C GLY F 211 26.88 4.15 -27.27
N ILE F 212 25.92 4.14 -28.17
CA ILE F 212 25.14 5.33 -28.51
C ILE F 212 23.82 5.30 -27.74
N HIS F 213 23.27 6.49 -27.51
CA HIS F 213 21.99 6.60 -26.82
C HIS F 213 20.85 6.38 -27.80
N GLY F 214 19.77 5.76 -27.30
CA GLY F 214 18.65 5.43 -28.14
C GLY F 214 18.79 4.12 -28.90
N ARG F 215 19.72 3.26 -28.47
CA ARG F 215 19.93 2.00 -29.17
C ARG F 215 18.90 0.95 -28.78
N ILE F 216 18.42 0.97 -27.54
CA ILE F 216 17.46 -0.03 -27.09
C ILE F 216 16.15 0.13 -27.85
N SER F 217 15.66 1.36 -27.96
CA SER F 217 14.41 1.64 -28.66
C SER F 217 14.61 1.91 -30.15
N ALA F 218 15.77 1.56 -30.69
CA ALA F 218 16.07 1.86 -32.08
C ALA F 218 15.22 1.02 -33.04
N THR F 219 15.20 -0.30 -32.83
CA THR F 219 14.44 -1.17 -33.72
C THR F 219 12.94 -0.94 -33.58
N GLY F 220 12.47 -0.69 -32.36
CA GLY F 220 11.05 -0.44 -32.16
C GLY F 220 10.60 0.86 -32.79
N ARG F 221 11.43 1.91 -32.69
CA ARG F 221 11.10 3.18 -33.33
C ARG F 221 11.11 3.06 -34.85
N GLY F 222 12.02 2.24 -35.39
CA GLY F 222 12.03 2.01 -36.83
C GLY F 222 10.78 1.30 -37.32
N VAL F 223 10.23 0.40 -36.50
CA VAL F 223 8.97 -0.24 -36.86
C VAL F 223 7.83 0.77 -36.86
N PHE F 224 7.84 1.69 -35.89
CA PHE F 224 6.80 2.71 -35.83
C PHE F 224 6.91 3.68 -36.99
N HIS F 225 8.11 4.21 -37.24
CA HIS F 225 8.30 5.18 -38.31
C HIS F 225 8.00 4.57 -39.67
N GLY F 226 8.32 3.28 -39.86
CA GLY F 226 8.11 2.65 -41.15
C GLY F 226 6.64 2.60 -41.53
N ILE F 227 5.80 2.04 -40.65
CA ILE F 227 4.38 1.98 -40.92
C ILE F 227 3.76 3.37 -40.90
N GLU F 228 4.39 4.33 -40.21
CA GLU F 228 3.89 5.70 -40.19
C GLU F 228 3.89 6.31 -41.59
N ASN F 229 4.93 6.04 -42.37
CA ASN F 229 5.01 6.60 -43.71
C ASN F 229 3.95 6.01 -44.63
N PHE F 230 3.54 4.78 -44.39
CA PHE F 230 2.56 4.11 -45.25
C PHE F 230 1.14 4.22 -44.74
N ILE F 231 0.93 4.31 -43.42
CA ILE F 231 -0.42 4.52 -42.91
C ILE F 231 -0.89 5.95 -43.15
N ASN F 232 0.03 6.86 -43.49
CA ASN F 232 -0.33 8.25 -43.77
C ASN F 232 -0.33 8.57 -45.25
N GLU F 233 0.06 7.63 -46.11
CA GLU F 233 0.05 7.83 -47.55
C GLU F 233 -1.35 7.48 -48.07
N ALA F 234 -2.07 8.50 -48.55
CA ALA F 234 -3.45 8.28 -48.98
C ALA F 234 -3.54 7.38 -50.21
N SER F 235 -2.50 7.38 -51.05
CA SER F 235 -2.54 6.54 -52.25
C SER F 235 -2.56 5.06 -51.90
N TYR F 236 -1.76 4.66 -50.92
CA TYR F 236 -1.75 3.26 -50.50
C TYR F 236 -2.94 2.93 -49.62
N MET F 237 -3.30 3.82 -48.69
CA MET F 237 -4.34 3.54 -47.72
C MET F 237 -5.72 3.38 -48.38
N SER F 238 -5.92 3.95 -49.57
CA SER F 238 -7.19 3.75 -50.26
C SER F 238 -7.34 2.32 -50.75
N ILE F 239 -6.23 1.65 -51.07
CA ILE F 239 -6.30 0.27 -51.54
C ILE F 239 -6.61 -0.67 -50.37
N LEU F 240 -6.04 -0.38 -49.20
CA LEU F 240 -6.34 -1.20 -48.02
C LEU F 240 -7.77 -1.04 -47.55
N GLY F 241 -8.44 0.05 -47.93
CA GLY F 241 -9.79 0.29 -47.47
C GLY F 241 -9.88 0.89 -46.09
N MET F 242 -8.89 1.67 -45.68
CA MET F 242 -8.85 2.28 -44.36
C MET F 242 -8.51 3.76 -44.49
N THR F 243 -8.94 4.53 -43.51
CA THR F 243 -8.64 5.96 -43.48
C THR F 243 -7.18 6.18 -43.08
N PRO F 244 -6.51 7.17 -43.67
CA PRO F 244 -5.13 7.44 -43.27
C PRO F 244 -5.05 7.94 -41.84
N GLY F 245 -3.94 7.62 -41.19
CA GLY F 245 -3.69 8.02 -39.82
C GLY F 245 -3.72 6.85 -38.86
N PHE F 246 -3.10 7.05 -37.70
CA PHE F 246 -3.05 6.03 -36.67
C PHE F 246 -4.30 6.00 -35.81
N ARG F 247 -5.09 7.07 -35.82
CA ARG F 247 -6.27 7.15 -34.96
C ARG F 247 -7.31 6.11 -35.36
N ASP F 248 -7.96 5.52 -34.36
CA ASP F 248 -9.02 4.52 -34.55
C ASP F 248 -8.50 3.30 -35.30
N LYS F 249 -7.24 2.93 -35.08
CA LYS F 249 -6.63 1.76 -35.70
C LYS F 249 -6.14 0.81 -34.62
N THR F 250 -6.28 -0.49 -34.89
CA THR F 250 -5.95 -1.54 -33.94
C THR F 250 -4.80 -2.38 -34.47
N PHE F 251 -3.78 -2.56 -33.63
CA PHE F 251 -2.62 -3.36 -33.99
C PHE F 251 -2.42 -4.50 -32.99
N VAL F 252 -1.84 -5.59 -33.46
CA VAL F 252 -1.57 -6.77 -32.65
C VAL F 252 -0.11 -7.16 -32.82
N VAL F 253 0.59 -7.35 -31.70
CA VAL F 253 2.02 -7.63 -31.69
C VAL F 253 2.24 -9.09 -31.32
N GLN F 254 3.07 -9.77 -32.10
CA GLN F 254 3.47 -11.15 -31.83
C GLN F 254 4.91 -11.14 -31.31
N GLY F 255 5.08 -11.44 -30.03
CA GLY F 255 6.40 -11.42 -29.42
C GLY F 255 6.68 -10.12 -28.70
N PHE F 256 6.60 -10.16 -27.37
CA PHE F 256 6.81 -8.96 -26.55
C PHE F 256 8.25 -8.88 -26.05
N GLY F 257 9.21 -9.10 -26.94
CA GLY F 257 10.60 -9.00 -26.59
C GLY F 257 11.08 -7.56 -26.51
N ASN F 258 12.07 -7.21 -27.32
CA ASN F 258 12.57 -5.84 -27.40
C ASN F 258 11.92 -5.03 -28.51
N VAL F 259 11.76 -5.62 -29.70
CA VAL F 259 11.13 -4.91 -30.80
C VAL F 259 9.64 -4.71 -30.52
N GLY F 260 8.96 -5.78 -30.10
CA GLY F 260 7.53 -5.69 -29.85
C GLY F 260 7.18 -4.76 -28.70
N LEU F 261 8.06 -4.67 -27.71
CA LEU F 261 7.82 -3.75 -26.59
C LEU F 261 7.81 -2.30 -27.06
N HIS F 262 8.83 -1.90 -27.82
CA HIS F 262 8.93 -0.52 -28.25
C HIS F 262 8.03 -0.21 -29.44
N SER F 263 7.70 -1.21 -30.25
CA SER F 263 6.72 -1.00 -31.30
C SER F 263 5.35 -0.73 -30.71
N MET F 264 4.98 -1.45 -29.65
CA MET F 264 3.72 -1.20 -28.96
C MET F 264 3.73 0.13 -28.23
N ARG F 265 4.89 0.50 -27.67
CA ARG F 265 4.99 1.75 -26.93
C ARG F 265 4.84 2.95 -27.85
N TYR F 266 5.43 2.89 -29.05
CA TYR F 266 5.42 4.04 -29.94
C TYR F 266 4.15 4.12 -30.78
N LEU F 267 3.49 2.99 -31.02
CA LEU F 267 2.21 3.02 -31.72
C LEU F 267 1.10 3.54 -30.82
N HIS F 268 1.07 3.08 -29.56
CA HIS F 268 0.06 3.56 -28.62
C HIS F 268 0.21 5.04 -28.33
N ARG F 269 1.45 5.55 -28.38
CA ARG F 269 1.68 6.96 -28.11
C ARG F 269 1.05 7.85 -29.18
N PHE F 270 0.96 7.37 -30.41
CA PHE F 270 0.48 8.17 -31.54
C PHE F 270 -0.94 7.81 -31.96
N GLY F 271 -1.74 7.26 -31.04
CA GLY F 271 -3.16 7.08 -31.25
C GLY F 271 -3.58 5.63 -31.43
N ALA F 272 -2.68 4.76 -31.88
CA ALA F 272 -3.02 3.38 -32.10
C ALA F 272 -3.34 2.68 -30.78
N LYS F 273 -4.08 1.57 -30.89
CA LYS F 273 -4.54 0.82 -29.73
C LYS F 273 -4.13 -0.63 -29.87
N CYS F 274 -3.44 -1.15 -28.87
CA CYS F 274 -3.02 -2.55 -28.87
C CYS F 274 -4.16 -3.44 -28.40
N ILE F 275 -4.48 -4.45 -29.20
CA ILE F 275 -5.61 -5.33 -28.92
C ILE F 275 -5.16 -6.67 -28.35
N ALA F 276 -4.10 -7.26 -28.91
CA ALA F 276 -3.63 -8.57 -28.47
C ALA F 276 -2.11 -8.61 -28.51
N VAL F 277 -1.52 -9.30 -27.54
CA VAL F 277 -0.08 -9.52 -27.47
C VAL F 277 0.15 -11.00 -27.18
N GLY F 278 0.86 -11.68 -28.06
CA GLY F 278 1.10 -13.10 -27.94
C GLY F 278 2.59 -13.40 -27.95
N GLU F 279 2.96 -14.50 -27.28
CA GLU F 279 4.34 -14.97 -27.24
C GLU F 279 4.32 -16.49 -27.32
N SER F 280 5.49 -17.11 -27.15
CA SER F 280 5.56 -18.56 -27.07
C SER F 280 4.97 -19.10 -25.76
N ASP F 281 4.62 -18.23 -24.82
CA ASP F 281 4.01 -18.65 -23.57
C ASP F 281 2.50 -18.66 -23.62
N GLY F 282 1.89 -17.73 -24.36
CA GLY F 282 0.45 -17.65 -24.46
C GLY F 282 0.00 -16.48 -25.32
N SER F 283 -1.17 -15.92 -25.03
CA SER F 283 -1.67 -14.78 -25.78
C SER F 283 -2.75 -14.09 -24.96
N ILE F 284 -2.60 -12.78 -24.77
CA ILE F 284 -3.59 -11.97 -24.08
C ILE F 284 -4.38 -11.19 -25.12
N TRP F 285 -5.57 -10.75 -24.72
CA TRP F 285 -6.46 -10.04 -25.64
C TRP F 285 -7.36 -9.09 -24.85
N ASN F 286 -7.61 -7.93 -25.43
CA ASN F 286 -8.54 -6.95 -24.90
C ASN F 286 -9.01 -6.03 -26.03
N PRO F 287 -10.31 -5.98 -26.32
CA PRO F 287 -10.77 -5.24 -27.49
C PRO F 287 -10.71 -3.72 -27.34
N ASP F 288 -10.46 -3.21 -26.13
CA ASP F 288 -10.49 -1.77 -25.89
C ASP F 288 -9.12 -1.22 -25.49
N GLY F 289 -8.05 -1.92 -25.81
CA GLY F 289 -6.72 -1.37 -25.62
C GLY F 289 -5.95 -2.02 -24.48
N ILE F 290 -4.65 -2.19 -24.69
CA ILE F 290 -3.73 -2.68 -23.68
C ILE F 290 -2.65 -1.63 -23.47
N ASP F 291 -2.38 -1.29 -22.22
CA ASP F 291 -1.38 -0.28 -21.91
C ASP F 291 0.02 -0.88 -22.07
N PRO F 292 0.91 -0.24 -22.83
CA PRO F 292 2.27 -0.79 -22.97
C PRO F 292 3.08 -0.71 -21.69
N LYS F 293 2.92 0.36 -20.92
CA LYS F 293 3.69 0.50 -19.69
C LYS F 293 3.27 -0.54 -18.65
N GLU F 294 1.97 -0.75 -18.49
CA GLU F 294 1.49 -1.78 -17.57
C GLU F 294 1.91 -3.17 -18.01
N LEU F 295 1.94 -3.42 -19.32
CA LEU F 295 2.38 -4.72 -19.82
C LEU F 295 3.88 -4.89 -19.68
N GLU F 296 4.65 -3.82 -19.84
CA GLU F 296 6.10 -3.92 -19.68
C GLU F 296 6.47 -4.24 -18.24
N ASP F 297 5.79 -3.62 -17.27
CA ASP F 297 6.09 -3.90 -15.86
C ASP F 297 5.61 -5.29 -15.47
N PHE F 298 4.52 -5.78 -16.07
CA PHE F 298 4.06 -7.13 -15.78
C PHE F 298 4.98 -8.17 -16.38
N LYS F 299 5.48 -7.93 -17.59
CA LYS F 299 6.42 -8.85 -18.21
C LYS F 299 7.75 -8.85 -17.46
N LEU F 300 8.20 -7.68 -17.00
CA LEU F 300 9.46 -7.60 -16.26
C LEU F 300 9.35 -8.25 -14.88
N GLN F 301 8.17 -8.19 -14.25
CA GLN F 301 8.01 -8.72 -12.90
C GLN F 301 7.94 -10.25 -12.90
N HIS F 302 6.92 -10.80 -13.55
CA HIS F 302 6.66 -12.22 -13.51
C HIS F 302 7.39 -13.00 -14.61
N GLY F 303 8.18 -12.32 -15.45
CA GLY F 303 8.92 -12.98 -16.50
C GLY F 303 8.10 -13.40 -17.70
N SER F 304 6.79 -13.15 -17.71
CA SER F 304 5.93 -13.49 -18.82
C SER F 304 4.73 -12.56 -18.82
N ILE F 305 3.77 -12.82 -19.71
CA ILE F 305 2.61 -11.96 -19.87
C ILE F 305 1.30 -12.63 -19.47
N LEU F 306 1.32 -13.93 -19.17
CA LEU F 306 0.09 -14.61 -18.82
C LEU F 306 -0.41 -14.16 -17.46
N GLY F 307 -1.72 -13.93 -17.37
CA GLY F 307 -2.32 -13.43 -16.15
C GLY F 307 -2.40 -11.92 -16.05
N PHE F 308 -2.38 -11.22 -17.17
CA PHE F 308 -2.47 -9.76 -17.14
C PHE F 308 -3.85 -9.34 -16.61
N PRO F 309 -3.91 -8.46 -15.61
CA PRO F 309 -5.20 -8.13 -15.01
C PRO F 309 -6.14 -7.38 -15.95
N LYS F 310 -5.60 -6.62 -16.90
CA LYS F 310 -6.41 -5.83 -17.82
C LYS F 310 -6.44 -6.41 -19.22
N ALA F 311 -6.39 -7.74 -19.33
CA ALA F 311 -6.44 -8.41 -20.63
C ALA F 311 -6.87 -9.85 -20.42
N LYS F 312 -7.95 -10.25 -21.09
CA LYS F 312 -8.41 -11.62 -21.02
C LYS F 312 -7.54 -12.52 -21.88
N PRO F 313 -7.37 -13.79 -21.47
CA PRO F 313 -6.57 -14.72 -22.28
C PRO F 313 -7.18 -14.96 -23.65
N TYR F 314 -6.32 -15.34 -24.58
CA TYR F 314 -6.72 -15.61 -25.97
C TYR F 314 -6.09 -16.94 -26.38
N GLU F 315 -6.91 -17.99 -26.43
CA GLU F 315 -6.43 -19.33 -26.76
C GLU F 315 -6.38 -19.60 -28.25
N GLY F 316 -6.78 -18.64 -29.09
CA GLY F 316 -6.66 -18.78 -30.52
C GLY F 316 -5.29 -18.36 -31.02
N SER F 317 -5.16 -18.35 -32.34
CA SER F 317 -3.90 -17.96 -32.95
C SER F 317 -3.68 -16.47 -32.84
N ILE F 318 -2.45 -16.07 -32.50
CA ILE F 318 -2.14 -14.66 -32.33
C ILE F 318 -2.10 -13.95 -33.68
N LEU F 319 -1.71 -14.66 -34.74
CA LEU F 319 -1.62 -14.05 -36.06
C LEU F 319 -2.99 -13.88 -36.73
N GLU F 320 -4.00 -14.62 -36.27
CA GLU F 320 -5.33 -14.56 -36.86
C GLU F 320 -6.29 -13.64 -36.11
N VAL F 321 -5.78 -12.86 -35.17
CA VAL F 321 -6.64 -11.94 -34.41
C VAL F 321 -7.14 -10.84 -35.35
N ASP F 322 -8.44 -10.56 -35.28
CA ASP F 322 -9.02 -9.52 -36.11
C ASP F 322 -8.53 -8.16 -35.65
N CYS F 323 -7.84 -7.47 -36.55
CA CYS F 323 -7.29 -6.14 -36.26
C CYS F 323 -7.00 -5.45 -37.58
N ASP F 324 -6.30 -4.31 -37.52
CA ASP F 324 -5.88 -3.58 -38.70
C ASP F 324 -4.41 -3.79 -39.03
N ILE F 325 -3.56 -3.90 -38.01
CA ILE F 325 -2.12 -4.04 -38.20
C ILE F 325 -1.65 -5.24 -37.41
N LEU F 326 -0.79 -6.06 -38.03
CA LEU F 326 -0.20 -7.22 -37.40
C LEU F 326 1.32 -7.08 -37.42
N ILE F 327 1.96 -7.27 -36.27
CA ILE F 327 3.39 -7.07 -36.11
C ILE F 327 4.01 -8.38 -35.66
N PRO F 328 4.55 -9.19 -36.59
CA PRO F 328 5.36 -10.34 -36.20
C PRO F 328 6.73 -9.87 -35.74
N ALA F 329 7.10 -10.23 -34.51
CA ALA F 329 8.38 -9.85 -33.92
C ALA F 329 8.90 -11.03 -33.10
N ALA F 330 9.29 -12.10 -33.80
CA ALA F 330 9.74 -13.32 -33.13
C ALA F 330 10.60 -14.18 -34.03
N THR F 331 10.04 -15.28 -34.52
CA THR F 331 10.79 -16.31 -35.22
C THR F 331 10.56 -16.21 -36.72
N GLU F 332 11.38 -16.97 -37.46
CA GLU F 332 11.25 -17.02 -38.91
C GLU F 332 10.04 -17.83 -39.33
N LYS F 333 9.43 -17.42 -40.44
CA LYS F 333 8.35 -18.17 -41.09
C LYS F 333 7.17 -18.42 -40.14
N GLN F 334 6.63 -17.33 -39.61
CA GLN F 334 5.44 -17.42 -38.78
C GLN F 334 4.15 -17.37 -39.61
N LEU F 335 4.17 -16.64 -40.72
CA LEU F 335 3.03 -16.60 -41.63
C LEU F 335 3.31 -17.56 -42.78
N THR F 336 2.42 -18.52 -42.97
CA THR F 336 2.65 -19.67 -43.84
C THR F 336 1.44 -19.85 -44.76
N LYS F 337 1.70 -20.38 -45.96
CA LYS F 337 0.69 -20.69 -46.96
C LYS F 337 -0.59 -21.26 -46.37
N SER F 338 -0.47 -22.10 -45.33
CA SER F 338 -1.65 -22.71 -44.73
C SER F 338 -2.39 -21.76 -43.79
N ASN F 339 -1.70 -20.78 -43.21
CA ASN F 339 -2.34 -19.83 -42.31
C ASN F 339 -2.51 -18.44 -42.91
N ALA F 340 -1.96 -18.19 -44.10
CA ALA F 340 -2.11 -16.87 -44.72
C ALA F 340 -3.56 -16.52 -45.05
N PRO F 341 -4.38 -17.40 -45.65
CA PRO F 341 -5.77 -17.01 -45.95
C PRO F 341 -6.65 -16.84 -44.73
N ARG F 342 -6.12 -16.95 -43.52
CA ARG F 342 -6.92 -16.83 -42.30
C ARG F 342 -6.58 -15.59 -41.48
N VAL F 343 -5.67 -14.74 -41.96
CA VAL F 343 -5.34 -13.52 -41.25
C VAL F 343 -6.39 -12.45 -41.55
N LYS F 344 -6.56 -11.52 -40.62
CA LYS F 344 -7.59 -10.48 -40.74
C LYS F 344 -7.02 -9.08 -40.87
N ALA F 345 -5.77 -8.86 -40.50
CA ALA F 345 -5.19 -7.52 -40.60
C ALA F 345 -4.86 -7.19 -42.05
N LYS F 346 -5.01 -5.91 -42.39
CA LYS F 346 -4.71 -5.44 -43.74
C LYS F 346 -3.25 -5.01 -43.90
N ILE F 347 -2.55 -4.74 -42.80
CA ILE F 347 -1.14 -4.37 -42.83
C ILE F 347 -0.38 -5.31 -41.91
N ILE F 348 0.68 -5.92 -42.44
CA ILE F 348 1.53 -6.83 -41.68
C ILE F 348 2.90 -6.16 -41.54
N ALA F 349 3.19 -5.69 -40.34
CA ALA F 349 4.43 -4.96 -40.06
C ALA F 349 5.50 -5.94 -39.61
N GLU F 350 6.35 -6.36 -40.54
CA GLU F 350 7.39 -7.35 -40.25
C GLU F 350 8.44 -6.81 -39.29
N GLY F 351 8.19 -6.93 -37.99
CA GLY F 351 9.15 -6.50 -36.99
C GLY F 351 10.22 -7.54 -36.70
N ALA F 352 10.37 -8.50 -37.61
CA ALA F 352 11.39 -9.53 -37.47
C ALA F 352 11.89 -9.90 -38.86
N ASN F 353 13.05 -10.55 -38.91
CA ASN F 353 13.68 -10.89 -40.17
C ASN F 353 13.06 -12.18 -40.72
N GLY F 354 12.46 -12.08 -41.91
CA GLY F 354 11.86 -13.22 -42.58
C GLY F 354 10.81 -13.96 -41.79
N PRO F 355 9.70 -13.28 -41.46
CA PRO F 355 8.59 -13.97 -40.77
C PRO F 355 7.49 -14.48 -41.69
N THR F 356 7.61 -14.27 -43.00
CA THR F 356 6.57 -14.64 -43.96
C THR F 356 7.19 -15.49 -45.07
N THR F 357 6.56 -16.62 -45.38
CA THR F 357 7.02 -17.43 -46.48
C THR F 357 6.64 -16.77 -47.81
N PRO F 358 7.39 -17.03 -48.88
CA PRO F 358 7.03 -16.46 -50.18
C PRO F 358 5.67 -16.89 -50.68
N GLU F 359 5.21 -18.09 -50.31
CA GLU F 359 3.87 -18.52 -50.67
C GLU F 359 2.81 -17.75 -49.90
N ALA F 360 3.08 -17.40 -48.64
CA ALA F 360 2.19 -16.51 -47.90
C ALA F 360 2.21 -15.11 -48.49
N ASP F 361 3.36 -14.67 -49.01
CA ASP F 361 3.42 -13.39 -49.70
C ASP F 361 2.53 -13.39 -50.95
N LYS F 362 2.40 -14.54 -51.60
CA LYS F 362 1.52 -14.63 -52.77
C LYS F 362 0.06 -14.48 -52.37
N ILE F 363 -0.35 -15.11 -51.27
CA ILE F 363 -1.73 -14.99 -50.81
C ILE F 363 -1.99 -13.58 -50.29
N PHE F 364 -1.01 -12.99 -49.60
CA PHE F 364 -1.19 -11.62 -49.11
C PHE F 364 -1.30 -10.63 -50.26
N LEU F 365 -0.69 -10.94 -51.40
CA LEU F 365 -0.75 -10.04 -52.54
C LEU F 365 -2.09 -10.15 -53.27
N GLU F 366 -2.59 -11.37 -53.45
CA GLU F 366 -3.88 -11.56 -54.12
C GLU F 366 -5.05 -11.15 -53.25
N ARG F 367 -4.83 -10.99 -51.94
CA ARG F 367 -5.88 -10.57 -51.01
C ARG F 367 -5.79 -9.08 -50.69
N ASN F 368 -4.93 -8.34 -51.39
CA ASN F 368 -4.73 -6.90 -51.15
C ASN F 368 -4.35 -6.64 -49.69
N ILE F 369 -3.33 -7.35 -49.22
CA ILE F 369 -2.81 -7.19 -47.87
C ILE F 369 -1.41 -6.60 -47.98
N LEU F 370 -1.22 -5.41 -47.41
CA LEU F 370 0.06 -4.71 -47.48
C LEU F 370 1.04 -5.33 -46.49
N VAL F 371 2.15 -5.85 -47.00
CA VAL F 371 3.22 -6.40 -46.17
C VAL F 371 4.44 -5.51 -46.35
N ILE F 372 4.86 -4.87 -45.28
CA ILE F 372 6.07 -4.06 -45.27
C ILE F 372 7.25 -4.99 -45.01
N PRO F 373 8.21 -5.11 -45.92
CA PRO F 373 9.22 -6.16 -45.82
C PRO F 373 10.18 -5.92 -44.66
N ASP F 374 10.92 -6.99 -44.34
CA ASP F 374 11.82 -6.95 -43.19
C ASP F 374 13.05 -6.11 -43.46
N LEU F 375 13.58 -6.16 -44.69
CA LEU F 375 14.80 -5.43 -45.01
C LEU F 375 14.61 -3.91 -45.00
N TYR F 376 13.39 -3.43 -44.76
CA TYR F 376 13.16 -2.01 -44.56
C TYR F 376 12.63 -1.70 -43.15
N LEU F 377 11.65 -2.46 -42.68
CA LEU F 377 11.03 -2.17 -41.39
C LEU F 377 11.94 -2.58 -40.23
N ASN F 378 12.58 -3.74 -40.33
CA ASN F 378 13.50 -4.21 -39.30
C ASN F 378 14.92 -3.66 -39.47
N ALA F 379 15.03 -2.42 -39.95
CA ALA F 379 16.34 -1.80 -40.19
C ALA F 379 16.59 -0.61 -39.27
N GLY F 380 15.71 -0.37 -38.30
CA GLY F 380 15.92 0.76 -37.40
C GLY F 380 17.15 0.61 -36.55
N GLY F 381 17.39 -0.59 -36.02
CA GLY F 381 18.59 -0.82 -35.23
C GLY F 381 19.85 -0.77 -36.07
N VAL F 382 19.78 -1.28 -37.30
CA VAL F 382 20.93 -1.23 -38.19
C VAL F 382 21.31 0.22 -38.49
N THR F 383 20.32 1.07 -38.73
CA THR F 383 20.59 2.47 -39.01
C THR F 383 21.24 3.15 -37.81
N VAL F 384 20.73 2.90 -36.61
CA VAL F 384 21.33 3.51 -35.42
C VAL F 384 22.72 2.93 -35.16
N SER F 385 22.92 1.64 -35.47
CA SER F 385 24.26 1.06 -35.35
C SER F 385 25.26 1.78 -36.24
N TYR F 386 24.81 2.25 -37.41
CA TYR F 386 25.67 3.08 -38.24
C TYR F 386 26.02 4.38 -37.54
N PHE F 387 25.07 4.94 -36.77
CA PHE F 387 25.36 6.16 -36.04
C PHE F 387 26.28 5.90 -34.85
N GLU F 388 26.16 4.74 -34.21
CA GLU F 388 27.07 4.38 -33.14
C GLU F 388 28.49 4.19 -33.68
N TRP F 389 28.61 3.57 -34.85
CA TRP F 389 29.91 3.42 -35.48
C TRP F 389 30.53 4.78 -35.78
N LEU F 390 29.72 5.71 -36.29
CA LEU F 390 30.23 7.07 -36.53
C LEU F 390 30.56 7.78 -35.22
N LYS F 391 29.80 7.51 -34.16
CA LYS F 391 30.08 8.14 -32.88
C LYS F 391 31.45 7.73 -32.35
N ASN F 392 31.79 6.44 -32.48
CA ASN F 392 33.11 5.99 -32.04
C ASN F 392 34.22 6.57 -32.89
N LEU F 393 33.96 6.80 -34.19
CA LEU F 393 34.95 7.44 -35.04
C LEU F 393 35.11 8.93 -34.69
N ASN F 394 34.03 9.58 -34.30
CA ASN F 394 34.10 10.99 -33.91
C ASN F 394 34.67 11.18 -32.52
N HIS F 395 34.70 10.12 -31.71
CA HIS F 395 35.20 10.18 -30.33
C HIS F 395 34.46 11.25 -29.53
N VAL F 396 33.20 11.48 -29.87
CA VAL F 396 32.39 12.53 -29.25
C VAL F 396 30.93 12.09 -29.29
N SER F 397 30.16 12.59 -28.33
CA SER F 397 28.72 12.37 -28.34
C SER F 397 28.04 13.43 -29.19
N TYR F 398 26.94 13.05 -29.82
CA TYR F 398 26.21 13.96 -30.68
C TYR F 398 25.58 15.08 -29.85
N GLY F 399 25.87 16.33 -30.22
CA GLY F 399 25.36 17.49 -29.52
C GLY F 399 26.26 18.00 -28.41
N ARG F 400 27.34 17.28 -28.07
CA ARG F 400 28.22 17.72 -27.00
C ARG F 400 28.81 19.10 -27.27
N LEU F 401 29.02 19.44 -28.54
CA LEU F 401 29.63 20.70 -28.93
C LEU F 401 28.63 21.77 -29.33
N THR F 402 27.35 21.42 -29.53
CA THR F 402 26.39 22.33 -30.13
C THR F 402 25.09 22.49 -29.37
N PHE F 403 24.88 21.75 -28.27
CA PHE F 403 23.58 21.79 -27.60
C PHE F 403 23.30 23.18 -27.03
N LYS F 404 24.24 23.73 -26.25
CA LYS F 404 24.02 25.04 -25.67
C LYS F 404 24.12 26.15 -26.72
N TYR F 405 24.96 25.95 -27.74
CA TYR F 405 25.08 26.95 -28.80
C TYR F 405 23.77 27.10 -29.56
N GLU F 406 23.12 25.98 -29.89
CA GLU F 406 21.84 26.06 -30.59
C GLU F 406 20.72 26.49 -29.64
N ARG F 407 20.86 26.19 -28.34
CA ARG F 407 19.85 26.63 -27.38
C ARG F 407 19.84 28.14 -27.22
N ASP F 408 21.03 28.74 -27.07
CA ASP F 408 21.10 30.18 -26.90
C ASP F 408 20.65 30.92 -28.16
N SER F 409 20.97 30.39 -29.33
CA SER F 409 20.51 31.02 -30.57
C SER F 409 19.00 30.89 -30.73
N ASN F 410 18.41 29.80 -30.24
CA ASN F 410 16.96 29.63 -30.31
C ASN F 410 16.25 30.64 -29.42
N TYR F 411 16.75 30.84 -28.20
CA TYR F 411 16.17 31.84 -27.32
C TYR F 411 16.42 33.25 -27.84
N HIS F 412 17.51 33.44 -28.60
CA HIS F 412 17.76 34.75 -29.19
C HIS F 412 16.79 35.06 -30.32
N LEU F 413 16.37 34.03 -31.07
CA LEU F 413 15.41 34.25 -32.15
C LEU F 413 14.04 34.63 -31.59
N LEU F 414 13.60 33.96 -30.52
CA LEU F 414 12.32 34.30 -29.91
C LEU F 414 12.38 35.67 -29.25
N LEU F 415 13.49 35.98 -28.57
CA LEU F 415 13.63 37.30 -27.97
C LEU F 415 13.68 38.40 -29.02
N SER F 416 14.23 38.10 -30.20
CA SER F 416 14.30 39.09 -31.26
C SER F 416 12.91 39.42 -31.79
N VAL F 417 12.07 38.40 -31.99
CA VAL F 417 10.69 38.63 -32.42
C VAL F 417 9.94 39.41 -31.35
N GLN F 418 10.20 39.10 -30.08
CA GLN F 418 9.50 39.77 -28.99
C GLN F 418 9.81 41.27 -28.96
N GLU F 419 11.10 41.61 -28.96
CA GLU F 419 11.48 43.02 -28.89
C GLU F 419 11.10 43.76 -30.16
N SER F 420 11.03 43.06 -31.29
CA SER F 420 10.58 43.70 -32.52
C SER F 420 9.07 43.96 -32.50
N LEU F 421 8.30 43.00 -31.98
CA LEU F 421 6.85 43.21 -31.89
C LEU F 421 6.50 44.22 -30.79
N GLU F 422 7.37 44.38 -29.79
CA GLU F 422 7.12 45.37 -28.76
C GLU F 422 7.34 46.78 -29.27
N ARG F 423 8.25 46.97 -30.22
CA ARG F 423 8.41 48.32 -30.74
C ARG F 423 7.37 48.68 -31.79
N LYS F 424 6.55 47.74 -32.22
CA LYS F 424 5.45 48.02 -33.15
C LYS F 424 4.09 48.06 -32.47
N PHE F 425 3.85 47.23 -31.46
CA PHE F 425 2.56 47.14 -30.83
C PHE F 425 2.57 47.41 -29.33
N GLY F 426 3.74 47.44 -28.69
CA GLY F 426 3.79 47.68 -27.27
C GLY F 426 4.65 48.88 -26.91
N LYS F 427 4.44 49.99 -27.62
CA LYS F 427 5.27 51.17 -27.40
C LYS F 427 4.98 51.86 -26.09
N HIS F 428 3.78 51.68 -25.52
CA HIS F 428 3.36 52.40 -24.32
C HIS F 428 2.89 51.40 -23.27
N GLY F 429 3.81 50.58 -22.78
CA GLY F 429 3.53 49.64 -21.73
C GLY F 429 3.10 48.28 -22.26
N GLY F 430 3.26 47.27 -21.40
CA GLY F 430 2.91 45.91 -21.75
C GLY F 430 4.08 45.15 -22.36
N THR F 431 3.89 43.85 -22.47
CA THR F 431 4.89 42.97 -23.06
C THR F 431 4.21 41.91 -23.91
N ILE F 432 4.89 41.53 -24.99
CA ILE F 432 4.41 40.47 -25.87
C ILE F 432 5.34 39.27 -25.73
N PRO F 433 5.13 38.41 -24.74
CA PRO F 433 6.10 37.32 -24.49
C PRO F 433 6.06 36.28 -25.59
N ILE F 434 7.22 36.02 -26.18
CA ILE F 434 7.37 34.96 -27.18
C ILE F 434 8.15 33.81 -26.57
N VAL F 435 7.43 32.83 -26.03
CA VAL F 435 8.04 31.71 -25.34
C VAL F 435 7.91 30.46 -26.21
N PRO F 436 8.81 29.49 -26.08
CA PRO F 436 8.67 28.25 -26.85
C PRO F 436 7.45 27.45 -26.42
N THR F 437 6.97 26.61 -27.33
CA THR F 437 5.81 25.78 -27.04
C THR F 437 6.14 24.75 -25.97
N ALA F 438 5.10 24.13 -25.43
CA ALA F 438 5.30 23.04 -24.49
C ALA F 438 6.06 21.88 -25.13
N GLU F 439 5.80 21.64 -26.42
CA GLU F 439 6.53 20.59 -27.14
C GLU F 439 7.98 21.02 -27.41
N PHE F 440 8.21 22.31 -27.60
CA PHE F 440 9.57 22.79 -27.88
C PHE F 440 10.42 22.84 -26.62
N GLN F 441 9.86 23.29 -25.50
CA GLN F 441 10.63 23.38 -24.28
C GLN F 441 11.09 22.00 -23.79
N ASP F 442 10.28 20.97 -24.02
CA ASP F 442 10.71 19.62 -23.68
C ASP F 442 11.94 19.20 -24.48
N SER F 443 11.97 19.57 -25.76
CA SER F 443 13.14 19.28 -26.58
C SER F 443 14.34 20.11 -26.15
N ILE F 444 14.11 21.36 -25.74
CA ILE F 444 15.21 22.23 -25.35
C ILE F 444 15.79 21.80 -24.01
N SER F 445 14.92 21.56 -23.03
CA SER F 445 15.39 21.23 -21.68
C SER F 445 16.04 19.86 -21.64
N GLY F 446 15.32 18.83 -22.10
CA GLY F 446 15.86 17.48 -22.06
C GLY F 446 16.63 17.11 -23.31
N ALA F 447 17.37 18.07 -23.86
CA ALA F 447 18.15 17.82 -25.07
C ALA F 447 19.29 16.86 -24.78
N SER F 448 19.37 15.78 -25.56
CA SER F 448 20.38 14.76 -25.37
C SER F 448 20.69 14.11 -26.72
N GLU F 449 21.67 13.20 -26.70
CA GLU F 449 22.04 12.49 -27.92
C GLU F 449 20.88 11.66 -28.47
N LYS F 450 20.02 11.16 -27.58
CA LYS F 450 18.88 10.35 -28.03
C LYS F 450 17.97 11.14 -28.96
N ASP F 451 17.84 12.45 -28.75
CA ASP F 451 16.99 13.26 -29.61
C ASP F 451 17.58 13.37 -31.01
N ILE F 452 18.90 13.47 -31.12
CA ILE F 452 19.54 13.56 -32.42
C ILE F 452 19.53 12.22 -33.14
N VAL F 453 19.74 11.14 -32.39
CA VAL F 453 19.79 9.81 -33.00
C VAL F 453 18.42 9.42 -33.54
N HIS F 454 17.38 9.58 -32.73
CA HIS F 454 16.03 9.20 -33.17
C HIS F 454 15.53 10.10 -34.29
N SER F 455 15.97 11.35 -34.34
CA SER F 455 15.60 12.22 -35.45
C SER F 455 16.21 11.74 -36.75
N ALA F 456 17.50 11.39 -36.72
CA ALA F 456 18.15 10.85 -37.91
C ALA F 456 17.57 9.52 -38.33
N LEU F 457 17.11 8.73 -37.35
CA LEU F 457 16.45 7.47 -37.68
C LEU F 457 15.14 7.71 -38.42
N ALA F 458 14.34 8.65 -37.94
CA ALA F 458 13.09 8.99 -38.63
C ALA F 458 13.36 9.53 -40.02
N TYR F 459 14.41 10.35 -40.17
CA TYR F 459 14.78 10.86 -41.48
C TYR F 459 15.17 9.72 -42.42
N THR F 460 15.80 8.67 -41.89
CA THR F 460 16.20 7.55 -42.73
C THR F 460 14.99 6.73 -43.17
N MET F 461 14.09 6.41 -42.23
CA MET F 461 12.90 5.65 -42.58
C MET F 461 11.98 6.43 -43.51
N GLU F 462 11.96 7.76 -43.38
CA GLU F 462 11.13 8.57 -44.26
C GLU F 462 11.68 8.59 -45.68
N ARG F 463 12.98 8.85 -45.82
CA ARG F 463 13.58 8.93 -47.15
C ARG F 463 13.58 7.57 -47.84
N SER F 464 13.79 6.49 -47.08
CA SER F 464 13.78 5.16 -47.67
C SER F 464 12.37 4.75 -48.08
N ALA F 465 11.34 5.23 -47.37
CA ALA F 465 9.97 4.92 -47.75
C ALA F 465 9.62 5.51 -49.10
N ARG F 466 10.03 6.76 -49.35
CA ARG F 466 9.77 7.37 -50.64
C ARG F 466 10.53 6.67 -51.76
N GLN F 467 11.66 6.03 -51.43
CA GLN F 467 12.40 5.28 -52.44
C GLN F 467 11.68 4.00 -52.82
N ILE F 468 11.08 3.33 -51.84
CA ILE F 468 10.33 2.11 -52.13
C ILE F 468 9.02 2.43 -52.83
N MET F 469 8.38 3.53 -52.45
CA MET F 469 7.14 3.94 -53.11
C MET F 469 7.39 4.29 -54.58
N HIS F 470 8.47 5.03 -54.85
CA HIS F 470 8.78 5.43 -56.21
C HIS F 470 9.05 4.22 -57.10
N THR F 471 9.66 3.17 -56.54
CA THR F 471 9.92 1.97 -57.33
C THR F 471 8.66 1.12 -57.48
N ALA F 472 7.85 1.04 -56.42
CA ALA F 472 6.63 0.25 -56.48
C ALA F 472 5.66 0.79 -57.54
N MET F 473 5.72 2.09 -57.81
CA MET F 473 4.86 2.68 -58.84
C MET F 473 5.54 2.74 -60.20
N LYS F 474 6.87 2.65 -60.26
CA LYS F 474 7.55 2.65 -61.56
C LYS F 474 7.34 1.34 -62.29
N TYR F 475 7.62 0.22 -61.64
CA TYR F 475 7.36 -1.10 -62.18
C TYR F 475 5.94 -1.58 -61.88
N ASN F 476 5.10 -0.70 -61.32
CA ASN F 476 3.75 -1.02 -60.86
C ASN F 476 3.67 -2.37 -60.17
N LEU F 477 4.24 -2.43 -58.97
CA LEU F 477 4.21 -3.63 -58.16
C LEU F 477 3.08 -3.63 -57.15
N GLY F 478 2.28 -2.56 -57.10
CA GLY F 478 1.14 -2.54 -56.22
C GLY F 478 1.60 -2.46 -54.79
N LEU F 479 1.19 -3.44 -53.98
CA LEU F 479 1.59 -3.52 -52.58
C LEU F 479 2.75 -4.48 -52.35
N ASP F 480 3.38 -4.96 -53.41
CA ASP F 480 4.54 -5.85 -53.31
C ASP F 480 5.79 -4.99 -53.06
N LEU F 481 5.88 -4.49 -51.83
CA LEU F 481 7.00 -3.64 -51.45
C LEU F 481 8.28 -4.43 -51.20
N ARG F 482 8.18 -5.73 -50.95
CA ARG F 482 9.38 -6.56 -50.81
C ARG F 482 10.20 -6.54 -52.10
N THR F 483 9.56 -6.86 -53.22
CA THR F 483 10.26 -6.80 -54.51
C THR F 483 10.75 -5.39 -54.80
N ALA F 484 9.94 -4.38 -54.49
CA ALA F 484 10.38 -3.00 -54.67
C ALA F 484 11.60 -2.68 -53.82
N ALA F 485 11.70 -3.28 -52.63
CA ALA F 485 12.84 -3.00 -51.77
C ALA F 485 14.10 -3.68 -52.31
N TYR F 486 13.99 -4.94 -52.74
CA TYR F 486 15.16 -5.62 -53.28
C TYR F 486 15.62 -5.01 -54.59
N VAL F 487 14.69 -4.47 -55.38
CA VAL F 487 15.08 -3.78 -56.61
C VAL F 487 15.92 -2.55 -56.28
N ASN F 488 15.51 -1.79 -55.27
CA ASN F 488 16.28 -0.62 -54.86
C ASN F 488 17.65 -1.03 -54.31
N ALA F 489 17.71 -2.12 -53.55
CA ALA F 489 18.96 -2.54 -52.95
C ALA F 489 19.92 -3.09 -54.01
N ILE F 490 19.41 -3.91 -54.94
CA ILE F 490 20.26 -4.45 -56.00
C ILE F 490 20.82 -3.33 -56.87
N GLU F 491 19.99 -2.34 -57.19
CA GLU F 491 20.44 -1.24 -58.03
C GLU F 491 21.54 -0.43 -57.35
N LYS F 492 21.44 -0.26 -56.02
CA LYS F 492 22.44 0.53 -55.31
C LYS F 492 23.78 -0.21 -55.22
N VAL F 493 23.74 -1.49 -54.90
CA VAL F 493 24.98 -2.27 -54.82
C VAL F 493 25.63 -2.39 -56.20
N PHE F 494 24.82 -2.55 -57.24
CA PHE F 494 25.37 -2.58 -58.60
C PHE F 494 26.00 -1.25 -58.97
N LYS F 495 25.44 -0.14 -58.47
CA LYS F 495 25.98 1.17 -58.81
C LYS F 495 27.40 1.34 -58.31
N VAL F 496 27.70 0.81 -57.11
CA VAL F 496 29.05 0.90 -56.57
C VAL F 496 30.00 -0.02 -57.33
N TYR F 497 29.51 -1.17 -57.77
CA TYR F 497 30.35 -2.10 -58.52
C TYR F 497 30.65 -1.56 -59.92
N SER F 498 29.62 -1.10 -60.63
CA SER F 498 29.79 -0.72 -62.02
C SER F 498 30.69 0.49 -62.19
N GLU F 499 30.66 1.43 -61.23
CA GLU F 499 31.45 2.65 -61.31
C GLU F 499 32.82 2.52 -60.65
N ALA F 500 33.21 1.32 -60.21
CA ALA F 500 34.50 1.10 -59.59
C ALA F 500 35.54 0.53 -60.54
N GLY F 501 35.12 -0.17 -61.59
CA GLY F 501 36.03 -0.73 -62.55
C GLY F 501 36.27 -2.22 -62.35
N VAL F 502 37.33 -2.70 -63.00
CA VAL F 502 37.71 -4.11 -62.93
C VAL F 502 38.72 -4.32 -61.80
N THR F 503 39.37 -5.48 -61.79
CA THR F 503 40.35 -5.79 -60.76
C THR F 503 41.78 -5.53 -61.26
P PO4 G . -31.89 7.19 6.45
O1 PO4 G . -32.27 7.88 7.75
O2 PO4 G . -32.60 7.84 5.30
O3 PO4 G . -32.29 5.73 6.54
O4 PO4 G . -30.39 7.29 6.25
P PO4 H . -35.91 -10.86 9.17
O1 PO4 H . -36.83 -10.46 10.31
O2 PO4 H . -35.68 -9.67 8.28
O3 PO4 H . -36.55 -11.97 8.38
O4 PO4 H . -34.58 -11.33 9.73
P PO4 I . -23.01 8.70 18.48
O1 PO4 I . -24.24 9.21 17.78
O2 PO4 I . -22.25 9.86 19.09
O3 PO4 I . -23.41 7.74 19.57
O4 PO4 I . -22.12 7.99 17.48
P PO4 J . -38.07 -2.69 8.93
O1 PO4 J . -38.86 -1.50 8.45
O2 PO4 J . -38.59 -3.95 8.29
O3 PO4 J . -38.20 -2.80 10.43
O4 PO4 J . -36.61 -2.51 8.56
NA NA K . -30.33 -24.05 40.94
NA NA L . -37.99 -29.61 42.97
CL CL M . -32.51 -37.78 14.93
CL CL N . -63.73 23.65 20.12
CL CL O . -26.43 -6.42 59.24
P PO4 P . -24.83 -0.63 29.79
O1 PO4 P . -25.64 -0.60 31.06
O2 PO4 P . -25.53 0.16 28.72
O3 PO4 P . -24.65 -2.05 29.32
O4 PO4 P . -23.47 -0.03 30.06
P PO4 Q . -6.51 -3.35 32.73
O1 PO4 Q . -7.86 -3.92 33.12
O2 PO4 Q . -6.72 -2.01 32.04
O3 PO4 Q . -5.66 -3.16 33.96
O4 PO4 Q . -5.83 -4.29 31.77
P PO4 R . -7.97 -21.67 -9.06
O1 PO4 R . -8.41 -22.02 -7.66
O2 PO4 R . -7.73 -20.18 -9.16
O3 PO4 R . -9.06 -22.07 -10.04
O4 PO4 R . -6.70 -22.41 -9.39
P PO4 S . -39.76 25.53 31.39
O1 PO4 S . -40.04 26.99 31.10
O2 PO4 S . -40.78 24.66 30.68
O3 PO4 S . -39.84 25.29 32.88
O4 PO4 S . -38.38 25.18 30.89
P PO4 T . -13.84 -0.61 35.23
O1 PO4 T . -15.17 -0.42 35.92
O2 PO4 T . -13.20 0.72 34.97
O3 PO4 T . -12.93 -1.44 36.11
O4 PO4 T . -14.05 -1.34 33.91
CL CL U . -28.85 16.80 23.05
CL CL V . 0.83 45.38 21.54
P PO4 W . 28.69 12.82 -23.13
O1 PO4 W . 28.16 14.15 -23.62
O2 PO4 W . 27.58 11.81 -23.10
O3 PO4 W . 29.26 12.99 -21.74
O4 PO4 W . 29.79 12.36 -24.06
P PO4 X . 35.59 36.89 -24.96
O1 PO4 X . 35.76 38.18 -24.19
O2 PO4 X . 35.44 37.20 -26.44
O3 PO4 X . 34.35 36.18 -24.48
O4 PO4 X . 36.79 36.01 -24.75
P PO4 Y . 39.73 28.11 -40.31
O1 PO4 Y . 39.25 28.27 -38.88
O2 PO4 Y . 39.67 29.44 -41.01
O3 PO4 Y . 38.85 27.11 -41.03
O4 PO4 Y . 41.15 27.61 -40.31
P PO4 Z . 3.97 31.89 -49.11
O1 PO4 Z . 3.08 31.96 -47.88
O2 PO4 Z . 5.17 32.80 -48.92
O3 PO4 Z . 3.18 32.35 -50.31
O4 PO4 Z . 4.43 30.48 -49.32
P PO4 AA . 44.20 44.95 -26.75
O1 PO4 AA . 43.88 45.97 -25.67
O2 PO4 AA . 44.48 45.67 -28.04
O3 PO4 AA . 43.03 44.02 -26.92
O4 PO4 AA . 45.42 44.16 -26.34
NA NA BA . 2.43 34.63 -45.87
NA NA CA . 32.97 38.59 -29.43
CL CL DA . 41.12 33.05 -29.96
CL CL EA . 18.22 47.25 -31.71
P PO4 FA . -10.42 16.24 16.85
O1 PO4 FA . -11.39 17.29 16.36
O2 PO4 FA . -11.12 15.33 17.84
O3 PO4 FA . -9.25 16.91 17.52
O4 PO4 FA . -9.93 15.43 15.67
P PO4 GA . -8.41 14.11 -1.76
O1 PO4 GA . -9.07 15.47 -1.80
O2 PO4 GA . -9.47 13.04 -1.60
O3 PO4 GA . -7.47 14.04 -0.58
O4 PO4 GA . -7.65 13.88 -3.03
NA NA HA . -44.28 24.26 1.92
NA NA IA . -18.91 41.74 19.41
NA NA JA . -21.48 12.96 -29.36
NA NA KA . -41.68 -5.25 -9.72
NA NA LA . -42.28 -0.54 -5.41
NA NA MA . -46.20 -3.90 -9.08
NA NA NA . -22.39 46.05 -7.38
NA NA OA . -13.60 49.57 0.28
NA NA PA . -31.74 27.02 25.15
NA NA QA . -19.16 29.82 -0.64
NA NA RA . -26.13 13.29 20.85
CL CL SA . -4.55 8.93 -13.63
CL CL TA . -0.52 20.60 -27.97
CL CL UA . -38.88 44.94 4.93
CL CL VA . -12.79 35.86 -13.41
CL CL WA . -39.04 -3.62 -8.22
P PO4 XA . -1.34 -56.20 -0.34
O1 PO4 XA . -2.35 -55.44 -1.16
O2 PO4 XA . -0.12 -55.35 -0.12
O3 PO4 XA . -1.95 -56.57 0.99
O4 PO4 XA . -0.94 -57.46 -1.07
P PO4 YA . -3.97 -48.40 -1.89
O1 PO4 YA . -4.16 -47.55 -0.66
O2 PO4 YA . -4.12 -47.54 -3.12
O3 PO4 YA . -5.00 -49.50 -1.91
O4 PO4 YA . -2.58 -49.01 -1.89
NA NA ZA . -9.77 -37.18 -7.45
NA NA AB . 28.71 -34.50 -12.92
NA NA BB . 26.38 -22.31 1.99
CL CL CB . 28.34 -37.60 -22.02
CL CL DB . 15.45 -23.18 3.81
CL CL EB . 23.02 -75.56 -8.47
CL CL FB . 14.14 -20.44 -14.64
CL CL GB . -29.83 -48.66 23.07
CL CL HB . 10.81 -61.30 19.19
P PO4 IB . 18.86 5.59 -23.43
O1 PO4 IB . 17.57 5.21 -22.75
O2 PO4 IB . 19.04 7.09 -23.37
O3 PO4 IB . 20.01 4.92 -22.71
O4 PO4 IB . 18.84 5.13 -24.86
P PO4 JB . 11.30 7.43 -25.51
O1 PO4 JB . 9.98 6.69 -25.41
O2 PO4 JB . 11.10 8.68 -26.31
O3 PO4 JB . 11.77 7.78 -24.11
O4 PO4 JB . 12.32 6.54 -26.18
P PO4 KB . 23.53 9.64 -48.03
O1 PO4 KB . 22.85 10.98 -48.19
O2 PO4 KB . 22.48 8.56 -47.86
O3 PO4 KB . 24.42 9.67 -46.81
O4 PO4 KB . 24.35 9.35 -49.25
P PO4 LB . 31.97 15.66 -37.09
O1 PO4 LB . 31.38 16.87 -36.42
O2 PO4 LB . 30.85 14.86 -37.74
O3 PO4 LB . 32.66 14.79 -36.06
O4 PO4 LB . 32.96 16.07 -38.15
P PO4 MB . 53.37 -0.41 -35.27
O1 PO4 MB . 53.48 1.07 -35.03
O2 PO4 MB . 51.96 -0.76 -35.68
O3 PO4 MB . 53.71 -1.15 -34.00
O4 PO4 MB . 54.33 -0.82 -36.36
NA NA NB . 32.96 7.29 -27.85
NA NA OB . 39.13 -12.67 -19.24
NA NA PB . 43.07 2.39 -28.91
CL CL QB . 12.12 -16.56 -58.23
#